data_2JM6
#
_entry.id   2JM6
#
_cell.length_a   1.000
_cell.length_b   1.000
_cell.length_c   1.000
_cell.angle_alpha   90.00
_cell.angle_beta   90.00
_cell.angle_gamma   90.00
#
_symmetry.space_group_name_H-M   'P 1'
#
loop_
_entity.id
_entity.type
_entity.pdbx_description
1 polymer Noxa
2 polymer 'Myeloid cell leukemia-1 protein Mcl-1 homolog'
#
loop_
_entity_poly.entity_id
_entity_poly.type
_entity_poly.pdbx_seq_one_letter_code
_entity_poly.pdbx_strand_id
1 'polypeptide(L)' PADLKDECAQLRRIGDKVNLRQKLLNM A
2 'polypeptide(L)'
;GPLGSEDDLYRQSLEIISRYLREQATGSKDSKPLGEAGAAGRRALETLRRVGDGVQRNHETAFQGMLRKLDIKNEGDVKS
FSRVMVHVFKDGVTNWGRIVTLISFGAFVAKHLKSVNQESFIEPLAETITDVLVRTKRDWLVKQRGWDGFVEFFHVQDLE
GG
;
B
#
# COMPACT_ATOMS: atom_id res chain seq x y z
N PRO A 1 -19.07 1.48 -12.32
CA PRO A 1 -19.54 1.58 -10.91
C PRO A 1 -19.62 0.20 -10.24
N ALA A 2 -20.66 -0.56 -10.54
CA ALA A 2 -20.84 -1.89 -9.93
C ALA A 2 -19.89 -2.91 -10.54
N ASP A 3 -19.37 -2.60 -11.72
CA ASP A 3 -18.43 -3.48 -12.41
C ASP A 3 -17.08 -3.50 -11.69
N LEU A 4 -16.95 -2.67 -10.67
CA LEU A 4 -15.72 -2.60 -9.88
C LEU A 4 -15.60 -3.86 -9.02
N LYS A 5 -16.70 -4.60 -8.94
CA LYS A 5 -16.75 -5.85 -8.18
C LYS A 5 -15.66 -6.80 -8.64
N ASP A 6 -15.52 -6.92 -9.95
CA ASP A 6 -14.52 -7.80 -10.56
C ASP A 6 -13.13 -7.20 -10.46
N GLU A 7 -13.06 -5.87 -10.41
CA GLU A 7 -11.78 -5.19 -10.32
C GLU A 7 -11.21 -5.37 -8.92
N CYS A 8 -11.99 -5.04 -7.90
CA CYS A 8 -11.55 -5.18 -6.52
C CYS A 8 -11.33 -6.65 -6.17
N ALA A 9 -12.07 -7.53 -6.83
CA ALA A 9 -11.93 -8.97 -6.61
C ALA A 9 -10.50 -9.39 -6.89
N GLN A 10 -9.94 -8.83 -7.96
CA GLN A 10 -8.55 -9.11 -8.33
C GLN A 10 -7.62 -8.63 -7.24
N LEU A 11 -7.75 -7.36 -6.88
CA LEU A 11 -6.90 -6.72 -5.87
C LEU A 11 -6.86 -7.57 -4.60
N ARG A 12 -8.00 -8.11 -4.21
CA ARG A 12 -8.08 -8.95 -3.03
C ARG A 12 -7.24 -10.20 -3.22
N ARG A 13 -7.47 -10.91 -4.33
CA ARG A 13 -6.75 -12.14 -4.65
C ARG A 13 -5.26 -11.91 -4.82
N ILE A 14 -4.88 -10.75 -5.38
CA ILE A 14 -3.47 -10.44 -5.57
C ILE A 14 -2.82 -10.29 -4.20
N GLY A 15 -3.56 -9.72 -3.26
CA GLY A 15 -3.05 -9.54 -1.91
C GLY A 15 -2.87 -10.87 -1.22
N ASP A 16 -3.83 -11.77 -1.43
CA ASP A 16 -3.77 -13.09 -0.84
C ASP A 16 -2.61 -13.89 -1.41
N LYS A 17 -2.38 -13.76 -2.72
CA LYS A 17 -1.30 -14.48 -3.38
C LYS A 17 0.06 -14.03 -2.85
N VAL A 18 0.18 -12.75 -2.51
CA VAL A 18 1.43 -12.22 -1.97
C VAL A 18 1.70 -12.84 -0.61
N ASN A 19 0.68 -12.77 0.23
CA ASN A 19 0.77 -13.32 1.59
C ASN A 19 1.05 -14.82 1.52
N LEU A 20 0.40 -15.49 0.58
CA LEU A 20 0.56 -16.92 0.39
C LEU A 20 2.00 -17.26 0.03
N ARG A 21 2.55 -16.57 -0.97
CA ARG A 21 3.91 -16.81 -1.41
C ARG A 21 4.92 -16.51 -0.31
N GLN A 22 4.83 -15.31 0.27
CA GLN A 22 5.77 -14.91 1.32
C GLN A 22 5.65 -15.77 2.58
N LYS A 23 4.48 -16.34 2.83
CA LYS A 23 4.28 -17.18 4.01
C LYS A 23 5.13 -18.44 3.91
N LEU A 24 5.01 -19.16 2.79
CA LEU A 24 5.76 -20.39 2.58
C LEU A 24 7.23 -20.07 2.34
N LEU A 25 7.47 -18.89 1.76
CA LEU A 25 8.82 -18.40 1.49
C LEU A 25 9.62 -18.42 2.78
N ASN A 26 8.95 -18.03 3.86
CA ASN A 26 9.56 -17.99 5.18
C ASN A 26 9.49 -19.38 5.82
N MET A 27 8.28 -19.87 6.01
CA MET A 27 8.02 -21.17 6.62
C MET A 27 6.67 -21.70 6.18
N GLY B 1 -6.79 8.69 18.25
CA GLY B 1 -7.89 9.54 17.74
C GLY B 1 -9.26 8.93 18.00
N PRO B 2 -9.88 8.33 16.96
CA PRO B 2 -11.21 7.71 17.07
C PRO B 2 -11.29 6.65 18.17
N LEU B 3 -10.26 5.82 18.30
CA LEU B 3 -10.23 4.80 19.33
C LEU B 3 -8.80 4.60 19.81
N GLY B 4 -8.50 5.21 20.95
CA GLY B 4 -7.18 5.09 21.52
C GLY B 4 -6.17 5.98 20.84
N SER B 5 -4.96 5.48 20.68
CA SER B 5 -3.90 6.25 20.05
C SER B 5 -3.31 5.45 18.88
N GLU B 6 -4.05 5.38 17.78
CA GLU B 6 -3.58 4.66 16.61
C GLU B 6 -2.78 5.60 15.73
N ASP B 7 -2.84 6.88 16.09
CA ASP B 7 -2.15 7.95 15.35
C ASP B 7 -0.65 7.78 15.40
N ASP B 8 -0.14 7.12 16.44
CA ASP B 8 1.30 6.90 16.58
C ASP B 8 1.83 6.10 15.39
N LEU B 9 1.16 5.00 15.10
CA LEU B 9 1.54 4.13 14.00
C LEU B 9 1.17 4.82 12.68
N TYR B 10 0.10 5.60 12.72
CA TYR B 10 -0.38 6.35 11.55
C TYR B 10 0.68 7.33 11.03
N ARG B 11 1.37 8.00 11.93
CA ARG B 11 2.41 8.97 11.55
C ARG B 11 3.45 8.31 10.64
N GLN B 12 3.89 7.12 11.04
CA GLN B 12 4.88 6.39 10.26
C GLN B 12 4.29 5.97 8.93
N SER B 13 3.15 5.29 9.00
CA SER B 13 2.46 4.79 7.81
C SER B 13 2.25 5.86 6.75
N LEU B 14 1.72 7.01 7.18
CA LEU B 14 1.44 8.11 6.29
C LEU B 14 2.71 8.56 5.54
N GLU B 15 3.81 8.66 6.26
CA GLU B 15 5.06 9.09 5.66
C GLU B 15 5.73 7.97 4.85
N ILE B 16 5.79 6.77 5.42
CA ILE B 16 6.41 5.62 4.75
C ILE B 16 5.75 5.35 3.41
N ILE B 17 4.42 5.36 3.38
CA ILE B 17 3.68 5.12 2.15
C ILE B 17 3.94 6.25 1.17
N SER B 18 3.92 7.48 1.64
CA SER B 18 4.17 8.63 0.79
C SER B 18 5.55 8.53 0.14
N ARG B 19 6.56 8.17 0.92
CA ARG B 19 7.92 8.02 0.39
C ARG B 19 7.96 6.98 -0.73
N TYR B 20 7.16 5.93 -0.57
CA TYR B 20 7.10 4.87 -1.57
C TYR B 20 6.46 5.37 -2.86
N LEU B 21 5.30 6.02 -2.76
CA LEU B 21 4.63 6.53 -3.95
C LEU B 21 5.45 7.61 -4.63
N ARG B 22 6.11 8.45 -3.85
CA ARG B 22 6.94 9.52 -4.40
C ARG B 22 8.12 8.95 -5.18
N GLU B 23 8.65 7.83 -4.69
CA GLU B 23 9.79 7.16 -5.31
C GLU B 23 9.32 6.42 -6.57
N GLN B 24 8.12 5.87 -6.51
CA GLN B 24 7.56 5.15 -7.64
C GLN B 24 7.07 6.10 -8.74
N ALA B 25 6.55 7.25 -8.32
CA ALA B 25 6.05 8.25 -9.27
C ALA B 25 7.19 8.80 -10.11
N THR B 26 8.35 8.98 -9.49
CA THR B 26 9.50 9.49 -10.21
C THR B 26 10.21 8.37 -10.98
N GLY B 27 10.18 7.17 -10.39
CA GLY B 27 10.81 6.03 -11.01
C GLY B 27 12.27 5.97 -10.65
N SER B 28 12.67 6.87 -9.77
CA SER B 28 14.04 6.97 -9.32
C SER B 28 14.07 6.94 -7.80
N LYS B 29 15.08 6.31 -7.23
CA LYS B 29 15.21 6.23 -5.78
C LYS B 29 15.76 7.56 -5.28
N ASP B 30 14.96 8.61 -5.41
CA ASP B 30 15.36 9.95 -5.01
C ASP B 30 14.79 10.31 -3.64
N SER B 31 13.77 9.59 -3.19
CA SER B 31 13.13 9.84 -1.90
C SER B 31 14.16 9.96 -0.77
N LYS B 32 14.09 11.08 -0.07
CA LYS B 32 14.99 11.38 1.02
C LYS B 32 14.70 10.49 2.23
N PRO B 33 15.75 10.19 3.03
CA PRO B 33 15.62 9.34 4.22
C PRO B 33 14.64 9.91 5.24
N LEU B 34 13.43 9.34 5.24
CA LEU B 34 12.36 9.74 6.14
C LEU B 34 12.81 9.60 7.60
N GLY B 35 12.72 10.69 8.34
CA GLY B 35 13.12 10.66 9.73
C GLY B 35 11.90 10.69 10.64
N GLU B 36 10.80 11.15 10.06
CA GLU B 36 9.53 11.26 10.74
C GLU B 36 9.01 9.89 11.18
N ALA B 37 9.15 8.89 10.30
CA ALA B 37 8.69 7.54 10.60
C ALA B 37 9.69 6.77 11.47
N GLY B 38 10.90 7.31 11.57
CA GLY B 38 11.92 6.66 12.39
C GLY B 38 12.64 5.55 11.66
N ALA B 39 13.30 4.68 12.43
CA ALA B 39 14.05 3.56 11.88
C ALA B 39 13.14 2.58 11.16
N ALA B 40 11.94 2.37 11.69
CA ALA B 40 10.97 1.46 11.09
C ALA B 40 10.61 1.92 9.69
N GLY B 41 10.59 3.24 9.48
CA GLY B 41 10.27 3.79 8.18
C GLY B 41 11.33 3.46 7.15
N ARG B 42 12.57 3.38 7.62
CA ARG B 42 13.70 3.07 6.75
C ARG B 42 13.58 1.62 6.30
N ARG B 43 13.39 0.75 7.30
CA ARG B 43 13.26 -0.68 7.09
C ARG B 43 12.05 -0.98 6.20
N ALA B 44 10.97 -0.26 6.46
CA ALA B 44 9.74 -0.44 5.71
C ALA B 44 9.88 0.04 4.28
N LEU B 45 10.57 1.16 4.07
CA LEU B 45 10.75 1.69 2.72
C LEU B 45 11.46 0.68 1.83
N GLU B 46 12.50 0.04 2.37
CA GLU B 46 13.25 -0.97 1.65
C GLU B 46 12.33 -2.09 1.18
N THR B 47 11.54 -2.56 2.13
CA THR B 47 10.59 -3.62 1.93
C THR B 47 9.46 -3.20 0.99
N LEU B 48 8.90 -2.03 1.27
CA LEU B 48 7.79 -1.47 0.51
C LEU B 48 8.13 -1.31 -0.97
N ARG B 49 9.34 -0.86 -1.28
CA ARG B 49 9.73 -0.68 -2.68
C ARG B 49 9.96 -2.02 -3.37
N ARG B 50 10.59 -2.97 -2.68
CA ARG B 50 10.87 -4.27 -3.28
C ARG B 50 9.63 -5.15 -3.39
N VAL B 51 8.90 -5.28 -2.29
CA VAL B 51 7.70 -6.11 -2.27
C VAL B 51 6.55 -5.44 -3.04
N GLY B 52 6.40 -4.13 -2.84
CA GLY B 52 5.35 -3.39 -3.51
C GLY B 52 5.46 -3.47 -5.02
N ASP B 53 6.68 -3.35 -5.54
CA ASP B 53 6.91 -3.43 -6.98
C ASP B 53 6.72 -4.86 -7.45
N GLY B 54 7.06 -5.81 -6.58
CA GLY B 54 6.91 -7.22 -6.89
C GLY B 54 5.46 -7.57 -7.16
N VAL B 55 4.56 -6.96 -6.40
CA VAL B 55 3.12 -7.17 -6.56
C VAL B 55 2.72 -6.76 -7.96
N GLN B 56 3.31 -5.67 -8.43
CA GLN B 56 3.05 -5.13 -9.74
C GLN B 56 3.64 -6.03 -10.83
N ARG B 57 4.84 -6.54 -10.59
CA ARG B 57 5.52 -7.40 -11.56
C ARG B 57 4.70 -8.62 -11.97
N ASN B 58 4.10 -9.32 -11.01
CA ASN B 58 3.33 -10.51 -11.37
C ASN B 58 1.90 -10.21 -11.82
N HIS B 59 1.28 -9.14 -11.37
CA HIS B 59 -0.11 -8.87 -11.79
C HIS B 59 -0.35 -7.42 -12.17
N GLU B 60 0.55 -6.82 -12.93
CA GLU B 60 0.40 -5.42 -13.34
C GLU B 60 -0.84 -5.25 -14.22
N THR B 61 -1.17 -6.29 -14.98
CA THR B 61 -2.32 -6.30 -15.85
C THR B 61 -3.61 -6.02 -15.06
N ALA B 62 -3.65 -6.48 -13.81
CA ALA B 62 -4.80 -6.28 -12.95
C ALA B 62 -4.87 -4.83 -12.49
N PHE B 63 -3.71 -4.26 -12.21
CA PHE B 63 -3.64 -2.88 -11.76
C PHE B 63 -4.04 -1.95 -12.90
N GLN B 64 -3.62 -2.30 -14.11
CA GLN B 64 -3.96 -1.52 -15.30
C GLN B 64 -5.46 -1.57 -15.52
N GLY B 65 -6.06 -2.71 -15.21
CA GLY B 65 -7.48 -2.89 -15.35
C GLY B 65 -8.25 -1.98 -14.41
N MET B 66 -7.90 -2.04 -13.13
CA MET B 66 -8.54 -1.23 -12.11
C MET B 66 -8.26 0.24 -12.31
N LEU B 67 -7.07 0.56 -12.83
CA LEU B 67 -6.66 1.94 -13.09
C LEU B 67 -7.61 2.60 -14.08
N ARG B 68 -8.08 1.83 -15.04
CA ARG B 68 -9.00 2.34 -16.06
C ARG B 68 -10.41 2.49 -15.51
N LYS B 69 -10.71 1.79 -14.42
CA LYS B 69 -12.03 1.87 -13.79
C LYS B 69 -12.07 2.96 -12.74
N LEU B 70 -10.94 3.20 -12.09
CA LEU B 70 -10.84 4.22 -11.05
C LEU B 70 -11.03 5.62 -11.62
N ASP B 71 -12.06 6.29 -11.13
CA ASP B 71 -12.40 7.63 -11.57
C ASP B 71 -11.52 8.68 -10.87
N ILE B 72 -10.22 8.53 -11.07
CA ILE B 72 -9.23 9.43 -10.50
C ILE B 72 -9.03 10.63 -11.42
N LYS B 73 -9.40 11.81 -10.95
CA LYS B 73 -9.26 13.02 -11.74
C LYS B 73 -9.43 14.26 -10.88
N ASN B 74 -10.48 14.25 -10.07
CA ASN B 74 -10.77 15.36 -9.18
C ASN B 74 -10.50 14.94 -7.74
N GLU B 75 -10.81 15.80 -6.78
CA GLU B 75 -10.60 15.50 -5.35
C GLU B 75 -11.34 14.22 -4.97
N GLY B 76 -12.36 13.90 -5.77
CA GLY B 76 -13.14 12.69 -5.58
C GLY B 76 -12.30 11.43 -5.65
N ASP B 77 -11.07 11.56 -6.14
CA ASP B 77 -10.14 10.44 -6.28
C ASP B 77 -9.90 9.75 -4.93
N VAL B 78 -9.79 10.53 -3.86
CA VAL B 78 -9.58 9.94 -2.55
C VAL B 78 -10.81 9.14 -2.12
N LYS B 79 -11.98 9.58 -2.59
CA LYS B 79 -13.24 8.88 -2.30
C LYS B 79 -13.30 7.62 -3.15
N SER B 80 -12.74 7.73 -4.35
CA SER B 80 -12.70 6.63 -5.29
C SER B 80 -11.88 5.48 -4.72
N PHE B 81 -10.73 5.81 -4.14
CA PHE B 81 -9.87 4.79 -3.55
C PHE B 81 -10.56 4.21 -2.32
N SER B 82 -11.27 5.04 -1.59
CA SER B 82 -11.99 4.58 -0.40
C SER B 82 -13.05 3.55 -0.82
N ARG B 83 -13.68 3.80 -1.96
CA ARG B 83 -14.70 2.94 -2.52
C ARG B 83 -14.16 1.54 -2.77
N VAL B 84 -12.96 1.46 -3.34
CA VAL B 84 -12.36 0.16 -3.61
C VAL B 84 -11.79 -0.43 -2.33
N MET B 85 -11.20 0.42 -1.48
CA MET B 85 -10.60 0.02 -0.21
C MET B 85 -11.60 -0.76 0.65
N VAL B 86 -12.77 -0.17 0.88
CA VAL B 86 -13.81 -0.81 1.69
C VAL B 86 -14.19 -2.16 1.12
N HIS B 87 -14.28 -2.24 -0.20
CA HIS B 87 -14.65 -3.49 -0.86
C HIS B 87 -13.53 -4.52 -0.84
N VAL B 88 -12.28 -4.07 -0.87
CA VAL B 88 -11.14 -4.98 -0.85
C VAL B 88 -11.04 -5.71 0.49
N PHE B 89 -11.47 -5.08 1.57
CA PHE B 89 -11.41 -5.72 2.88
C PHE B 89 -12.78 -6.22 3.34
N LYS B 90 -13.67 -6.46 2.39
CA LYS B 90 -15.02 -6.95 2.72
C LYS B 90 -15.02 -8.40 3.18
N ASP B 91 -14.07 -9.19 2.70
CA ASP B 91 -14.00 -10.60 3.09
C ASP B 91 -13.26 -10.76 4.41
N GLY B 92 -12.81 -9.63 4.96
CA GLY B 92 -12.14 -9.62 6.24
C GLY B 92 -10.68 -10.05 6.25
N VAL B 93 -10.17 -10.63 5.17
CA VAL B 93 -8.79 -11.07 5.15
C VAL B 93 -7.86 -9.85 5.13
N THR B 94 -7.32 -9.53 6.29
CA THR B 94 -6.43 -8.41 6.44
C THR B 94 -4.96 -8.84 6.32
N ASN B 95 -4.72 -10.13 6.05
CA ASN B 95 -3.36 -10.68 5.93
C ASN B 95 -2.41 -9.67 5.28
N TRP B 96 -1.24 -9.55 5.92
CA TRP B 96 -0.19 -8.59 5.56
C TRP B 96 0.04 -8.42 4.06
N GLY B 97 0.04 -9.52 3.31
CA GLY B 97 0.27 -9.45 1.89
C GLY B 97 -0.75 -8.58 1.15
N ARG B 98 -1.96 -8.49 1.68
CA ARG B 98 -2.99 -7.70 1.04
C ARG B 98 -2.72 -6.20 1.20
N ILE B 99 -2.27 -5.78 2.39
CA ILE B 99 -1.98 -4.36 2.63
C ILE B 99 -0.92 -3.86 1.66
N VAL B 100 0.14 -4.65 1.49
CA VAL B 100 1.22 -4.28 0.59
C VAL B 100 0.69 -4.13 -0.84
N THR B 101 -0.33 -4.93 -1.16
CA THR B 101 -0.94 -4.91 -2.47
C THR B 101 -1.76 -3.62 -2.65
N LEU B 102 -2.42 -3.16 -1.58
CA LEU B 102 -3.19 -1.92 -1.65
C LEU B 102 -2.25 -0.76 -1.97
N ILE B 103 -1.11 -0.74 -1.30
CA ILE B 103 -0.12 0.30 -1.52
C ILE B 103 0.46 0.15 -2.91
N SER B 104 0.67 -1.11 -3.32
CA SER B 104 1.20 -1.42 -4.63
C SER B 104 0.33 -0.80 -5.72
N PHE B 105 -0.97 -1.00 -5.62
CA PHE B 105 -1.92 -0.46 -6.58
C PHE B 105 -1.94 1.07 -6.53
N GLY B 106 -2.05 1.61 -5.32
CA GLY B 106 -2.09 3.05 -5.15
C GLY B 106 -0.87 3.72 -5.73
N ALA B 107 0.26 3.04 -5.62
CA ALA B 107 1.52 3.55 -6.14
C ALA B 107 1.56 3.44 -7.66
N PHE B 108 0.96 2.39 -8.19
CA PHE B 108 0.91 2.20 -9.64
C PHE B 108 0.11 3.35 -10.26
N VAL B 109 -0.97 3.70 -9.57
CA VAL B 109 -1.83 4.79 -10.00
C VAL B 109 -1.03 6.09 -9.95
N ALA B 110 -0.30 6.25 -8.85
CA ALA B 110 0.54 7.43 -8.60
C ALA B 110 1.54 7.65 -9.73
N LYS B 111 2.02 6.56 -10.30
CA LYS B 111 3.00 6.62 -11.38
C LYS B 111 2.39 7.26 -12.62
N HIS B 112 1.19 6.84 -12.98
CA HIS B 112 0.52 7.40 -14.14
C HIS B 112 0.00 8.78 -13.81
N LEU B 113 -0.33 8.97 -12.53
CA LEU B 113 -0.82 10.25 -12.03
C LEU B 113 0.28 11.29 -12.13
N LYS B 114 1.52 10.82 -12.00
CA LYS B 114 2.68 11.68 -12.10
C LYS B 114 2.92 12.09 -13.55
N SER B 115 2.75 11.13 -14.46
CA SER B 115 2.95 11.39 -15.89
C SER B 115 1.84 12.27 -16.45
N VAL B 116 0.71 12.34 -15.76
CA VAL B 116 -0.40 13.18 -16.21
C VAL B 116 -0.38 14.50 -15.44
N ASN B 117 0.70 14.67 -14.68
CA ASN B 117 0.97 15.87 -13.87
C ASN B 117 -0.13 16.17 -12.85
N GLN B 118 -0.63 15.15 -12.18
CA GLN B 118 -1.65 15.34 -11.16
C GLN B 118 -1.08 14.95 -9.80
N GLU B 119 0.18 15.35 -9.61
CA GLU B 119 0.92 15.09 -8.38
C GLU B 119 0.27 15.74 -7.17
N SER B 120 -0.58 16.73 -7.39
CA SER B 120 -1.27 17.39 -6.30
C SER B 120 -2.23 16.42 -5.60
N PHE B 121 -2.51 15.29 -6.25
CA PHE B 121 -3.41 14.29 -5.68
C PHE B 121 -2.63 13.08 -5.15
N ILE B 122 -1.41 12.84 -5.66
CA ILE B 122 -0.61 11.70 -5.19
C ILE B 122 -0.23 11.89 -3.73
N GLU B 123 0.12 13.13 -3.38
CA GLU B 123 0.48 13.48 -2.01
C GLU B 123 -0.61 13.08 -1.02
N PRO B 124 -1.87 13.59 -1.17
CA PRO B 124 -2.97 13.23 -0.27
C PRO B 124 -3.47 11.80 -0.49
N LEU B 125 -3.07 11.17 -1.59
CA LEU B 125 -3.50 9.80 -1.89
C LEU B 125 -2.98 8.85 -0.82
N ALA B 126 -1.65 8.84 -0.63
CA ALA B 126 -1.03 7.98 0.37
C ALA B 126 -1.64 8.25 1.75
N GLU B 127 -1.94 9.52 2.00
CA GLU B 127 -2.54 9.97 3.25
C GLU B 127 -3.94 9.35 3.40
N THR B 128 -4.70 9.36 2.32
CA THR B 128 -6.05 8.80 2.34
C THR B 128 -6.00 7.28 2.55
N ILE B 129 -5.03 6.65 1.90
CA ILE B 129 -4.85 5.21 2.01
C ILE B 129 -4.48 4.81 3.42
N THR B 130 -3.48 5.49 3.98
CA THR B 130 -3.01 5.19 5.32
C THR B 130 -4.03 5.52 6.40
N ASP B 131 -4.81 6.59 6.23
CA ASP B 131 -5.78 6.97 7.25
C ASP B 131 -6.85 5.91 7.39
N VAL B 132 -7.52 5.57 6.29
CA VAL B 132 -8.57 4.57 6.32
C VAL B 132 -8.05 3.25 6.89
N LEU B 133 -6.88 2.84 6.42
CA LEU B 133 -6.25 1.59 6.85
C LEU B 133 -6.06 1.53 8.37
N VAL B 134 -5.44 2.56 8.92
CA VAL B 134 -5.16 2.61 10.35
C VAL B 134 -6.43 2.72 11.20
N ARG B 135 -7.42 3.47 10.73
CA ARG B 135 -8.65 3.63 11.50
C ARG B 135 -9.48 2.35 11.57
N THR B 136 -9.39 1.50 10.55
CA THR B 136 -10.18 0.26 10.54
C THR B 136 -9.39 -0.94 11.06
N LYS B 137 -8.06 -0.89 11.00
CA LYS B 137 -7.25 -2.02 11.45
C LYS B 137 -6.16 -1.61 12.43
N ARG B 138 -6.51 -0.72 13.35
CA ARG B 138 -5.57 -0.24 14.36
C ARG B 138 -5.03 -1.40 15.19
N ASP B 139 -5.91 -2.34 15.54
CA ASP B 139 -5.54 -3.49 16.34
C ASP B 139 -4.69 -4.46 15.53
N TRP B 140 -5.03 -4.61 14.26
CA TRP B 140 -4.32 -5.50 13.36
C TRP B 140 -2.85 -5.09 13.26
N LEU B 141 -2.60 -3.80 13.02
CA LEU B 141 -1.23 -3.31 12.92
C LEU B 141 -0.45 -3.61 14.19
N VAL B 142 -1.05 -3.31 15.34
CA VAL B 142 -0.44 -3.54 16.64
C VAL B 142 -0.03 -5.01 16.84
N LYS B 143 -0.86 -5.92 16.36
CA LYS B 143 -0.61 -7.35 16.46
C LYS B 143 0.68 -7.76 15.77
N GLN B 144 1.06 -7.07 14.71
CA GLN B 144 2.30 -7.39 14.00
C GLN B 144 3.36 -6.33 14.22
N ARG B 145 3.30 -5.63 15.36
CA ARG B 145 4.27 -4.59 15.70
C ARG B 145 4.31 -3.47 14.66
N GLY B 146 3.19 -3.27 13.97
CA GLY B 146 3.12 -2.24 12.96
C GLY B 146 4.02 -2.57 11.78
N TRP B 147 4.83 -1.62 11.37
CA TRP B 147 5.74 -1.84 10.25
C TRP B 147 6.93 -2.69 10.67
N ASP B 148 7.19 -2.75 11.97
CA ASP B 148 8.31 -3.54 12.49
C ASP B 148 8.14 -5.01 12.13
N GLY B 149 6.93 -5.54 12.29
CA GLY B 149 6.67 -6.92 11.96
C GLY B 149 6.54 -7.11 10.45
N PHE B 150 6.01 -6.08 9.79
CA PHE B 150 5.86 -6.09 8.34
C PHE B 150 7.23 -6.25 7.69
N VAL B 151 8.19 -5.50 8.17
CA VAL B 151 9.55 -5.56 7.66
C VAL B 151 10.17 -6.91 7.96
N GLU B 152 10.03 -7.37 9.19
CA GLU B 152 10.60 -8.64 9.59
C GLU B 152 10.10 -9.80 8.72
N PHE B 153 8.82 -9.80 8.40
CA PHE B 153 8.24 -10.87 7.58
C PHE B 153 8.50 -10.69 6.07
N PHE B 154 8.64 -9.45 5.60
CA PHE B 154 8.83 -9.22 4.17
C PHE B 154 10.22 -8.70 3.77
N HIS B 155 11.14 -8.54 4.71
CA HIS B 155 12.47 -8.02 4.37
C HIS B 155 13.29 -9.11 3.70
N VAL B 156 12.90 -10.36 3.92
CA VAL B 156 13.58 -11.50 3.32
C VAL B 156 13.13 -11.67 1.88
N GLN B 157 14.02 -12.16 1.03
CA GLN B 157 13.70 -12.34 -0.38
C GLN B 157 13.28 -13.79 -0.63
N ASP B 158 12.84 -14.06 -1.85
CA ASP B 158 12.39 -15.40 -2.24
C ASP B 158 13.50 -16.43 -2.06
N LEU B 159 13.10 -17.64 -1.71
CA LEU B 159 14.05 -18.73 -1.49
C LEU B 159 13.78 -19.86 -2.47
N GLU B 160 12.59 -19.83 -3.07
CA GLU B 160 12.20 -20.84 -4.03
C GLU B 160 12.69 -20.46 -5.43
N GLY B 161 12.85 -19.16 -5.65
CA GLY B 161 13.32 -18.66 -6.92
C GLY B 161 12.19 -18.18 -7.81
N GLY B 162 11.72 -16.97 -7.56
CA GLY B 162 10.64 -16.43 -8.37
C GLY B 162 9.46 -15.99 -7.51
N PRO A 1 -20.38 2.43 -12.68
CA PRO A 1 -21.38 2.31 -11.59
C PRO A 1 -20.79 1.62 -10.36
N ALA A 2 -21.03 0.33 -10.20
CA ALA A 2 -20.52 -0.43 -9.06
C ALA A 2 -19.24 -1.15 -9.44
N ASP A 3 -18.33 -0.40 -10.03
CA ASP A 3 -17.05 -0.92 -10.49
C ASP A 3 -16.15 -1.38 -9.34
N LEU A 4 -16.33 -0.75 -8.18
CA LEU A 4 -15.55 -1.05 -6.99
C LEU A 4 -15.66 -2.54 -6.61
N LYS A 5 -16.78 -3.15 -7.00
CA LYS A 5 -17.03 -4.55 -6.72
C LYS A 5 -16.06 -5.43 -7.51
N ASP A 6 -15.79 -5.06 -8.75
CA ASP A 6 -14.89 -5.82 -9.60
C ASP A 6 -13.45 -5.57 -9.16
N GLU A 7 -13.18 -4.33 -8.77
CA GLU A 7 -11.86 -3.94 -8.31
C GLU A 7 -11.44 -4.74 -7.08
N CYS A 8 -12.28 -4.76 -6.06
CA CYS A 8 -11.97 -5.49 -4.83
C CYS A 8 -11.95 -7.00 -5.07
N ALA A 9 -12.74 -7.46 -6.04
CA ALA A 9 -12.80 -8.88 -6.35
C ALA A 9 -11.44 -9.38 -6.79
N GLN A 10 -10.85 -8.71 -7.78
CA GLN A 10 -9.55 -9.11 -8.28
C GLN A 10 -8.44 -8.72 -7.30
N LEU A 11 -8.55 -7.53 -6.70
CA LEU A 11 -7.54 -7.01 -5.77
C LEU A 11 -7.29 -8.00 -4.63
N ARG A 12 -8.35 -8.57 -4.06
CA ARG A 12 -8.19 -9.52 -2.97
C ARG A 12 -7.43 -10.76 -3.43
N ARG A 13 -7.71 -11.18 -4.67
CA ARG A 13 -7.04 -12.33 -5.24
C ARG A 13 -5.57 -12.01 -5.49
N ILE A 14 -5.30 -10.75 -5.77
CA ILE A 14 -3.96 -10.28 -6.01
C ILE A 14 -3.17 -10.31 -4.70
N GLY A 15 -3.77 -9.73 -3.67
CA GLY A 15 -3.16 -9.66 -2.35
C GLY A 15 -2.87 -11.01 -1.73
N ASP A 16 -3.87 -11.89 -1.72
CA ASP A 16 -3.70 -13.23 -1.14
C ASP A 16 -2.67 -14.03 -1.92
N LYS A 17 -2.57 -13.78 -3.22
CA LYS A 17 -1.60 -14.49 -4.05
C LYS A 17 -0.19 -14.01 -3.72
N VAL A 18 -0.05 -12.73 -3.35
CA VAL A 18 1.24 -12.17 -2.99
C VAL A 18 1.73 -12.88 -1.73
N ASN A 19 0.83 -13.02 -0.78
CA ASN A 19 1.12 -13.70 0.48
C ASN A 19 1.56 -15.12 0.20
N LEU A 20 0.86 -15.78 -0.72
CA LEU A 20 1.16 -17.17 -1.08
C LEU A 20 2.61 -17.30 -1.57
N ARG A 21 3.03 -16.37 -2.42
CA ARG A 21 4.38 -16.37 -2.98
C ARG A 21 5.42 -15.95 -1.95
N GLN A 22 5.22 -14.77 -1.39
CA GLN A 22 6.16 -14.20 -0.43
C GLN A 22 6.24 -14.96 0.89
N LYS A 23 5.17 -15.64 1.32
CA LYS A 23 5.24 -16.37 2.58
C LYS A 23 6.21 -17.53 2.44
N LEU A 24 6.02 -18.35 1.42
CA LEU A 24 6.88 -19.50 1.17
C LEU A 24 8.31 -19.06 0.87
N LEU A 25 8.44 -17.86 0.30
CA LEU A 25 9.74 -17.29 -0.02
C LEU A 25 10.54 -17.11 1.27
N ASN A 26 9.82 -16.77 2.33
CA ASN A 26 10.43 -16.57 3.65
C ASN A 26 10.41 -17.89 4.45
N MET A 27 9.21 -18.42 4.64
CA MET A 27 9.01 -19.65 5.39
C MET A 27 7.84 -20.44 4.80
N GLY B 1 -5.95 12.17 14.18
CA GLY B 1 -7.41 12.00 13.97
C GLY B 1 -8.20 12.96 14.83
N PRO B 2 -9.00 12.44 15.77
CA PRO B 2 -9.81 13.27 16.68
C PRO B 2 -8.96 14.21 17.53
N LEU B 3 -7.74 13.79 17.88
CA LEU B 3 -6.87 14.61 18.72
C LEU B 3 -5.47 14.74 18.13
N GLY B 4 -4.95 13.67 17.57
CA GLY B 4 -3.62 13.68 17.00
C GLY B 4 -2.63 12.93 17.86
N SER B 5 -3.11 12.40 18.97
CA SER B 5 -2.27 11.65 19.90
C SER B 5 -2.44 10.16 19.68
N GLU B 6 -3.56 9.81 19.07
CA GLU B 6 -3.92 8.43 18.78
C GLU B 6 -3.32 7.98 17.45
N ASP B 7 -2.71 8.93 16.75
CA ASP B 7 -2.07 8.65 15.46
C ASP B 7 -0.65 8.17 15.68
N ASP B 8 -0.49 7.14 16.49
CA ASP B 8 0.83 6.59 16.80
C ASP B 8 1.47 5.95 15.57
N LEU B 9 0.75 5.05 14.93
CA LEU B 9 1.26 4.38 13.74
C LEU B 9 0.99 5.23 12.50
N TYR B 10 -0.03 6.07 12.58
CA TYR B 10 -0.41 6.93 11.47
C TYR B 10 0.75 7.80 11.00
N ARG B 11 1.46 8.42 11.94
CA ARG B 11 2.59 9.28 11.62
C ARG B 11 3.66 8.51 10.86
N GLN B 12 3.83 7.24 11.21
CA GLN B 12 4.82 6.39 10.59
C GLN B 12 4.37 6.08 9.16
N SER B 13 3.15 5.57 9.07
CA SER B 13 2.55 5.19 7.79
C SER B 13 2.52 6.37 6.82
N LEU B 14 2.16 7.54 7.33
CA LEU B 14 2.07 8.76 6.54
C LEU B 14 3.39 9.05 5.83
N GLU B 15 4.49 8.95 6.55
CA GLU B 15 5.80 9.22 5.97
C GLU B 15 6.28 8.07 5.10
N ILE B 16 6.13 6.84 5.60
CA ILE B 16 6.57 5.66 4.89
C ILE B 16 5.86 5.53 3.52
N ILE B 17 4.55 5.65 3.53
CA ILE B 17 3.76 5.54 2.31
C ILE B 17 4.10 6.69 1.34
N SER B 18 4.24 7.89 1.88
CA SER B 18 4.58 9.05 1.06
C SER B 18 5.92 8.83 0.38
N ARG B 19 6.89 8.33 1.14
CA ARG B 19 8.23 8.05 0.61
C ARG B 19 8.15 7.04 -0.53
N TYR B 20 7.40 5.97 -0.31
CA TYR B 20 7.26 4.92 -1.30
C TYR B 20 6.58 5.42 -2.58
N LEU B 21 5.44 6.08 -2.47
CA LEU B 21 4.74 6.58 -3.65
C LEU B 21 5.52 7.68 -4.36
N ARG B 22 6.06 8.62 -3.60
CA ARG B 22 6.81 9.72 -4.19
C ARG B 22 8.07 9.24 -4.89
N GLU B 23 8.73 8.23 -4.33
CA GLU B 23 9.95 7.69 -4.95
C GLU B 23 9.60 6.92 -6.22
N GLN B 24 8.50 6.18 -6.17
CA GLN B 24 8.04 5.40 -7.32
C GLN B 24 7.62 6.31 -8.47
N ALA B 25 6.94 7.39 -8.13
CA ALA B 25 6.44 8.34 -9.12
C ALA B 25 7.57 9.16 -9.75
N THR B 26 8.55 9.55 -8.95
CA THR B 26 9.65 10.36 -9.46
C THR B 26 10.75 9.50 -10.06
N GLY B 27 10.94 8.32 -9.47
CA GLY B 27 11.98 7.42 -9.91
C GLY B 27 13.29 7.82 -9.27
N SER B 28 13.20 8.66 -8.25
CA SER B 28 14.37 9.14 -7.55
C SER B 28 14.13 9.20 -6.04
N LYS B 29 15.21 9.17 -5.29
CA LYS B 29 15.17 9.21 -3.83
C LYS B 29 15.18 10.64 -3.30
N ASP B 30 14.79 11.59 -4.15
CA ASP B 30 14.80 12.99 -3.78
C ASP B 30 13.40 13.47 -3.42
N SER B 31 12.99 13.23 -2.19
CA SER B 31 11.68 13.65 -1.71
C SER B 31 11.69 13.71 -0.18
N LYS B 32 10.55 13.98 0.43
CA LYS B 32 10.44 14.07 1.88
C LYS B 32 10.95 12.81 2.57
N PRO B 33 11.84 12.97 3.55
CA PRO B 33 12.40 11.84 4.31
C PRO B 33 11.49 11.42 5.48
N LEU B 34 11.94 10.41 6.21
CA LEU B 34 11.21 9.88 7.34
C LEU B 34 11.68 10.59 8.60
N GLY B 35 10.77 11.00 9.47
CA GLY B 35 11.15 11.70 10.68
C GLY B 35 10.61 11.04 11.94
N GLU B 36 9.30 10.92 12.01
CA GLU B 36 8.65 10.31 13.17
C GLU B 36 8.51 8.81 12.95
N ALA B 37 8.70 8.38 11.71
CA ALA B 37 8.61 6.97 11.35
C ALA B 37 9.74 6.16 12.00
N GLY B 38 10.88 6.80 12.18
CA GLY B 38 12.02 6.16 12.82
C GLY B 38 12.65 5.06 11.97
N ALA B 39 13.26 4.09 12.63
CA ALA B 39 13.91 2.97 11.96
C ALA B 39 12.91 2.12 11.20
N ALA B 40 11.71 1.97 11.76
CA ALA B 40 10.65 1.20 11.13
C ALA B 40 10.29 1.81 9.78
N GLY B 41 10.45 3.12 9.68
CA GLY B 41 10.15 3.82 8.46
C GLY B 41 11.02 3.35 7.31
N ARG B 42 12.32 3.25 7.57
CA ARG B 42 13.24 2.80 6.54
C ARG B 42 13.02 1.32 6.26
N ARG B 43 12.86 0.54 7.34
CA ARG B 43 12.63 -0.89 7.23
C ARG B 43 11.41 -1.18 6.38
N ALA B 44 10.36 -0.40 6.57
CA ALA B 44 9.13 -0.59 5.81
C ALA B 44 9.33 -0.16 4.37
N LEU B 45 10.09 0.91 4.18
CA LEU B 45 10.35 1.42 2.85
C LEU B 45 11.10 0.41 2.00
N GLU B 46 12.15 -0.19 2.57
CA GLU B 46 12.93 -1.19 1.85
C GLU B 46 12.08 -2.41 1.54
N THR B 47 11.13 -2.70 2.42
CA THR B 47 10.23 -3.83 2.24
C THR B 47 9.17 -3.48 1.19
N LEU B 48 8.60 -2.29 1.31
CA LEU B 48 7.57 -1.81 0.39
C LEU B 48 8.05 -1.82 -1.06
N ARG B 49 9.29 -1.44 -1.27
CA ARG B 49 9.83 -1.40 -2.63
C ARG B 49 10.12 -2.80 -3.15
N ARG B 50 10.66 -3.68 -2.31
CA ARG B 50 10.97 -5.03 -2.76
C ARG B 50 9.71 -5.87 -2.90
N VAL B 51 8.86 -5.86 -1.88
CA VAL B 51 7.62 -6.62 -1.92
C VAL B 51 6.65 -5.99 -2.92
N GLY B 52 6.60 -4.66 -2.91
CA GLY B 52 5.73 -3.94 -3.82
C GLY B 52 6.10 -4.21 -5.27
N ASP B 53 7.39 -4.38 -5.52
CA ASP B 53 7.88 -4.68 -6.87
C ASP B 53 7.33 -6.03 -7.28
N GLY B 54 7.45 -7.01 -6.40
CA GLY B 54 6.96 -8.34 -6.67
C GLY B 54 5.48 -8.34 -7.02
N VAL B 55 4.72 -7.53 -6.29
CA VAL B 55 3.29 -7.41 -6.53
C VAL B 55 3.06 -6.85 -7.93
N GLN B 56 3.69 -5.72 -8.22
CA GLN B 56 3.57 -5.06 -9.52
C GLN B 56 4.08 -5.95 -10.67
N ARG B 57 5.23 -6.56 -10.45
CA ARG B 57 5.85 -7.41 -11.46
C ARG B 57 4.98 -8.62 -11.81
N ASN B 58 4.41 -9.24 -10.79
CA ASN B 58 3.57 -10.42 -10.99
C ASN B 58 2.12 -10.07 -11.33
N HIS B 59 1.69 -8.83 -11.08
CA HIS B 59 0.31 -8.45 -11.34
C HIS B 59 0.20 -7.11 -12.06
N GLU B 60 1.13 -6.81 -12.95
CA GLU B 60 1.13 -5.54 -13.67
C GLU B 60 -0.15 -5.34 -14.49
N THR B 61 -0.46 -6.31 -15.33
CA THR B 61 -1.65 -6.26 -16.18
C THR B 61 -2.92 -6.19 -15.32
N ALA B 62 -2.86 -6.77 -14.12
CA ALA B 62 -4.00 -6.77 -13.21
C ALA B 62 -4.26 -5.36 -12.69
N PHE B 63 -3.19 -4.67 -12.31
CA PHE B 63 -3.31 -3.31 -11.79
C PHE B 63 -3.86 -2.37 -12.85
N GLN B 64 -3.46 -2.60 -14.10
CA GLN B 64 -3.94 -1.77 -15.21
C GLN B 64 -5.44 -1.98 -15.40
N GLY B 65 -5.92 -3.14 -14.96
CA GLY B 65 -7.34 -3.44 -15.05
C GLY B 65 -8.13 -2.52 -14.15
N MET B 66 -7.67 -2.37 -12.92
CA MET B 66 -8.33 -1.48 -11.96
C MET B 66 -8.04 -0.03 -12.31
N LEU B 67 -6.92 0.21 -12.99
CA LEU B 67 -6.55 1.56 -13.41
C LEU B 67 -7.58 2.12 -14.38
N ARG B 68 -8.23 1.22 -15.10
CA ARG B 68 -9.25 1.61 -16.07
C ARG B 68 -10.59 1.83 -15.36
N LYS B 69 -10.71 1.26 -14.16
CA LYS B 69 -11.92 1.38 -13.36
C LYS B 69 -11.82 2.63 -12.48
N LEU B 70 -10.68 2.77 -11.84
CA LEU B 70 -10.38 3.91 -10.97
C LEU B 70 -10.01 5.11 -11.82
N ASP B 71 -11.01 5.81 -12.33
CA ASP B 71 -10.78 6.99 -13.16
C ASP B 71 -10.47 8.23 -12.33
N ILE B 72 -9.20 8.58 -12.25
CA ILE B 72 -8.78 9.77 -11.52
C ILE B 72 -9.05 10.99 -12.39
N LYS B 73 -9.99 11.82 -11.98
CA LYS B 73 -10.33 13.01 -12.75
C LYS B 73 -10.48 14.20 -11.82
N ASN B 74 -11.11 13.97 -10.68
CA ASN B 74 -11.32 15.01 -9.68
C ASN B 74 -11.21 14.38 -8.31
N GLU B 75 -11.47 15.15 -7.25
CA GLU B 75 -11.39 14.69 -5.85
C GLU B 75 -12.11 13.35 -5.63
N GLY B 76 -13.04 13.00 -6.50
CA GLY B 76 -13.76 11.74 -6.38
C GLY B 76 -12.87 10.52 -6.41
N ASP B 77 -11.62 10.70 -6.86
CA ASP B 77 -10.66 9.60 -6.96
C ASP B 77 -10.24 9.10 -5.58
N VAL B 78 -9.82 10.01 -4.70
CA VAL B 78 -9.40 9.64 -3.35
C VAL B 78 -10.57 9.05 -2.56
N LYS B 79 -11.77 9.55 -2.83
CA LYS B 79 -12.96 9.06 -2.14
C LYS B 79 -13.35 7.69 -2.70
N SER B 80 -12.98 7.44 -3.95
CA SER B 80 -13.28 6.18 -4.59
C SER B 80 -12.29 5.11 -4.11
N PHE B 81 -11.07 5.54 -3.83
CA PHE B 81 -10.03 4.64 -3.35
C PHE B 81 -10.46 4.00 -2.04
N SER B 82 -11.13 4.77 -1.20
CA SER B 82 -11.60 4.27 0.09
C SER B 82 -12.71 3.23 -0.13
N ARG B 83 -13.48 3.42 -1.21
CA ARG B 83 -14.58 2.52 -1.53
C ARG B 83 -14.07 1.13 -1.91
N VAL B 84 -12.92 1.06 -2.57
CA VAL B 84 -12.38 -0.24 -2.93
C VAL B 84 -11.70 -0.89 -1.73
N MET B 85 -11.05 -0.07 -0.90
CA MET B 85 -10.35 -0.58 0.29
C MET B 85 -11.30 -1.28 1.25
N VAL B 86 -12.42 -0.63 1.57
CA VAL B 86 -13.38 -1.22 2.50
C VAL B 86 -13.94 -2.53 1.92
N HIS B 87 -14.02 -2.59 0.61
CA HIS B 87 -14.51 -3.79 -0.06
C HIS B 87 -13.45 -4.90 -0.02
N VAL B 88 -12.18 -4.51 -0.06
CA VAL B 88 -11.08 -5.47 -0.01
C VAL B 88 -11.07 -6.19 1.33
N PHE B 89 -11.47 -5.51 2.39
CA PHE B 89 -11.51 -6.12 3.71
C PHE B 89 -12.93 -6.47 4.13
N LYS B 90 -13.81 -6.63 3.14
CA LYS B 90 -15.20 -6.96 3.38
C LYS B 90 -15.33 -8.33 4.05
N ASP B 91 -14.49 -9.27 3.61
CA ASP B 91 -14.53 -10.63 4.17
C ASP B 91 -13.79 -10.69 5.51
N GLY B 92 -12.95 -9.71 5.78
CA GLY B 92 -12.25 -9.69 7.04
C GLY B 92 -10.76 -10.00 6.98
N VAL B 93 -10.26 -10.60 5.90
CA VAL B 93 -8.85 -10.90 5.83
C VAL B 93 -8.03 -9.63 5.65
N THR B 94 -7.36 -9.21 6.72
CA THR B 94 -6.56 -7.99 6.71
C THR B 94 -5.10 -8.27 6.36
N ASN B 95 -4.79 -9.54 6.11
CA ASN B 95 -3.44 -10.04 5.77
C ASN B 95 -2.63 -9.00 4.99
N TRP B 96 -1.37 -8.82 5.42
CA TRP B 96 -0.45 -7.86 4.82
C TRP B 96 -0.43 -7.98 3.30
N GLY B 97 -0.64 -9.19 2.80
CA GLY B 97 -0.65 -9.42 1.36
C GLY B 97 -1.59 -8.47 0.65
N ARG B 98 -2.77 -8.24 1.23
CA ARG B 98 -3.75 -7.35 0.63
C ARG B 98 -3.35 -5.89 0.83
N ILE B 99 -2.94 -5.57 2.05
CA ILE B 99 -2.54 -4.21 2.41
C ILE B 99 -1.33 -3.74 1.61
N VAL B 100 -0.32 -4.59 1.49
CA VAL B 100 0.87 -4.23 0.76
C VAL B 100 0.53 -4.11 -0.73
N THR B 101 -0.51 -4.84 -1.15
CA THR B 101 -0.98 -4.78 -2.52
C THR B 101 -1.75 -3.49 -2.74
N LEU B 102 -2.45 -3.03 -1.70
CA LEU B 102 -3.19 -1.79 -1.75
C LEU B 102 -2.23 -0.65 -2.04
N ILE B 103 -1.08 -0.71 -1.38
CA ILE B 103 -0.04 0.30 -1.57
C ILE B 103 0.59 0.09 -2.94
N SER B 104 0.84 -1.17 -3.29
CA SER B 104 1.43 -1.52 -4.58
C SER B 104 0.57 -0.94 -5.71
N PHE B 105 -0.75 -1.09 -5.56
CA PHE B 105 -1.71 -0.59 -6.54
C PHE B 105 -1.68 0.93 -6.59
N GLY B 106 -1.82 1.57 -5.44
CA GLY B 106 -1.80 3.01 -5.37
C GLY B 106 -0.52 3.59 -5.94
N ALA B 107 0.58 2.90 -5.68
CA ALA B 107 1.88 3.33 -6.16
C ALA B 107 2.03 3.06 -7.66
N PHE B 108 1.31 2.06 -8.16
CA PHE B 108 1.34 1.73 -9.57
C PHE B 108 0.66 2.86 -10.32
N VAL B 109 -0.50 3.24 -9.78
CA VAL B 109 -1.29 4.32 -10.34
C VAL B 109 -0.53 5.64 -10.21
N ALA B 110 0.09 5.84 -9.05
CA ALA B 110 0.87 7.04 -8.74
C ALA B 110 1.90 7.35 -9.81
N LYS B 111 2.48 6.32 -10.41
CA LYS B 111 3.49 6.51 -11.45
C LYS B 111 2.83 7.09 -12.70
N HIS B 112 1.66 6.57 -13.03
CA HIS B 112 0.93 7.04 -14.20
C HIS B 112 0.38 8.42 -13.89
N LEU B 113 0.01 8.60 -12.63
CA LEU B 113 -0.56 9.86 -12.14
C LEU B 113 0.49 10.96 -12.25
N LYS B 114 1.71 10.68 -11.82
CA LYS B 114 2.78 11.66 -11.90
C LYS B 114 3.18 11.88 -13.35
N SER B 115 3.07 10.82 -14.16
CA SER B 115 3.41 10.89 -15.56
C SER B 115 2.34 11.65 -16.35
N VAL B 116 1.17 11.81 -15.74
CA VAL B 116 0.07 12.53 -16.38
C VAL B 116 -0.12 13.88 -15.67
N ASN B 117 0.88 14.21 -14.86
CA ASN B 117 0.93 15.45 -14.07
C ASN B 117 -0.31 15.64 -13.21
N GLN B 118 -0.53 14.67 -12.34
CA GLN B 118 -1.65 14.68 -11.44
C GLN B 118 -1.14 14.53 -10.00
N GLU B 119 0.07 15.04 -9.77
CA GLU B 119 0.71 14.98 -8.45
C GLU B 119 -0.13 15.63 -7.36
N SER B 120 -1.04 16.51 -7.73
CA SER B 120 -1.90 17.16 -6.75
C SER B 120 -2.84 16.13 -6.10
N PHE B 121 -2.90 14.93 -6.67
CA PHE B 121 -3.73 13.88 -6.13
C PHE B 121 -2.90 12.74 -5.55
N ILE B 122 -1.62 12.63 -5.92
CA ILE B 122 -0.79 11.56 -5.38
C ILE B 122 -0.59 11.79 -3.88
N GLU B 123 -0.42 13.05 -3.50
CA GLU B 123 -0.26 13.41 -2.09
C GLU B 123 -1.50 12.97 -1.29
N PRO B 124 -2.72 13.46 -1.62
CA PRO B 124 -3.93 13.07 -0.91
C PRO B 124 -4.16 11.55 -0.93
N LEU B 125 -3.70 10.88 -1.98
CA LEU B 125 -3.87 9.43 -2.08
C LEU B 125 -3.12 8.72 -0.96
N ALA B 126 -1.81 8.99 -0.84
CA ALA B 126 -1.00 8.38 0.21
C ALA B 126 -1.60 8.69 1.58
N GLU B 127 -2.09 9.91 1.73
CA GLU B 127 -2.70 10.36 2.98
C GLU B 127 -4.05 9.67 3.21
N THR B 128 -4.82 9.47 2.15
CA THR B 128 -6.11 8.82 2.29
C THR B 128 -5.91 7.36 2.71
N ILE B 129 -4.97 6.69 2.06
CA ILE B 129 -4.68 5.30 2.35
C ILE B 129 -4.25 5.12 3.81
N THR B 130 -3.29 5.92 4.26
CA THR B 130 -2.80 5.82 5.63
C THR B 130 -3.90 6.11 6.65
N ASP B 131 -4.84 6.99 6.30
CA ASP B 131 -5.91 7.33 7.22
C ASP B 131 -6.95 6.22 7.32
N VAL B 132 -7.50 5.81 6.19
CA VAL B 132 -8.52 4.75 6.16
C VAL B 132 -7.95 3.41 6.64
N LEU B 133 -6.65 3.22 6.49
CA LEU B 133 -6.02 1.98 6.90
C LEU B 133 -5.68 1.97 8.39
N VAL B 134 -4.89 2.93 8.84
CA VAL B 134 -4.44 3.00 10.23
C VAL B 134 -5.54 3.41 11.21
N ARG B 135 -6.30 4.44 10.90
CA ARG B 135 -7.34 4.90 11.81
C ARG B 135 -8.49 3.90 11.95
N THR B 136 -8.72 3.09 10.90
CA THR B 136 -9.80 2.12 10.94
C THR B 136 -9.31 0.74 11.41
N LYS B 137 -8.19 0.28 10.87
CA LYS B 137 -7.67 -1.04 11.23
C LYS B 137 -6.43 -0.97 12.11
N ARG B 138 -6.43 -0.06 13.06
CA ARG B 138 -5.28 0.09 13.97
C ARG B 138 -5.09 -1.14 14.84
N ASP B 139 -6.19 -1.83 15.13
CA ASP B 139 -6.17 -3.03 15.97
C ASP B 139 -5.23 -4.12 15.45
N TRP B 140 -5.40 -4.52 14.20
CA TRP B 140 -4.57 -5.55 13.60
C TRP B 140 -3.11 -5.09 13.49
N LEU B 141 -2.93 -3.80 13.21
CA LEU B 141 -1.60 -3.21 13.09
C LEU B 141 -0.88 -3.28 14.43
N VAL B 142 -1.58 -2.82 15.47
CA VAL B 142 -1.05 -2.81 16.83
C VAL B 142 -0.61 -4.20 17.28
N LYS B 143 -1.42 -5.20 16.98
CA LYS B 143 -1.11 -6.59 17.34
C LYS B 143 0.15 -7.09 16.63
N GLN B 144 0.49 -6.44 15.53
CA GLN B 144 1.66 -6.83 14.76
C GLN B 144 2.79 -5.80 14.86
N ARG B 145 2.72 -4.94 15.88
CA ARG B 145 3.75 -3.91 16.09
C ARG B 145 3.82 -2.91 14.93
N GLY B 146 2.71 -2.75 14.23
CA GLY B 146 2.65 -1.83 13.11
C GLY B 146 3.44 -2.32 11.91
N TRP B 147 4.23 -1.42 11.33
CA TRP B 147 5.04 -1.75 10.17
C TRP B 147 6.16 -2.71 10.53
N ASP B 148 6.53 -2.72 11.81
CA ASP B 148 7.59 -3.58 12.31
C ASP B 148 7.31 -5.05 11.95
N GLY B 149 6.10 -5.50 12.28
CA GLY B 149 5.72 -6.87 12.00
C GLY B 149 5.63 -7.12 10.50
N PHE B 150 5.23 -6.10 9.76
CA PHE B 150 5.12 -6.19 8.31
C PHE B 150 6.49 -6.37 7.68
N VAL B 151 7.45 -5.58 8.16
CA VAL B 151 8.80 -5.64 7.65
C VAL B 151 9.45 -6.96 7.96
N GLU B 152 9.50 -7.31 9.24
CA GLU B 152 10.13 -8.56 9.66
C GLU B 152 9.48 -9.80 9.03
N PHE B 153 8.21 -9.69 8.65
CA PHE B 153 7.52 -10.83 8.03
C PHE B 153 8.09 -11.12 6.64
N PHE B 154 8.63 -10.10 5.96
CA PHE B 154 9.19 -10.27 4.62
C PHE B 154 10.69 -9.99 4.58
N HIS B 155 11.19 -9.42 5.67
CA HIS B 155 12.60 -9.05 5.81
C HIS B 155 13.51 -10.26 5.94
N VAL B 156 12.93 -11.43 6.23
CA VAL B 156 13.68 -12.67 6.39
C VAL B 156 14.45 -13.00 5.10
N GLN B 157 15.57 -13.71 5.27
CA GLN B 157 16.44 -14.12 4.18
C GLN B 157 15.64 -14.71 3.01
N ASP B 158 15.73 -14.05 1.86
CA ASP B 158 15.02 -14.48 0.65
C ASP B 158 15.44 -15.88 0.20
N LEU B 159 14.58 -16.87 0.40
CA LEU B 159 14.89 -18.22 -0.05
C LEU B 159 14.63 -18.32 -1.55
N GLU B 160 13.81 -17.40 -2.05
CA GLU B 160 13.46 -17.36 -3.46
C GLU B 160 13.35 -15.90 -3.90
N GLY B 161 12.82 -15.69 -5.10
CA GLY B 161 12.66 -14.36 -5.62
C GLY B 161 11.70 -14.33 -6.78
N GLY B 162 10.42 -14.10 -6.49
CA GLY B 162 9.42 -14.06 -7.52
C GLY B 162 8.04 -14.21 -6.94
N PRO A 1 -16.11 4.72 -11.12
CA PRO A 1 -17.57 4.42 -11.03
C PRO A 1 -17.80 3.29 -10.04
N ALA A 2 -19.04 2.79 -9.97
CA ALA A 2 -19.38 1.70 -9.06
C ALA A 2 -19.12 0.35 -9.71
N ASP A 3 -18.63 0.39 -10.95
CA ASP A 3 -18.31 -0.81 -11.71
C ASP A 3 -17.03 -1.45 -11.16
N LEU A 4 -16.51 -0.85 -10.10
CA LEU A 4 -15.29 -1.32 -9.44
C LEU A 4 -15.64 -2.40 -8.44
N LYS A 5 -16.92 -2.70 -8.34
CA LYS A 5 -17.41 -3.73 -7.46
C LYS A 5 -16.74 -5.05 -7.82
N ASP A 6 -16.65 -5.28 -9.12
CA ASP A 6 -16.04 -6.48 -9.65
C ASP A 6 -14.52 -6.35 -9.65
N GLU A 7 -14.01 -5.12 -9.72
CA GLU A 7 -12.57 -4.90 -9.72
C GLU A 7 -11.98 -5.27 -8.36
N CYS A 8 -12.62 -4.78 -7.30
CA CYS A 8 -12.16 -5.04 -5.94
C CYS A 8 -12.21 -6.53 -5.61
N ALA A 9 -13.15 -7.25 -6.23
CA ALA A 9 -13.29 -8.69 -6.01
C ALA A 9 -12.04 -9.41 -6.49
N GLN A 10 -11.44 -8.89 -7.56
CA GLN A 10 -10.22 -9.47 -8.09
C GLN A 10 -9.05 -9.12 -7.19
N LEU A 11 -8.99 -7.84 -6.80
CA LEU A 11 -7.93 -7.31 -5.95
C LEU A 11 -7.82 -8.14 -4.66
N ARG A 12 -8.96 -8.63 -4.17
CA ARG A 12 -8.98 -9.46 -2.96
C ARG A 12 -8.04 -10.64 -3.13
N ARG A 13 -8.16 -11.32 -4.27
CA ARG A 13 -7.33 -12.48 -4.55
C ARG A 13 -5.92 -12.07 -4.94
N ILE A 14 -5.80 -10.85 -5.45
CA ILE A 14 -4.50 -10.32 -5.86
C ILE A 14 -3.58 -10.22 -4.65
N GLY A 15 -4.12 -9.69 -3.56
CA GLY A 15 -3.34 -9.56 -2.33
C GLY A 15 -3.08 -10.90 -1.68
N ASP A 16 -4.06 -11.79 -1.76
CA ASP A 16 -3.94 -13.11 -1.17
C ASP A 16 -2.83 -13.92 -1.82
N LYS A 17 -2.68 -13.79 -3.13
CA LYS A 17 -1.63 -14.53 -3.84
C LYS A 17 -0.27 -14.10 -3.30
N VAL A 18 -0.12 -12.81 -3.06
CA VAL A 18 1.12 -12.27 -2.53
C VAL A 18 1.36 -12.85 -1.14
N ASN A 19 0.30 -12.86 -0.33
CA ASN A 19 0.36 -13.39 1.03
C ASN A 19 0.77 -14.87 1.00
N LEU A 20 0.15 -15.63 0.11
CA LEU A 20 0.42 -17.04 -0.06
C LEU A 20 1.88 -17.29 -0.43
N ARG A 21 2.38 -16.47 -1.34
CA ARG A 21 3.76 -16.58 -1.81
C ARG A 21 4.77 -16.19 -0.74
N GLN A 22 4.49 -15.10 -0.03
CA GLN A 22 5.38 -14.63 1.01
C GLN A 22 5.33 -15.51 2.25
N LYS A 23 4.19 -16.17 2.49
CA LYS A 23 4.06 -17.04 3.64
C LYS A 23 5.13 -18.13 3.58
N LEU A 24 5.20 -18.82 2.44
CA LEU A 24 6.18 -19.90 2.26
C LEU A 24 7.60 -19.36 2.21
N LEU A 25 7.73 -18.12 1.74
CA LEU A 25 9.02 -17.46 1.65
C LEU A 25 9.54 -17.11 3.04
N ASN A 26 8.60 -16.87 3.96
CA ASN A 26 8.93 -16.52 5.33
C ASN A 26 9.04 -17.78 6.20
N MET A 27 8.06 -18.68 6.07
CA MET A 27 8.02 -19.91 6.83
C MET A 27 7.46 -21.06 6.00
N GLY B 1 1.56 3.04 20.37
CA GLY B 1 2.96 2.88 20.83
C GLY B 1 3.03 2.48 22.28
N PRO B 2 3.48 3.39 23.17
CA PRO B 2 3.58 3.12 24.59
C PRO B 2 2.23 3.29 25.30
N LEU B 3 2.27 3.42 26.63
CA LEU B 3 1.05 3.59 27.41
C LEU B 3 0.51 5.01 27.28
N GLY B 4 0.10 5.36 26.07
CA GLY B 4 -0.43 6.68 25.80
C GLY B 4 -1.46 6.61 24.69
N SER B 5 -0.98 6.52 23.46
CA SER B 5 -1.86 6.44 22.31
C SER B 5 -1.23 5.55 21.24
N GLU B 6 -1.96 5.35 20.15
CA GLU B 6 -1.48 4.51 19.06
C GLU B 6 -1.50 5.30 17.74
N ASP B 7 -1.19 6.59 17.84
CA ASP B 7 -1.16 7.46 16.66
C ASP B 7 0.17 7.33 15.94
N ASP B 8 1.10 6.62 16.57
CA ASP B 8 2.42 6.39 16.01
C ASP B 8 2.36 5.60 14.71
N LEU B 9 1.47 4.62 14.66
CA LEU B 9 1.32 3.80 13.46
C LEU B 9 0.81 4.65 12.31
N TYR B 10 -0.07 5.58 12.61
CA TYR B 10 -0.65 6.48 11.62
C TYR B 10 0.44 7.37 11.04
N ARG B 11 1.44 7.68 11.87
CA ARG B 11 2.56 8.51 11.44
C ARG B 11 3.47 7.74 10.50
N GLN B 12 3.89 6.55 10.93
CA GLN B 12 4.76 5.72 10.12
C GLN B 12 4.09 5.43 8.78
N SER B 13 2.86 4.93 8.85
CA SER B 13 2.10 4.60 7.65
C SER B 13 1.90 5.82 6.76
N LEU B 14 1.98 7.01 7.34
CA LEU B 14 1.81 8.25 6.59
C LEU B 14 3.06 8.54 5.75
N GLU B 15 4.21 8.66 6.41
CA GLU B 15 5.45 8.97 5.70
C GLU B 15 6.03 7.79 4.93
N ILE B 16 5.97 6.58 5.47
CA ILE B 16 6.52 5.43 4.75
C ILE B 16 5.82 5.25 3.41
N ILE B 17 4.50 5.44 3.41
CA ILE B 17 3.72 5.32 2.18
C ILE B 17 3.96 6.52 1.26
N SER B 18 3.95 7.72 1.82
CA SER B 18 4.17 8.94 1.05
C SER B 18 5.54 8.91 0.39
N ARG B 19 6.56 8.51 1.15
CA ARG B 19 7.92 8.43 0.66
C ARG B 19 8.02 7.41 -0.48
N TYR B 20 7.17 6.39 -0.44
CA TYR B 20 7.16 5.36 -1.45
C TYR B 20 6.47 5.84 -2.73
N LEU B 21 5.25 6.36 -2.62
CA LEU B 21 4.51 6.82 -3.79
C LEU B 21 5.20 8.00 -4.47
N ARG B 22 5.72 8.92 -3.69
CA ARG B 22 6.41 10.09 -4.23
C ARG B 22 7.66 9.66 -5.00
N GLU B 23 8.25 8.55 -4.60
CA GLU B 23 9.45 8.02 -5.23
C GLU B 23 9.10 7.36 -6.56
N GLN B 24 8.12 6.47 -6.53
CA GLN B 24 7.69 5.76 -7.74
C GLN B 24 7.20 6.74 -8.80
N ALA B 25 6.62 7.84 -8.35
CA ALA B 25 6.11 8.88 -9.24
C ALA B 25 7.22 9.54 -10.04
N THR B 26 8.27 9.97 -9.35
CA THR B 26 9.39 10.63 -10.01
C THR B 26 10.24 9.64 -10.79
N GLY B 27 10.46 8.49 -10.17
CA GLY B 27 11.28 7.45 -10.76
C GLY B 27 12.63 7.44 -10.08
N SER B 28 12.81 8.42 -9.20
CA SER B 28 14.03 8.57 -8.45
C SER B 28 13.98 7.64 -7.24
N LYS B 29 14.41 6.40 -7.45
CA LYS B 29 14.39 5.40 -6.39
C LYS B 29 15.56 5.60 -5.43
N ASP B 30 15.50 6.73 -4.73
CA ASP B 30 16.51 7.13 -3.77
C ASP B 30 15.99 6.94 -2.35
N SER B 31 16.88 6.61 -1.42
CA SER B 31 16.50 6.39 -0.04
C SER B 31 16.90 7.60 0.81
N LYS B 32 15.97 8.04 1.65
CA LYS B 32 16.19 9.19 2.52
C LYS B 32 15.47 9.00 3.86
N PRO B 33 16.00 9.65 4.93
CA PRO B 33 15.42 9.57 6.27
C PRO B 33 14.05 10.24 6.36
N LEU B 34 13.06 9.44 6.74
CA LEU B 34 11.69 9.90 6.89
C LEU B 34 11.57 10.90 8.04
N GLY B 35 11.87 10.42 9.24
CA GLY B 35 11.82 11.28 10.41
C GLY B 35 11.27 10.55 11.63
N GLU B 36 10.00 10.80 11.92
CA GLU B 36 9.30 10.22 13.07
C GLU B 36 9.13 8.71 12.94
N ALA B 37 9.08 8.20 11.72
CA ALA B 37 8.94 6.77 11.48
C ALA B 37 10.12 5.99 12.06
N GLY B 38 11.21 6.71 12.32
CA GLY B 38 12.40 6.14 12.90
C GLY B 38 13.07 5.06 12.05
N ALA B 39 13.68 4.10 12.74
CA ALA B 39 14.38 3.00 12.10
C ALA B 39 13.40 2.09 11.33
N ALA B 40 12.23 1.86 11.93
CA ALA B 40 11.22 1.03 11.32
C ALA B 40 10.80 1.58 9.97
N GLY B 41 10.72 2.91 9.88
CA GLY B 41 10.33 3.55 8.64
C GLY B 41 11.28 3.26 7.51
N ARG B 42 12.58 3.32 7.79
CA ARG B 42 13.58 3.05 6.78
C ARG B 42 13.60 1.59 6.40
N ARG B 43 13.51 0.72 7.40
CA ARG B 43 13.49 -0.72 7.19
C ARG B 43 12.29 -1.12 6.35
N ALA B 44 11.14 -0.56 6.70
CA ALA B 44 9.91 -0.84 6.00
C ALA B 44 9.92 -0.26 4.60
N LEU B 45 10.40 0.98 4.47
CA LEU B 45 10.47 1.66 3.18
C LEU B 45 11.30 0.85 2.18
N GLU B 46 12.41 0.29 2.64
CA GLU B 46 13.27 -0.52 1.79
C GLU B 46 12.56 -1.81 1.39
N THR B 47 11.88 -2.42 2.35
CA THR B 47 11.14 -3.64 2.10
C THR B 47 9.97 -3.36 1.17
N LEU B 48 9.27 -2.27 1.46
CA LEU B 48 8.12 -1.82 0.70
C LEU B 48 8.55 -1.51 -0.73
N ARG B 49 9.80 -1.08 -0.87
CA ARG B 49 10.36 -0.73 -2.17
C ARG B 49 10.35 -1.94 -3.10
N ARG B 50 10.95 -3.05 -2.65
CA ARG B 50 11.01 -4.24 -3.47
C ARG B 50 9.69 -5.00 -3.49
N VAL B 51 9.11 -5.24 -2.32
CA VAL B 51 7.85 -5.98 -2.22
C VAL B 51 6.73 -5.25 -2.98
N GLY B 52 6.66 -3.94 -2.79
CA GLY B 52 5.63 -3.16 -3.46
C GLY B 52 5.81 -3.15 -4.96
N ASP B 53 7.05 -3.27 -5.42
CA ASP B 53 7.32 -3.28 -6.85
C ASP B 53 7.13 -4.70 -7.36
N GLY B 54 7.32 -5.65 -6.45
CA GLY B 54 7.17 -7.06 -6.77
C GLY B 54 5.75 -7.42 -7.13
N VAL B 55 4.79 -6.81 -6.44
CA VAL B 55 3.37 -7.06 -6.71
C VAL B 55 3.03 -6.51 -8.09
N GLN B 56 3.69 -5.43 -8.46
CA GLN B 56 3.49 -4.80 -9.76
C GLN B 56 3.98 -5.71 -10.87
N ARG B 57 4.99 -6.50 -10.57
CA ARG B 57 5.59 -7.43 -11.52
C ARG B 57 4.63 -8.57 -11.87
N ASN B 58 4.11 -9.24 -10.84
CA ASN B 58 3.21 -10.37 -11.06
C ASN B 58 1.75 -9.96 -11.26
N HIS B 59 1.40 -8.73 -10.93
CA HIS B 59 0.02 -8.28 -11.08
C HIS B 59 -0.09 -7.01 -11.90
N GLU B 60 0.84 -6.79 -12.82
CA GLU B 60 0.85 -5.61 -13.66
C GLU B 60 -0.45 -5.47 -14.46
N THR B 61 -0.82 -6.56 -15.14
CA THR B 61 -2.04 -6.58 -15.94
C THR B 61 -3.29 -6.28 -15.11
N ALA B 62 -3.26 -6.71 -13.85
CA ALA B 62 -4.39 -6.48 -12.95
C ALA B 62 -4.43 -5.01 -12.53
N PHE B 63 -3.27 -4.45 -12.26
CA PHE B 63 -3.17 -3.06 -11.85
C PHE B 63 -3.54 -2.12 -13.00
N GLN B 64 -3.15 -2.48 -14.23
CA GLN B 64 -3.47 -1.65 -15.39
C GLN B 64 -4.98 -1.49 -15.54
N GLY B 65 -5.69 -2.62 -15.46
CA GLY B 65 -7.14 -2.60 -15.59
C GLY B 65 -7.81 -1.73 -14.54
N MET B 66 -7.41 -1.91 -13.29
CA MET B 66 -8.00 -1.13 -12.19
C MET B 66 -7.55 0.33 -12.24
N LEU B 67 -6.33 0.58 -12.75
CA LEU B 67 -5.80 1.94 -12.86
C LEU B 67 -6.72 2.78 -13.73
N ARG B 68 -7.13 2.20 -14.85
CA ARG B 68 -7.99 2.85 -15.81
C ARG B 68 -9.46 2.76 -15.37
N LYS B 69 -9.75 1.84 -14.47
CA LYS B 69 -11.11 1.63 -13.99
C LYS B 69 -11.46 2.58 -12.82
N LEU B 70 -10.46 2.92 -12.00
CA LEU B 70 -10.66 3.81 -10.87
C LEU B 70 -11.03 5.23 -11.31
N ASP B 71 -11.57 5.99 -10.37
CA ASP B 71 -12.00 7.37 -10.63
C ASP B 71 -10.83 8.33 -10.45
N ILE B 72 -9.61 7.87 -10.76
CA ILE B 72 -8.41 8.69 -10.61
C ILE B 72 -8.35 9.77 -11.68
N LYS B 73 -8.83 10.95 -11.34
CA LYS B 73 -8.84 12.08 -12.27
C LYS B 73 -9.32 13.34 -11.57
N ASN B 74 -10.35 13.18 -10.76
CA ASN B 74 -10.92 14.30 -10.02
C ASN B 74 -10.72 14.06 -8.53
N GLU B 75 -11.25 14.93 -7.68
CA GLU B 75 -11.11 14.78 -6.22
C GLU B 75 -11.69 13.42 -5.78
N GLY B 76 -12.58 12.90 -6.60
CA GLY B 76 -13.21 11.62 -6.35
C GLY B 76 -12.21 10.46 -6.35
N ASP B 77 -11.00 10.71 -6.83
CA ASP B 77 -9.95 9.69 -6.91
C ASP B 77 -9.66 9.07 -5.54
N VAL B 78 -9.45 9.90 -4.53
CA VAL B 78 -9.17 9.41 -3.19
C VAL B 78 -10.38 8.68 -2.63
N LYS B 79 -11.57 9.09 -3.06
CA LYS B 79 -12.80 8.45 -2.61
C LYS B 79 -12.91 7.08 -3.28
N SER B 80 -12.45 7.01 -4.52
CA SER B 80 -12.46 5.80 -5.31
C SER B 80 -11.53 4.75 -4.68
N PHE B 81 -10.35 5.19 -4.25
CA PHE B 81 -9.40 4.27 -3.64
C PHE B 81 -9.91 3.82 -2.28
N SER B 82 -10.57 4.73 -1.56
CA SER B 82 -11.12 4.40 -0.26
C SER B 82 -12.24 3.38 -0.46
N ARG B 83 -12.97 3.54 -1.55
CA ARG B 83 -14.08 2.67 -1.92
C ARG B 83 -13.59 1.25 -2.17
N VAL B 84 -12.47 1.13 -2.88
CA VAL B 84 -11.92 -0.18 -3.16
C VAL B 84 -11.24 -0.76 -1.91
N MET B 85 -10.62 0.11 -1.11
CA MET B 85 -9.94 -0.28 0.13
C MET B 85 -10.87 -1.07 1.05
N VAL B 86 -12.02 -0.47 1.36
CA VAL B 86 -13.00 -1.10 2.24
C VAL B 86 -13.54 -2.38 1.63
N HIS B 87 -13.65 -2.40 0.30
CA HIS B 87 -14.15 -3.57 -0.40
C HIS B 87 -13.13 -4.71 -0.45
N VAL B 88 -11.85 -4.38 -0.50
CA VAL B 88 -10.80 -5.40 -0.54
C VAL B 88 -10.66 -6.12 0.80
N PHE B 89 -10.73 -5.38 1.90
CA PHE B 89 -10.61 -5.99 3.21
C PHE B 89 -11.96 -6.40 3.79
N LYS B 90 -12.94 -6.62 2.91
CA LYS B 90 -14.26 -7.00 3.37
C LYS B 90 -14.34 -8.50 3.67
N ASP B 91 -13.43 -9.29 3.10
CA ASP B 91 -13.44 -10.74 3.34
C ASP B 91 -13.00 -11.03 4.77
N GLY B 92 -12.37 -10.05 5.39
CA GLY B 92 -11.89 -10.20 6.74
C GLY B 92 -10.40 -10.43 6.76
N VAL B 93 -9.86 -10.84 5.62
CA VAL B 93 -8.43 -11.10 5.49
C VAL B 93 -7.67 -9.79 5.36
N THR B 94 -7.11 -9.33 6.47
CA THR B 94 -6.34 -8.10 6.49
C THR B 94 -4.84 -8.38 6.34
N ASN B 95 -4.50 -9.66 6.20
CA ASN B 95 -3.12 -10.13 6.05
C ASN B 95 -2.26 -9.16 5.23
N TRP B 96 -1.04 -8.96 5.75
CA TRP B 96 -0.02 -8.09 5.17
C TRP B 96 0.08 -8.17 3.65
N GLY B 97 -0.15 -9.36 3.10
CA GLY B 97 -0.09 -9.54 1.65
C GLY B 97 -1.00 -8.59 0.90
N ARG B 98 -2.26 -8.48 1.36
CA ARG B 98 -3.22 -7.60 0.71
C ARG B 98 -2.87 -6.14 0.95
N ILE B 99 -2.38 -5.86 2.15
CA ILE B 99 -2.01 -4.50 2.55
C ILE B 99 -0.92 -3.94 1.64
N VAL B 100 0.16 -4.71 1.45
CA VAL B 100 1.25 -4.27 0.60
C VAL B 100 0.78 -4.18 -0.85
N THR B 101 -0.13 -5.06 -1.24
CA THR B 101 -0.68 -5.08 -2.59
C THR B 101 -1.43 -3.78 -2.89
N LEU B 102 -2.17 -3.29 -1.90
CA LEU B 102 -2.91 -2.05 -2.07
C LEU B 102 -1.96 -0.88 -2.27
N ILE B 103 -0.83 -0.91 -1.58
CA ILE B 103 0.17 0.14 -1.73
C ILE B 103 0.80 0.01 -3.11
N SER B 104 1.03 -1.24 -3.51
CA SER B 104 1.61 -1.57 -4.79
C SER B 104 0.76 -0.96 -5.91
N PHE B 105 -0.54 -1.21 -5.83
CA PHE B 105 -1.49 -0.70 -6.81
C PHE B 105 -1.60 0.82 -6.73
N GLY B 106 -1.71 1.33 -5.51
CA GLY B 106 -1.82 2.76 -5.31
C GLY B 106 -0.64 3.49 -5.91
N ALA B 107 0.54 2.90 -5.78
CA ALA B 107 1.75 3.49 -6.31
C ALA B 107 1.82 3.29 -7.82
N PHE B 108 1.25 2.18 -8.31
CA PHE B 108 1.24 1.88 -9.74
C PHE B 108 0.44 2.95 -10.47
N VAL B 109 -0.74 3.25 -9.96
CA VAL B 109 -1.60 4.26 -10.55
C VAL B 109 -1.01 5.65 -10.32
N ALA B 110 -0.35 5.81 -9.18
CA ALA B 110 0.29 7.08 -8.82
C ALA B 110 1.35 7.48 -9.84
N LYS B 111 2.04 6.48 -10.39
CA LYS B 111 3.06 6.74 -11.39
C LYS B 111 2.45 7.33 -12.65
N HIS B 112 1.27 6.84 -13.04
CA HIS B 112 0.60 7.37 -14.22
C HIS B 112 0.02 8.73 -13.88
N LEU B 113 -0.35 8.88 -12.62
CA LEU B 113 -0.91 10.13 -12.11
C LEU B 113 0.17 11.22 -12.23
N LYS B 114 1.41 10.80 -11.99
CA LYS B 114 2.54 11.70 -12.10
C LYS B 114 2.82 12.00 -13.57
N SER B 115 2.60 11.00 -14.41
CA SER B 115 2.81 11.13 -15.85
C SER B 115 1.76 12.05 -16.46
N VAL B 116 0.61 12.13 -15.81
CA VAL B 116 -0.48 12.96 -16.30
C VAL B 116 -0.47 14.31 -15.55
N ASN B 117 0.55 14.45 -14.70
CA ASN B 117 0.80 15.66 -13.89
C ASN B 117 -0.36 16.03 -12.98
N GLN B 118 -0.78 15.11 -12.13
CA GLN B 118 -1.87 15.37 -11.20
C GLN B 118 -1.39 15.12 -9.78
N GLU B 119 -0.20 15.65 -9.49
CA GLU B 119 0.44 15.53 -8.18
C GLU B 119 -0.46 15.99 -7.03
N SER B 120 -1.44 16.82 -7.35
CA SER B 120 -2.37 17.32 -6.34
C SER B 120 -3.21 16.21 -5.73
N PHE B 121 -3.33 15.08 -6.44
CA PHE B 121 -4.12 13.97 -5.95
C PHE B 121 -3.24 12.85 -5.40
N ILE B 122 -2.00 12.75 -5.87
CA ILE B 122 -1.10 11.70 -5.39
C ILE B 122 -0.76 11.89 -3.92
N GLU B 123 -0.65 13.16 -3.52
CA GLU B 123 -0.33 13.51 -2.13
C GLU B 123 -1.39 12.93 -1.17
N PRO B 124 -2.68 13.30 -1.30
CA PRO B 124 -3.73 12.78 -0.41
C PRO B 124 -3.99 11.30 -0.62
N LEU B 125 -3.56 10.76 -1.76
CA LEU B 125 -3.74 9.35 -2.08
C LEU B 125 -3.04 8.51 -1.02
N ALA B 126 -1.76 8.81 -0.77
CA ALA B 126 -0.97 8.12 0.23
C ALA B 126 -1.65 8.19 1.60
N GLU B 127 -2.19 9.36 1.94
CA GLU B 127 -2.87 9.54 3.21
C GLU B 127 -4.15 8.73 3.26
N THR B 128 -4.83 8.61 2.13
CA THR B 128 -6.06 7.85 2.06
C THR B 128 -5.80 6.38 2.37
N ILE B 129 -4.63 5.90 1.98
CA ILE B 129 -4.27 4.51 2.24
C ILE B 129 -4.01 4.31 3.72
N THR B 130 -3.15 5.14 4.28
CA THR B 130 -2.78 5.05 5.70
C THR B 130 -3.95 5.34 6.64
N ASP B 131 -4.66 6.44 6.43
CA ASP B 131 -5.77 6.83 7.29
C ASP B 131 -6.84 5.75 7.41
N VAL B 132 -7.34 5.28 6.27
CA VAL B 132 -8.38 4.25 6.28
C VAL B 132 -7.84 2.93 6.85
N LEU B 133 -6.59 2.61 6.52
CA LEU B 133 -5.97 1.38 7.00
C LEU B 133 -5.80 1.39 8.52
N VAL B 134 -5.13 2.43 9.03
CA VAL B 134 -4.86 2.57 10.45
C VAL B 134 -6.13 2.73 11.28
N ARG B 135 -7.13 3.46 10.79
CA ARG B 135 -8.34 3.65 11.57
C ARG B 135 -9.30 2.47 11.50
N THR B 136 -9.28 1.71 10.40
CA THR B 136 -10.18 0.57 10.28
C THR B 136 -9.56 -0.69 10.89
N LYS B 137 -8.25 -0.84 10.76
CA LYS B 137 -7.56 -2.01 11.31
C LYS B 137 -6.50 -1.59 12.31
N ARG B 138 -6.85 -0.62 13.15
CA ARG B 138 -5.95 -0.10 14.18
C ARG B 138 -5.30 -1.19 15.02
N ASP B 139 -6.10 -1.96 15.74
CA ASP B 139 -5.58 -3.02 16.60
C ASP B 139 -4.92 -4.14 15.81
N TRP B 140 -5.21 -4.24 14.52
CA TRP B 140 -4.63 -5.29 13.70
C TRP B 140 -3.16 -4.99 13.44
N LEU B 141 -2.89 -3.79 12.93
CA LEU B 141 -1.52 -3.39 12.62
C LEU B 141 -0.70 -3.13 13.88
N VAL B 142 -1.25 -2.34 14.79
CA VAL B 142 -0.55 -1.96 16.02
C VAL B 142 -0.10 -3.17 16.84
N LYS B 143 -0.96 -4.18 16.97
CA LYS B 143 -0.60 -5.37 17.75
C LYS B 143 0.40 -6.26 17.02
N GLN B 144 0.69 -5.94 15.77
CA GLN B 144 1.66 -6.70 14.98
C GLN B 144 2.91 -5.86 14.78
N ARG B 145 3.04 -4.81 15.61
CA ARG B 145 4.17 -3.89 15.57
C ARG B 145 4.16 -3.07 14.27
N GLY B 146 3.02 -3.09 13.59
CA GLY B 146 2.87 -2.36 12.35
C GLY B 146 3.94 -2.68 11.34
N TRP B 147 4.64 -1.65 10.91
CA TRP B 147 5.69 -1.78 9.92
C TRP B 147 6.88 -2.57 10.45
N ASP B 148 7.11 -2.49 11.76
CA ASP B 148 8.21 -3.21 12.38
C ASP B 148 8.02 -4.71 12.17
N GLY B 149 6.76 -5.14 12.27
CA GLY B 149 6.42 -6.54 12.07
C GLY B 149 6.44 -6.87 10.59
N PHE B 150 5.87 -5.96 9.80
CA PHE B 150 5.81 -6.09 8.34
C PHE B 150 7.21 -6.34 7.76
N VAL B 151 8.20 -5.61 8.27
CA VAL B 151 9.56 -5.77 7.80
C VAL B 151 10.05 -7.19 8.02
N GLU B 152 9.77 -7.75 9.19
CA GLU B 152 10.20 -9.09 9.51
C GLU B 152 9.51 -10.13 8.62
N PHE B 153 8.26 -9.88 8.26
CA PHE B 153 7.52 -10.82 7.44
C PHE B 153 7.89 -10.72 5.96
N PHE B 154 8.39 -9.57 5.50
CA PHE B 154 8.71 -9.43 4.07
C PHE B 154 10.17 -9.17 3.73
N HIS B 155 11.03 -8.86 4.70
CA HIS B 155 12.44 -8.58 4.40
C HIS B 155 13.22 -9.86 4.13
N VAL B 156 12.64 -10.99 4.51
CA VAL B 156 13.27 -12.30 4.30
C VAL B 156 13.66 -12.48 2.83
N GLN B 157 14.81 -13.11 2.63
CA GLN B 157 15.39 -13.39 1.31
C GLN B 157 14.36 -13.62 0.21
N ASP B 158 14.30 -12.65 -0.71
CA ASP B 158 13.38 -12.71 -1.85
C ASP B 158 13.78 -13.86 -2.77
N LEU B 159 13.30 -15.06 -2.46
CA LEU B 159 13.62 -16.22 -3.26
C LEU B 159 12.79 -16.26 -4.53
N GLU B 160 11.49 -16.41 -4.38
CA GLU B 160 10.59 -16.46 -5.52
C GLU B 160 9.95 -15.09 -5.75
N GLY B 161 9.03 -14.69 -4.86
CA GLY B 161 8.36 -13.41 -4.98
C GLY B 161 7.61 -13.23 -6.30
N GLY B 162 6.71 -14.15 -6.59
CA GLY B 162 5.95 -14.08 -7.82
C GLY B 162 4.77 -15.03 -7.81
N PRO A 1 -21.81 1.33 -7.19
CA PRO A 1 -21.65 0.45 -6.01
C PRO A 1 -20.92 -0.85 -6.35
N ALA A 2 -21.61 -1.77 -7.00
CA ALA A 2 -21.00 -3.05 -7.37
C ALA A 2 -20.45 -3.02 -8.80
N ASP A 3 -20.21 -1.83 -9.30
CA ASP A 3 -19.67 -1.64 -10.64
C ASP A 3 -18.16 -1.85 -10.63
N LEU A 4 -17.63 -1.93 -9.43
CA LEU A 4 -16.19 -2.16 -9.21
C LEU A 4 -16.00 -3.54 -8.59
N LYS A 5 -17.01 -4.39 -8.76
CA LYS A 5 -17.00 -5.74 -8.21
C LYS A 5 -15.85 -6.58 -8.77
N ASP A 6 -15.65 -6.48 -10.08
CA ASP A 6 -14.61 -7.22 -10.79
C ASP A 6 -13.23 -6.89 -10.28
N GLU A 7 -12.95 -5.60 -10.14
CA GLU A 7 -11.65 -5.13 -9.69
C GLU A 7 -11.38 -5.58 -8.26
N CYS A 8 -12.32 -5.32 -7.35
CA CYS A 8 -12.13 -5.70 -5.95
C CYS A 8 -12.03 -7.21 -5.79
N ALA A 9 -12.68 -7.95 -6.67
CA ALA A 9 -12.65 -9.41 -6.63
C ALA A 9 -11.26 -9.93 -6.98
N GLN A 10 -10.75 -9.49 -8.13
CA GLN A 10 -9.44 -9.93 -8.57
C GLN A 10 -8.34 -9.37 -7.68
N LEU A 11 -8.52 -8.14 -7.18
CA LEU A 11 -7.55 -7.49 -6.31
C LEU A 11 -7.30 -8.35 -5.07
N ARG A 12 -8.37 -8.90 -4.52
CA ARG A 12 -8.26 -9.76 -3.33
C ARG A 12 -7.41 -10.99 -3.64
N ARG A 13 -7.49 -11.47 -4.88
CA ARG A 13 -6.72 -12.64 -5.29
C ARG A 13 -5.25 -12.27 -5.51
N ILE A 14 -5.01 -11.04 -5.95
CA ILE A 14 -3.64 -10.57 -6.20
C ILE A 14 -2.91 -10.50 -4.87
N GLY A 15 -3.58 -9.92 -3.89
CA GLY A 15 -3.01 -9.77 -2.57
C GLY A 15 -2.76 -11.11 -1.91
N ASP A 16 -3.57 -12.11 -2.25
CA ASP A 16 -3.43 -13.43 -1.67
C ASP A 16 -2.16 -14.10 -2.17
N LYS A 17 -1.78 -13.82 -3.41
CA LYS A 17 -0.56 -14.38 -3.97
C LYS A 17 0.63 -13.84 -3.21
N VAL A 18 0.49 -12.60 -2.75
CA VAL A 18 1.53 -11.93 -1.97
C VAL A 18 1.71 -12.60 -0.61
N ASN A 19 0.60 -12.83 0.11
CA ASN A 19 0.70 -13.48 1.42
C ASN A 19 1.10 -14.94 1.27
N LEU A 20 0.69 -15.57 0.18
CA LEU A 20 1.05 -16.96 -0.06
C LEU A 20 2.57 -17.07 -0.16
N ARG A 21 3.17 -16.05 -0.76
CA ARG A 21 4.62 -16.00 -0.92
C ARG A 21 5.32 -15.77 0.41
N GLN A 22 4.90 -14.73 1.14
CA GLN A 22 5.52 -14.40 2.43
C GLN A 22 5.42 -15.55 3.41
N LYS A 23 4.35 -16.33 3.33
CA LYS A 23 4.15 -17.46 4.21
C LYS A 23 5.26 -18.49 4.00
N LEU A 24 5.46 -18.88 2.74
CA LEU A 24 6.46 -19.87 2.40
C LEU A 24 7.91 -19.36 2.55
N LEU A 25 8.13 -18.07 2.33
CA LEU A 25 9.48 -17.54 2.46
C LEU A 25 9.86 -17.40 3.94
N ASN A 26 8.85 -17.30 4.79
CA ASN A 26 9.08 -17.16 6.22
C ASN A 26 9.21 -18.54 6.87
N MET A 27 8.28 -19.41 6.54
CA MET A 27 8.25 -20.77 7.07
C MET A 27 7.80 -21.76 6.01
N GLY B 1 -3.97 0.62 27.74
CA GLY B 1 -3.46 -0.28 28.81
C GLY B 1 -2.25 -1.06 28.34
N PRO B 2 -2.38 -2.38 28.15
CA PRO B 2 -1.27 -3.22 27.70
C PRO B 2 -0.94 -2.99 26.23
N LEU B 3 -1.90 -2.41 25.51
CA LEU B 3 -1.75 -2.11 24.10
C LEU B 3 -2.16 -0.66 23.84
N GLY B 4 -1.71 -0.11 22.73
CA GLY B 4 -2.02 1.25 22.38
C GLY B 4 -0.78 2.08 22.20
N SER B 5 -0.91 3.24 21.57
CA SER B 5 0.23 4.11 21.33
C SER B 5 -0.25 5.51 20.96
N GLU B 6 0.64 6.30 20.38
CA GLU B 6 0.32 7.66 19.95
C GLU B 6 -0.08 7.61 18.47
N ASP B 7 0.14 8.68 17.73
CA ASP B 7 -0.19 8.69 16.31
C ASP B 7 0.98 8.10 15.54
N ASP B 8 1.92 7.53 16.27
CA ASP B 8 3.15 6.94 15.74
C ASP B 8 2.92 6.02 14.54
N LEU B 9 2.00 5.07 14.66
CA LEU B 9 1.73 4.15 13.56
C LEU B 9 1.28 4.91 12.31
N TYR B 10 0.41 5.90 12.50
CA TYR B 10 -0.08 6.70 11.40
C TYR B 10 1.02 7.61 10.89
N ARG B 11 1.82 8.14 11.80
CA ARG B 11 2.93 9.02 11.49
C ARG B 11 3.92 8.27 10.61
N GLN B 12 4.19 7.01 10.98
CA GLN B 12 5.09 6.17 10.24
C GLN B 12 4.54 5.92 8.84
N SER B 13 3.36 5.32 8.79
CA SER B 13 2.70 5.01 7.52
C SER B 13 2.59 6.23 6.62
N LEU B 14 2.39 7.39 7.24
CA LEU B 14 2.28 8.65 6.51
C LEU B 14 3.55 8.91 5.71
N GLU B 15 4.70 8.85 6.37
CA GLU B 15 5.98 9.11 5.73
C GLU B 15 6.41 7.92 4.87
N ILE B 16 6.30 6.71 5.42
CA ILE B 16 6.69 5.49 4.71
C ILE B 16 5.93 5.30 3.40
N ILE B 17 4.61 5.48 3.44
CA ILE B 17 3.78 5.31 2.25
C ILE B 17 4.00 6.43 1.23
N SER B 18 3.98 7.69 1.67
CA SER B 18 4.18 8.80 0.75
C SER B 18 5.51 8.68 0.03
N ARG B 19 6.53 8.24 0.76
CA ARG B 19 7.87 8.06 0.20
C ARG B 19 7.84 7.01 -0.91
N TYR B 20 7.11 5.93 -0.69
CA TYR B 20 7.01 4.86 -1.66
C TYR B 20 6.36 5.37 -2.96
N LEU B 21 5.23 6.05 -2.84
CA LEU B 21 4.53 6.57 -4.01
C LEU B 21 5.33 7.65 -4.73
N ARG B 22 5.93 8.56 -3.97
CA ARG B 22 6.71 9.64 -4.57
C ARG B 22 7.90 9.13 -5.37
N GLU B 23 8.62 8.16 -4.84
CA GLU B 23 9.78 7.61 -5.54
C GLU B 23 9.37 6.81 -6.78
N GLN B 24 8.34 6.00 -6.65
CA GLN B 24 7.87 5.18 -7.75
C GLN B 24 7.27 6.00 -8.90
N ALA B 25 6.64 7.11 -8.57
CA ALA B 25 6.02 7.95 -9.58
C ALA B 25 7.00 8.93 -10.21
N THR B 26 8.25 8.93 -9.76
CA THR B 26 9.24 9.83 -10.32
C THR B 26 10.40 9.07 -10.95
N GLY B 27 10.79 7.98 -10.32
CA GLY B 27 11.90 7.18 -10.83
C GLY B 27 13.18 7.53 -10.10
N SER B 28 13.11 8.56 -9.27
CA SER B 28 14.26 9.02 -8.50
C SER B 28 14.31 8.26 -7.18
N LYS B 29 15.29 8.58 -6.34
CA LYS B 29 15.42 7.91 -5.06
C LYS B 29 16.27 8.72 -4.10
N ASP B 30 15.80 8.86 -2.88
CA ASP B 30 16.50 9.61 -1.84
C ASP B 30 16.61 8.77 -0.58
N SER B 31 17.74 8.82 0.09
CA SER B 31 17.97 8.02 1.29
C SER B 31 17.78 8.79 2.59
N LYS B 32 16.74 9.62 2.66
CA LYS B 32 16.46 10.38 3.88
C LYS B 32 16.15 9.44 5.03
N PRO B 33 16.84 9.59 6.17
CA PRO B 33 16.57 8.77 7.34
C PRO B 33 15.23 9.19 7.94
N LEU B 34 14.21 8.35 7.77
CA LEU B 34 12.88 8.65 8.30
C LEU B 34 12.96 8.94 9.78
N GLY B 35 12.70 10.19 10.14
CA GLY B 35 12.75 10.59 11.53
C GLY B 35 11.36 10.59 12.13
N GLU B 36 10.39 10.93 11.30
CA GLU B 36 9.00 10.97 11.70
C GLU B 36 8.52 9.54 11.92
N ALA B 37 8.83 8.68 10.95
CA ALA B 37 8.48 7.28 11.03
C ALA B 37 9.47 6.53 11.93
N GLY B 38 10.72 6.94 11.86
CA GLY B 38 11.75 6.31 12.66
C GLY B 38 12.56 5.29 11.89
N ALA B 39 13.39 4.53 12.60
CA ALA B 39 14.21 3.50 11.98
C ALA B 39 13.35 2.50 11.22
N ALA B 40 12.22 2.16 11.82
CA ALA B 40 11.25 1.22 11.23
C ALA B 40 10.79 1.73 9.87
N GLY B 41 10.76 3.05 9.71
CA GLY B 41 10.33 3.65 8.47
C GLY B 41 11.24 3.25 7.32
N ARG B 42 12.54 3.32 7.55
CA ARG B 42 13.51 2.95 6.54
C ARG B 42 13.39 1.48 6.19
N ARG B 43 13.35 0.63 7.21
CA ARG B 43 13.25 -0.81 7.02
C ARG B 43 11.96 -1.16 6.27
N ALA B 44 10.88 -0.51 6.65
CA ALA B 44 9.60 -0.74 6.01
C ALA B 44 9.60 -0.20 4.59
N LEU B 45 10.24 0.94 4.38
CA LEU B 45 10.30 1.55 3.06
C LEU B 45 11.09 0.67 2.10
N GLU B 46 12.19 0.07 2.57
CA GLU B 46 12.99 -0.81 1.72
C GLU B 46 12.09 -1.93 1.23
N THR B 47 11.38 -2.52 2.19
CA THR B 47 10.46 -3.61 1.93
C THR B 47 9.30 -3.16 1.04
N LEU B 48 8.64 -2.09 1.45
CA LEU B 48 7.49 -1.54 0.75
C LEU B 48 7.80 -1.26 -0.72
N ARG B 49 8.97 -0.69 -0.97
CA ARG B 49 9.38 -0.38 -2.33
C ARG B 49 9.70 -1.64 -3.12
N ARG B 50 10.57 -2.48 -2.57
CA ARG B 50 11.00 -3.70 -3.23
C ARG B 50 9.85 -4.70 -3.43
N VAL B 51 9.09 -4.97 -2.38
CA VAL B 51 7.98 -5.90 -2.46
C VAL B 51 6.88 -5.31 -3.34
N GLY B 52 6.69 -4.00 -3.23
CA GLY B 52 5.69 -3.31 -4.01
C GLY B 52 5.88 -3.50 -5.50
N ASP B 53 7.13 -3.42 -5.95
CA ASP B 53 7.44 -3.61 -7.38
C ASP B 53 6.91 -4.94 -7.86
N GLY B 54 7.24 -5.99 -7.11
CA GLY B 54 6.82 -7.32 -7.46
C GLY B 54 5.31 -7.47 -7.53
N VAL B 55 4.61 -6.86 -6.59
CA VAL B 55 3.16 -6.91 -6.54
C VAL B 55 2.52 -6.41 -7.83
N GLN B 56 2.89 -5.18 -8.22
CA GLN B 56 2.32 -4.58 -9.41
C GLN B 56 2.81 -5.26 -10.69
N ARG B 57 4.05 -5.73 -10.70
CA ARG B 57 4.60 -6.41 -11.87
C ARG B 57 3.94 -7.76 -12.10
N ASN B 58 3.48 -8.40 -11.02
CA ASN B 58 2.82 -9.70 -11.11
C ASN B 58 1.55 -9.64 -11.94
N HIS B 59 0.74 -8.61 -11.72
CA HIS B 59 -0.51 -8.45 -12.46
C HIS B 59 -0.65 -7.02 -12.94
N GLU B 60 0.40 -6.54 -13.60
CA GLU B 60 0.45 -5.18 -14.13
C GLU B 60 -0.71 -4.94 -15.09
N THR B 61 -1.18 -6.02 -15.69
CA THR B 61 -2.29 -5.99 -16.62
C THR B 61 -3.60 -5.67 -15.89
N ALA B 62 -3.77 -6.32 -14.74
CA ALA B 62 -4.95 -6.15 -13.92
C ALA B 62 -4.97 -4.78 -13.25
N PHE B 63 -3.80 -4.34 -12.80
CA PHE B 63 -3.66 -3.04 -12.15
C PHE B 63 -4.10 -1.93 -13.09
N GLN B 64 -3.74 -2.05 -14.37
CA GLN B 64 -4.12 -1.08 -15.38
C GLN B 64 -5.63 -1.03 -15.56
N GLY B 65 -6.28 -2.18 -15.39
CA GLY B 65 -7.71 -2.25 -15.54
C GLY B 65 -8.43 -1.51 -14.42
N MET B 66 -7.96 -1.76 -13.19
CA MET B 66 -8.56 -1.12 -12.01
C MET B 66 -8.29 0.37 -12.02
N LEU B 67 -7.06 0.73 -12.41
CA LEU B 67 -6.61 2.12 -12.48
C LEU B 67 -7.56 2.97 -13.31
N ARG B 68 -8.07 2.37 -14.38
CA ARG B 68 -8.98 3.06 -15.30
C ARG B 68 -10.42 3.01 -14.81
N LYS B 69 -10.73 2.09 -13.91
CA LYS B 69 -12.07 1.96 -13.37
C LYS B 69 -12.30 2.97 -12.25
N LEU B 70 -11.23 3.33 -11.55
CA LEU B 70 -11.30 4.29 -10.45
C LEU B 70 -11.53 5.70 -10.99
N ASP B 71 -12.13 6.54 -10.14
CA ASP B 71 -12.45 7.93 -10.49
C ASP B 71 -11.21 8.82 -10.33
N ILE B 72 -10.07 8.37 -10.82
CA ILE B 72 -8.83 9.12 -10.71
C ILE B 72 -8.77 10.26 -11.71
N LYS B 73 -9.11 11.46 -11.25
CA LYS B 73 -9.10 12.65 -12.09
C LYS B 73 -9.28 13.92 -11.25
N ASN B 74 -10.12 13.84 -10.24
CA ASN B 74 -10.37 14.97 -9.36
C ASN B 74 -10.27 14.48 -7.92
N GLU B 75 -10.56 15.32 -6.93
CA GLU B 75 -10.48 14.96 -5.51
C GLU B 75 -11.19 13.63 -5.21
N GLY B 76 -12.16 13.28 -6.05
CA GLY B 76 -12.88 12.04 -5.89
C GLY B 76 -12.01 10.82 -6.07
N ASP B 77 -10.81 11.03 -6.62
CA ASP B 77 -9.86 9.94 -6.87
C ASP B 77 -9.50 9.21 -5.58
N VAL B 78 -9.12 9.96 -4.55
CA VAL B 78 -8.76 9.37 -3.26
C VAL B 78 -9.99 8.71 -2.64
N LYS B 79 -11.16 9.30 -2.91
CA LYS B 79 -12.41 8.77 -2.39
C LYS B 79 -12.72 7.44 -3.08
N SER B 80 -12.35 7.37 -4.35
CA SER B 80 -12.56 6.19 -5.16
C SER B 80 -11.64 5.07 -4.68
N PHE B 81 -10.47 5.45 -4.17
CA PHE B 81 -9.52 4.48 -3.67
C PHE B 81 -10.07 3.85 -2.40
N SER B 82 -10.72 4.66 -1.56
CA SER B 82 -11.32 4.16 -0.32
C SER B 82 -12.46 3.21 -0.70
N ARG B 83 -13.15 3.59 -1.77
CA ARG B 83 -14.28 2.84 -2.32
C ARG B 83 -13.86 1.43 -2.69
N VAL B 84 -12.71 1.28 -3.34
CA VAL B 84 -12.24 -0.04 -3.71
C VAL B 84 -11.62 -0.74 -2.51
N MET B 85 -10.95 0.03 -1.63
CA MET B 85 -10.32 -0.51 -0.43
C MET B 85 -11.34 -1.20 0.47
N VAL B 86 -12.47 -0.53 0.72
CA VAL B 86 -13.52 -1.11 1.56
C VAL B 86 -13.98 -2.43 0.97
N HIS B 87 -14.08 -2.47 -0.35
CA HIS B 87 -14.48 -3.68 -1.06
C HIS B 87 -13.44 -4.79 -0.91
N VAL B 88 -12.17 -4.42 -0.82
CA VAL B 88 -11.09 -5.39 -0.66
C VAL B 88 -11.07 -5.97 0.75
N PHE B 89 -11.19 -5.11 1.76
CA PHE B 89 -11.17 -5.54 3.15
C PHE B 89 -12.56 -6.03 3.61
N LYS B 90 -13.46 -6.17 2.66
CA LYS B 90 -14.82 -6.61 2.91
C LYS B 90 -14.87 -7.99 3.58
N ASP B 91 -13.99 -8.88 3.14
CA ASP B 91 -13.97 -10.24 3.68
C ASP B 91 -13.30 -10.33 5.04
N GLY B 92 -12.88 -9.20 5.58
CA GLY B 92 -12.24 -9.18 6.90
C GLY B 92 -10.76 -9.49 6.85
N VAL B 93 -10.33 -10.27 5.86
CA VAL B 93 -8.93 -10.64 5.71
C VAL B 93 -8.05 -9.41 5.51
N THR B 94 -7.42 -8.99 6.59
CA THR B 94 -6.56 -7.82 6.60
C THR B 94 -5.10 -8.22 6.39
N ASN B 95 -4.84 -9.51 6.24
CA ASN B 95 -3.50 -10.07 6.05
C ASN B 95 -2.63 -9.18 5.19
N TRP B 96 -1.38 -9.01 5.64
CA TRP B 96 -0.36 -8.15 5.00
C TRP B 96 -0.33 -8.26 3.49
N GLY B 97 -0.64 -9.44 2.95
CA GLY B 97 -0.65 -9.62 1.51
C GLY B 97 -1.56 -8.63 0.81
N ARG B 98 -2.75 -8.43 1.36
CA ARG B 98 -3.72 -7.50 0.77
C ARG B 98 -3.24 -6.06 0.92
N ILE B 99 -2.73 -5.75 2.10
CA ILE B 99 -2.25 -4.42 2.44
C ILE B 99 -1.11 -3.96 1.53
N VAL B 100 -0.07 -4.78 1.39
CA VAL B 100 1.06 -4.42 0.55
C VAL B 100 0.61 -4.25 -0.90
N THR B 101 -0.37 -5.05 -1.30
CA THR B 101 -0.91 -4.99 -2.65
C THR B 101 -1.64 -3.66 -2.89
N LEU B 102 -2.42 -3.24 -1.91
CA LEU B 102 -3.17 -1.99 -2.01
C LEU B 102 -2.22 -0.81 -2.17
N ILE B 103 -1.13 -0.83 -1.42
CA ILE B 103 -0.15 0.25 -1.52
C ILE B 103 0.54 0.19 -2.89
N SER B 104 0.87 -1.03 -3.32
CA SER B 104 1.52 -1.25 -4.60
C SER B 104 0.61 -0.71 -5.71
N PHE B 105 -0.68 -1.02 -5.60
CA PHE B 105 -1.66 -0.58 -6.56
C PHE B 105 -1.81 0.93 -6.55
N GLY B 106 -1.94 1.49 -5.35
CA GLY B 106 -2.09 2.92 -5.21
C GLY B 106 -0.90 3.64 -5.82
N ALA B 107 0.28 3.07 -5.63
CA ALA B 107 1.49 3.64 -6.17
C ALA B 107 1.58 3.41 -7.67
N PHE B 108 0.94 2.37 -8.17
CA PHE B 108 0.95 2.08 -9.60
C PHE B 108 0.10 3.14 -10.29
N VAL B 109 -1.05 3.42 -9.71
CA VAL B 109 -1.96 4.43 -10.22
C VAL B 109 -1.29 5.80 -10.11
N ALA B 110 -0.63 6.00 -8.98
CA ALA B 110 0.08 7.24 -8.67
C ALA B 110 1.13 7.56 -9.72
N LYS B 111 1.73 6.53 -10.31
CA LYS B 111 2.76 6.72 -11.33
C LYS B 111 2.20 7.50 -12.52
N HIS B 112 1.04 7.07 -13.00
CA HIS B 112 0.41 7.74 -14.13
C HIS B 112 -0.13 9.10 -13.70
N LEU B 113 -0.50 9.20 -12.43
CA LEU B 113 -1.07 10.42 -11.87
C LEU B 113 0.00 11.51 -11.78
N LYS B 114 1.21 11.13 -11.39
CA LYS B 114 2.31 12.09 -11.30
C LYS B 114 2.75 12.49 -12.70
N SER B 115 2.70 11.53 -13.61
CA SER B 115 3.10 11.75 -14.99
C SER B 115 2.07 12.60 -15.75
N VAL B 116 0.81 12.59 -15.31
CA VAL B 116 -0.22 13.38 -15.97
C VAL B 116 -0.31 14.77 -15.34
N ASN B 117 0.73 15.11 -14.58
CA ASN B 117 0.86 16.40 -13.90
C ASN B 117 -0.22 16.66 -12.87
N GLN B 118 -0.71 15.60 -12.23
CA GLN B 118 -1.73 15.73 -11.21
C GLN B 118 -1.16 15.32 -9.86
N GLU B 119 0.02 15.84 -9.57
CA GLU B 119 0.74 15.56 -8.33
C GLU B 119 -0.09 15.89 -7.09
N SER B 120 -0.98 16.84 -7.20
CA SER B 120 -1.81 17.26 -6.07
C SER B 120 -2.76 16.17 -5.58
N PHE B 121 -2.91 15.08 -6.34
CA PHE B 121 -3.79 14.00 -5.94
C PHE B 121 -2.98 12.78 -5.47
N ILE B 122 -1.82 12.55 -6.07
CA ILE B 122 -0.98 11.41 -5.69
C ILE B 122 -0.42 11.57 -4.27
N GLU B 123 -0.07 12.80 -3.92
CA GLU B 123 0.48 13.06 -2.59
C GLU B 123 -0.51 12.65 -1.50
N PRO B 124 -1.75 13.20 -1.48
CA PRO B 124 -2.74 12.82 -0.45
C PRO B 124 -3.28 11.41 -0.63
N LEU B 125 -2.93 10.75 -1.74
CA LEU B 125 -3.36 9.39 -2.00
C LEU B 125 -2.76 8.51 -0.91
N ALA B 126 -1.51 8.82 -0.55
CA ALA B 126 -0.80 8.10 0.50
C ALA B 126 -1.57 8.19 1.81
N GLU B 127 -1.98 9.41 2.15
CA GLU B 127 -2.75 9.65 3.37
C GLU B 127 -4.05 8.87 3.35
N THR B 128 -4.65 8.77 2.18
CA THR B 128 -5.90 8.05 2.01
C THR B 128 -5.71 6.57 2.36
N ILE B 129 -4.54 6.04 2.02
CA ILE B 129 -4.23 4.64 2.30
C ILE B 129 -3.97 4.45 3.79
N THR B 130 -3.11 5.27 4.35
CA THR B 130 -2.75 5.18 5.76
C THR B 130 -3.92 5.48 6.70
N ASP B 131 -4.63 6.57 6.47
CA ASP B 131 -5.74 6.97 7.32
C ASP B 131 -6.79 5.88 7.47
N VAL B 132 -7.31 5.39 6.36
CA VAL B 132 -8.32 4.34 6.39
C VAL B 132 -7.77 3.05 7.02
N LEU B 133 -6.53 2.72 6.70
CA LEU B 133 -5.90 1.50 7.21
C LEU B 133 -5.72 1.56 8.73
N VAL B 134 -5.02 2.58 9.19
CA VAL B 134 -4.71 2.75 10.61
C VAL B 134 -5.97 3.02 11.45
N ARG B 135 -6.93 3.73 10.90
CA ARG B 135 -8.15 4.05 11.65
C ARG B 135 -9.10 2.86 11.72
N THR B 136 -9.15 2.05 10.67
CA THR B 136 -10.06 0.91 10.65
C THR B 136 -9.45 -0.34 11.28
N LYS B 137 -8.16 -0.59 11.04
CA LYS B 137 -7.51 -1.78 11.58
C LYS B 137 -6.41 -1.42 12.56
N ARG B 138 -6.69 -0.44 13.42
CA ARG B 138 -5.76 0.04 14.44
C ARG B 138 -5.23 -1.11 15.30
N ASP B 139 -6.14 -1.93 15.81
CA ASP B 139 -5.78 -3.06 16.67
C ASP B 139 -5.00 -4.13 15.92
N TRP B 140 -5.43 -4.42 14.69
CA TRP B 140 -4.78 -5.44 13.86
C TRP B 140 -3.30 -5.15 13.66
N LEU B 141 -2.99 -3.88 13.41
CA LEU B 141 -1.62 -3.45 13.19
C LEU B 141 -0.83 -3.50 14.50
N VAL B 142 -1.42 -2.95 15.56
CA VAL B 142 -0.78 -2.91 16.88
C VAL B 142 -0.37 -4.30 17.38
N LYS B 143 -1.25 -5.28 17.17
CA LYS B 143 -0.99 -6.65 17.60
C LYS B 143 0.24 -7.25 16.92
N GLN B 144 0.60 -6.71 15.76
CA GLN B 144 1.76 -7.19 15.02
C GLN B 144 2.90 -6.17 15.03
N ARG B 145 2.84 -5.23 15.98
CA ARG B 145 3.87 -4.19 16.12
C ARG B 145 3.91 -3.26 14.92
N GLY B 146 2.80 -3.16 14.20
CA GLY B 146 2.73 -2.28 13.05
C GLY B 146 3.67 -2.66 11.92
N TRP B 147 4.49 -1.71 11.50
CA TRP B 147 5.44 -1.92 10.43
C TRP B 147 6.54 -2.88 10.84
N ASP B 148 6.77 -3.02 12.14
CA ASP B 148 7.80 -3.96 12.62
C ASP B 148 7.46 -5.37 12.17
N GLY B 149 6.20 -5.77 12.41
CA GLY B 149 5.76 -7.10 12.01
C GLY B 149 5.85 -7.29 10.51
N PHE B 150 5.46 -6.24 9.78
CA PHE B 150 5.50 -6.22 8.33
C PHE B 150 6.94 -6.44 7.85
N VAL B 151 7.88 -5.75 8.46
CA VAL B 151 9.29 -5.87 8.10
C VAL B 151 9.87 -7.19 8.56
N GLU B 152 9.49 -7.67 9.73
CA GLU B 152 10.01 -8.93 10.23
C GLU B 152 9.48 -10.10 9.40
N PHE B 153 8.25 -9.99 8.91
CA PHE B 153 7.69 -11.06 8.10
C PHE B 153 8.37 -11.09 6.72
N PHE B 154 8.75 -9.94 6.21
CA PHE B 154 9.41 -9.85 4.91
C PHE B 154 10.92 -9.74 5.05
N HIS B 155 11.39 -9.76 6.29
CA HIS B 155 12.81 -9.68 6.62
C HIS B 155 13.62 -10.76 5.92
N VAL B 156 12.95 -11.85 5.56
CA VAL B 156 13.60 -12.96 4.87
C VAL B 156 13.77 -12.63 3.38
N GLN B 157 14.99 -12.72 2.89
CA GLN B 157 15.29 -12.43 1.49
C GLN B 157 14.83 -13.54 0.55
N ASP B 158 14.03 -13.14 -0.44
CA ASP B 158 13.52 -14.08 -1.44
C ASP B 158 14.26 -13.80 -2.73
N LEU B 159 13.90 -14.50 -3.79
CA LEU B 159 14.52 -14.32 -5.10
C LEU B 159 13.76 -13.23 -5.84
N GLU B 160 14.43 -12.10 -6.05
CA GLU B 160 13.84 -10.96 -6.74
C GLU B 160 13.68 -11.22 -8.24
N GLY B 161 12.80 -12.16 -8.56
CA GLY B 161 12.57 -12.50 -9.95
C GLY B 161 11.13 -12.91 -10.22
N GLY B 162 10.65 -13.90 -9.51
CA GLY B 162 9.30 -14.36 -9.69
C GLY B 162 8.82 -15.15 -8.50
N PRO A 1 -18.49 2.68 -9.45
CA PRO A 1 -18.93 2.42 -8.07
C PRO A 1 -19.32 0.96 -7.84
N ALA A 2 -20.46 0.54 -8.39
CA ALA A 2 -20.93 -0.84 -8.21
C ALA A 2 -20.08 -1.83 -8.98
N ASP A 3 -19.44 -1.35 -10.03
CA ASP A 3 -18.58 -2.16 -10.89
C ASP A 3 -17.30 -2.56 -10.16
N LEU A 4 -16.99 -1.88 -9.07
CA LEU A 4 -15.79 -2.18 -8.29
C LEU A 4 -16.00 -3.44 -7.45
N LYS A 5 -17.23 -3.95 -7.46
CA LYS A 5 -17.58 -5.16 -6.71
C LYS A 5 -16.71 -6.35 -7.12
N ASP A 6 -16.65 -6.60 -8.42
CA ASP A 6 -15.86 -7.72 -8.92
C ASP A 6 -14.39 -7.39 -8.96
N GLU A 7 -14.05 -6.12 -9.13
CA GLU A 7 -12.66 -5.72 -9.19
C GLU A 7 -12.01 -5.82 -7.82
N CYS A 8 -12.74 -5.48 -6.76
CA CYS A 8 -12.20 -5.58 -5.41
C CYS A 8 -11.99 -7.05 -5.06
N ALA A 9 -12.82 -7.91 -5.63
CA ALA A 9 -12.71 -9.34 -5.40
C ALA A 9 -11.44 -9.85 -6.07
N GLN A 10 -11.18 -9.31 -7.25
CA GLN A 10 -9.99 -9.66 -8.01
C GLN A 10 -8.76 -9.16 -7.26
N LEU A 11 -8.85 -7.93 -6.76
CA LEU A 11 -7.76 -7.31 -6.00
C LEU A 11 -7.48 -8.15 -4.77
N ARG A 12 -8.53 -8.69 -4.17
CA ARG A 12 -8.40 -9.54 -3.00
C ARG A 12 -7.54 -10.76 -3.35
N ARG A 13 -7.80 -11.32 -4.53
CA ARG A 13 -7.06 -12.47 -5.03
C ARG A 13 -5.62 -12.06 -5.34
N ILE A 14 -5.46 -10.87 -5.90
CA ILE A 14 -4.15 -10.33 -6.22
C ILE A 14 -3.32 -10.25 -4.95
N GLY A 15 -3.96 -9.78 -3.89
CA GLY A 15 -3.32 -9.67 -2.60
C GLY A 15 -3.14 -11.03 -1.95
N ASP A 16 -4.03 -11.96 -2.28
CA ASP A 16 -3.97 -13.31 -1.73
C ASP A 16 -2.79 -14.05 -2.33
N LYS A 17 -2.45 -13.73 -3.58
CA LYS A 17 -1.31 -14.36 -4.23
C LYS A 17 -0.06 -13.91 -3.48
N VAL A 18 -0.08 -12.66 -3.02
CA VAL A 18 1.02 -12.08 -2.26
C VAL A 18 1.03 -12.73 -0.87
N ASN A 19 -0.17 -13.02 -0.38
CA ASN A 19 -0.36 -13.68 0.91
C ASN A 19 0.33 -15.03 0.88
N LEU A 20 0.06 -15.79 -0.16
CA LEU A 20 0.66 -17.11 -0.35
C LEU A 20 2.16 -16.96 -0.48
N ARG A 21 2.59 -15.91 -1.16
CA ARG A 21 3.99 -15.64 -1.37
C ARG A 21 4.69 -15.38 -0.03
N GLN A 22 4.21 -14.40 0.72
CA GLN A 22 4.80 -14.03 2.01
C GLN A 22 4.77 -15.20 2.99
N LYS A 23 3.74 -16.04 2.91
CA LYS A 23 3.63 -17.19 3.79
C LYS A 23 4.83 -18.12 3.65
N LEU A 24 5.12 -18.52 2.41
CA LEU A 24 6.25 -19.40 2.15
C LEU A 24 7.57 -18.64 2.22
N LEU A 25 7.52 -17.36 1.88
CA LEU A 25 8.68 -16.49 1.88
C LEU A 25 9.21 -16.26 3.30
N ASN A 26 8.31 -16.07 4.25
CA ASN A 26 8.69 -15.83 5.63
C ASN A 26 8.83 -17.12 6.43
N MET A 27 8.00 -18.11 6.13
CA MET A 27 8.04 -19.37 6.86
C MET A 27 8.33 -20.54 5.93
N GLY B 1 -5.34 7.95 24.28
CA GLY B 1 -5.75 6.58 23.87
C GLY B 1 -5.31 6.27 22.45
N PRO B 2 -5.97 5.30 21.79
CA PRO B 2 -5.64 4.91 20.42
C PRO B 2 -5.75 6.08 19.44
N LEU B 3 -6.82 6.85 19.55
CA LEU B 3 -7.03 7.99 18.68
C LEU B 3 -6.76 9.27 19.45
N GLY B 4 -5.49 9.62 19.54
CA GLY B 4 -5.08 10.81 20.24
C GLY B 4 -3.75 11.33 19.73
N SER B 5 -2.72 11.23 20.55
CA SER B 5 -1.39 11.69 20.18
C SER B 5 -0.44 10.50 20.11
N GLU B 6 -0.86 9.42 20.75
CA GLU B 6 -0.09 8.18 20.79
C GLU B 6 -0.33 7.33 19.56
N ASP B 7 -0.56 7.98 18.43
CA ASP B 7 -0.81 7.27 17.19
C ASP B 7 0.44 7.27 16.33
N ASP B 8 1.47 6.62 16.86
CA ASP B 8 2.75 6.52 16.19
C ASP B 8 2.68 5.64 14.96
N LEU B 9 1.66 4.79 14.89
CA LEU B 9 1.49 3.89 13.75
C LEU B 9 1.21 4.74 12.52
N TYR B 10 0.31 5.70 12.66
CA TYR B 10 -0.04 6.59 11.57
C TYR B 10 1.17 7.46 11.23
N ARG B 11 1.92 7.79 12.28
CA ARG B 11 3.13 8.60 12.13
C ARG B 11 4.11 7.92 11.17
N GLN B 12 4.25 6.61 11.31
CA GLN B 12 5.15 5.84 10.46
C GLN B 12 4.56 5.68 9.08
N SER B 13 3.33 5.20 9.04
CA SER B 13 2.62 4.94 7.79
C SER B 13 2.62 6.17 6.88
N LEU B 14 2.49 7.34 7.48
CA LEU B 14 2.47 8.59 6.74
C LEU B 14 3.77 8.76 5.94
N GLU B 15 4.92 8.72 6.62
CA GLU B 15 6.21 8.88 5.95
C GLU B 15 6.52 7.71 5.02
N ILE B 16 6.38 6.50 5.53
CA ILE B 16 6.68 5.28 4.78
C ILE B 16 5.90 5.20 3.47
N ILE B 17 4.60 5.45 3.52
CA ILE B 17 3.78 5.37 2.32
C ILE B 17 3.99 6.55 1.36
N SER B 18 3.93 7.78 1.87
CA SER B 18 4.10 8.94 1.01
C SER B 18 5.44 8.94 0.29
N ARG B 19 6.50 8.55 1.00
CA ARG B 19 7.82 8.52 0.39
C ARG B 19 7.88 7.43 -0.69
N TYR B 20 7.18 6.33 -0.46
CA TYR B 20 7.18 5.24 -1.42
C TYR B 20 6.52 5.67 -2.73
N LEU B 21 5.31 6.21 -2.63
CA LEU B 21 4.58 6.65 -3.81
C LEU B 21 5.28 7.81 -4.51
N ARG B 22 5.73 8.79 -3.73
CA ARG B 22 6.40 9.96 -4.29
C ARG B 22 7.66 9.58 -5.06
N GLU B 23 8.46 8.67 -4.49
CA GLU B 23 9.68 8.26 -5.16
C GLU B 23 9.41 7.31 -6.31
N GLN B 24 8.34 6.53 -6.22
CA GLN B 24 7.99 5.60 -7.30
C GLN B 24 7.66 6.38 -8.56
N ALA B 25 6.90 7.46 -8.39
CA ALA B 25 6.48 8.30 -9.50
C ALA B 25 7.60 9.21 -10.01
N THR B 26 8.73 9.22 -9.33
CA THR B 26 9.84 10.05 -9.73
C THR B 26 11.07 9.23 -10.15
N GLY B 27 11.17 8.03 -9.60
CA GLY B 27 12.28 7.16 -9.89
C GLY B 27 13.42 7.38 -8.91
N SER B 28 13.08 7.88 -7.74
CA SER B 28 14.06 8.16 -6.70
C SER B 28 14.19 7.01 -5.71
N LYS B 29 15.29 6.97 -4.98
CA LYS B 29 15.56 5.94 -3.99
C LYS B 29 16.09 6.59 -2.71
N ASP B 30 15.26 6.57 -1.67
CA ASP B 30 15.62 7.14 -0.37
C ASP B 30 16.78 6.42 0.28
N SER B 31 17.61 7.18 0.98
CA SER B 31 18.76 6.65 1.68
C SER B 31 18.94 7.42 2.98
N LYS B 32 17.83 7.79 3.60
CA LYS B 32 17.84 8.54 4.85
C LYS B 32 16.74 8.07 5.77
N PRO B 33 17.11 7.51 6.93
CA PRO B 33 16.15 7.02 7.93
C PRO B 33 15.03 8.02 8.19
N LEU B 34 13.81 7.52 8.20
CA LEU B 34 12.64 8.34 8.43
C LEU B 34 12.66 8.88 9.85
N GLY B 35 12.56 10.19 9.98
CA GLY B 35 12.61 10.84 11.28
C GLY B 35 11.42 10.54 12.17
N GLU B 36 10.25 10.38 11.57
CA GLU B 36 9.04 10.09 12.33
C GLU B 36 8.80 8.60 12.42
N ALA B 37 9.00 7.90 11.32
CA ALA B 37 8.80 6.46 11.27
C ALA B 37 9.94 5.68 11.94
N GLY B 38 11.08 6.34 12.08
CA GLY B 38 12.24 5.72 12.71
C GLY B 38 12.91 4.70 11.81
N ALA B 39 13.75 3.85 12.41
CA ALA B 39 14.45 2.81 11.67
C ALA B 39 13.46 1.86 11.01
N ALA B 40 12.31 1.67 11.67
CA ALA B 40 11.25 0.81 11.16
C ALA B 40 10.73 1.36 9.85
N GLY B 41 10.70 2.69 9.75
CA GLY B 41 10.24 3.35 8.55
C GLY B 41 11.12 3.04 7.37
N ARG B 42 12.43 3.12 7.58
CA ARG B 42 13.40 2.85 6.53
C ARG B 42 13.38 1.36 6.18
N ARG B 43 13.34 0.52 7.22
CA ARG B 43 13.32 -0.93 7.01
C ARG B 43 12.06 -1.35 6.27
N ALA B 44 10.96 -0.67 6.55
CA ALA B 44 9.70 -0.97 5.90
C ALA B 44 9.69 -0.38 4.51
N LEU B 45 10.26 0.80 4.37
CA LEU B 45 10.33 1.50 3.09
C LEU B 45 11.12 0.69 2.06
N GLU B 46 12.23 0.11 2.47
CA GLU B 46 13.05 -0.69 1.56
C GLU B 46 12.30 -1.97 1.18
N THR B 47 11.59 -2.54 2.14
CA THR B 47 10.81 -3.74 1.90
C THR B 47 9.66 -3.41 0.96
N LEU B 48 8.96 -2.34 1.31
CA LEU B 48 7.83 -1.83 0.53
C LEU B 48 8.28 -1.49 -0.88
N ARG B 49 9.52 -1.04 -0.98
CA ARG B 49 10.12 -0.67 -2.26
C ARG B 49 10.25 -1.89 -3.17
N ARG B 50 10.89 -2.94 -2.68
CA ARG B 50 11.09 -4.15 -3.48
C ARG B 50 9.81 -4.95 -3.62
N VAL B 51 9.13 -5.20 -2.51
CA VAL B 51 7.90 -5.98 -2.53
C VAL B 51 6.84 -5.31 -3.39
N GLY B 52 6.59 -4.02 -3.14
CA GLY B 52 5.59 -3.29 -3.90
C GLY B 52 5.91 -3.20 -5.37
N ASP B 53 7.18 -2.99 -5.70
CA ASP B 53 7.61 -2.87 -7.09
C ASP B 53 7.44 -4.22 -7.79
N GLY B 54 7.82 -5.28 -7.08
CA GLY B 54 7.70 -6.62 -7.62
C GLY B 54 6.25 -6.99 -7.82
N VAL B 55 5.45 -6.83 -6.75
CA VAL B 55 4.01 -7.11 -6.79
C VAL B 55 3.35 -6.38 -7.96
N GLN B 56 3.81 -5.16 -8.20
CA GLN B 56 3.30 -4.33 -9.28
C GLN B 56 3.50 -5.01 -10.63
N ARG B 57 4.72 -5.44 -10.90
CA ARG B 57 5.05 -6.09 -12.17
C ARG B 57 4.38 -7.47 -12.23
N ASN B 58 4.35 -8.12 -11.09
CA ASN B 58 3.76 -9.44 -10.92
C ASN B 58 2.28 -9.44 -11.28
N HIS B 59 1.57 -8.38 -10.95
CA HIS B 59 0.14 -8.29 -11.24
C HIS B 59 -0.16 -7.04 -12.05
N GLU B 60 0.76 -6.65 -12.93
CA GLU B 60 0.60 -5.45 -13.74
C GLU B 60 -0.70 -5.49 -14.53
N THR B 61 -0.98 -6.62 -15.17
CA THR B 61 -2.19 -6.79 -15.96
C THR B 61 -3.45 -6.42 -15.17
N ALA B 62 -3.50 -6.80 -13.90
CA ALA B 62 -4.64 -6.50 -13.06
C ALA B 62 -4.67 -5.02 -12.70
N PHE B 63 -3.51 -4.48 -12.34
CA PHE B 63 -3.39 -3.08 -11.96
C PHE B 63 -3.73 -2.16 -13.14
N GLN B 64 -3.22 -2.50 -14.32
CA GLN B 64 -3.46 -1.73 -15.53
C GLN B 64 -4.95 -1.58 -15.78
N GLY B 65 -5.66 -2.70 -15.70
CA GLY B 65 -7.09 -2.70 -15.92
C GLY B 65 -7.84 -1.83 -14.92
N MET B 66 -7.54 -2.03 -13.63
CA MET B 66 -8.20 -1.27 -12.58
C MET B 66 -7.84 0.21 -12.64
N LEU B 67 -6.59 0.51 -12.98
CA LEU B 67 -6.12 1.89 -13.10
C LEU B 67 -6.95 2.66 -14.13
N ARG B 68 -7.31 1.96 -15.19
CA ARG B 68 -8.10 2.55 -16.26
C ARG B 68 -9.59 2.57 -15.91
N LYS B 69 -9.96 1.76 -14.92
CA LYS B 69 -11.35 1.68 -14.48
C LYS B 69 -11.69 2.84 -13.53
N LEU B 70 -10.85 3.08 -12.52
CA LEU B 70 -11.10 4.18 -11.59
C LEU B 70 -10.92 5.52 -12.32
N ASP B 71 -11.60 6.54 -11.83
CA ASP B 71 -11.51 7.87 -12.44
C ASP B 71 -10.34 8.67 -11.88
N ILE B 72 -9.14 8.37 -12.37
CA ILE B 72 -7.96 9.08 -11.93
C ILE B 72 -7.83 10.37 -12.74
N LYS B 73 -8.48 11.41 -12.25
CA LYS B 73 -8.48 12.72 -12.89
C LYS B 73 -9.20 13.70 -11.98
N ASN B 74 -10.29 13.25 -11.41
CA ASN B 74 -11.07 14.07 -10.51
C ASN B 74 -10.87 13.57 -9.09
N GLU B 75 -11.45 14.24 -8.10
CA GLU B 75 -11.32 13.82 -6.70
C GLU B 75 -11.85 12.41 -6.47
N GLY B 76 -12.66 11.94 -7.40
CA GLY B 76 -13.21 10.60 -7.31
C GLY B 76 -12.15 9.52 -7.27
N ASP B 77 -10.91 9.85 -7.64
CA ASP B 77 -9.82 8.89 -7.65
C ASP B 77 -9.52 8.39 -6.23
N VAL B 78 -9.31 9.31 -5.30
CA VAL B 78 -9.03 8.96 -3.91
C VAL B 78 -10.31 8.51 -3.22
N LYS B 79 -11.44 9.08 -3.64
CA LYS B 79 -12.72 8.74 -3.06
C LYS B 79 -13.11 7.30 -3.40
N SER B 80 -12.91 6.92 -4.66
CA SER B 80 -13.22 5.57 -5.09
C SER B 80 -12.18 4.59 -4.53
N PHE B 81 -10.99 5.12 -4.23
CA PHE B 81 -9.92 4.30 -3.69
C PHE B 81 -10.31 3.86 -2.28
N SER B 82 -10.95 4.77 -1.55
CA SER B 82 -11.40 4.47 -0.20
C SER B 82 -12.52 3.43 -0.27
N ARG B 83 -13.41 3.62 -1.24
CA ARG B 83 -14.54 2.72 -1.44
C ARG B 83 -14.07 1.33 -1.82
N VAL B 84 -13.08 1.26 -2.72
CA VAL B 84 -12.56 -0.04 -3.15
C VAL B 84 -11.81 -0.71 -2.00
N MET B 85 -11.11 0.07 -1.18
CA MET B 85 -10.37 -0.47 -0.05
C MET B 85 -11.31 -1.18 0.92
N VAL B 86 -12.39 -0.50 1.30
CA VAL B 86 -13.37 -1.07 2.21
C VAL B 86 -14.02 -2.29 1.57
N HIS B 87 -14.16 -2.23 0.24
CA HIS B 87 -14.75 -3.31 -0.52
C HIS B 87 -13.81 -4.52 -0.56
N VAL B 88 -12.51 -4.26 -0.55
CA VAL B 88 -11.52 -5.32 -0.56
C VAL B 88 -11.50 -6.04 0.79
N PHE B 89 -11.49 -5.27 1.87
CA PHE B 89 -11.47 -5.84 3.23
C PHE B 89 -12.85 -6.28 3.69
N LYS B 90 -13.75 -6.52 2.76
CA LYS B 90 -15.12 -6.94 3.04
C LYS B 90 -15.17 -8.25 3.82
N ASP B 91 -14.24 -9.16 3.53
CA ASP B 91 -14.19 -10.47 4.19
C ASP B 91 -13.43 -10.46 5.50
N GLY B 92 -13.12 -9.27 6.00
CA GLY B 92 -12.45 -9.13 7.29
C GLY B 92 -10.96 -9.48 7.35
N VAL B 93 -10.46 -10.38 6.51
CA VAL B 93 -9.05 -10.73 6.58
C VAL B 93 -8.17 -9.55 6.15
N THR B 94 -7.36 -9.09 7.10
CA THR B 94 -6.48 -7.96 6.88
C THR B 94 -5.08 -8.39 6.47
N ASN B 95 -4.87 -9.71 6.35
CA ASN B 95 -3.58 -10.33 5.97
C ASN B 95 -2.67 -9.40 5.16
N TRP B 96 -1.45 -9.24 5.70
CA TRP B 96 -0.41 -8.36 5.14
C TRP B 96 -0.31 -8.40 3.62
N GLY B 97 -0.48 -9.59 3.05
CA GLY B 97 -0.41 -9.76 1.61
C GLY B 97 -1.30 -8.82 0.83
N ARG B 98 -2.52 -8.59 1.30
CA ARG B 98 -3.44 -7.71 0.60
C ARG B 98 -3.04 -6.25 0.78
N ILE B 99 -2.56 -5.92 1.97
CA ILE B 99 -2.17 -4.56 2.31
C ILE B 99 -1.02 -4.06 1.45
N VAL B 100 0.03 -4.86 1.32
CA VAL B 100 1.18 -4.47 0.51
C VAL B 100 0.74 -4.31 -0.95
N THR B 101 -0.25 -5.12 -1.34
CA THR B 101 -0.79 -5.08 -2.69
C THR B 101 -1.54 -3.76 -2.92
N LEU B 102 -2.28 -3.33 -1.90
CA LEU B 102 -3.03 -2.08 -1.97
C LEU B 102 -2.08 -0.92 -2.26
N ILE B 103 -0.93 -0.93 -1.60
CA ILE B 103 0.07 0.10 -1.80
C ILE B 103 0.70 -0.06 -3.18
N SER B 104 0.95 -1.31 -3.57
CA SER B 104 1.52 -1.61 -4.88
C SER B 104 0.63 -1.01 -5.97
N PHE B 105 -0.67 -1.26 -5.86
CA PHE B 105 -1.64 -0.76 -6.81
C PHE B 105 -1.73 0.76 -6.74
N GLY B 106 -1.87 1.28 -5.53
CA GLY B 106 -1.97 2.72 -5.33
C GLY B 106 -0.78 3.46 -5.89
N ALA B 107 0.39 2.84 -5.80
CA ALA B 107 1.61 3.44 -6.30
C ALA B 107 1.65 3.37 -7.81
N PHE B 108 1.14 2.27 -8.37
CA PHE B 108 1.09 2.09 -9.82
C PHE B 108 0.20 3.19 -10.40
N VAL B 109 -0.86 3.48 -9.67
CA VAL B 109 -1.81 4.51 -10.03
C VAL B 109 -1.16 5.88 -9.87
N ALA B 110 -0.55 6.08 -8.71
CA ALA B 110 0.12 7.33 -8.35
C ALA B 110 1.16 7.75 -9.39
N LYS B 111 1.86 6.78 -9.97
CA LYS B 111 2.87 7.10 -10.97
C LYS B 111 2.24 7.71 -12.20
N HIS B 112 1.07 7.20 -12.57
CA HIS B 112 0.36 7.72 -13.73
C HIS B 112 -0.26 9.06 -13.39
N LEU B 113 -0.59 9.21 -12.12
CA LEU B 113 -1.20 10.43 -11.61
C LEU B 113 -0.18 11.57 -11.60
N LYS B 114 1.04 11.26 -11.21
CA LYS B 114 2.11 12.26 -11.17
C LYS B 114 2.53 12.62 -12.60
N SER B 115 2.65 11.62 -13.46
CA SER B 115 3.05 11.85 -14.84
C SER B 115 1.97 12.55 -15.66
N VAL B 116 0.73 12.50 -15.21
CA VAL B 116 -0.35 13.16 -15.92
C VAL B 116 -0.53 14.58 -15.39
N ASN B 117 0.51 15.06 -14.71
CA ASN B 117 0.57 16.40 -14.14
C ASN B 117 -0.42 16.60 -13.00
N GLN B 118 -0.73 15.54 -12.27
CA GLN B 118 -1.65 15.63 -11.16
C GLN B 118 -0.98 15.20 -9.86
N GLU B 119 0.22 15.73 -9.64
CA GLU B 119 0.99 15.44 -8.44
C GLU B 119 0.26 15.96 -7.20
N SER B 120 -0.63 16.91 -7.42
CA SER B 120 -1.43 17.46 -6.34
C SER B 120 -2.43 16.41 -5.84
N PHE B 121 -2.57 15.32 -6.59
CA PHE B 121 -3.47 14.23 -6.26
C PHE B 121 -2.71 13.03 -5.70
N ILE B 122 -1.44 12.85 -6.07
CA ILE B 122 -0.66 11.72 -5.56
C ILE B 122 -0.43 11.88 -4.05
N GLU B 123 -0.19 13.13 -3.65
CA GLU B 123 0.02 13.45 -2.24
C GLU B 123 -1.14 12.96 -1.36
N PRO B 124 -2.40 13.39 -1.60
CA PRO B 124 -3.53 12.93 -0.79
C PRO B 124 -3.86 11.45 -1.00
N LEU B 125 -3.33 10.84 -2.06
CA LEU B 125 -3.59 9.42 -2.32
C LEU B 125 -2.97 8.58 -1.21
N ALA B 126 -1.67 8.76 -0.99
CA ALA B 126 -0.96 8.03 0.07
C ALA B 126 -1.60 8.38 1.42
N GLU B 127 -2.02 9.63 1.53
CA GLU B 127 -2.66 10.16 2.72
C GLU B 127 -3.97 9.42 3.00
N THR B 128 -4.70 9.11 1.93
CA THR B 128 -5.97 8.39 2.05
C THR B 128 -5.72 6.97 2.52
N ILE B 129 -4.73 6.32 1.90
CA ILE B 129 -4.37 4.95 2.22
C ILE B 129 -3.89 4.81 3.67
N THR B 130 -3.01 5.72 4.09
CA THR B 130 -2.46 5.67 5.44
C THR B 130 -3.51 5.92 6.52
N ASP B 131 -4.52 6.74 6.23
CA ASP B 131 -5.54 7.02 7.24
C ASP B 131 -6.56 5.91 7.33
N VAL B 132 -7.20 5.57 6.22
CA VAL B 132 -8.23 4.53 6.22
C VAL B 132 -7.74 3.22 6.83
N LEU B 133 -6.55 2.78 6.43
CA LEU B 133 -5.97 1.53 6.93
C LEU B 133 -5.84 1.52 8.46
N VAL B 134 -5.20 2.55 9.00
CA VAL B 134 -4.97 2.65 10.44
C VAL B 134 -6.27 2.91 11.21
N ARG B 135 -7.19 3.63 10.59
CA ARG B 135 -8.45 3.96 11.26
C ARG B 135 -9.43 2.78 11.29
N THR B 136 -9.35 1.89 10.31
CA THR B 136 -10.27 0.76 10.28
C THR B 136 -9.74 -0.49 10.98
N LYS B 137 -8.43 -0.73 10.96
CA LYS B 137 -7.88 -1.94 11.56
C LYS B 137 -6.59 -1.70 12.35
N ARG B 138 -6.55 -0.64 13.14
CA ARG B 138 -5.39 -0.28 13.95
C ARG B 138 -4.94 -1.44 14.84
N ASP B 139 -5.89 -2.17 15.42
CA ASP B 139 -5.59 -3.29 16.31
C ASP B 139 -4.72 -4.34 15.62
N TRP B 140 -5.09 -4.70 14.39
CA TRP B 140 -4.35 -5.70 13.62
C TRP B 140 -2.88 -5.27 13.48
N LEU B 141 -2.68 -3.96 13.32
CA LEU B 141 -1.35 -3.39 13.20
C LEU B 141 -0.63 -3.53 14.54
N VAL B 142 -1.28 -3.09 15.59
CA VAL B 142 -0.73 -3.15 16.95
C VAL B 142 -0.36 -4.57 17.33
N LYS B 143 -1.20 -5.52 16.95
CA LYS B 143 -0.99 -6.94 17.24
C LYS B 143 0.28 -7.47 16.56
N GLN B 144 0.62 -6.89 15.42
CA GLN B 144 1.79 -7.33 14.67
C GLN B 144 2.93 -6.32 14.71
N ARG B 145 2.93 -5.44 15.70
CA ARG B 145 3.97 -4.42 15.86
C ARG B 145 4.01 -3.42 14.69
N GLY B 146 2.92 -3.36 13.94
CA GLY B 146 2.83 -2.45 12.81
C GLY B 146 3.84 -2.75 11.74
N TRP B 147 4.51 -1.69 11.27
CA TRP B 147 5.53 -1.81 10.24
C TRP B 147 6.73 -2.57 10.76
N ASP B 148 6.97 -2.47 12.06
CA ASP B 148 8.09 -3.16 12.71
C ASP B 148 7.93 -4.66 12.49
N GLY B 149 6.70 -5.14 12.57
CA GLY B 149 6.43 -6.54 12.34
C GLY B 149 6.47 -6.85 10.86
N PHE B 150 5.83 -5.98 10.08
CA PHE B 150 5.78 -6.09 8.62
C PHE B 150 7.16 -6.25 8.01
N VAL B 151 8.15 -5.54 8.56
CA VAL B 151 9.51 -5.63 8.06
C VAL B 151 10.05 -7.05 8.19
N GLU B 152 10.05 -7.59 9.39
CA GLU B 152 10.55 -8.94 9.60
C GLU B 152 9.70 -9.98 8.87
N PHE B 153 8.44 -9.67 8.64
CA PHE B 153 7.55 -10.59 7.97
C PHE B 153 7.76 -10.58 6.45
N PHE B 154 8.18 -9.46 5.87
CA PHE B 154 8.35 -9.41 4.41
C PHE B 154 9.77 -9.07 3.94
N HIS B 155 10.69 -8.80 4.85
CA HIS B 155 12.06 -8.46 4.45
C HIS B 155 12.82 -9.72 4.05
N VAL B 156 12.32 -10.86 4.51
CA VAL B 156 12.94 -12.14 4.19
C VAL B 156 12.71 -12.43 2.71
N GLN B 157 13.60 -13.19 2.10
CA GLN B 157 13.47 -13.51 0.68
C GLN B 157 13.26 -15.01 0.51
N ASP B 158 12.26 -15.36 -0.29
CA ASP B 158 11.95 -16.76 -0.54
C ASP B 158 12.97 -17.39 -1.48
N LEU B 159 13.21 -18.67 -1.30
CA LEU B 159 14.15 -19.41 -2.12
C LEU B 159 13.43 -20.06 -3.30
N GLU B 160 12.12 -20.16 -3.18
CA GLU B 160 11.30 -20.76 -4.23
C GLU B 160 9.92 -20.11 -4.26
N GLY B 161 9.40 -19.97 -5.47
CA GLY B 161 8.09 -19.37 -5.67
C GLY B 161 8.07 -18.57 -6.95
N GLY B 162 9.25 -18.12 -7.35
CA GLY B 162 9.40 -17.34 -8.56
C GLY B 162 9.57 -15.88 -8.24
N PRO A 1 -22.42 1.29 -6.72
CA PRO A 1 -22.34 0.32 -5.60
C PRO A 1 -21.34 -0.78 -5.91
N ALA A 2 -21.68 -1.67 -6.83
CA ALA A 2 -20.79 -2.76 -7.22
C ALA A 2 -20.00 -2.40 -8.47
N ASP A 3 -19.60 -1.14 -8.54
CA ASP A 3 -18.84 -0.63 -9.67
C ASP A 3 -17.35 -0.94 -9.52
N LEU A 4 -16.93 -1.18 -8.29
CA LEU A 4 -15.52 -1.51 -8.01
C LEU A 4 -15.38 -3.00 -7.71
N LYS A 5 -16.34 -3.78 -8.20
CA LYS A 5 -16.35 -5.23 -7.98
C LYS A 5 -15.15 -5.91 -8.63
N ASP A 6 -14.86 -5.52 -9.87
CA ASP A 6 -13.76 -6.10 -10.64
C ASP A 6 -12.41 -5.82 -9.99
N GLU A 7 -12.30 -4.65 -9.42
CA GLU A 7 -11.08 -4.22 -8.76
C GLU A 7 -10.84 -5.02 -7.49
N CYS A 8 -11.81 -5.04 -6.60
CA CYS A 8 -11.67 -5.76 -5.34
C CYS A 8 -11.58 -7.27 -5.56
N ALA A 9 -12.21 -7.77 -6.61
CA ALA A 9 -12.17 -9.20 -6.91
C ALA A 9 -10.72 -9.60 -7.19
N GLN A 10 -10.06 -8.81 -8.03
CA GLN A 10 -8.68 -9.07 -8.37
C GLN A 10 -7.76 -8.68 -7.22
N LEU A 11 -7.97 -7.49 -6.65
CA LEU A 11 -7.15 -6.97 -5.56
C LEU A 11 -7.00 -7.96 -4.42
N ARG A 12 -8.08 -8.63 -4.04
CA ARG A 12 -8.01 -9.61 -2.97
C ARG A 12 -7.20 -10.81 -3.44
N ARG A 13 -7.43 -11.21 -4.68
CA ARG A 13 -6.74 -12.33 -5.30
C ARG A 13 -5.24 -12.05 -5.43
N ILE A 14 -4.90 -10.82 -5.81
CA ILE A 14 -3.50 -10.42 -5.96
C ILE A 14 -2.84 -10.38 -4.59
N GLY A 15 -3.51 -9.73 -3.65
CA GLY A 15 -3.01 -9.60 -2.30
C GLY A 15 -2.82 -10.92 -1.59
N ASP A 16 -3.81 -11.80 -1.67
CA ASP A 16 -3.73 -13.10 -1.01
C ASP A 16 -2.71 -13.99 -1.71
N LYS A 17 -2.49 -13.76 -3.01
CA LYS A 17 -1.53 -14.56 -3.76
C LYS A 17 -0.11 -14.26 -3.28
N VAL A 18 0.24 -12.97 -3.22
CA VAL A 18 1.56 -12.57 -2.79
C VAL A 18 1.74 -12.89 -1.30
N ASN A 19 0.66 -12.75 -0.54
CA ASN A 19 0.68 -13.04 0.89
C ASN A 19 0.99 -14.52 1.09
N LEU A 20 0.38 -15.35 0.24
CA LEU A 20 0.58 -16.79 0.28
C LEU A 20 2.05 -17.13 0.04
N ARG A 21 2.63 -16.49 -0.97
CA ARG A 21 4.03 -16.73 -1.31
C ARG A 21 4.93 -16.32 -0.16
N GLN A 22 4.70 -15.12 0.37
CA GLN A 22 5.51 -14.62 1.47
C GLN A 22 5.33 -15.46 2.72
N LYS A 23 4.15 -16.08 2.86
CA LYS A 23 3.88 -16.94 4.00
C LYS A 23 4.82 -18.15 3.94
N LEU A 24 4.88 -18.79 2.78
CA LEU A 24 5.75 -19.94 2.58
C LEU A 24 7.21 -19.53 2.56
N LEU A 25 7.46 -18.29 2.14
CA LEU A 25 8.81 -17.75 2.06
C LEU A 25 9.32 -17.41 3.46
N ASN A 26 8.40 -17.07 4.36
CA ASN A 26 8.76 -16.72 5.73
C ASN A 26 8.78 -17.96 6.62
N MET A 27 7.84 -18.87 6.38
CA MET A 27 7.75 -20.10 7.16
C MET A 27 7.42 -21.28 6.24
N GLY B 1 -2.91 15.62 22.25
CA GLY B 1 -4.34 15.37 22.55
C GLY B 1 -4.53 14.30 23.59
N PRO B 2 -5.10 14.65 24.76
CA PRO B 2 -5.34 13.69 25.85
C PRO B 2 -6.27 12.54 25.44
N LEU B 3 -7.14 12.79 24.47
CA LEU B 3 -8.08 11.78 24.00
C LEU B 3 -7.68 11.28 22.62
N GLY B 4 -6.42 11.50 22.27
CA GLY B 4 -5.92 11.08 20.98
C GLY B 4 -4.85 12.05 20.49
N SER B 5 -3.62 11.59 20.48
CA SER B 5 -2.52 12.44 20.05
C SER B 5 -1.90 11.92 18.75
N GLU B 6 -0.71 12.40 18.45
CA GLU B 6 0.02 12.02 17.25
C GLU B 6 0.32 10.53 17.27
N ASP B 7 -0.40 9.77 16.45
CA ASP B 7 -0.19 8.34 16.38
C ASP B 7 1.09 8.03 15.61
N ASP B 8 1.99 7.32 16.27
CA ASP B 8 3.27 6.93 15.69
C ASP B 8 3.08 6.03 14.49
N LEU B 9 2.08 5.15 14.53
CA LEU B 9 1.82 4.25 13.42
C LEU B 9 1.37 5.07 12.22
N TYR B 10 0.52 6.05 12.48
CA TYR B 10 0.04 6.95 11.43
C TYR B 10 1.20 7.76 10.90
N ARG B 11 2.08 8.22 11.79
CA ARG B 11 3.25 8.99 11.37
C ARG B 11 4.11 8.13 10.46
N GLN B 12 4.25 6.87 10.83
CA GLN B 12 5.03 5.93 10.04
C GLN B 12 4.36 5.73 8.69
N SER B 13 3.12 5.26 8.69
CA SER B 13 2.39 5.02 7.46
C SER B 13 2.38 6.25 6.56
N LEU B 14 2.15 7.41 7.15
CA LEU B 14 2.10 8.67 6.42
C LEU B 14 3.41 8.93 5.68
N GLU B 15 4.52 8.94 6.41
CA GLU B 15 5.81 9.22 5.81
C GLU B 15 6.30 8.06 4.92
N ILE B 16 6.12 6.82 5.38
CA ILE B 16 6.57 5.65 4.62
C ILE B 16 5.80 5.52 3.30
N ILE B 17 4.47 5.56 3.35
CA ILE B 17 3.64 5.40 2.17
C ILE B 17 3.84 6.55 1.18
N SER B 18 3.78 7.80 1.65
CA SER B 18 3.96 8.94 0.76
C SER B 18 5.32 8.88 0.08
N ARG B 19 6.35 8.51 0.83
CA ARG B 19 7.70 8.42 0.32
C ARG B 19 7.76 7.34 -0.76
N TYR B 20 7.04 6.25 -0.54
CA TYR B 20 7.00 5.14 -1.48
C TYR B 20 6.29 5.52 -2.78
N LEU B 21 5.15 6.21 -2.68
CA LEU B 21 4.42 6.61 -3.89
C LEU B 21 5.26 7.59 -4.72
N ARG B 22 5.93 8.52 -4.05
CA ARG B 22 6.78 9.49 -4.74
C ARG B 22 7.88 8.78 -5.51
N GLU B 23 8.37 7.69 -4.92
CA GLU B 23 9.43 6.90 -5.52
C GLU B 23 8.93 6.17 -6.76
N GLN B 24 7.78 5.51 -6.65
CA GLN B 24 7.19 4.79 -7.78
C GLN B 24 6.88 5.75 -8.93
N ALA B 25 6.63 7.00 -8.59
CA ALA B 25 6.31 8.02 -9.58
C ALA B 25 7.55 8.62 -10.24
N THR B 26 8.73 8.21 -9.78
CA THR B 26 9.96 8.75 -10.35
C THR B 26 10.91 7.64 -10.80
N GLY B 27 11.04 6.60 -9.97
CA GLY B 27 11.92 5.50 -10.28
C GLY B 27 13.25 5.62 -9.57
N SER B 28 13.38 6.66 -8.75
CA SER B 28 14.61 6.91 -8.02
C SER B 28 14.47 6.37 -6.59
N LYS B 29 15.35 5.45 -6.22
CA LYS B 29 15.33 4.85 -4.89
C LYS B 29 15.92 5.80 -3.86
N ASP B 30 15.09 6.26 -2.94
CA ASP B 30 15.53 7.17 -1.89
C ASP B 30 15.95 6.39 -0.66
N SER B 31 17.24 6.27 -0.43
CA SER B 31 17.75 5.54 0.71
C SER B 31 18.12 6.48 1.86
N LYS B 32 17.19 7.35 2.22
CA LYS B 32 17.40 8.28 3.32
C LYS B 32 16.51 7.91 4.49
N PRO B 33 17.01 8.03 5.73
CA PRO B 33 16.24 7.71 6.93
C PRO B 33 15.04 8.62 7.11
N LEU B 34 13.95 8.05 7.60
CA LEU B 34 12.72 8.80 7.82
C LEU B 34 12.79 9.52 9.17
N GLY B 35 12.07 10.64 9.27
CA GLY B 35 12.08 11.43 10.49
C GLY B 35 10.98 11.10 11.45
N GLU B 36 9.78 10.88 10.93
CA GLU B 36 8.64 10.55 11.77
C GLU B 36 8.56 9.05 11.97
N ALA B 37 8.79 8.31 10.89
CA ALA B 37 8.73 6.86 10.93
C ALA B 37 10.00 6.27 11.54
N GLY B 38 11.04 7.08 11.60
CA GLY B 38 12.31 6.67 12.18
C GLY B 38 12.94 5.45 11.52
N ALA B 39 13.40 4.53 12.35
CA ALA B 39 14.06 3.31 11.91
C ALA B 39 13.09 2.36 11.22
N ALA B 40 11.93 2.15 11.84
CA ALA B 40 10.91 1.26 11.28
C ALA B 40 10.53 1.73 9.89
N GLY B 41 10.40 3.03 9.74
CA GLY B 41 10.06 3.61 8.47
C GLY B 41 11.07 3.28 7.38
N ARG B 42 12.35 3.37 7.74
CA ARG B 42 13.41 3.08 6.79
C ARG B 42 13.38 1.59 6.44
N ARG B 43 13.16 0.75 7.45
CA ARG B 43 13.12 -0.69 7.23
C ARG B 43 11.93 -1.05 6.35
N ALA B 44 10.79 -0.43 6.62
CA ALA B 44 9.57 -0.69 5.86
C ALA B 44 9.69 -0.16 4.44
N LEU B 45 10.28 1.03 4.28
CA LEU B 45 10.46 1.64 2.97
C LEU B 45 11.28 0.73 2.07
N GLU B 46 12.40 0.22 2.59
CA GLU B 46 13.27 -0.68 1.84
C GLU B 46 12.54 -1.95 1.43
N THR B 47 11.54 -2.31 2.23
CA THR B 47 10.75 -3.49 1.96
C THR B 47 9.63 -3.18 0.97
N LEU B 48 8.96 -2.04 1.15
CA LEU B 48 7.87 -1.62 0.28
C LEU B 48 8.31 -1.54 -1.18
N ARG B 49 9.47 -0.93 -1.41
CA ARG B 49 9.98 -0.79 -2.76
C ARG B 49 10.29 -2.15 -3.39
N ARG B 50 10.85 -3.07 -2.61
CA ARG B 50 11.17 -4.39 -3.13
C ARG B 50 9.94 -5.28 -3.29
N VAL B 51 9.13 -5.37 -2.25
CA VAL B 51 7.94 -6.21 -2.27
C VAL B 51 6.89 -5.63 -3.22
N GLY B 52 6.66 -4.33 -3.13
CA GLY B 52 5.69 -3.68 -3.99
C GLY B 52 6.06 -3.79 -5.46
N ASP B 53 7.36 -3.80 -5.73
CA ASP B 53 7.85 -3.93 -7.10
C ASP B 53 7.49 -5.31 -7.62
N GLY B 54 7.64 -6.31 -6.75
CA GLY B 54 7.31 -7.67 -7.11
C GLY B 54 5.82 -7.81 -7.38
N VAL B 55 5.02 -7.02 -6.67
CA VAL B 55 3.57 -7.03 -6.83
C VAL B 55 3.18 -6.56 -8.22
N GLN B 56 3.67 -5.38 -8.60
CA GLN B 56 3.38 -4.82 -9.92
C GLN B 56 3.99 -5.67 -11.02
N ARG B 57 5.10 -6.33 -10.72
CA ARG B 57 5.79 -7.18 -11.68
C ARG B 57 5.04 -8.49 -11.97
N ASN B 58 4.41 -9.08 -10.97
CA ASN B 58 3.72 -10.34 -11.19
C ASN B 58 2.29 -10.18 -11.71
N HIS B 59 1.58 -9.13 -11.32
CA HIS B 59 0.20 -8.94 -11.79
C HIS B 59 -0.09 -7.52 -12.27
N GLU B 60 0.80 -6.98 -13.09
CA GLU B 60 0.63 -5.63 -13.64
C GLU B 60 -0.69 -5.52 -14.40
N THR B 61 -0.97 -6.56 -15.19
CA THR B 61 -2.16 -6.64 -16.02
C THR B 61 -3.46 -6.39 -15.25
N ALA B 62 -3.49 -6.80 -13.98
CA ALA B 62 -4.66 -6.62 -13.15
C ALA B 62 -4.84 -5.16 -12.77
N PHE B 63 -3.73 -4.51 -12.43
CA PHE B 63 -3.75 -3.11 -12.03
C PHE B 63 -4.08 -2.22 -13.23
N GLN B 64 -3.55 -2.59 -14.39
CA GLN B 64 -3.79 -1.85 -15.62
C GLN B 64 -5.29 -1.77 -15.93
N GLY B 65 -5.98 -2.88 -15.74
CA GLY B 65 -7.41 -2.94 -15.99
C GLY B 65 -8.19 -2.05 -15.04
N MET B 66 -7.71 -1.94 -13.82
CA MET B 66 -8.36 -1.12 -12.81
C MET B 66 -8.11 0.36 -13.07
N LEU B 67 -6.87 0.66 -13.45
CA LEU B 67 -6.45 2.04 -13.74
C LEU B 67 -7.33 2.61 -14.86
N ARG B 68 -7.74 1.73 -15.76
CA ARG B 68 -8.57 2.11 -16.89
C ARG B 68 -9.98 2.51 -16.41
N LYS B 69 -10.41 1.95 -15.29
CA LYS B 69 -11.73 2.24 -14.75
C LYS B 69 -11.71 3.40 -13.76
N LEU B 70 -10.74 3.39 -12.84
CA LEU B 70 -10.63 4.45 -11.84
C LEU B 70 -10.17 5.76 -12.48
N ASP B 71 -11.11 6.65 -12.70
CA ASP B 71 -10.82 7.94 -13.30
C ASP B 71 -10.50 8.98 -12.23
N ILE B 72 -9.22 9.10 -11.88
CA ILE B 72 -8.79 10.08 -10.90
C ILE B 72 -8.74 11.43 -11.58
N LYS B 73 -9.57 12.37 -11.14
CA LYS B 73 -9.59 13.67 -11.78
C LYS B 73 -9.73 14.81 -10.77
N ASN B 74 -10.55 14.60 -9.76
CA ASN B 74 -10.76 15.61 -8.73
C ASN B 74 -10.59 15.04 -7.34
N GLU B 75 -10.75 15.87 -6.33
CA GLU B 75 -10.59 15.49 -4.91
C GLU B 75 -11.43 14.26 -4.52
N GLY B 76 -12.48 13.99 -5.26
CA GLY B 76 -13.34 12.85 -4.97
C GLY B 76 -12.65 11.51 -5.18
N ASP B 77 -11.51 11.53 -5.87
CA ASP B 77 -10.75 10.32 -6.19
C ASP B 77 -10.31 9.59 -4.91
N VAL B 78 -9.91 10.35 -3.89
CA VAL B 78 -9.46 9.76 -2.63
C VAL B 78 -10.54 8.88 -2.02
N LYS B 79 -11.78 9.34 -2.04
CA LYS B 79 -12.87 8.56 -1.49
C LYS B 79 -13.25 7.43 -2.44
N SER B 80 -12.92 7.60 -3.71
CA SER B 80 -13.20 6.57 -4.69
C SER B 80 -12.30 5.36 -4.39
N PHE B 81 -11.05 5.67 -4.01
CA PHE B 81 -10.09 4.63 -3.65
C PHE B 81 -10.54 3.99 -2.34
N SER B 82 -11.15 4.79 -1.49
CA SER B 82 -11.65 4.33 -0.20
C SER B 82 -12.83 3.38 -0.42
N ARG B 83 -13.57 3.57 -1.51
CA ARG B 83 -14.73 2.72 -1.83
C ARG B 83 -14.28 1.32 -2.20
N VAL B 84 -13.18 1.22 -2.96
CA VAL B 84 -12.68 -0.09 -3.34
C VAL B 84 -12.11 -0.76 -2.09
N MET B 85 -11.51 0.05 -1.23
CA MET B 85 -10.93 -0.42 0.04
C MET B 85 -11.94 -1.22 0.86
N VAL B 86 -13.10 -0.61 1.08
CA VAL B 86 -14.15 -1.25 1.86
C VAL B 86 -14.56 -2.57 1.22
N HIS B 87 -14.59 -2.61 -0.10
CA HIS B 87 -14.96 -3.83 -0.81
C HIS B 87 -13.85 -4.88 -0.79
N VAL B 88 -12.60 -4.44 -0.78
CA VAL B 88 -11.46 -5.36 -0.75
C VAL B 88 -11.38 -6.07 0.60
N PHE B 89 -11.42 -5.30 1.66
CA PHE B 89 -11.34 -5.86 3.00
C PHE B 89 -12.73 -6.14 3.56
N LYS B 90 -13.68 -6.31 2.66
CA LYS B 90 -15.07 -6.56 3.01
C LYS B 90 -15.25 -8.00 3.49
N ASP B 91 -14.42 -8.90 2.99
CA ASP B 91 -14.50 -10.31 3.37
C ASP B 91 -13.88 -10.52 4.75
N GLY B 92 -13.16 -9.52 5.23
CA GLY B 92 -12.54 -9.60 6.54
C GLY B 92 -11.10 -10.07 6.51
N VAL B 93 -10.61 -10.54 5.37
CA VAL B 93 -9.24 -11.01 5.30
C VAL B 93 -8.31 -9.82 5.21
N THR B 94 -7.59 -9.57 6.30
CA THR B 94 -6.68 -8.45 6.34
C THR B 94 -5.24 -8.81 5.95
N ASN B 95 -5.00 -10.08 5.55
CA ASN B 95 -3.66 -10.58 5.16
C ASN B 95 -2.69 -9.47 4.77
N TRP B 96 -1.54 -9.47 5.45
CA TRP B 96 -0.49 -8.46 5.27
C TRP B 96 -0.18 -8.21 3.80
N GLY B 97 -0.21 -9.28 2.99
CA GLY B 97 0.06 -9.16 1.57
C GLY B 97 -0.93 -8.26 0.86
N ARG B 98 -2.17 -8.23 1.34
CA ARG B 98 -3.22 -7.41 0.75
C ARG B 98 -2.88 -5.93 0.89
N ILE B 99 -2.49 -5.53 2.11
CA ILE B 99 -2.14 -4.13 2.38
C ILE B 99 -1.01 -3.69 1.47
N VAL B 100 0.03 -4.50 1.38
CA VAL B 100 1.18 -4.17 0.53
C VAL B 100 0.72 -4.04 -0.92
N THR B 101 -0.18 -4.93 -1.33
CA THR B 101 -0.71 -4.92 -2.69
C THR B 101 -1.51 -3.65 -2.93
N LEU B 102 -2.30 -3.23 -1.94
CA LEU B 102 -3.10 -2.02 -2.05
C LEU B 102 -2.21 -0.81 -2.27
N ILE B 103 -1.10 -0.76 -1.55
CA ILE B 103 -0.15 0.33 -1.69
C ILE B 103 0.50 0.25 -3.07
N SER B 104 0.85 -0.97 -3.47
CA SER B 104 1.47 -1.22 -4.76
C SER B 104 0.54 -0.74 -5.88
N PHE B 105 -0.75 -1.01 -5.72
CA PHE B 105 -1.76 -0.61 -6.69
C PHE B 105 -1.95 0.90 -6.67
N GLY B 106 -2.09 1.45 -5.46
CA GLY B 106 -2.27 2.88 -5.32
C GLY B 106 -1.13 3.64 -5.94
N ALA B 107 0.07 3.11 -5.75
CA ALA B 107 1.27 3.72 -6.30
C ALA B 107 1.37 3.47 -7.81
N PHE B 108 0.72 2.40 -8.28
CA PHE B 108 0.74 2.06 -9.69
C PHE B 108 -0.07 3.08 -10.48
N VAL B 109 -1.27 3.37 -9.99
CA VAL B 109 -2.12 4.37 -10.64
C VAL B 109 -1.54 5.76 -10.41
N ALA B 110 -0.92 5.95 -9.25
CA ALA B 110 -0.30 7.21 -8.88
C ALA B 110 0.87 7.50 -9.81
N LYS B 111 1.54 6.44 -10.25
CA LYS B 111 2.66 6.53 -11.16
C LYS B 111 2.22 7.26 -12.43
N HIS B 112 1.04 6.90 -12.92
CA HIS B 112 0.48 7.52 -14.11
C HIS B 112 0.00 8.92 -13.75
N LEU B 113 -0.50 9.05 -12.53
CA LEU B 113 -1.03 10.31 -12.01
C LEU B 113 0.06 11.39 -12.01
N LYS B 114 1.25 11.04 -11.56
CA LYS B 114 2.34 12.00 -11.54
C LYS B 114 2.83 12.27 -12.96
N SER B 115 2.72 11.27 -13.82
CA SER B 115 3.15 11.42 -15.21
C SER B 115 2.11 12.21 -16.00
N VAL B 116 0.93 12.39 -15.42
CA VAL B 116 -0.14 13.16 -16.08
C VAL B 116 -0.25 14.53 -15.41
N ASN B 117 0.83 14.87 -14.70
CA ASN B 117 1.00 16.14 -13.99
C ASN B 117 -0.03 16.35 -12.87
N GLN B 118 -0.31 15.31 -12.10
CA GLN B 118 -1.24 15.43 -11.00
C GLN B 118 -0.65 14.95 -9.67
N GLU B 119 0.59 15.34 -9.39
CA GLU B 119 1.25 14.95 -8.13
C GLU B 119 0.54 15.61 -6.95
N SER B 120 -0.19 16.68 -7.21
CA SER B 120 -0.94 17.37 -6.18
C SER B 120 -2.00 16.43 -5.58
N PHE B 121 -2.31 15.35 -6.31
CA PHE B 121 -3.30 14.38 -5.85
C PHE B 121 -2.63 13.10 -5.35
N ILE B 122 -1.37 12.86 -5.74
CA ILE B 122 -0.67 11.65 -5.29
C ILE B 122 -0.37 11.75 -3.79
N GLU B 123 -0.08 12.97 -3.35
CA GLU B 123 0.21 13.25 -1.95
C GLU B 123 -0.96 12.85 -1.03
N PRO B 124 -2.19 13.39 -1.22
CA PRO B 124 -3.34 13.05 -0.38
C PRO B 124 -3.76 11.59 -0.48
N LEU B 125 -3.37 10.91 -1.56
CA LEU B 125 -3.72 9.50 -1.73
C LEU B 125 -3.13 8.65 -0.63
N ALA B 126 -1.85 8.88 -0.33
CA ALA B 126 -1.17 8.15 0.73
C ALA B 126 -1.91 8.37 2.05
N GLU B 127 -2.25 9.62 2.32
CA GLU B 127 -2.99 9.98 3.54
C GLU B 127 -4.33 9.25 3.59
N THR B 128 -4.97 9.12 2.43
CA THR B 128 -6.25 8.44 2.37
C THR B 128 -6.09 6.97 2.76
N ILE B 129 -5.01 6.36 2.28
CA ILE B 129 -4.72 4.96 2.57
C ILE B 129 -4.33 4.78 4.04
N THR B 130 -3.50 5.69 4.55
CA THR B 130 -3.05 5.63 5.94
C THR B 130 -4.21 5.68 6.94
N ASP B 131 -4.99 6.74 6.81
CA ASP B 131 -6.13 6.99 7.69
C ASP B 131 -7.15 5.86 7.68
N VAL B 132 -7.52 5.38 6.50
CA VAL B 132 -8.51 4.31 6.40
C VAL B 132 -7.97 2.98 6.94
N LEU B 133 -6.66 2.79 6.83
CA LEU B 133 -6.04 1.54 7.30
C LEU B 133 -5.91 1.54 8.82
N VAL B 134 -5.25 2.56 9.35
CA VAL B 134 -5.00 2.70 10.78
C VAL B 134 -6.27 2.76 11.61
N ARG B 135 -7.22 3.58 11.20
CA ARG B 135 -8.48 3.74 11.94
C ARG B 135 -9.37 2.49 11.91
N THR B 136 -9.26 1.68 10.86
CA THR B 136 -10.11 0.50 10.76
C THR B 136 -9.47 -0.75 11.41
N LYS B 137 -8.32 -1.17 10.89
CA LYS B 137 -7.65 -2.36 11.39
C LYS B 137 -6.56 -2.02 12.40
N ARG B 138 -6.88 -1.09 13.29
CA ARG B 138 -5.97 -0.65 14.34
C ARG B 138 -5.41 -1.82 15.14
N ASP B 139 -6.30 -2.71 15.56
CA ASP B 139 -5.93 -3.88 16.35
C ASP B 139 -5.02 -4.82 15.57
N TRP B 140 -5.31 -4.99 14.29
CA TRP B 140 -4.53 -5.85 13.41
C TRP B 140 -3.09 -5.35 13.29
N LEU B 141 -2.93 -4.03 13.24
CA LEU B 141 -1.62 -3.40 13.12
C LEU B 141 -0.81 -3.55 14.40
N VAL B 142 -1.40 -3.22 15.54
CA VAL B 142 -0.70 -3.29 16.82
C VAL B 142 -0.27 -4.72 17.17
N LYS B 143 -1.06 -5.70 16.73
CA LYS B 143 -0.75 -7.11 16.98
C LYS B 143 0.52 -7.53 16.24
N GLN B 144 0.71 -6.99 15.05
CA GLN B 144 1.87 -7.33 14.23
C GLN B 144 2.95 -6.26 14.23
N ARG B 145 3.00 -5.46 15.29
CA ARG B 145 4.03 -4.41 15.43
C ARG B 145 3.97 -3.38 14.29
N GLY B 146 2.82 -3.25 13.64
CA GLY B 146 2.67 -2.32 12.54
C GLY B 146 3.67 -2.57 11.42
N TRP B 147 4.40 -1.52 11.05
CA TRP B 147 5.39 -1.62 9.99
C TRP B 147 6.62 -2.38 10.44
N ASP B 148 6.96 -2.23 11.71
CA ASP B 148 8.13 -2.90 12.28
C ASP B 148 7.98 -4.41 12.14
N GLY B 149 6.76 -4.89 12.34
CA GLY B 149 6.48 -6.30 12.21
C GLY B 149 6.41 -6.71 10.75
N PHE B 150 5.85 -5.81 9.94
CA PHE B 150 5.73 -6.01 8.51
C PHE B 150 7.10 -6.25 7.88
N VAL B 151 8.09 -5.51 8.36
CA VAL B 151 9.44 -5.64 7.87
C VAL B 151 9.98 -7.03 8.16
N GLU B 152 9.88 -7.47 9.40
CA GLU B 152 10.37 -8.79 9.79
C GLU B 152 9.75 -9.90 8.93
N PHE B 153 8.48 -9.73 8.56
CA PHE B 153 7.80 -10.74 7.76
C PHE B 153 8.16 -10.68 6.27
N PHE B 154 8.30 -9.48 5.71
CA PHE B 154 8.57 -9.36 4.26
C PHE B 154 10.03 -9.07 3.90
N HIS B 155 10.90 -8.84 4.87
CA HIS B 155 12.29 -8.53 4.57
C HIS B 155 13.09 -9.77 4.16
N VAL B 156 12.56 -10.96 4.48
CA VAL B 156 13.22 -12.23 4.15
C VAL B 156 13.63 -12.26 2.67
N GLN B 157 14.76 -12.91 2.40
CA GLN B 157 15.31 -13.02 1.04
C GLN B 157 14.26 -13.39 -0.01
N ASP B 158 14.06 -12.45 -0.92
CA ASP B 158 13.10 -12.60 -2.01
C ASP B 158 13.72 -13.26 -3.24
N LEU B 159 12.87 -13.48 -4.23
CA LEU B 159 13.26 -14.09 -5.50
C LEU B 159 12.35 -13.53 -6.58
N GLU B 160 12.87 -13.43 -7.81
CA GLU B 160 12.09 -12.91 -8.93
C GLU B 160 11.11 -13.95 -9.47
N GLY B 161 10.22 -14.42 -8.61
CA GLY B 161 9.24 -15.40 -9.00
C GLY B 161 8.13 -15.54 -7.99
N GLY B 162 7.54 -14.40 -7.62
CA GLY B 162 6.46 -14.40 -6.65
C GLY B 162 5.11 -14.57 -7.30
N PRO A 1 -21.47 3.80 -6.27
CA PRO A 1 -21.96 2.90 -5.20
C PRO A 1 -21.23 1.56 -5.22
N ALA A 2 -21.68 0.64 -6.05
CA ALA A 2 -21.07 -0.67 -6.15
C ALA A 2 -20.24 -0.76 -7.43
N ASP A 3 -19.64 0.37 -7.79
CA ASP A 3 -18.83 0.47 -9.00
C ASP A 3 -17.42 -0.09 -8.80
N LEU A 4 -17.17 -0.66 -7.62
CA LEU A 4 -15.87 -1.26 -7.30
C LEU A 4 -16.07 -2.64 -6.69
N LYS A 5 -17.14 -3.31 -7.08
CA LYS A 5 -17.45 -4.63 -6.54
C LYS A 5 -16.63 -5.73 -7.24
N ASP A 6 -16.54 -5.66 -8.55
CA ASP A 6 -15.81 -6.67 -9.32
C ASP A 6 -14.31 -6.42 -9.26
N GLU A 7 -13.95 -5.15 -9.23
CA GLU A 7 -12.56 -4.73 -9.18
C GLU A 7 -11.89 -5.24 -7.90
N CYS A 8 -12.54 -5.03 -6.77
CA CYS A 8 -11.98 -5.47 -5.49
C CYS A 8 -11.95 -6.99 -5.42
N ALA A 9 -12.89 -7.64 -6.11
CA ALA A 9 -12.96 -9.09 -6.13
C ALA A 9 -11.69 -9.69 -6.70
N GLN A 10 -11.19 -9.10 -7.79
CA GLN A 10 -9.98 -9.59 -8.41
C GLN A 10 -8.78 -9.18 -7.55
N LEU A 11 -8.80 -7.96 -7.05
CA LEU A 11 -7.73 -7.42 -6.22
C LEU A 11 -7.51 -8.31 -4.99
N ARG A 12 -8.58 -8.83 -4.42
CA ARG A 12 -8.49 -9.68 -3.25
C ARG A 12 -7.71 -10.97 -3.56
N ARG A 13 -7.88 -11.50 -4.76
CA ARG A 13 -7.15 -12.71 -5.16
C ARG A 13 -5.70 -12.36 -5.39
N ILE A 14 -5.48 -11.12 -5.85
CA ILE A 14 -4.14 -10.62 -6.10
C ILE A 14 -3.37 -10.57 -4.79
N GLY A 15 -4.08 -10.17 -3.74
CA GLY A 15 -3.50 -10.09 -2.41
C GLY A 15 -3.18 -11.45 -1.85
N ASP A 16 -3.94 -12.47 -2.25
CA ASP A 16 -3.71 -13.83 -1.77
C ASP A 16 -2.44 -14.42 -2.34
N LYS A 17 -2.09 -14.05 -3.58
CA LYS A 17 -0.86 -14.57 -4.17
C LYS A 17 0.31 -14.09 -3.31
N VAL A 18 0.29 -12.80 -3.00
CA VAL A 18 1.34 -12.19 -2.17
C VAL A 18 1.36 -12.87 -0.80
N ASN A 19 0.17 -13.10 -0.27
CA ASN A 19 -0.03 -13.73 1.03
C ASN A 19 0.61 -15.12 1.11
N LEU A 20 0.30 -15.99 0.16
CA LEU A 20 0.84 -17.35 0.18
C LEU A 20 2.30 -17.42 -0.27
N ARG A 21 2.66 -16.60 -1.26
CA ARG A 21 4.02 -16.59 -1.79
C ARG A 21 5.01 -16.15 -0.73
N GLN A 22 4.73 -15.02 -0.10
CA GLN A 22 5.60 -14.47 0.93
C GLN A 22 5.59 -15.31 2.20
N LYS A 23 4.46 -15.94 2.49
CA LYS A 23 4.33 -16.78 3.68
C LYS A 23 5.29 -17.97 3.63
N LEU A 24 5.36 -18.63 2.48
CA LEU A 24 6.21 -19.80 2.31
C LEU A 24 7.70 -19.46 2.20
N LEU A 25 8.05 -18.34 1.58
CA LEU A 25 9.46 -18.00 1.46
C LEU A 25 10.00 -17.41 2.76
N ASN A 26 9.10 -16.98 3.62
CA ASN A 26 9.49 -16.41 4.90
C ASN A 26 9.59 -17.53 5.94
N MET A 27 8.58 -18.40 5.97
CA MET A 27 8.56 -19.51 6.90
C MET A 27 8.22 -20.82 6.19
N GLY B 1 0.73 15.08 19.49
CA GLY B 1 1.62 13.93 19.79
C GLY B 1 1.04 12.64 19.27
N PRO B 2 1.89 11.70 18.79
CA PRO B 2 1.44 10.42 18.24
C PRO B 2 0.73 9.54 19.27
N LEU B 3 0.83 9.91 20.54
CA LEU B 3 0.19 9.14 21.59
C LEU B 3 -0.89 9.97 22.27
N GLY B 4 -2.11 9.44 22.27
CA GLY B 4 -3.22 10.11 22.90
C GLY B 4 -3.96 11.06 21.98
N SER B 5 -3.30 12.15 21.62
CA SER B 5 -3.90 13.17 20.75
C SER B 5 -3.98 12.70 19.30
N GLU B 6 -3.03 11.86 18.89
CA GLU B 6 -2.98 11.37 17.53
C GLU B 6 -2.70 9.87 17.54
N ASP B 7 -2.33 9.33 16.38
CA ASP B 7 -2.03 7.91 16.25
C ASP B 7 -0.60 7.71 15.79
N ASP B 8 0.11 6.87 16.52
CA ASP B 8 1.51 6.55 16.27
C ASP B 8 1.69 5.73 15.00
N LEU B 9 0.78 4.80 14.77
CA LEU B 9 0.84 3.95 13.60
C LEU B 9 0.56 4.78 12.36
N TYR B 10 -0.43 5.65 12.48
CA TYR B 10 -0.82 6.53 11.39
C TYR B 10 0.35 7.42 11.00
N ARG B 11 1.06 7.96 11.99
CA ARG B 11 2.21 8.82 11.71
C ARG B 11 3.30 8.07 10.97
N GLN B 12 3.52 6.80 11.31
CA GLN B 12 4.53 6.02 10.61
C GLN B 12 4.07 5.77 9.19
N SER B 13 2.86 5.25 9.06
CA SER B 13 2.28 4.92 7.77
C SER B 13 2.29 6.14 6.84
N LEU B 14 2.01 7.31 7.42
CA LEU B 14 1.99 8.55 6.66
C LEU B 14 3.35 8.79 6.02
N GLU B 15 4.39 8.80 6.84
CA GLU B 15 5.76 9.01 6.38
C GLU B 15 6.19 7.95 5.37
N ILE B 16 6.07 6.69 5.79
CA ILE B 16 6.47 5.54 4.98
C ILE B 16 5.76 5.48 3.62
N ILE B 17 4.44 5.60 3.61
CA ILE B 17 3.68 5.52 2.37
C ILE B 17 3.93 6.71 1.46
N SER B 18 3.97 7.93 2.00
CA SER B 18 4.21 9.12 1.19
C SER B 18 5.57 9.03 0.51
N ARG B 19 6.56 8.45 1.20
CA ARG B 19 7.89 8.30 0.63
C ARG B 19 7.83 7.35 -0.56
N TYR B 20 7.23 6.19 -0.32
CA TYR B 20 7.11 5.16 -1.35
C TYR B 20 6.39 5.64 -2.60
N LEU B 21 5.18 6.16 -2.46
CA LEU B 21 4.42 6.61 -3.63
C LEU B 21 5.10 7.72 -4.41
N ARG B 22 5.63 8.72 -3.70
CA ARG B 22 6.28 9.84 -4.36
C ARG B 22 7.54 9.41 -5.11
N GLU B 23 8.34 8.55 -4.49
CA GLU B 23 9.57 8.08 -5.11
C GLU B 23 9.31 7.04 -6.20
N GLN B 24 8.39 6.12 -5.95
CA GLN B 24 8.05 5.07 -6.92
C GLN B 24 7.56 5.69 -8.23
N ALA B 25 6.96 6.86 -8.11
CA ALA B 25 6.41 7.58 -9.26
C ALA B 25 7.47 7.92 -10.32
N THR B 26 8.74 7.96 -9.91
CA THR B 26 9.82 8.27 -10.84
C THR B 26 10.22 7.04 -11.65
N GLY B 27 10.01 5.88 -11.03
CA GLY B 27 10.39 4.62 -11.65
C GLY B 27 11.77 4.25 -11.18
N SER B 28 12.50 5.25 -10.68
CA SER B 28 13.84 5.07 -10.18
C SER B 28 13.78 4.69 -8.71
N LYS B 29 14.61 3.74 -8.31
CA LYS B 29 14.61 3.28 -6.92
C LYS B 29 15.48 4.17 -6.03
N ASP B 30 15.08 5.43 -5.91
CA ASP B 30 15.79 6.39 -5.09
C ASP B 30 15.20 6.33 -3.69
N SER B 31 16.03 6.37 -2.65
CA SER B 31 15.54 6.28 -1.28
C SER B 31 15.61 7.62 -0.54
N LYS B 32 14.63 7.87 0.32
CA LYS B 32 14.58 9.12 1.08
C LYS B 32 14.32 8.82 2.56
N PRO B 33 15.12 9.41 3.46
CA PRO B 33 15.00 9.22 4.91
C PRO B 33 13.68 9.70 5.50
N LEU B 34 13.30 9.10 6.62
CA LEU B 34 12.08 9.43 7.34
C LEU B 34 12.46 9.92 8.72
N GLY B 35 11.57 10.68 9.36
CA GLY B 35 11.87 11.19 10.68
C GLY B 35 10.81 10.84 11.71
N GLU B 36 9.55 10.82 11.28
CA GLU B 36 8.45 10.51 12.18
C GLU B 36 8.28 9.00 12.32
N ALA B 37 8.50 8.28 11.24
CA ALA B 37 8.36 6.83 11.24
C ALA B 37 9.53 6.15 11.95
N GLY B 38 10.66 6.85 12.02
CA GLY B 38 11.83 6.34 12.69
C GLY B 38 12.51 5.20 11.94
N ALA B 39 13.05 4.25 12.71
CA ALA B 39 13.74 3.11 12.14
C ALA B 39 12.77 2.17 11.44
N ALA B 40 11.57 2.06 12.00
CA ALA B 40 10.54 1.22 11.41
C ALA B 40 10.16 1.75 10.04
N GLY B 41 10.24 3.07 9.90
CA GLY B 41 9.92 3.72 8.65
C GLY B 41 10.90 3.37 7.55
N ARG B 42 12.19 3.52 7.83
CA ARG B 42 13.22 3.20 6.84
C ARG B 42 13.20 1.72 6.52
N ARG B 43 12.88 0.89 7.52
CA ARG B 43 12.80 -0.55 7.32
C ARG B 43 11.65 -0.88 6.39
N ALA B 44 10.48 -0.32 6.72
CA ALA B 44 9.27 -0.55 5.94
C ALA B 44 9.37 0.04 4.54
N LEU B 45 10.02 1.20 4.44
CA LEU B 45 10.17 1.86 3.16
C LEU B 45 10.96 0.99 2.19
N GLU B 46 12.04 0.39 2.69
CA GLU B 46 12.86 -0.51 1.88
C GLU B 46 12.05 -1.72 1.49
N THR B 47 11.21 -2.18 2.40
CA THR B 47 10.37 -3.34 2.13
C THR B 47 9.31 -2.99 1.08
N LEU B 48 8.66 -1.84 1.25
CA LEU B 48 7.63 -1.38 0.33
C LEU B 48 8.14 -1.28 -1.11
N ARG B 49 9.34 -0.77 -1.29
CA ARG B 49 9.90 -0.62 -2.62
C ARG B 49 10.35 -1.96 -3.22
N ARG B 50 10.99 -2.80 -2.41
CA ARG B 50 11.47 -4.08 -2.91
C ARG B 50 10.32 -5.04 -3.18
N VAL B 51 9.38 -5.11 -2.23
CA VAL B 51 8.23 -5.99 -2.38
C VAL B 51 7.21 -5.38 -3.35
N GLY B 52 6.94 -4.10 -3.18
CA GLY B 52 5.99 -3.39 -4.00
C GLY B 52 6.33 -3.41 -5.48
N ASP B 53 7.60 -3.20 -5.81
CA ASP B 53 8.04 -3.20 -7.21
C ASP B 53 7.72 -4.55 -7.85
N GLY B 54 8.01 -5.61 -7.10
CA GLY B 54 7.75 -6.95 -7.56
C GLY B 54 6.26 -7.17 -7.78
N VAL B 55 5.49 -6.93 -6.72
CA VAL B 55 4.03 -7.09 -6.77
C VAL B 55 3.42 -6.27 -7.90
N GLN B 56 3.96 -5.07 -8.11
CA GLN B 56 3.50 -4.16 -9.15
C GLN B 56 3.61 -4.80 -10.54
N ARG B 57 4.79 -5.29 -10.87
CA ARG B 57 5.01 -5.90 -12.18
C ARG B 57 4.35 -7.27 -12.26
N ASN B 58 4.34 -7.97 -11.13
CA ASN B 58 3.76 -9.30 -11.02
C ASN B 58 2.26 -9.28 -11.33
N HIS B 59 1.61 -8.18 -11.02
CA HIS B 59 0.17 -8.04 -11.27
C HIS B 59 -0.09 -6.76 -12.05
N GLU B 60 0.88 -6.37 -12.86
CA GLU B 60 0.80 -5.15 -13.66
C GLU B 60 -0.42 -5.14 -14.57
N THR B 61 -0.62 -6.24 -15.30
CA THR B 61 -1.74 -6.36 -16.21
C THR B 61 -3.08 -6.25 -15.46
N ALA B 62 -3.10 -6.74 -14.22
CA ALA B 62 -4.29 -6.71 -13.40
C ALA B 62 -4.57 -5.30 -12.89
N PHE B 63 -3.51 -4.63 -12.41
CA PHE B 63 -3.64 -3.27 -11.88
C PHE B 63 -4.18 -2.31 -12.93
N GLN B 64 -3.82 -2.54 -14.19
CA GLN B 64 -4.27 -1.70 -15.29
C GLN B 64 -5.79 -1.81 -15.45
N GLY B 65 -6.36 -2.90 -14.99
CA GLY B 65 -7.80 -3.09 -15.09
C GLY B 65 -8.55 -2.10 -14.21
N MET B 66 -8.17 -2.04 -12.95
CA MET B 66 -8.81 -1.14 -12.00
C MET B 66 -8.36 0.29 -12.23
N LEU B 67 -7.16 0.46 -12.78
CA LEU B 67 -6.60 1.78 -13.07
C LEU B 67 -7.56 2.66 -13.86
N ARG B 68 -8.21 2.08 -14.86
CA ARG B 68 -9.15 2.83 -15.68
C ARG B 68 -10.54 2.88 -15.06
N LYS B 69 -10.83 1.97 -14.14
CA LYS B 69 -12.15 1.94 -13.51
C LYS B 69 -12.30 3.11 -12.54
N LEU B 70 -11.30 3.31 -11.68
CA LEU B 70 -11.34 4.40 -10.72
C LEU B 70 -11.18 5.73 -11.46
N ASP B 71 -11.87 6.76 -11.00
CA ASP B 71 -11.76 8.07 -11.63
C ASP B 71 -10.49 8.73 -11.16
N ILE B 72 -9.36 8.27 -11.69
CA ILE B 72 -8.07 8.84 -11.33
C ILE B 72 -7.81 10.05 -12.21
N LYS B 73 -8.71 11.02 -12.09
CA LYS B 73 -8.67 12.26 -12.84
C LYS B 73 -9.13 13.41 -11.96
N ASN B 74 -10.28 13.22 -11.33
CA ASN B 74 -10.86 14.21 -10.44
C ASN B 74 -10.46 13.91 -9.01
N GLU B 75 -10.94 14.71 -8.06
CA GLU B 75 -10.63 14.49 -6.64
C GLU B 75 -11.20 13.14 -6.20
N GLY B 76 -12.15 12.67 -6.99
CA GLY B 76 -12.79 11.40 -6.76
C GLY B 76 -11.82 10.23 -6.77
N ASP B 77 -10.60 10.45 -7.26
CA ASP B 77 -9.58 9.40 -7.30
C ASP B 77 -9.29 8.86 -5.90
N VAL B 78 -8.99 9.77 -4.97
CA VAL B 78 -8.71 9.39 -3.60
C VAL B 78 -9.96 8.83 -2.92
N LYS B 79 -11.12 9.32 -3.36
CA LYS B 79 -12.40 8.87 -2.82
C LYS B 79 -12.75 7.49 -3.35
N SER B 80 -12.30 7.17 -4.55
CA SER B 80 -12.58 5.87 -5.14
C SER B 80 -11.63 4.83 -4.58
N PHE B 81 -10.41 5.27 -4.30
CA PHE B 81 -9.40 4.37 -3.76
C PHE B 81 -9.79 3.94 -2.35
N SER B 82 -10.40 4.86 -1.61
CA SER B 82 -10.84 4.56 -0.26
C SER B 82 -12.04 3.61 -0.30
N ARG B 83 -12.91 3.80 -1.29
CA ARG B 83 -14.10 2.96 -1.45
C ARG B 83 -13.72 1.55 -1.86
N VAL B 84 -12.70 1.41 -2.71
CA VAL B 84 -12.28 0.09 -3.15
C VAL B 84 -11.60 -0.65 -2.00
N MET B 85 -10.85 0.08 -1.18
CA MET B 85 -10.15 -0.50 -0.03
C MET B 85 -11.14 -1.17 0.92
N VAL B 86 -12.21 -0.46 1.24
CA VAL B 86 -13.25 -0.97 2.13
C VAL B 86 -13.83 -2.26 1.56
N HIS B 87 -13.95 -2.31 0.24
CA HIS B 87 -14.48 -3.49 -0.44
C HIS B 87 -13.49 -4.65 -0.43
N VAL B 88 -12.20 -4.33 -0.48
CA VAL B 88 -11.17 -5.37 -0.46
C VAL B 88 -11.11 -6.03 0.91
N PHE B 89 -11.18 -5.22 1.96
CA PHE B 89 -11.14 -5.73 3.33
C PHE B 89 -12.50 -6.20 3.81
N LYS B 90 -13.44 -6.36 2.87
CA LYS B 90 -14.80 -6.82 3.18
C LYS B 90 -14.80 -8.22 3.77
N ASP B 91 -13.83 -9.03 3.37
CA ASP B 91 -13.75 -10.41 3.84
C ASP B 91 -13.10 -10.49 5.21
N GLY B 92 -12.70 -9.34 5.74
CA GLY B 92 -12.08 -9.31 7.05
C GLY B 92 -10.61 -9.68 7.01
N VAL B 93 -10.18 -10.27 5.90
CA VAL B 93 -8.79 -10.67 5.75
C VAL B 93 -7.88 -9.46 5.63
N THR B 94 -7.28 -9.10 6.76
CA THR B 94 -6.38 -7.97 6.82
C THR B 94 -4.93 -8.40 6.66
N ASN B 95 -4.72 -9.71 6.46
CA ASN B 95 -3.37 -10.27 6.28
C ASN B 95 -2.46 -9.37 5.45
N TRP B 96 -1.19 -9.24 5.84
CA TRP B 96 -0.24 -8.35 5.18
C TRP B 96 -0.34 -8.33 3.65
N GLY B 97 -0.58 -9.49 3.05
CA GLY B 97 -0.71 -9.57 1.60
C GLY B 97 -1.68 -8.54 1.02
N ARG B 98 -2.70 -8.18 1.79
CA ARG B 98 -3.68 -7.19 1.34
C ARG B 98 -3.09 -5.78 1.33
N ILE B 99 -2.56 -5.35 2.48
CA ILE B 99 -1.99 -4.02 2.62
C ILE B 99 -0.92 -3.76 1.57
N VAL B 100 0.01 -4.70 1.42
CA VAL B 100 1.09 -4.57 0.46
C VAL B 100 0.55 -4.43 -0.97
N THR B 101 -0.52 -5.17 -1.27
CA THR B 101 -1.13 -5.13 -2.59
C THR B 101 -1.81 -3.78 -2.82
N LEU B 102 -2.51 -3.28 -1.80
CA LEU B 102 -3.20 -1.99 -1.91
C LEU B 102 -2.20 -0.89 -2.19
N ILE B 103 -1.07 -0.92 -1.49
CA ILE B 103 -0.04 0.09 -1.69
C ILE B 103 0.62 -0.10 -3.06
N SER B 104 0.87 -1.35 -3.44
CA SER B 104 1.48 -1.66 -4.72
C SER B 104 0.61 -1.11 -5.86
N PHE B 105 -0.68 -1.37 -5.77
CA PHE B 105 -1.64 -0.92 -6.77
C PHE B 105 -1.77 0.61 -6.73
N GLY B 106 -1.95 1.15 -5.53
CA GLY B 106 -2.09 2.59 -5.38
C GLY B 106 -0.91 3.34 -5.94
N ALA B 107 0.27 2.76 -5.77
CA ALA B 107 1.49 3.38 -6.26
C ALA B 107 1.58 3.24 -7.77
N PHE B 108 1.11 2.10 -8.30
CA PHE B 108 1.13 1.89 -9.74
C PHE B 108 0.29 2.97 -10.41
N VAL B 109 -0.84 3.26 -9.77
CA VAL B 109 -1.75 4.28 -10.24
C VAL B 109 -1.11 5.66 -10.07
N ALA B 110 -0.54 5.88 -8.89
CA ALA B 110 0.12 7.13 -8.55
C ALA B 110 1.21 7.50 -9.56
N LYS B 111 1.88 6.50 -10.11
CA LYS B 111 2.93 6.74 -11.08
C LYS B 111 2.37 7.36 -12.36
N HIS B 112 1.19 6.89 -12.76
CA HIS B 112 0.55 7.42 -13.96
C HIS B 112 0.01 8.80 -13.64
N LEU B 113 -0.37 8.98 -12.37
CA LEU B 113 -0.90 10.22 -11.87
C LEU B 113 0.19 11.28 -11.81
N LYS B 114 1.38 10.87 -11.42
CA LYS B 114 2.51 11.77 -11.33
C LYS B 114 2.98 12.11 -12.74
N SER B 115 3.00 11.11 -13.61
CA SER B 115 3.41 11.28 -14.99
C SER B 115 2.39 12.10 -15.78
N VAL B 116 1.21 12.29 -15.21
CA VAL B 116 0.18 13.08 -15.87
C VAL B 116 0.08 14.46 -15.21
N ASN B 117 1.13 14.79 -14.46
CA ASN B 117 1.26 16.06 -13.74
C ASN B 117 0.14 16.32 -12.75
N GLN B 118 -0.36 15.27 -12.13
CA GLN B 118 -1.43 15.39 -11.16
C GLN B 118 -0.85 15.18 -9.76
N GLU B 119 0.28 15.84 -9.54
CA GLU B 119 1.04 15.80 -8.30
C GLU B 119 0.18 16.11 -7.08
N SER B 120 -0.83 16.95 -7.27
CA SER B 120 -1.72 17.37 -6.19
C SER B 120 -2.61 16.22 -5.69
N PHE B 121 -2.66 15.11 -6.42
CA PHE B 121 -3.48 13.98 -5.98
C PHE B 121 -2.62 12.81 -5.52
N ILE B 122 -1.44 12.63 -6.10
CA ILE B 122 -0.57 11.52 -5.71
C ILE B 122 -0.14 11.65 -4.26
N GLU B 123 0.13 12.88 -3.83
CA GLU B 123 0.54 13.13 -2.45
C GLU B 123 -0.58 12.71 -1.48
N PRO B 124 -1.80 13.29 -1.59
CA PRO B 124 -2.93 12.93 -0.71
C PRO B 124 -3.32 11.46 -0.83
N LEU B 125 -2.93 10.79 -1.92
CA LEU B 125 -3.25 9.37 -2.09
C LEU B 125 -2.62 8.57 -0.96
N ALA B 126 -1.35 8.87 -0.68
CA ALA B 126 -0.63 8.21 0.39
C ALA B 126 -1.34 8.44 1.72
N GLU B 127 -1.79 9.68 1.90
CA GLU B 127 -2.51 10.07 3.11
C GLU B 127 -3.86 9.36 3.19
N THR B 128 -4.47 9.13 2.03
CA THR B 128 -5.75 8.44 1.97
C THR B 128 -5.59 6.97 2.38
N ILE B 129 -4.50 6.36 1.93
CA ILE B 129 -4.22 4.97 2.25
C ILE B 129 -3.96 4.79 3.75
N THR B 130 -3.08 5.62 4.30
CA THR B 130 -2.76 5.56 5.72
C THR B 130 -3.96 5.87 6.60
N ASP B 131 -4.78 6.83 6.17
CA ASP B 131 -5.95 7.24 6.94
C ASP B 131 -6.95 6.11 7.09
N VAL B 132 -7.38 5.54 5.96
CA VAL B 132 -8.36 4.46 5.98
C VAL B 132 -7.82 3.18 6.62
N LEU B 133 -6.58 2.83 6.29
CA LEU B 133 -5.96 1.62 6.81
C LEU B 133 -5.89 1.62 8.34
N VAL B 134 -5.21 2.62 8.89
CA VAL B 134 -5.05 2.73 10.33
C VAL B 134 -6.40 2.93 11.03
N ARG B 135 -7.26 3.72 10.43
CA ARG B 135 -8.58 4.00 10.98
C ARG B 135 -9.42 2.72 11.12
N THR B 136 -9.15 1.74 10.27
CA THR B 136 -9.90 0.51 10.28
C THR B 136 -9.24 -0.63 11.07
N LYS B 137 -7.96 -0.92 10.82
CA LYS B 137 -7.30 -2.04 11.49
C LYS B 137 -6.08 -1.62 12.31
N ARG B 138 -6.19 -0.50 13.02
CA ARG B 138 -5.09 -0.01 13.86
C ARG B 138 -4.63 -1.07 14.86
N ASP B 139 -5.59 -1.76 15.46
CA ASP B 139 -5.30 -2.81 16.44
C ASP B 139 -4.53 -3.98 15.83
N TRP B 140 -4.94 -4.38 14.63
CA TRP B 140 -4.30 -5.48 13.92
C TRP B 140 -2.83 -5.18 13.66
N LEU B 141 -2.56 -3.92 13.35
CA LEU B 141 -1.22 -3.45 13.06
C LEU B 141 -0.34 -3.42 14.33
N VAL B 142 -0.82 -2.75 15.37
CA VAL B 142 -0.05 -2.64 16.61
C VAL B 142 0.29 -3.99 17.24
N LYS B 143 -0.57 -4.99 17.05
CA LYS B 143 -0.31 -6.32 17.60
C LYS B 143 0.89 -6.98 16.96
N GLN B 144 1.27 -6.50 15.77
CA GLN B 144 2.41 -7.03 15.05
C GLN B 144 3.55 -6.02 15.07
N ARG B 145 3.48 -5.08 16.01
CA ARG B 145 4.48 -4.04 16.17
C ARG B 145 4.45 -3.06 15.00
N GLY B 146 3.28 -2.95 14.38
CA GLY B 146 3.10 -2.06 13.26
C GLY B 146 3.80 -2.52 12.02
N TRP B 147 4.56 -1.62 11.43
CA TRP B 147 5.30 -1.91 10.20
C TRP B 147 6.50 -2.81 10.47
N ASP B 148 6.93 -2.90 11.72
CA ASP B 148 8.09 -3.73 12.07
C ASP B 148 7.80 -5.19 11.74
N GLY B 149 6.59 -5.63 12.06
CA GLY B 149 6.18 -6.99 11.77
C GLY B 149 6.13 -7.23 10.27
N PHE B 150 5.68 -6.21 9.55
CA PHE B 150 5.60 -6.26 8.10
C PHE B 150 6.99 -6.36 7.50
N VAL B 151 7.91 -5.61 8.08
CA VAL B 151 9.29 -5.59 7.62
C VAL B 151 9.93 -6.96 7.73
N GLU B 152 9.87 -7.57 8.91
CA GLU B 152 10.48 -8.87 9.08
C GLU B 152 9.71 -9.97 8.33
N PHE B 153 8.42 -9.77 8.10
CA PHE B 153 7.64 -10.77 7.38
C PHE B 153 7.98 -10.71 5.88
N PHE B 154 8.40 -9.56 5.40
CA PHE B 154 8.73 -9.41 3.98
C PHE B 154 10.23 -9.18 3.79
N HIS B 155 10.96 -9.13 4.89
CA HIS B 155 12.42 -8.94 4.89
C HIS B 155 13.08 -9.98 4.00
N VAL B 156 12.56 -11.19 4.07
CA VAL B 156 13.06 -12.29 3.26
C VAL B 156 12.23 -12.33 1.99
N GLN B 157 12.89 -12.22 0.85
CA GLN B 157 12.23 -12.23 -0.43
C GLN B 157 13.05 -12.93 -1.50
N ASP B 158 12.36 -13.40 -2.52
CA ASP B 158 13.00 -14.12 -3.62
C ASP B 158 13.67 -13.09 -4.53
N LEU B 159 14.91 -13.36 -4.91
CA LEU B 159 15.65 -12.42 -5.75
C LEU B 159 15.76 -12.91 -7.19
N GLU B 160 15.19 -14.06 -7.48
CA GLU B 160 15.26 -14.61 -8.82
C GLU B 160 13.95 -14.40 -9.56
N GLY B 161 12.83 -14.57 -8.88
CA GLY B 161 11.55 -14.39 -9.51
C GLY B 161 10.64 -13.45 -8.75
N GLY B 162 9.53 -13.99 -8.25
CA GLY B 162 8.58 -13.21 -7.50
C GLY B 162 7.38 -14.06 -7.17
N PRO A 1 -21.06 2.71 -6.94
CA PRO A 1 -21.25 1.83 -5.76
C PRO A 1 -20.47 0.51 -5.91
N ALA A 2 -21.00 -0.39 -6.75
CA ALA A 2 -20.36 -1.69 -6.98
C ALA A 2 -19.71 -1.70 -8.35
N ASP A 3 -19.33 -0.52 -8.79
CA ASP A 3 -18.68 -0.29 -10.07
C ASP A 3 -17.35 -1.03 -10.14
N LEU A 4 -16.57 -0.90 -9.10
CA LEU A 4 -15.27 -1.53 -8.99
C LEU A 4 -15.38 -2.98 -8.49
N LYS A 5 -16.45 -3.65 -8.89
CA LYS A 5 -16.71 -5.03 -8.50
C LYS A 5 -15.56 -5.92 -8.97
N ASP A 6 -15.05 -5.61 -10.15
CA ASP A 6 -13.97 -6.36 -10.76
C ASP A 6 -12.65 -6.07 -10.07
N GLU A 7 -12.46 -4.79 -9.73
CA GLU A 7 -11.25 -4.33 -9.06
C GLU A 7 -11.08 -5.02 -7.72
N CYS A 8 -12.12 -5.02 -6.90
CA CYS A 8 -12.02 -5.65 -5.59
C CYS A 8 -11.90 -7.16 -5.71
N ALA A 9 -12.48 -7.75 -6.76
CA ALA A 9 -12.41 -9.19 -6.95
C ALA A 9 -10.97 -9.58 -7.27
N GLN A 10 -10.37 -8.87 -8.21
CA GLN A 10 -9.00 -9.13 -8.62
C GLN A 10 -8.00 -8.73 -7.54
N LEU A 11 -8.14 -7.52 -7.00
CA LEU A 11 -7.23 -6.99 -5.98
C LEU A 11 -7.05 -7.96 -4.81
N ARG A 12 -8.13 -8.57 -4.35
CA ARG A 12 -8.05 -9.52 -3.25
C ARG A 12 -7.24 -10.74 -3.64
N ARG A 13 -7.46 -11.24 -4.86
CA ARG A 13 -6.75 -12.40 -5.36
C ARG A 13 -5.28 -12.10 -5.60
N ILE A 14 -4.97 -10.82 -5.83
CA ILE A 14 -3.59 -10.41 -6.07
C ILE A 14 -2.83 -10.46 -4.75
N GLY A 15 -3.40 -9.81 -3.73
CA GLY A 15 -2.79 -9.74 -2.42
C GLY A 15 -2.66 -11.09 -1.72
N ASP A 16 -3.70 -11.90 -1.82
CA ASP A 16 -3.69 -13.22 -1.19
C ASP A 16 -2.56 -14.09 -1.71
N LYS A 17 -2.24 -13.97 -3.00
CA LYS A 17 -1.16 -14.74 -3.59
C LYS A 17 0.19 -14.29 -3.04
N VAL A 18 0.34 -12.98 -2.88
CA VAL A 18 1.58 -12.42 -2.37
C VAL A 18 1.80 -12.89 -0.93
N ASN A 19 0.74 -12.87 -0.14
CA ASN A 19 0.83 -13.30 1.24
C ASN A 19 1.13 -14.79 1.34
N LEU A 20 0.42 -15.59 0.54
CA LEU A 20 0.61 -17.04 0.53
C LEU A 20 2.06 -17.40 0.19
N ARG A 21 2.57 -16.76 -0.86
CA ARG A 21 3.93 -17.00 -1.32
C ARG A 21 4.95 -16.70 -0.23
N GLN A 22 4.91 -15.48 0.28
CA GLN A 22 5.83 -15.04 1.31
C GLN A 22 5.63 -15.79 2.63
N LYS A 23 4.42 -16.25 2.88
CA LYS A 23 4.13 -16.99 4.11
C LYS A 23 4.99 -18.25 4.15
N LEU A 24 4.99 -19.02 3.07
CA LEU A 24 5.79 -20.24 3.00
C LEU A 24 7.28 -19.91 2.96
N LEU A 25 7.60 -18.75 2.40
CA LEU A 25 8.97 -18.28 2.32
C LEU A 25 9.45 -17.90 3.72
N ASN A 26 8.50 -17.49 4.54
CA ASN A 26 8.76 -17.11 5.92
C ASN A 26 8.86 -18.36 6.80
N MET A 27 7.83 -19.18 6.73
CA MET A 27 7.74 -20.41 7.51
C MET A 27 6.96 -21.47 6.74
N GLY B 1 2.05 9.84 31.36
CA GLY B 1 0.95 10.79 31.07
C GLY B 1 -0.18 10.11 30.32
N PRO B 2 -1.36 10.73 30.22
CA PRO B 2 -2.51 10.15 29.53
C PRO B 2 -2.38 10.19 28.00
N LEU B 3 -1.49 9.37 27.46
CA LEU B 3 -1.27 9.31 26.03
C LEU B 3 -2.27 8.37 25.37
N GLY B 4 -3.51 8.83 25.26
CA GLY B 4 -4.55 8.02 24.64
C GLY B 4 -4.66 8.29 23.16
N SER B 5 -3.51 8.38 22.50
CA SER B 5 -3.45 8.64 21.07
C SER B 5 -2.26 7.90 20.47
N GLU B 6 -2.54 6.96 19.58
CA GLU B 6 -1.51 6.18 18.93
C GLU B 6 -1.33 6.67 17.50
N ASP B 7 -1.16 7.97 17.36
CA ASP B 7 -0.98 8.61 16.06
C ASP B 7 0.44 8.47 15.55
N ASP B 8 1.30 7.83 16.34
CA ASP B 8 2.68 7.62 15.96
C ASP B 8 2.75 6.62 14.80
N LEU B 9 1.87 5.62 14.85
CA LEU B 9 1.81 4.60 13.81
C LEU B 9 1.34 5.26 12.51
N TYR B 10 0.39 6.19 12.65
CA TYR B 10 -0.16 6.92 11.52
C TYR B 10 0.90 7.83 10.92
N ARG B 11 1.76 8.38 11.77
CA ARG B 11 2.82 9.25 11.31
C ARG B 11 3.84 8.44 10.52
N GLN B 12 4.11 7.21 10.97
CA GLN B 12 5.03 6.33 10.26
C GLN B 12 4.47 6.06 8.87
N SER B 13 3.28 5.48 8.84
CA SER B 13 2.60 5.13 7.59
C SER B 13 2.52 6.33 6.66
N LEU B 14 2.25 7.49 7.23
CA LEU B 14 2.15 8.73 6.47
C LEU B 14 3.43 8.96 5.69
N GLU B 15 4.56 8.96 6.39
CA GLU B 15 5.85 9.19 5.78
C GLU B 15 6.31 8.01 4.91
N ILE B 16 6.19 6.80 5.45
CA ILE B 16 6.61 5.58 4.74
C ILE B 16 5.88 5.44 3.40
N ILE B 17 4.56 5.59 3.42
CA ILE B 17 3.77 5.46 2.20
C ILE B 17 4.01 6.63 1.24
N SER B 18 3.99 7.85 1.76
CA SER B 18 4.20 9.03 0.94
C SER B 18 5.58 8.98 0.26
N ARG B 19 6.60 8.61 1.02
CA ARG B 19 7.95 8.54 0.48
C ARG B 19 8.03 7.45 -0.59
N TYR B 20 7.26 6.37 -0.39
CA TYR B 20 7.24 5.27 -1.35
C TYR B 20 6.63 5.73 -2.68
N LEU B 21 5.45 6.32 -2.61
CA LEU B 21 4.77 6.78 -3.82
C LEU B 21 5.55 7.88 -4.52
N ARG B 22 6.17 8.78 -3.76
CA ARG B 22 6.93 9.87 -4.36
C ARG B 22 8.06 9.37 -5.25
N GLU B 23 8.88 8.44 -4.73
CA GLU B 23 9.99 7.91 -5.51
C GLU B 23 9.48 7.06 -6.67
N GLN B 24 8.50 6.21 -6.41
CA GLN B 24 7.93 5.34 -7.45
C GLN B 24 7.30 6.14 -8.57
N ALA B 25 6.51 7.14 -8.22
CA ALA B 25 5.84 7.98 -9.22
C ALA B 25 6.83 8.76 -10.06
N THR B 26 7.86 9.30 -9.42
CA THR B 26 8.87 10.08 -10.13
C THR B 26 9.72 9.20 -11.03
N GLY B 27 10.08 8.02 -10.53
CA GLY B 27 10.88 7.07 -11.30
C GLY B 27 12.37 7.37 -11.24
N SER B 28 12.71 8.59 -10.86
CA SER B 28 14.09 9.03 -10.75
C SER B 28 14.21 10.06 -9.63
N LYS B 29 14.50 9.58 -8.43
CA LYS B 29 14.63 10.43 -7.27
C LYS B 29 15.63 9.86 -6.28
N ASP B 30 16.35 10.76 -5.62
CA ASP B 30 17.34 10.40 -4.62
C ASP B 30 16.63 9.98 -3.34
N SER B 31 16.92 8.76 -2.90
CA SER B 31 16.31 8.22 -1.69
C SER B 31 16.86 8.93 -0.45
N LYS B 32 15.97 9.19 0.50
CA LYS B 32 16.35 9.86 1.74
C LYS B 32 15.76 9.13 2.95
N PRO B 33 16.45 9.17 4.09
CA PRO B 33 16.00 8.51 5.33
C PRO B 33 14.73 9.14 5.89
N LEU B 34 13.96 8.33 6.60
CA LEU B 34 12.71 8.78 7.20
C LEU B 34 12.98 9.34 8.59
N GLY B 35 12.36 10.48 8.89
CA GLY B 35 12.57 11.13 10.17
C GLY B 35 11.56 10.74 11.23
N GLU B 36 10.28 10.72 10.88
CA GLU B 36 9.24 10.38 11.83
C GLU B 36 9.06 8.88 11.95
N ALA B 37 9.14 8.19 10.82
CA ALA B 37 8.99 6.74 10.81
C ALA B 37 10.20 6.07 11.44
N GLY B 38 11.32 6.79 11.43
CA GLY B 38 12.56 6.33 12.03
C GLY B 38 13.11 5.05 11.43
N ALA B 39 13.72 4.24 12.29
CA ALA B 39 14.33 2.96 11.91
C ALA B 39 13.30 2.00 11.30
N ALA B 40 12.07 2.05 11.80
CA ALA B 40 11.02 1.19 11.28
C ALA B 40 10.64 1.63 9.88
N GLY B 41 10.63 2.94 9.67
CA GLY B 41 10.29 3.47 8.36
C GLY B 41 11.36 3.15 7.34
N ARG B 42 12.61 3.23 7.76
CA ARG B 42 13.75 2.93 6.90
C ARG B 42 13.62 1.49 6.41
N ARG B 43 13.25 0.62 7.33
CA ARG B 43 13.07 -0.79 7.03
C ARG B 43 11.81 -1.04 6.22
N ALA B 44 10.71 -0.41 6.62
CA ALA B 44 9.44 -0.56 5.93
C ALA B 44 9.49 0.01 4.53
N LEU B 45 10.13 1.16 4.35
CA LEU B 45 10.23 1.78 3.04
C LEU B 45 10.99 0.87 2.07
N GLU B 46 11.98 0.17 2.60
CA GLU B 46 12.78 -0.76 1.83
C GLU B 46 11.92 -1.95 1.43
N THR B 47 11.21 -2.50 2.41
CA THR B 47 10.33 -3.64 2.19
C THR B 47 9.17 -3.25 1.27
N LEU B 48 8.62 -2.08 1.53
CA LEU B 48 7.50 -1.55 0.77
C LEU B 48 7.85 -1.40 -0.70
N ARG B 49 9.01 -0.86 -1.01
CA ARG B 49 9.41 -0.69 -2.41
C ARG B 49 9.82 -2.02 -3.04
N ARG B 50 10.38 -2.91 -2.24
CA ARG B 50 10.81 -4.20 -2.74
C ARG B 50 9.60 -5.11 -2.99
N VAL B 51 8.73 -5.20 -2.00
CA VAL B 51 7.54 -6.03 -2.12
C VAL B 51 6.51 -5.37 -3.04
N GLY B 52 6.32 -4.07 -2.86
CA GLY B 52 5.36 -3.33 -3.66
C GLY B 52 5.67 -3.35 -5.14
N ASP B 53 6.90 -3.04 -5.50
CA ASP B 53 7.30 -3.04 -6.91
C ASP B 53 7.15 -4.45 -7.49
N GLY B 54 7.32 -5.45 -6.63
CA GLY B 54 7.17 -6.82 -7.05
C GLY B 54 5.73 -7.11 -7.40
N VAL B 55 4.83 -6.67 -6.53
CA VAL B 55 3.39 -6.84 -6.72
C VAL B 55 2.94 -6.10 -7.98
N GLN B 56 3.46 -4.88 -8.15
CA GLN B 56 3.15 -4.04 -9.30
C GLN B 56 3.38 -4.78 -10.61
N ARG B 57 4.58 -5.33 -10.77
CA ARG B 57 4.92 -6.07 -11.98
C ARG B 57 4.25 -7.43 -12.03
N ASN B 58 3.98 -8.00 -10.86
CA ASN B 58 3.34 -9.31 -10.74
C ASN B 58 2.00 -9.32 -11.50
N HIS B 59 1.20 -8.30 -11.30
CA HIS B 59 -0.09 -8.19 -11.97
C HIS B 59 -0.30 -6.80 -12.54
N GLU B 60 0.72 -6.33 -13.26
CA GLU B 60 0.68 -5.01 -13.87
C GLU B 60 -0.54 -4.89 -14.79
N THR B 61 -0.84 -5.98 -15.46
CA THR B 61 -1.97 -6.07 -16.38
C THR B 61 -3.29 -5.75 -15.68
N ALA B 62 -3.44 -6.30 -14.48
CA ALA B 62 -4.65 -6.09 -13.70
C ALA B 62 -4.77 -4.64 -13.27
N PHE B 63 -3.71 -4.13 -12.67
CA PHE B 63 -3.69 -2.75 -12.18
C PHE B 63 -4.02 -1.74 -13.27
N GLN B 64 -3.49 -1.95 -14.47
CA GLN B 64 -3.74 -1.05 -15.60
C GLN B 64 -5.23 -0.94 -15.91
N GLY B 65 -5.92 -2.07 -15.96
CA GLY B 65 -7.33 -2.06 -16.25
C GLY B 65 -8.16 -1.61 -15.06
N MET B 66 -7.71 -2.00 -13.88
CA MET B 66 -8.39 -1.66 -12.63
C MET B 66 -8.34 -0.16 -12.33
N LEU B 67 -7.17 0.45 -12.44
CA LEU B 67 -7.05 1.88 -12.15
C LEU B 67 -7.82 2.70 -13.17
N ARG B 68 -7.96 2.14 -14.38
CA ARG B 68 -8.68 2.80 -15.45
C ARG B 68 -10.17 2.92 -15.14
N LYS B 69 -10.68 2.02 -14.32
CA LYS B 69 -12.10 2.04 -13.98
C LYS B 69 -12.41 2.97 -12.81
N LEU B 70 -11.41 3.24 -11.96
CA LEU B 70 -11.62 4.15 -10.83
C LEU B 70 -11.84 5.57 -11.36
N ASP B 71 -12.70 6.32 -10.69
CA ASP B 71 -13.01 7.70 -11.07
C ASP B 71 -11.92 8.66 -10.60
N ILE B 72 -10.68 8.32 -10.92
CA ILE B 72 -9.53 9.13 -10.56
C ILE B 72 -9.42 10.34 -11.49
N LYS B 73 -10.08 11.42 -11.13
CA LYS B 73 -10.04 12.62 -11.96
C LYS B 73 -9.85 13.86 -11.08
N ASN B 74 -10.68 13.96 -10.05
CA ASN B 74 -10.63 15.08 -9.12
C ASN B 74 -10.42 14.56 -7.71
N GLU B 75 -10.48 15.45 -6.72
CA GLU B 75 -10.29 15.12 -5.30
C GLU B 75 -11.09 13.88 -4.86
N GLY B 76 -12.14 13.56 -5.61
CA GLY B 76 -12.97 12.40 -5.32
C GLY B 76 -12.22 11.09 -5.53
N ASP B 77 -11.07 11.16 -6.18
CA ASP B 77 -10.24 9.99 -6.49
C ASP B 77 -9.85 9.23 -5.22
N VAL B 78 -9.46 9.96 -4.19
CA VAL B 78 -9.08 9.35 -2.93
C VAL B 78 -10.28 8.64 -2.29
N LYS B 79 -11.48 9.15 -2.55
CA LYS B 79 -12.68 8.54 -2.02
C LYS B 79 -12.99 7.29 -2.83
N SER B 80 -12.65 7.34 -4.11
CA SER B 80 -12.85 6.21 -5.01
C SER B 80 -11.96 5.06 -4.54
N PHE B 81 -10.74 5.40 -4.14
CA PHE B 81 -9.79 4.42 -3.66
C PHE B 81 -10.30 3.82 -2.34
N SER B 82 -10.99 4.65 -1.56
CA SER B 82 -11.55 4.20 -0.30
C SER B 82 -12.72 3.26 -0.55
N ARG B 83 -13.42 3.50 -1.66
CA ARG B 83 -14.57 2.68 -2.05
C ARG B 83 -14.11 1.27 -2.40
N VAL B 84 -12.96 1.14 -3.04
CA VAL B 84 -12.44 -0.18 -3.38
C VAL B 84 -11.80 -0.80 -2.13
N MET B 85 -11.17 0.04 -1.32
CA MET B 85 -10.50 -0.37 -0.08
C MET B 85 -11.45 -1.19 0.80
N VAL B 86 -12.62 -0.62 1.08
CA VAL B 86 -13.62 -1.29 1.92
C VAL B 86 -14.05 -2.62 1.30
N HIS B 87 -14.25 -2.63 0.00
CA HIS B 87 -14.67 -3.84 -0.70
C HIS B 87 -13.58 -4.92 -0.69
N VAL B 88 -12.32 -4.51 -0.72
CA VAL B 88 -11.22 -5.47 -0.72
C VAL B 88 -11.02 -6.10 0.65
N PHE B 89 -11.21 -5.33 1.70
CA PHE B 89 -11.03 -5.85 3.05
C PHE B 89 -12.36 -6.25 3.67
N LYS B 90 -13.33 -6.55 2.82
CA LYS B 90 -14.65 -6.96 3.25
C LYS B 90 -14.63 -8.37 3.81
N ASP B 91 -13.72 -9.19 3.28
CA ASP B 91 -13.59 -10.60 3.71
C ASP B 91 -12.97 -10.69 5.10
N GLY B 92 -12.32 -9.62 5.53
CA GLY B 92 -11.70 -9.63 6.83
C GLY B 92 -10.22 -9.99 6.77
N VAL B 93 -9.79 -10.56 5.64
CA VAL B 93 -8.40 -10.94 5.48
C VAL B 93 -7.54 -9.70 5.39
N THR B 94 -6.92 -9.34 6.51
CA THR B 94 -6.08 -8.15 6.56
C THR B 94 -4.61 -8.49 6.37
N ASN B 95 -4.31 -9.77 6.15
CA ASN B 95 -2.94 -10.26 5.95
C ASN B 95 -2.09 -9.28 5.15
N TRP B 96 -0.86 -8.98 5.62
CA TRP B 96 -0.01 -8.00 4.95
C TRP B 96 -0.02 -8.09 3.43
N GLY B 97 0.01 -9.32 2.90
CA GLY B 97 0.00 -9.53 1.47
C GLY B 97 -1.09 -8.75 0.75
N ARG B 98 -2.29 -8.76 1.31
CA ARG B 98 -3.41 -8.05 0.70
C ARG B 98 -3.25 -6.55 0.90
N ILE B 99 -2.82 -6.15 2.10
CA ILE B 99 -2.62 -4.73 2.44
C ILE B 99 -1.52 -4.09 1.61
N VAL B 100 -0.37 -4.75 1.57
CA VAL B 100 0.78 -4.24 0.83
C VAL B 100 0.45 -4.15 -0.66
N THR B 101 -0.48 -4.98 -1.12
CA THR B 101 -0.91 -4.97 -2.51
C THR B 101 -1.73 -3.70 -2.79
N LEU B 102 -2.46 -3.23 -1.78
CA LEU B 102 -3.24 -2.00 -1.92
C LEU B 102 -2.30 -0.84 -2.18
N ILE B 103 -1.20 -0.84 -1.46
CA ILE B 103 -0.18 0.19 -1.62
C ILE B 103 0.47 0.02 -2.98
N SER B 104 0.75 -1.23 -3.34
CA SER B 104 1.36 -1.55 -4.63
C SER B 104 0.48 -0.99 -5.76
N PHE B 105 -0.82 -1.22 -5.65
CA PHE B 105 -1.77 -0.73 -6.64
C PHE B 105 -1.87 0.78 -6.61
N GLY B 106 -2.02 1.34 -5.42
CA GLY B 106 -2.12 2.78 -5.27
C GLY B 106 -0.91 3.50 -5.82
N ALA B 107 0.24 2.86 -5.68
CA ALA B 107 1.49 3.43 -6.17
C ALA B 107 1.56 3.29 -7.69
N PHE B 108 0.90 2.28 -8.22
CA PHE B 108 0.88 2.08 -9.67
C PHE B 108 -0.06 3.12 -10.27
N VAL B 109 -1.09 3.48 -9.51
CA VAL B 109 -2.03 4.50 -9.92
C VAL B 109 -1.29 5.83 -9.93
N ALA B 110 -0.49 6.03 -8.88
CA ALA B 110 0.32 7.22 -8.72
C ALA B 110 1.29 7.34 -9.88
N LYS B 111 1.73 6.19 -10.38
CA LYS B 111 2.65 6.13 -11.51
C LYS B 111 1.98 6.80 -12.70
N HIS B 112 0.73 6.40 -12.96
CA HIS B 112 -0.05 6.97 -14.05
C HIS B 112 -0.31 8.45 -13.79
N LEU B 113 -0.64 8.75 -12.54
CA LEU B 113 -0.93 10.11 -12.13
C LEU B 113 0.27 11.03 -12.36
N LYS B 114 1.45 10.62 -11.91
CA LYS B 114 2.64 11.45 -12.09
C LYS B 114 2.96 11.57 -13.57
N SER B 115 2.78 10.48 -14.31
CA SER B 115 3.05 10.49 -15.75
C SER B 115 2.06 11.39 -16.49
N VAL B 116 0.84 11.49 -15.94
CA VAL B 116 -0.19 12.31 -16.54
C VAL B 116 -0.17 13.72 -15.91
N ASN B 117 0.85 13.94 -15.07
CA ASN B 117 1.10 15.21 -14.38
C ASN B 117 0.05 15.57 -13.32
N GLN B 118 -0.64 14.57 -12.80
CA GLN B 118 -1.65 14.79 -11.77
C GLN B 118 -1.11 14.44 -10.38
N GLU B 119 0.11 14.90 -10.10
CA GLU B 119 0.77 14.65 -8.82
C GLU B 119 -0.02 15.25 -7.66
N SER B 120 -0.86 16.23 -7.97
CA SER B 120 -1.69 16.90 -6.98
C SER B 120 -2.65 15.90 -6.33
N PHE B 121 -2.76 14.71 -6.91
CA PHE B 121 -3.64 13.68 -6.38
C PHE B 121 -2.84 12.54 -5.74
N ILE B 122 -1.57 12.40 -6.10
CA ILE B 122 -0.76 11.34 -5.51
C ILE B 122 -0.40 11.71 -4.08
N GLU B 123 -0.21 13.00 -3.85
CA GLU B 123 0.12 13.54 -2.54
C GLU B 123 -0.91 13.10 -1.48
N PRO B 124 -2.21 13.41 -1.64
CA PRO B 124 -3.23 13.01 -0.67
C PRO B 124 -3.62 11.53 -0.78
N LEU B 125 -3.24 10.89 -1.88
CA LEU B 125 -3.57 9.47 -2.10
C LEU B 125 -2.95 8.64 -0.98
N ALA B 126 -1.65 8.80 -0.78
CA ALA B 126 -0.92 8.08 0.26
C ALA B 126 -1.52 8.34 1.65
N GLU B 127 -1.92 9.59 1.87
CA GLU B 127 -2.51 10.02 3.14
C GLU B 127 -3.88 9.39 3.34
N THR B 128 -4.56 9.09 2.23
CA THR B 128 -5.87 8.46 2.27
C THR B 128 -5.74 7.00 2.67
N ILE B 129 -4.71 6.35 2.12
CA ILE B 129 -4.45 4.95 2.40
C ILE B 129 -4.15 4.72 3.88
N THR B 130 -3.25 5.54 4.42
CA THR B 130 -2.85 5.42 5.81
C THR B 130 -3.99 5.66 6.80
N ASP B 131 -4.73 6.76 6.62
CA ASP B 131 -5.83 7.11 7.52
C ASP B 131 -6.87 5.99 7.65
N VAL B 132 -7.35 5.52 6.51
CA VAL B 132 -8.35 4.46 6.49
C VAL B 132 -7.80 3.15 7.08
N LEU B 133 -6.56 2.85 6.76
CA LEU B 133 -5.91 1.62 7.23
C LEU B 133 -5.74 1.61 8.74
N VAL B 134 -5.08 2.64 9.26
CA VAL B 134 -4.79 2.76 10.69
C VAL B 134 -6.04 2.74 11.57
N ARG B 135 -7.08 3.48 11.18
CA ARG B 135 -8.30 3.52 11.99
C ARG B 135 -9.08 2.22 11.95
N THR B 136 -9.31 1.71 10.75
CA THR B 136 -10.09 0.49 10.57
C THR B 136 -9.42 -0.76 11.11
N LYS B 137 -8.10 -0.88 10.93
CA LYS B 137 -7.40 -2.07 11.40
C LYS B 137 -6.34 -1.75 12.45
N ARG B 138 -6.68 -0.86 13.38
CA ARG B 138 -5.78 -0.46 14.45
C ARG B 138 -5.23 -1.66 15.22
N ASP B 139 -6.12 -2.54 15.67
CA ASP B 139 -5.73 -3.72 16.44
C ASP B 139 -4.84 -4.65 15.62
N TRP B 140 -5.16 -4.81 14.34
CA TRP B 140 -4.37 -5.67 13.47
C TRP B 140 -2.93 -5.15 13.39
N LEU B 141 -2.77 -3.84 13.28
CA LEU B 141 -1.45 -3.24 13.20
C LEU B 141 -0.68 -3.53 14.47
N VAL B 142 -1.35 -3.31 15.61
CA VAL B 142 -0.77 -3.56 16.93
C VAL B 142 -0.30 -5.01 17.05
N LYS B 143 -1.07 -5.91 16.46
CA LYS B 143 -0.77 -7.34 16.47
C LYS B 143 0.62 -7.63 15.88
N GLN B 144 0.99 -6.90 14.83
CA GLN B 144 2.30 -7.09 14.22
C GLN B 144 3.24 -5.94 14.55
N ARG B 145 2.93 -5.23 15.63
CA ARG B 145 3.73 -4.10 16.10
C ARG B 145 3.87 -3.02 15.01
N GLY B 146 2.86 -2.91 14.17
CA GLY B 146 2.86 -1.93 13.11
C GLY B 146 3.68 -2.37 11.91
N TRP B 147 4.50 -1.47 11.40
CA TRP B 147 5.34 -1.75 10.23
C TRP B 147 6.53 -2.63 10.58
N ASP B 148 6.89 -2.68 11.86
CA ASP B 148 8.02 -3.48 12.30
C ASP B 148 7.81 -4.95 11.92
N GLY B 149 6.63 -5.46 12.26
CA GLY B 149 6.30 -6.84 11.94
C GLY B 149 6.14 -7.05 10.45
N PHE B 150 5.68 -6.00 9.77
CA PHE B 150 5.51 -6.03 8.32
C PHE B 150 6.87 -6.24 7.67
N VAL B 151 7.87 -5.57 8.22
CA VAL B 151 9.23 -5.69 7.72
C VAL B 151 9.75 -7.09 8.00
N GLU B 152 9.59 -7.54 9.24
CA GLU B 152 10.05 -8.87 9.65
C GLU B 152 9.52 -9.96 8.73
N PHE B 153 8.21 -9.93 8.50
CA PHE B 153 7.53 -10.93 7.67
C PHE B 153 8.22 -11.17 6.32
N PHE B 154 8.81 -10.14 5.73
CA PHE B 154 9.46 -10.30 4.43
C PHE B 154 10.98 -10.25 4.53
N HIS B 155 11.48 -9.45 5.45
CA HIS B 155 12.92 -9.27 5.60
C HIS B 155 13.63 -10.47 6.25
N VAL B 156 12.88 -11.34 6.92
CA VAL B 156 13.47 -12.50 7.59
C VAL B 156 14.44 -13.28 6.70
N GLN B 157 14.00 -13.71 5.51
CA GLN B 157 14.86 -14.47 4.62
C GLN B 157 14.22 -14.68 3.25
N ASP B 158 14.03 -13.59 2.51
CA ASP B 158 13.45 -13.70 1.18
C ASP B 158 14.46 -14.37 0.26
N LEU B 159 14.00 -15.36 -0.49
CA LEU B 159 14.89 -16.11 -1.38
C LEU B 159 14.48 -15.96 -2.85
N GLU B 160 13.69 -14.95 -3.18
CA GLU B 160 13.28 -14.77 -4.57
C GLU B 160 13.60 -13.36 -5.07
N GLY B 161 13.24 -12.35 -4.28
CA GLY B 161 13.50 -10.98 -4.66
C GLY B 161 12.55 -10.46 -5.73
N GLY B 162 12.88 -10.76 -6.98
CA GLY B 162 12.06 -10.31 -8.09
C GLY B 162 12.45 -8.92 -8.55
N PRO A 1 -20.89 1.62 -12.99
CA PRO A 1 -21.79 1.79 -11.83
C PRO A 1 -21.32 1.01 -10.61
N ALA A 2 -21.78 -0.23 -10.46
CA ALA A 2 -21.40 -1.06 -9.32
C ALA A 2 -20.29 -2.02 -9.71
N ASP A 3 -19.37 -1.52 -10.53
CA ASP A 3 -18.24 -2.30 -11.01
C ASP A 3 -17.28 -2.63 -9.88
N LEU A 4 -17.25 -1.76 -8.87
CA LEU A 4 -16.38 -1.93 -7.70
C LEU A 4 -16.51 -3.33 -7.11
N LYS A 5 -17.72 -3.90 -7.23
CA LYS A 5 -18.00 -5.24 -6.74
C LYS A 5 -17.03 -6.25 -7.32
N ASP A 6 -16.92 -6.25 -8.64
CA ASP A 6 -16.03 -7.18 -9.34
C ASP A 6 -14.58 -6.71 -9.30
N GLU A 7 -14.37 -5.40 -9.32
CA GLU A 7 -13.00 -4.87 -9.27
C GLU A 7 -12.33 -5.33 -7.99
N CYS A 8 -13.02 -5.18 -6.87
CA CYS A 8 -12.49 -5.58 -5.59
C CYS A 8 -12.43 -7.10 -5.49
N ALA A 9 -13.33 -7.78 -6.20
CA ALA A 9 -13.37 -9.24 -6.18
C ALA A 9 -12.03 -9.81 -6.63
N GLN A 10 -11.50 -9.28 -7.73
CA GLN A 10 -10.23 -9.73 -8.24
C GLN A 10 -9.09 -9.20 -7.38
N LEU A 11 -9.16 -7.90 -7.06
CA LEU A 11 -8.14 -7.24 -6.26
C LEU A 11 -7.93 -7.97 -4.93
N ARG A 12 -9.01 -8.43 -4.32
CA ARG A 12 -8.93 -9.16 -3.06
C ARG A 12 -8.06 -10.40 -3.21
N ARG A 13 -8.29 -11.15 -4.28
CA ARG A 13 -7.54 -12.38 -4.52
C ARG A 13 -6.12 -12.05 -4.99
N ILE A 14 -5.96 -10.85 -5.55
CA ILE A 14 -4.66 -10.38 -6.01
C ILE A 14 -3.75 -10.25 -4.79
N GLY A 15 -4.34 -9.81 -3.69
CA GLY A 15 -3.61 -9.67 -2.45
C GLY A 15 -3.34 -11.02 -1.84
N ASP A 16 -4.28 -11.94 -2.04
CA ASP A 16 -4.15 -13.31 -1.52
C ASP A 16 -2.99 -14.01 -2.21
N LYS A 17 -2.73 -13.66 -3.47
CA LYS A 17 -1.62 -14.24 -4.21
C LYS A 17 -0.32 -13.86 -3.53
N VAL A 18 -0.25 -12.61 -3.08
CA VAL A 18 0.94 -12.11 -2.40
C VAL A 18 1.04 -12.77 -1.03
N ASN A 19 -0.12 -13.01 -0.41
CA ASN A 19 -0.18 -13.67 0.89
C ASN A 19 0.39 -15.08 0.78
N LEU A 20 0.11 -15.72 -0.35
CA LEU A 20 0.60 -17.06 -0.63
C LEU A 20 2.11 -17.00 -0.81
N ARG A 21 2.57 -15.98 -1.52
CA ARG A 21 3.99 -15.80 -1.79
C ARG A 21 4.76 -15.57 -0.49
N GLN A 22 4.31 -14.61 0.32
CA GLN A 22 4.98 -14.29 1.58
C GLN A 22 4.97 -15.49 2.53
N LYS A 23 3.98 -16.35 2.39
CA LYS A 23 3.90 -17.54 3.24
C LYS A 23 5.11 -18.44 3.03
N LEU A 24 5.40 -18.76 1.77
CA LEU A 24 6.54 -19.61 1.43
C LEU A 24 7.84 -18.82 1.55
N LEU A 25 7.74 -17.51 1.32
CA LEU A 25 8.87 -16.62 1.39
C LEU A 25 9.41 -16.52 2.82
N ASN A 26 8.51 -16.52 3.79
CA ASN A 26 8.90 -16.42 5.18
C ASN A 26 9.12 -17.78 5.81
N MET A 27 8.37 -18.78 5.36
CA MET A 27 8.49 -20.13 5.91
C MET A 27 8.81 -21.15 4.82
N GLY B 1 -0.67 4.84 21.07
CA GLY B 1 -0.03 5.73 22.08
C GLY B 1 -0.82 5.77 23.37
N PRO B 2 -0.15 5.96 24.51
CA PRO B 2 -0.80 6.02 25.83
C PRO B 2 -1.47 7.36 26.10
N LEU B 3 -1.40 8.27 25.13
CA LEU B 3 -1.99 9.60 25.29
C LEU B 3 -3.36 9.65 24.60
N GLY B 4 -4.09 8.54 24.68
CA GLY B 4 -5.40 8.46 24.08
C GLY B 4 -5.36 8.19 22.59
N SER B 5 -4.94 9.19 21.83
CA SER B 5 -4.86 9.05 20.37
C SER B 5 -3.60 8.27 19.99
N GLU B 6 -3.78 7.31 19.09
CA GLU B 6 -2.67 6.48 18.64
C GLU B 6 -2.14 6.98 17.30
N ASP B 7 -1.61 8.21 17.33
CA ASP B 7 -1.05 8.85 16.15
C ASP B 7 0.34 8.28 15.84
N ASP B 8 0.86 7.50 16.78
CA ASP B 8 2.17 6.89 16.67
C ASP B 8 2.28 5.97 15.46
N LEU B 9 1.30 5.10 15.24
CA LEU B 9 1.36 4.22 14.08
C LEU B 9 1.04 5.01 12.82
N TYR B 10 0.20 6.03 12.96
CA TYR B 10 -0.19 6.87 11.84
C TYR B 10 1.02 7.60 11.27
N ARG B 11 1.79 8.23 12.14
CA ARG B 11 2.96 8.99 11.71
C ARG B 11 3.95 8.07 10.97
N GLN B 12 3.95 6.79 11.32
CA GLN B 12 4.82 5.85 10.63
C GLN B 12 4.22 5.54 9.28
N SER B 13 2.99 5.04 9.28
CA SER B 13 2.28 4.68 8.08
C SER B 13 2.24 5.83 7.05
N LEU B 14 1.90 7.04 7.50
CA LEU B 14 1.84 8.18 6.60
C LEU B 14 3.19 8.46 5.95
N GLU B 15 4.22 8.66 6.77
CA GLU B 15 5.56 8.95 6.29
C GLU B 15 6.11 7.84 5.38
N ILE B 16 5.93 6.59 5.77
CA ILE B 16 6.43 5.46 4.99
C ILE B 16 5.70 5.31 3.65
N ILE B 17 4.37 5.35 3.67
CA ILE B 17 3.60 5.19 2.44
C ILE B 17 3.78 6.40 1.52
N SER B 18 3.72 7.60 2.08
CA SER B 18 3.88 8.82 1.28
C SER B 18 5.21 8.81 0.54
N ARG B 19 6.27 8.49 1.26
CA ARG B 19 7.59 8.45 0.66
C ARG B 19 7.69 7.36 -0.38
N TYR B 20 7.05 6.21 -0.13
CA TYR B 20 7.09 5.11 -1.11
C TYR B 20 6.48 5.54 -2.43
N LEU B 21 5.26 6.04 -2.40
CA LEU B 21 4.56 6.47 -3.61
C LEU B 21 5.32 7.56 -4.36
N ARG B 22 5.77 8.57 -3.62
CA ARG B 22 6.49 9.69 -4.22
C ARG B 22 7.84 9.24 -4.81
N GLU B 23 8.55 8.41 -4.07
CA GLU B 23 9.87 7.93 -4.48
C GLU B 23 9.84 7.03 -5.70
N GLN B 24 9.01 6.00 -5.72
CA GLN B 24 8.99 5.09 -6.87
C GLN B 24 8.49 5.80 -8.12
N ALA B 25 7.71 6.85 -7.92
CA ALA B 25 7.13 7.61 -9.03
C ALA B 25 8.17 8.31 -9.90
N THR B 26 9.30 8.73 -9.32
CA THR B 26 10.31 9.41 -10.12
C THR B 26 11.75 9.04 -9.74
N GLY B 27 11.91 8.33 -8.63
CA GLY B 27 13.22 7.92 -8.18
C GLY B 27 13.84 8.89 -7.19
N SER B 28 13.34 10.12 -7.21
CA SER B 28 13.79 11.18 -6.32
C SER B 28 12.73 12.27 -6.25
N LYS B 29 11.85 12.20 -5.25
CA LYS B 29 10.81 13.20 -5.13
C LYS B 29 11.34 14.48 -4.50
N ASP B 30 10.92 15.61 -5.07
CA ASP B 30 11.33 16.94 -4.62
C ASP B 30 10.64 17.33 -3.31
N SER B 31 10.69 16.46 -2.32
CA SER B 31 10.07 16.73 -1.04
C SER B 31 10.95 16.23 0.09
N LYS B 32 10.53 16.48 1.32
CA LYS B 32 11.28 16.06 2.50
C LYS B 32 11.23 14.54 2.65
N PRO B 33 12.21 13.95 3.34
CA PRO B 33 12.24 12.52 3.61
C PRO B 33 11.26 12.18 4.73
N LEU B 34 11.39 11.00 5.32
CA LEU B 34 10.48 10.65 6.41
C LEU B 34 11.25 10.65 7.72
N GLY B 35 10.60 11.10 8.78
CA GLY B 35 11.24 11.15 10.08
C GLY B 35 10.32 10.71 11.19
N GLU B 36 9.03 10.93 11.02
CA GLU B 36 8.03 10.56 12.03
C GLU B 36 7.96 9.04 12.21
N ALA B 37 8.44 8.31 11.23
CA ALA B 37 8.39 6.85 11.29
C ALA B 37 9.63 6.26 11.97
N GLY B 38 10.62 7.09 12.21
CA GLY B 38 11.85 6.65 12.87
C GLY B 38 12.63 5.63 12.06
N ALA B 39 13.30 4.72 12.77
CA ALA B 39 14.11 3.69 12.13
C ALA B 39 13.25 2.71 11.32
N ALA B 40 12.06 2.41 11.86
CA ALA B 40 11.13 1.51 11.19
C ALA B 40 10.69 2.11 9.87
N GLY B 41 10.80 3.43 9.75
CA GLY B 41 10.39 4.12 8.55
C GLY B 41 11.19 3.69 7.34
N ARG B 42 12.52 3.72 7.43
CA ARG B 42 13.35 3.32 6.30
C ARG B 42 13.35 1.81 6.14
N ARG B 43 13.28 1.10 7.26
CA ARG B 43 13.24 -0.35 7.24
C ARG B 43 12.05 -0.80 6.43
N ALA B 44 10.92 -0.15 6.66
CA ALA B 44 9.70 -0.47 5.94
C ALA B 44 9.69 0.15 4.56
N LEU B 45 10.14 1.39 4.44
CA LEU B 45 10.18 2.09 3.16
C LEU B 45 10.93 1.31 2.08
N GLU B 46 12.16 0.91 2.37
CA GLU B 46 12.95 0.16 1.40
C GLU B 46 12.27 -1.17 1.07
N THR B 47 11.66 -1.79 2.07
CA THR B 47 10.96 -3.06 1.85
C THR B 47 9.71 -2.80 1.02
N LEU B 48 8.99 -1.76 1.40
CA LEU B 48 7.75 -1.35 0.74
C LEU B 48 8.01 -1.02 -0.72
N ARG B 49 9.12 -0.33 -0.97
CA ARG B 49 9.50 0.07 -2.32
C ARG B 49 9.91 -1.15 -3.15
N ARG B 50 10.77 -2.00 -2.59
CA ARG B 50 11.24 -3.18 -3.30
C ARG B 50 10.10 -4.19 -3.51
N VAL B 51 9.38 -4.49 -2.44
CA VAL B 51 8.28 -5.44 -2.50
C VAL B 51 7.13 -4.89 -3.34
N GLY B 52 6.82 -3.62 -3.11
CA GLY B 52 5.73 -2.96 -3.82
C GLY B 52 5.93 -2.94 -5.32
N ASP B 53 7.09 -2.49 -5.78
CA ASP B 53 7.37 -2.44 -7.22
C ASP B 53 7.29 -3.83 -7.82
N GLY B 54 7.68 -4.83 -7.03
CA GLY B 54 7.62 -6.20 -7.49
C GLY B 54 6.17 -6.61 -7.65
N VAL B 55 5.38 -6.37 -6.61
CA VAL B 55 3.96 -6.69 -6.59
C VAL B 55 3.21 -5.96 -7.70
N GLN B 56 3.50 -4.69 -7.93
CA GLN B 56 2.81 -3.95 -8.97
C GLN B 56 3.17 -4.49 -10.35
N ARG B 57 4.38 -5.01 -10.52
CA ARG B 57 4.78 -5.61 -11.79
C ARG B 57 4.10 -6.97 -11.92
N ASN B 58 4.11 -7.69 -10.81
CA ASN B 58 3.52 -9.02 -10.68
C ASN B 58 2.03 -9.01 -11.02
N HIS B 59 1.40 -7.85 -10.87
CA HIS B 59 -0.03 -7.73 -11.16
C HIS B 59 -0.28 -6.50 -12.01
N GLU B 60 0.68 -6.14 -12.86
CA GLU B 60 0.56 -4.96 -13.71
C GLU B 60 -0.69 -5.03 -14.59
N THR B 61 -0.83 -6.13 -15.33
CA THR B 61 -1.97 -6.33 -16.21
C THR B 61 -3.30 -6.15 -15.47
N ALA B 62 -3.34 -6.61 -14.22
CA ALA B 62 -4.54 -6.51 -13.41
C ALA B 62 -4.78 -5.06 -12.99
N PHE B 63 -3.73 -4.44 -12.45
CA PHE B 63 -3.80 -3.07 -11.99
C PHE B 63 -4.18 -2.12 -13.12
N GLN B 64 -3.66 -2.38 -14.31
CA GLN B 64 -3.95 -1.56 -15.50
C GLN B 64 -5.44 -1.59 -15.79
N GLY B 65 -6.04 -2.77 -15.59
CA GLY B 65 -7.45 -2.96 -15.84
C GLY B 65 -8.31 -2.15 -14.89
N MET B 66 -8.07 -2.28 -13.59
CA MET B 66 -8.85 -1.53 -12.61
C MET B 66 -8.56 -0.04 -12.71
N LEU B 67 -7.33 0.31 -13.07
CA LEU B 67 -6.93 1.72 -13.21
C LEU B 67 -7.81 2.40 -14.25
N ARG B 68 -8.10 1.68 -15.33
CA ARG B 68 -8.92 2.20 -16.40
C ARG B 68 -10.39 2.27 -15.99
N LYS B 69 -10.80 1.41 -15.08
CA LYS B 69 -12.19 1.40 -14.65
C LYS B 69 -12.45 2.35 -13.47
N LEU B 70 -11.48 2.49 -12.58
CA LEU B 70 -11.62 3.39 -11.44
C LEU B 70 -11.74 4.83 -11.93
N ASP B 71 -12.44 5.64 -11.17
CA ASP B 71 -12.64 7.04 -11.55
C ASP B 71 -11.44 7.89 -11.15
N ILE B 72 -10.26 7.47 -11.60
CA ILE B 72 -9.02 8.17 -11.31
C ILE B 72 -8.76 9.25 -12.37
N LYS B 73 -9.55 10.31 -12.35
CA LYS B 73 -9.38 11.39 -13.30
C LYS B 73 -9.77 12.73 -12.67
N ASN B 74 -10.10 12.68 -11.38
CA ASN B 74 -10.49 13.87 -10.64
C ASN B 74 -10.28 13.59 -9.15
N GLU B 75 -10.65 14.53 -8.28
CA GLU B 75 -10.48 14.36 -6.82
C GLU B 75 -11.14 13.08 -6.30
N GLY B 76 -12.11 12.59 -7.05
CA GLY B 76 -12.81 11.38 -6.68
C GLY B 76 -11.91 10.16 -6.63
N ASP B 77 -10.70 10.28 -7.19
CA ASP B 77 -9.74 9.18 -7.22
C ASP B 77 -9.40 8.71 -5.80
N VAL B 78 -9.04 9.64 -4.93
CA VAL B 78 -8.68 9.31 -3.56
C VAL B 78 -9.90 8.78 -2.79
N LYS B 79 -11.06 9.36 -3.08
CA LYS B 79 -12.29 8.95 -2.42
C LYS B 79 -12.71 7.56 -2.89
N SER B 80 -12.44 7.25 -4.15
CA SER B 80 -12.78 5.95 -4.70
C SER B 80 -11.83 4.89 -4.16
N PHE B 81 -10.57 5.26 -3.95
CA PHE B 81 -9.59 4.33 -3.44
C PHE B 81 -9.95 3.96 -2.01
N SER B 82 -10.41 4.95 -1.24
CA SER B 82 -10.81 4.72 0.13
C SER B 82 -11.96 3.71 0.18
N ARG B 83 -12.88 3.85 -0.78
CA ARG B 83 -14.03 2.97 -0.87
C ARG B 83 -13.65 1.59 -1.37
N VAL B 84 -12.74 1.51 -2.35
CA VAL B 84 -12.32 0.22 -2.88
C VAL B 84 -11.54 -0.55 -1.81
N MET B 85 -10.76 0.18 -1.00
CA MET B 85 -9.98 -0.43 0.07
C MET B 85 -10.88 -1.20 1.04
N VAL B 86 -11.99 -0.57 1.42
CA VAL B 86 -12.95 -1.20 2.33
C VAL B 86 -13.48 -2.49 1.71
N HIS B 87 -13.69 -2.44 0.39
CA HIS B 87 -14.18 -3.60 -0.35
C HIS B 87 -13.12 -4.68 -0.45
N VAL B 88 -11.85 -4.28 -0.51
CA VAL B 88 -10.76 -5.25 -0.60
C VAL B 88 -10.53 -5.91 0.76
N PHE B 89 -10.70 -5.15 1.82
CA PHE B 89 -10.51 -5.69 3.17
C PHE B 89 -11.82 -6.30 3.69
N LYS B 90 -12.80 -6.44 2.79
CA LYS B 90 -14.11 -6.96 3.12
C LYS B 90 -14.06 -8.44 3.56
N ASP B 91 -13.08 -9.20 3.07
CA ASP B 91 -12.97 -10.62 3.43
C ASP B 91 -12.47 -10.77 4.86
N GLY B 92 -12.09 -9.65 5.47
CA GLY B 92 -11.56 -9.70 6.82
C GLY B 92 -10.07 -9.97 6.80
N VAL B 93 -9.62 -10.65 5.75
CA VAL B 93 -8.22 -11.00 5.57
C VAL B 93 -7.39 -9.74 5.46
N THR B 94 -6.78 -9.37 6.56
CA THR B 94 -5.93 -8.19 6.63
C THR B 94 -4.47 -8.57 6.43
N ASN B 95 -4.22 -9.85 6.21
CA ASN B 95 -2.87 -10.40 5.99
C ASN B 95 -2.02 -9.46 5.14
N TRP B 96 -0.78 -9.27 5.62
CA TRP B 96 0.21 -8.39 5.00
C TRP B 96 0.26 -8.48 3.48
N GLY B 97 0.08 -9.66 2.93
CA GLY B 97 0.11 -9.82 1.49
C GLY B 97 -0.90 -8.94 0.78
N ARG B 98 -2.08 -8.82 1.36
CA ARG B 98 -3.15 -8.02 0.79
C ARG B 98 -2.89 -6.53 1.04
N ILE B 99 -2.32 -6.22 2.20
CA ILE B 99 -2.01 -4.85 2.56
C ILE B 99 -0.97 -4.26 1.62
N VAL B 100 0.12 -4.98 1.42
CA VAL B 100 1.18 -4.52 0.54
C VAL B 100 0.63 -4.37 -0.88
N THR B 101 -0.29 -5.26 -1.25
CA THR B 101 -0.91 -5.22 -2.57
C THR B 101 -1.67 -3.92 -2.79
N LEU B 102 -2.44 -3.49 -1.79
CA LEU B 102 -3.19 -2.24 -1.90
C LEU B 102 -2.26 -1.06 -2.07
N ILE B 103 -1.15 -1.08 -1.36
CA ILE B 103 -0.18 0.00 -1.48
C ILE B 103 0.46 -0.05 -2.86
N SER B 104 0.76 -1.26 -3.31
CA SER B 104 1.36 -1.49 -4.61
C SER B 104 0.42 -0.99 -5.72
N PHE B 105 -0.87 -1.24 -5.54
CA PHE B 105 -1.87 -0.80 -6.50
C PHE B 105 -2.01 0.72 -6.46
N GLY B 106 -2.21 1.26 -5.27
CA GLY B 106 -2.35 2.69 -5.11
C GLY B 106 -1.15 3.43 -5.65
N ALA B 107 0.01 2.81 -5.49
CA ALA B 107 1.25 3.38 -5.96
C ALA B 107 1.34 3.26 -7.48
N PHE B 108 0.89 2.13 -8.03
CA PHE B 108 0.91 1.92 -9.48
C PHE B 108 0.05 3.00 -10.14
N VAL B 109 -1.01 3.36 -9.43
CA VAL B 109 -1.94 4.39 -9.87
C VAL B 109 -1.31 5.77 -9.72
N ALA B 110 -0.87 6.07 -8.50
CA ALA B 110 -0.25 7.35 -8.18
C ALA B 110 0.99 7.62 -9.03
N LYS B 111 1.76 6.57 -9.28
CA LYS B 111 2.98 6.68 -10.08
C LYS B 111 2.60 7.03 -11.51
N HIS B 112 1.45 6.52 -11.95
CA HIS B 112 0.96 6.78 -13.29
C HIS B 112 0.57 8.25 -13.37
N LEU B 113 -0.04 8.73 -12.28
CA LEU B 113 -0.46 10.11 -12.17
C LEU B 113 0.77 11.01 -12.17
N LYS B 114 1.77 10.68 -11.37
CA LYS B 114 3.00 11.44 -11.31
C LYS B 114 3.68 11.45 -12.68
N SER B 115 3.64 10.31 -13.35
CA SER B 115 4.25 10.17 -14.66
C SER B 115 3.48 10.95 -15.73
N VAL B 116 2.26 11.37 -15.41
CA VAL B 116 1.44 12.11 -16.34
C VAL B 116 1.26 13.56 -15.86
N ASN B 117 2.13 13.96 -14.91
CA ASN B 117 2.15 15.31 -14.33
C ASN B 117 0.94 15.61 -13.44
N GLN B 118 0.39 14.58 -12.82
CA GLN B 118 -0.76 14.72 -11.95
C GLN B 118 -0.34 14.63 -10.48
N GLU B 119 0.70 15.38 -10.12
CA GLU B 119 1.22 15.41 -8.74
C GLU B 119 0.10 15.62 -7.73
N SER B 120 -0.91 16.38 -8.13
CA SER B 120 -2.04 16.70 -7.28
C SER B 120 -2.84 15.45 -6.84
N PHE B 121 -2.65 14.32 -7.50
CA PHE B 121 -3.37 13.11 -7.12
C PHE B 121 -2.49 12.14 -6.35
N ILE B 122 -1.22 12.03 -6.72
CA ILE B 122 -0.30 11.12 -6.03
C ILE B 122 -0.11 11.53 -4.57
N GLU B 123 -0.11 12.83 -4.32
CA GLU B 123 0.06 13.37 -2.98
C GLU B 123 -1.02 12.86 -2.01
N PRO B 124 -2.32 13.16 -2.21
CA PRO B 124 -3.35 12.72 -1.28
C PRO B 124 -3.57 11.20 -1.26
N LEU B 125 -3.20 10.50 -2.32
CA LEU B 125 -3.39 9.04 -2.39
C LEU B 125 -2.71 8.29 -1.25
N ALA B 126 -1.41 8.47 -1.08
CA ALA B 126 -0.66 7.80 -0.02
C ALA B 126 -1.29 8.07 1.33
N GLU B 127 -1.58 9.35 1.60
CA GLU B 127 -2.19 9.76 2.85
C GLU B 127 -3.60 9.16 3.01
N THR B 128 -4.26 8.88 1.88
CA THR B 128 -5.58 8.28 1.93
C THR B 128 -5.47 6.80 2.31
N ILE B 129 -4.46 6.15 1.74
CA ILE B 129 -4.20 4.74 1.99
C ILE B 129 -3.88 4.50 3.46
N THR B 130 -2.95 5.30 3.98
CA THR B 130 -2.52 5.17 5.36
C THR B 130 -3.59 5.50 6.39
N ASP B 131 -4.40 6.52 6.14
CA ASP B 131 -5.42 6.91 7.10
C ASP B 131 -6.46 5.81 7.27
N VAL B 132 -7.07 5.40 6.17
CA VAL B 132 -8.10 4.37 6.20
C VAL B 132 -7.56 3.04 6.74
N LEU B 133 -6.31 2.73 6.40
CA LEU B 133 -5.69 1.49 6.84
C LEU B 133 -5.67 1.38 8.36
N VAL B 134 -5.07 2.37 9.03
CA VAL B 134 -4.98 2.36 10.49
C VAL B 134 -6.33 2.64 11.13
N ARG B 135 -7.15 3.43 10.45
CA ARG B 135 -8.47 3.80 10.93
C ARG B 135 -9.41 2.60 11.00
N THR B 136 -9.20 1.63 10.12
CA THR B 136 -10.06 0.46 10.06
C THR B 136 -9.42 -0.79 10.69
N LYS B 137 -8.17 -1.08 10.35
CA LYS B 137 -7.49 -2.27 10.85
C LYS B 137 -6.40 -1.95 11.86
N ARG B 138 -6.69 -1.00 12.74
CA ARG B 138 -5.76 -0.58 13.79
C ARG B 138 -5.20 -1.76 14.59
N ASP B 139 -6.07 -2.48 15.25
CA ASP B 139 -5.70 -3.63 16.10
C ASP B 139 -4.86 -4.66 15.37
N TRP B 140 -5.22 -4.99 14.14
CA TRP B 140 -4.48 -5.97 13.37
C TRP B 140 -3.02 -5.53 13.19
N LEU B 141 -2.84 -4.28 12.82
CA LEU B 141 -1.51 -3.73 12.59
C LEU B 141 -0.73 -3.57 13.90
N VAL B 142 -1.36 -2.90 14.87
CA VAL B 142 -0.75 -2.64 16.17
C VAL B 142 -0.30 -3.90 16.89
N LYS B 143 -1.11 -4.96 16.85
CA LYS B 143 -0.77 -6.21 17.53
C LYS B 143 0.42 -6.91 16.87
N GLN B 144 0.78 -6.50 15.66
CA GLN B 144 1.91 -7.08 14.95
C GLN B 144 3.04 -6.07 14.90
N ARG B 145 2.97 -5.09 15.80
CA ARG B 145 3.97 -4.02 15.92
C ARG B 145 4.01 -3.15 14.66
N GLY B 146 2.90 -3.11 13.95
CA GLY B 146 2.78 -2.31 12.76
C GLY B 146 3.77 -2.69 11.68
N TRP B 147 4.56 -1.71 11.25
CA TRP B 147 5.55 -1.90 10.20
C TRP B 147 6.70 -2.80 10.64
N ASP B 148 6.90 -2.95 11.95
CA ASP B 148 7.99 -3.81 12.43
C ASP B 148 7.72 -5.24 12.00
N GLY B 149 6.46 -5.67 12.14
CA GLY B 149 6.08 -7.01 11.75
C GLY B 149 6.18 -7.19 10.25
N PHE B 150 5.75 -6.17 9.52
CA PHE B 150 5.79 -6.15 8.07
C PHE B 150 7.23 -6.33 7.58
N VAL B 151 8.16 -5.60 8.18
CA VAL B 151 9.56 -5.67 7.79
C VAL B 151 10.19 -6.97 8.26
N GLU B 152 9.75 -7.49 9.40
CA GLU B 152 10.29 -8.74 9.92
C GLU B 152 9.84 -9.89 9.02
N PHE B 153 8.59 -9.85 8.59
CA PHE B 153 8.03 -10.88 7.74
C PHE B 153 8.62 -10.83 6.34
N PHE B 154 8.86 -9.62 5.82
CA PHE B 154 9.41 -9.47 4.47
C PHE B 154 10.93 -9.35 4.46
N HIS B 155 11.55 -9.38 5.63
CA HIS B 155 13.01 -9.29 5.72
C HIS B 155 13.66 -10.50 5.04
N VAL B 156 12.94 -11.62 5.04
CA VAL B 156 13.44 -12.84 4.42
C VAL B 156 12.98 -12.93 2.97
N GLN B 157 13.36 -14.00 2.28
CA GLN B 157 12.98 -14.18 0.89
C GLN B 157 12.78 -15.68 0.60
N ASP B 158 11.84 -15.99 -0.29
CA ASP B 158 11.53 -17.37 -0.65
C ASP B 158 12.72 -18.06 -1.27
N LEU B 159 12.87 -19.33 -0.89
CA LEU B 159 13.96 -20.16 -1.38
C LEU B 159 13.62 -20.76 -2.73
N GLU B 160 12.33 -20.83 -3.03
CA GLU B 160 11.86 -21.37 -4.29
C GLU B 160 10.56 -20.72 -4.68
N GLY B 161 10.44 -20.36 -5.95
CA GLY B 161 9.24 -19.73 -6.42
C GLY B 161 9.47 -19.01 -7.73
N GLY B 162 8.68 -17.97 -7.94
CA GLY B 162 8.78 -17.19 -9.15
C GLY B 162 7.41 -16.88 -9.68
N PRO A 1 -17.96 3.47 -10.28
CA PRO A 1 -18.43 3.26 -8.90
C PRO A 1 -18.81 1.80 -8.61
N ALA A 2 -19.93 1.33 -9.16
CA ALA A 2 -20.38 -0.05 -8.92
C ALA A 2 -19.60 -1.02 -9.79
N ASP A 3 -19.02 -0.50 -10.85
CA ASP A 3 -18.21 -1.28 -11.78
C ASP A 3 -16.86 -1.60 -11.16
N LEU A 4 -16.62 -1.04 -9.97
CA LEU A 4 -15.38 -1.24 -9.23
C LEU A 4 -15.38 -2.61 -8.55
N LYS A 5 -16.45 -3.35 -8.78
CA LYS A 5 -16.63 -4.69 -8.24
C LYS A 5 -15.52 -5.63 -8.67
N ASP A 6 -15.05 -5.46 -9.89
CA ASP A 6 -14.01 -6.32 -10.44
C ASP A 6 -12.65 -6.01 -9.82
N GLU A 7 -12.38 -4.74 -9.61
CA GLU A 7 -11.12 -4.27 -9.05
C GLU A 7 -10.93 -4.78 -7.64
N CYS A 8 -11.92 -4.54 -6.78
CA CYS A 8 -11.83 -4.96 -5.40
C CYS A 8 -11.81 -6.49 -5.31
N ALA A 9 -12.46 -7.15 -6.27
CA ALA A 9 -12.48 -8.61 -6.30
C ALA A 9 -11.09 -9.14 -6.62
N GLN A 10 -10.48 -8.58 -7.66
CA GLN A 10 -9.14 -8.98 -8.06
C GLN A 10 -8.11 -8.61 -7.02
N LEU A 11 -8.16 -7.36 -6.56
CA LEU A 11 -7.21 -6.85 -5.57
C LEU A 11 -7.10 -7.78 -4.36
N ARG A 12 -8.24 -8.30 -3.92
CA ARG A 12 -8.26 -9.21 -2.78
C ARG A 12 -7.57 -10.52 -3.15
N ARG A 13 -7.87 -11.02 -4.34
CA ARG A 13 -7.28 -12.27 -4.83
C ARG A 13 -5.78 -12.11 -5.08
N ILE A 14 -5.38 -10.94 -5.57
CA ILE A 14 -3.96 -10.67 -5.84
C ILE A 14 -3.24 -10.62 -4.49
N GLY A 15 -3.90 -9.99 -3.52
CA GLY A 15 -3.34 -9.86 -2.19
C GLY A 15 -3.19 -11.20 -1.52
N ASP A 16 -4.13 -12.11 -1.77
CA ASP A 16 -4.08 -13.45 -1.20
C ASP A 16 -2.84 -14.18 -1.71
N LYS A 17 -2.50 -13.93 -2.96
CA LYS A 17 -1.32 -14.55 -3.56
C LYS A 17 -0.07 -14.13 -2.80
N VAL A 18 0.01 -12.85 -2.46
CA VAL A 18 1.16 -12.34 -1.72
C VAL A 18 1.09 -12.86 -0.28
N ASN A 19 -0.13 -13.04 0.21
CA ASN A 19 -0.38 -13.56 1.56
C ASN A 19 0.19 -14.97 1.66
N LEU A 20 0.02 -15.75 0.60
CA LEU A 20 0.54 -17.10 0.55
C LEU A 20 2.05 -17.03 0.35
N ARG A 21 2.46 -16.17 -0.59
CA ARG A 21 3.86 -15.96 -0.94
C ARG A 21 4.70 -15.65 0.30
N GLN A 22 4.25 -14.70 1.11
CA GLN A 22 4.98 -14.32 2.31
C GLN A 22 5.12 -15.49 3.29
N LYS A 23 4.06 -16.29 3.41
CA LYS A 23 4.06 -17.41 4.33
C LYS A 23 4.93 -18.57 3.84
N LEU A 24 4.75 -18.97 2.59
CA LEU A 24 5.53 -20.08 2.04
C LEU A 24 7.00 -19.72 1.90
N LEU A 25 7.28 -18.43 1.69
CA LEU A 25 8.65 -17.96 1.56
C LEU A 25 9.35 -17.99 2.92
N ASN A 26 8.65 -17.56 3.96
CA ASN A 26 9.22 -17.52 5.30
C ASN A 26 9.26 -18.89 5.96
N MET A 27 8.24 -19.71 5.72
CA MET A 27 8.19 -21.04 6.33
C MET A 27 8.24 -22.12 5.26
N GLY B 1 0.74 5.31 21.51
CA GLY B 1 1.63 4.48 22.37
C GLY B 1 2.99 5.12 22.53
N PRO B 2 4.02 4.63 21.83
CA PRO B 2 5.38 5.18 21.91
C PRO B 2 5.48 6.61 21.39
N LEU B 3 4.53 7.02 20.55
CA LEU B 3 4.54 8.36 20.00
C LEU B 3 3.22 9.08 20.28
N GLY B 4 3.03 9.46 21.54
CA GLY B 4 1.82 10.16 21.93
C GLY B 4 0.59 9.27 21.88
N SER B 5 -0.38 9.66 21.05
CA SER B 5 -1.62 8.93 20.89
C SER B 5 -1.36 7.59 20.19
N GLU B 6 -2.42 6.81 20.00
CA GLU B 6 -2.32 5.51 19.34
C GLU B 6 -2.21 5.67 17.83
N ASP B 7 -1.76 6.84 17.39
CA ASP B 7 -1.61 7.13 15.97
C ASP B 7 -0.15 6.99 15.58
N ASP B 8 0.57 6.20 16.35
CA ASP B 8 1.97 5.92 16.13
C ASP B 8 2.15 5.36 14.72
N LEU B 9 1.31 4.38 14.43
CA LEU B 9 1.31 3.72 13.14
C LEU B 9 0.86 4.68 12.04
N TYR B 10 -0.08 5.55 12.39
CA TYR B 10 -0.62 6.53 11.45
C TYR B 10 0.49 7.48 11.00
N ARG B 11 1.27 7.98 11.95
CA ARG B 11 2.38 8.88 11.63
C ARG B 11 3.38 8.15 10.72
N GLN B 12 3.64 6.90 11.04
CA GLN B 12 4.56 6.09 10.23
C GLN B 12 4.03 5.93 8.82
N SER B 13 2.84 5.36 8.71
CA SER B 13 2.21 5.12 7.41
C SER B 13 2.10 6.40 6.58
N LEU B 14 1.77 7.51 7.23
CA LEU B 14 1.67 8.79 6.54
C LEU B 14 2.95 9.09 5.76
N GLU B 15 4.08 8.91 6.42
CA GLU B 15 5.37 9.16 5.79
C GLU B 15 5.77 8.02 4.85
N ILE B 16 5.79 6.81 5.39
CA ILE B 16 6.21 5.63 4.64
C ILE B 16 5.42 5.46 3.33
N ILE B 17 4.11 5.68 3.38
CA ILE B 17 3.29 5.54 2.20
C ILE B 17 3.49 6.69 1.20
N SER B 18 3.40 7.93 1.67
CA SER B 18 3.56 9.09 0.79
C SER B 18 4.94 9.08 0.14
N ARG B 19 5.97 8.79 0.93
CA ARG B 19 7.33 8.76 0.43
C ARG B 19 7.54 7.56 -0.51
N TYR B 20 6.72 6.52 -0.33
CA TYR B 20 6.82 5.34 -1.18
C TYR B 20 6.17 5.62 -2.53
N LEU B 21 4.95 6.14 -2.53
CA LEU B 21 4.26 6.46 -3.77
C LEU B 21 5.03 7.50 -4.56
N ARG B 22 5.60 8.46 -3.84
CA ARG B 22 6.40 9.51 -4.48
C ARG B 22 7.71 8.95 -5.03
N GLU B 23 8.14 7.82 -4.49
CA GLU B 23 9.37 7.18 -4.93
C GLU B 23 9.10 6.49 -6.26
N GLN B 24 8.04 5.68 -6.29
CA GLN B 24 7.64 4.95 -7.48
C GLN B 24 7.17 5.89 -8.59
N ALA B 25 6.71 7.07 -8.19
CA ALA B 25 6.22 8.08 -9.13
C ALA B 25 7.27 8.50 -10.17
N THR B 26 8.52 8.18 -9.92
CA THR B 26 9.59 8.52 -10.85
C THR B 26 10.62 7.39 -10.92
N GLY B 27 10.88 6.75 -9.79
CA GLY B 27 11.84 5.66 -9.76
C GLY B 27 13.24 6.14 -9.46
N SER B 28 13.43 7.46 -9.50
CA SER B 28 14.74 8.04 -9.23
C SER B 28 14.63 9.49 -8.74
N LYS B 29 14.51 9.66 -7.43
CA LYS B 29 14.41 10.98 -6.84
C LYS B 29 15.18 11.00 -5.54
N ASP B 30 15.07 12.11 -4.80
CA ASP B 30 15.75 12.22 -3.52
C ASP B 30 15.04 11.30 -2.53
N SER B 31 15.72 10.23 -2.14
CA SER B 31 15.15 9.28 -1.21
C SER B 31 15.64 9.58 0.20
N LYS B 32 15.30 10.76 0.68
CA LYS B 32 15.68 11.21 2.01
C LYS B 32 14.93 10.39 3.06
N PRO B 33 15.64 9.95 4.11
CA PRO B 33 15.02 9.17 5.19
C PRO B 33 13.99 9.96 6.00
N LEU B 34 12.87 9.30 6.27
CA LEU B 34 11.76 9.86 7.02
C LEU B 34 12.09 9.87 8.52
N GLY B 35 11.67 10.94 9.19
CA GLY B 35 11.97 11.11 10.59
C GLY B 35 10.92 10.63 11.59
N GLU B 36 9.64 10.89 11.34
CA GLU B 36 8.60 10.48 12.29
C GLU B 36 8.54 8.96 12.41
N ALA B 37 8.52 8.29 11.27
CA ALA B 37 8.46 6.83 11.26
C ALA B 37 9.78 6.24 11.75
N GLY B 38 10.85 7.01 11.59
CA GLY B 38 12.17 6.62 12.03
C GLY B 38 12.76 5.43 11.29
N ALA B 39 13.44 4.58 12.06
CA ALA B 39 14.10 3.39 11.54
C ALA B 39 13.10 2.45 10.88
N ALA B 40 11.98 2.21 11.55
CA ALA B 40 10.95 1.32 11.01
C ALA B 40 10.41 1.88 9.70
N GLY B 41 10.36 3.21 9.62
CA GLY B 41 9.87 3.84 8.42
C GLY B 41 10.78 3.66 7.23
N ARG B 42 12.06 3.95 7.42
CA ARG B 42 13.03 3.81 6.35
C ARG B 42 13.21 2.34 5.98
N ARG B 43 13.00 1.46 6.94
CA ARG B 43 13.13 0.03 6.71
C ARG B 43 11.90 -0.47 5.94
N ALA B 44 10.72 -0.07 6.40
CA ALA B 44 9.47 -0.46 5.76
C ALA B 44 9.40 0.11 4.35
N LEU B 45 9.94 1.31 4.17
CA LEU B 45 9.96 1.97 2.86
C LEU B 45 10.67 1.08 1.85
N GLU B 46 11.84 0.58 2.25
CA GLU B 46 12.62 -0.30 1.39
C GLU B 46 11.84 -1.59 1.12
N THR B 47 11.17 -2.09 2.16
CA THR B 47 10.39 -3.29 2.03
C THR B 47 9.27 -3.07 1.01
N LEU B 48 8.59 -1.93 1.13
CA LEU B 48 7.51 -1.57 0.21
C LEU B 48 8.04 -1.49 -1.21
N ARG B 49 9.23 -0.94 -1.35
CA ARG B 49 9.86 -0.79 -2.66
C ARG B 49 10.29 -2.12 -3.26
N ARG B 50 10.89 -2.99 -2.48
CA ARG B 50 11.33 -4.29 -2.99
C ARG B 50 10.18 -5.25 -3.19
N VAL B 51 9.30 -5.35 -2.20
CA VAL B 51 8.16 -6.25 -2.28
C VAL B 51 7.07 -5.71 -3.19
N GLY B 52 6.74 -4.43 -3.02
CA GLY B 52 5.71 -3.79 -3.83
C GLY B 52 6.03 -3.82 -5.31
N ASP B 53 7.31 -3.68 -5.65
CA ASP B 53 7.75 -3.71 -7.04
C ASP B 53 7.52 -5.10 -7.61
N GLY B 54 7.77 -6.12 -6.79
CA GLY B 54 7.56 -7.48 -7.23
C GLY B 54 6.11 -7.76 -7.52
N VAL B 55 5.24 -7.14 -6.71
CA VAL B 55 3.79 -7.28 -6.84
C VAL B 55 3.32 -6.76 -8.20
N GLN B 56 3.76 -5.55 -8.54
CA GLN B 56 3.36 -4.93 -9.80
C GLN B 56 3.90 -5.72 -11.00
N ARG B 57 5.04 -6.37 -10.84
CA ARG B 57 5.63 -7.13 -11.93
C ARG B 57 4.76 -8.31 -12.37
N ASN B 58 4.15 -9.00 -11.42
CA ASN B 58 3.34 -10.18 -11.75
C ASN B 58 1.91 -9.84 -12.14
N HIS B 59 1.36 -8.71 -11.68
CA HIS B 59 -0.01 -8.36 -12.04
C HIS B 59 -0.15 -6.90 -12.48
N GLU B 60 0.80 -6.45 -13.29
CA GLU B 60 0.80 -5.08 -13.80
C GLU B 60 -0.41 -4.85 -14.70
N THR B 61 -0.72 -5.86 -15.53
CA THR B 61 -1.86 -5.78 -16.44
C THR B 61 -3.15 -5.51 -15.70
N ALA B 62 -3.28 -6.06 -14.49
CA ALA B 62 -4.48 -5.85 -13.68
C ALA B 62 -4.56 -4.40 -13.27
N PHE B 63 -3.46 -3.92 -12.69
CA PHE B 63 -3.36 -2.56 -12.21
C PHE B 63 -3.65 -1.55 -13.31
N GLN B 64 -3.31 -1.90 -14.55
CA GLN B 64 -3.55 -1.02 -15.69
C GLN B 64 -5.05 -0.90 -15.97
N GLY B 65 -5.73 -2.04 -16.00
CA GLY B 65 -7.16 -2.03 -16.25
C GLY B 65 -7.89 -1.39 -15.10
N MET B 66 -7.42 -1.70 -13.90
CA MET B 66 -7.99 -1.16 -12.66
C MET B 66 -7.72 0.34 -12.55
N LEU B 67 -6.59 0.78 -13.09
CA LEU B 67 -6.20 2.19 -13.07
C LEU B 67 -7.25 3.06 -13.75
N ARG B 68 -7.64 2.67 -14.96
CA ARG B 68 -8.65 3.40 -15.71
C ARG B 68 -10.05 3.19 -15.16
N LYS B 69 -10.23 2.14 -14.39
CA LYS B 69 -11.54 1.83 -13.82
C LYS B 69 -11.91 2.80 -12.70
N LEU B 70 -10.99 3.01 -11.75
CA LEU B 70 -11.24 3.92 -10.63
C LEU B 70 -11.43 5.36 -11.08
N ASP B 71 -12.11 6.14 -10.26
CA ASP B 71 -12.37 7.53 -10.57
C ASP B 71 -11.24 8.42 -10.09
N ILE B 72 -10.03 8.02 -10.42
CA ILE B 72 -8.85 8.77 -10.04
C ILE B 72 -8.50 9.76 -11.16
N LYS B 73 -9.26 10.84 -11.21
CA LYS B 73 -9.06 11.89 -12.20
C LYS B 73 -9.40 13.25 -11.62
N ASN B 74 -9.90 13.25 -10.38
CA ASN B 74 -10.28 14.47 -9.68
C ASN B 74 -10.29 14.14 -8.19
N GLU B 75 -10.72 15.07 -7.33
CA GLU B 75 -10.75 14.85 -5.87
C GLU B 75 -11.47 13.55 -5.49
N GLY B 76 -12.34 13.09 -6.37
CA GLY B 76 -13.06 11.86 -6.15
C GLY B 76 -12.15 10.64 -6.07
N ASP B 77 -10.90 10.81 -6.49
CA ASP B 77 -9.92 9.73 -6.50
C ASP B 77 -9.72 9.13 -5.10
N VAL B 78 -9.46 9.98 -4.12
CA VAL B 78 -9.25 9.53 -2.76
C VAL B 78 -10.51 8.89 -2.19
N LYS B 79 -11.66 9.36 -2.66
CA LYS B 79 -12.95 8.85 -2.21
C LYS B 79 -13.21 7.50 -2.87
N SER B 80 -12.76 7.37 -4.12
CA SER B 80 -12.92 6.14 -4.87
C SER B 80 -11.95 5.08 -4.35
N PHE B 81 -10.76 5.52 -3.95
CA PHE B 81 -9.76 4.60 -3.44
C PHE B 81 -10.14 4.13 -2.03
N SER B 82 -10.61 5.04 -1.19
CA SER B 82 -11.01 4.66 0.16
C SER B 82 -12.16 3.65 0.10
N ARG B 83 -12.99 3.80 -0.91
CA ARG B 83 -14.14 2.92 -1.12
C ARG B 83 -13.69 1.54 -1.61
N VAL B 84 -12.59 1.49 -2.37
CA VAL B 84 -12.09 0.21 -2.84
C VAL B 84 -11.33 -0.46 -1.71
N MET B 85 -10.64 0.34 -0.89
CA MET B 85 -9.86 -0.17 0.23
C MET B 85 -10.73 -0.96 1.20
N VAL B 86 -11.86 -0.38 1.61
CA VAL B 86 -12.77 -1.06 2.52
C VAL B 86 -13.30 -2.34 1.89
N HIS B 87 -13.43 -2.33 0.57
CA HIS B 87 -13.90 -3.50 -0.17
C HIS B 87 -12.82 -4.57 -0.20
N VAL B 88 -11.56 -4.14 -0.19
CA VAL B 88 -10.43 -5.07 -0.21
C VAL B 88 -10.36 -5.84 1.12
N PHE B 89 -10.69 -5.17 2.21
CA PHE B 89 -10.66 -5.82 3.52
C PHE B 89 -12.01 -6.41 3.89
N LYS B 90 -12.85 -6.59 2.88
CA LYS B 90 -14.19 -7.15 3.04
C LYS B 90 -14.16 -8.51 3.73
N ASP B 91 -13.23 -9.36 3.34
CA ASP B 91 -13.13 -10.71 3.88
C ASP B 91 -12.47 -10.72 5.26
N GLY B 92 -12.18 -9.55 5.78
CA GLY B 92 -11.55 -9.45 7.08
C GLY B 92 -10.07 -9.81 7.03
N VAL B 93 -9.61 -10.23 5.86
CA VAL B 93 -8.21 -10.60 5.69
C VAL B 93 -7.37 -9.33 5.63
N THR B 94 -6.79 -8.97 6.76
CA THR B 94 -5.95 -7.80 6.86
C THR B 94 -4.47 -8.18 6.70
N ASN B 95 -4.25 -9.48 6.48
CA ASN B 95 -2.90 -10.02 6.32
C ASN B 95 -2.08 -9.18 5.34
N TRP B 96 -0.83 -8.93 5.75
CA TRP B 96 0.14 -8.11 5.02
C TRP B 96 0.15 -8.34 3.52
N GLY B 97 -0.04 -9.58 3.09
CA GLY B 97 -0.04 -9.87 1.66
C GLY B 97 -1.06 -9.04 0.91
N ARG B 98 -2.23 -8.88 1.49
CA ARG B 98 -3.30 -8.11 0.87
C ARG B 98 -3.02 -6.61 1.00
N ILE B 99 -2.40 -6.22 2.10
CA ILE B 99 -2.08 -4.81 2.36
C ILE B 99 -0.99 -4.30 1.41
N VAL B 100 0.09 -5.07 1.28
CA VAL B 100 1.19 -4.68 0.40
C VAL B 100 0.70 -4.56 -1.03
N THR B 101 -0.22 -5.44 -1.42
CA THR B 101 -0.78 -5.44 -2.76
C THR B 101 -1.61 -4.16 -2.97
N LEU B 102 -2.34 -3.78 -1.93
CA LEU B 102 -3.17 -2.58 -1.98
C LEU B 102 -2.28 -1.35 -2.20
N ILE B 103 -1.17 -1.29 -1.48
CA ILE B 103 -0.24 -0.18 -1.63
C ILE B 103 0.44 -0.25 -2.99
N SER B 104 0.80 -1.45 -3.41
CA SER B 104 1.46 -1.67 -4.70
C SER B 104 0.58 -1.11 -5.81
N PHE B 105 -0.72 -1.41 -5.74
CA PHE B 105 -1.67 -0.92 -6.73
C PHE B 105 -1.79 0.60 -6.65
N GLY B 106 -1.97 1.12 -5.45
CA GLY B 106 -2.10 2.55 -5.25
C GLY B 106 -0.88 3.28 -5.78
N ALA B 107 0.28 2.67 -5.59
CA ALA B 107 1.53 3.24 -6.03
C ALA B 107 1.66 3.11 -7.54
N PHE B 108 1.13 2.04 -8.11
CA PHE B 108 1.17 1.84 -9.55
C PHE B 108 0.40 2.97 -10.20
N VAL B 109 -0.75 3.26 -9.60
CA VAL B 109 -1.62 4.33 -10.06
C VAL B 109 -0.87 5.66 -9.92
N ALA B 110 -0.24 5.82 -8.77
CA ALA B 110 0.54 7.01 -8.44
C ALA B 110 1.62 7.30 -9.47
N LYS B 111 2.22 6.25 -10.02
CA LYS B 111 3.27 6.41 -11.02
C LYS B 111 2.70 7.11 -12.23
N HIS B 112 1.53 6.65 -12.66
CA HIS B 112 0.86 7.22 -13.81
C HIS B 112 0.24 8.57 -13.46
N LEU B 113 -0.25 8.68 -12.23
CA LEU B 113 -0.87 9.90 -11.74
C LEU B 113 0.11 11.06 -11.76
N LYS B 114 1.34 10.81 -11.34
CA LYS B 114 2.36 11.85 -11.31
C LYS B 114 2.82 12.17 -12.74
N SER B 115 3.00 11.14 -13.55
CA SER B 115 3.45 11.32 -14.92
C SER B 115 2.38 11.97 -15.81
N VAL B 116 1.12 11.80 -15.44
CA VAL B 116 0.03 12.41 -16.21
C VAL B 116 -0.22 13.84 -15.71
N ASN B 117 0.65 14.26 -14.79
CA ASN B 117 0.61 15.60 -14.20
C ASN B 117 -0.63 15.81 -13.33
N GLN B 118 -0.98 14.79 -12.56
CA GLN B 118 -2.11 14.85 -11.66
C GLN B 118 -1.63 14.49 -10.25
N GLU B 119 -0.37 14.82 -9.99
CA GLU B 119 0.27 14.55 -8.70
C GLU B 119 -0.40 15.28 -7.56
N SER B 120 -1.20 16.30 -7.86
CA SER B 120 -1.92 17.01 -6.82
C SER B 120 -2.86 16.06 -6.08
N PHE B 121 -3.06 14.86 -6.66
CA PHE B 121 -3.90 13.84 -6.08
C PHE B 121 -3.06 12.69 -5.50
N ILE B 122 -1.80 12.56 -5.93
CA ILE B 122 -0.94 11.47 -5.42
C ILE B 122 -0.66 11.71 -3.94
N GLU B 123 -0.48 12.98 -3.60
CA GLU B 123 -0.22 13.37 -2.22
C GLU B 123 -1.35 12.91 -1.29
N PRO B 124 -2.61 13.36 -1.49
CA PRO B 124 -3.72 12.96 -0.63
C PRO B 124 -4.07 11.47 -0.78
N LEU B 125 -3.69 10.87 -1.91
CA LEU B 125 -3.95 9.45 -2.14
C LEU B 125 -3.25 8.62 -1.07
N ALA B 126 -1.95 8.84 -0.91
CA ALA B 126 -1.15 8.16 0.10
C ALA B 126 -1.72 8.41 1.50
N GLU B 127 -2.17 9.65 1.73
CA GLU B 127 -2.74 10.03 3.02
C GLU B 127 -4.08 9.32 3.25
N THR B 128 -4.73 8.93 2.16
CA THR B 128 -6.00 8.22 2.26
C THR B 128 -5.74 6.78 2.67
N ILE B 129 -4.70 6.18 2.09
CA ILE B 129 -4.34 4.80 2.39
C ILE B 129 -3.99 4.63 3.86
N THR B 130 -3.13 5.51 4.35
CA THR B 130 -2.69 5.48 5.74
C THR B 130 -3.85 5.64 6.72
N ASP B 131 -4.68 6.66 6.49
CA ASP B 131 -5.82 6.93 7.36
C ASP B 131 -6.81 5.78 7.41
N VAL B 132 -7.28 5.33 6.26
CA VAL B 132 -8.24 4.24 6.19
C VAL B 132 -7.67 2.96 6.80
N LEU B 133 -6.40 2.68 6.55
CA LEU B 133 -5.76 1.48 7.07
C LEU B 133 -5.66 1.51 8.59
N VAL B 134 -4.99 2.54 9.11
CA VAL B 134 -4.77 2.67 10.55
C VAL B 134 -6.07 2.87 11.33
N ARG B 135 -6.97 3.71 10.82
CA ARG B 135 -8.21 3.97 11.51
C ARG B 135 -9.15 2.76 11.52
N THR B 136 -9.05 1.90 10.52
CA THR B 136 -9.93 0.73 10.47
C THR B 136 -9.34 -0.50 11.16
N LYS B 137 -8.08 -0.82 10.88
CA LYS B 137 -7.45 -2.00 11.48
C LYS B 137 -6.29 -1.66 12.40
N ARG B 138 -6.47 -0.64 13.21
CA ARG B 138 -5.43 -0.20 14.15
C ARG B 138 -5.01 -1.36 15.06
N ASP B 139 -6.01 -2.09 15.56
CA ASP B 139 -5.76 -3.23 16.45
C ASP B 139 -4.97 -4.34 15.76
N TRP B 140 -5.17 -4.49 14.45
CA TRP B 140 -4.48 -5.52 13.71
C TRP B 140 -3.01 -5.16 13.57
N LEU B 141 -2.76 -3.90 13.23
CA LEU B 141 -1.41 -3.39 13.08
C LEU B 141 -0.64 -3.56 14.38
N VAL B 142 -1.32 -3.31 15.49
CA VAL B 142 -0.73 -3.46 16.82
C VAL B 142 -0.29 -4.90 17.06
N LYS B 143 -1.08 -5.84 16.55
CA LYS B 143 -0.77 -7.26 16.71
C LYS B 143 0.37 -7.70 15.79
N GLN B 144 0.66 -6.90 14.77
CA GLN B 144 1.71 -7.22 13.82
C GLN B 144 2.92 -6.30 13.99
N ARG B 145 2.96 -5.56 15.11
CA ARG B 145 4.06 -4.64 15.40
C ARG B 145 4.16 -3.53 14.35
N GLY B 146 3.03 -3.27 13.71
CA GLY B 146 2.95 -2.24 12.69
C GLY B 146 3.85 -2.51 11.51
N TRP B 147 4.52 -1.47 11.04
CA TRP B 147 5.40 -1.58 9.88
C TRP B 147 6.65 -2.41 10.18
N ASP B 148 7.10 -2.42 11.43
CA ASP B 148 8.30 -3.18 11.76
C ASP B 148 8.03 -4.66 11.57
N GLY B 149 6.82 -5.08 11.94
CA GLY B 149 6.44 -6.48 11.77
C GLY B 149 6.31 -6.81 10.30
N PHE B 150 5.87 -5.82 9.54
CA PHE B 150 5.71 -5.94 8.09
C PHE B 150 7.09 -6.18 7.48
N VAL B 151 8.08 -5.48 8.02
CA VAL B 151 9.45 -5.62 7.55
C VAL B 151 9.98 -6.99 7.93
N GLU B 152 9.66 -7.45 9.14
CA GLU B 152 10.11 -8.76 9.60
C GLU B 152 9.60 -9.87 8.68
N PHE B 153 8.39 -9.70 8.17
CA PHE B 153 7.77 -10.70 7.30
C PHE B 153 8.34 -10.69 5.87
N PHE B 154 8.95 -9.59 5.44
CA PHE B 154 9.49 -9.54 4.09
C PHE B 154 11.00 -9.30 4.03
N HIS B 155 11.64 -9.10 5.18
CA HIS B 155 13.08 -8.87 5.23
C HIS B 155 13.84 -10.12 4.80
N VAL B 156 13.21 -11.26 4.96
CA VAL B 156 13.79 -12.55 4.60
C VAL B 156 13.20 -13.01 3.27
N GLN B 157 14.00 -13.69 2.46
CA GLN B 157 13.55 -14.20 1.18
C GLN B 157 13.86 -15.69 1.08
N ASP B 158 13.35 -16.35 0.05
CA ASP B 158 13.57 -17.78 -0.14
C ASP B 158 14.89 -18.01 -0.89
N LEU B 159 15.08 -19.22 -1.40
CA LEU B 159 16.30 -19.57 -2.12
C LEU B 159 16.54 -18.66 -3.33
N GLU B 160 15.48 -18.28 -4.02
CA GLU B 160 15.61 -17.42 -5.19
C GLU B 160 15.00 -16.06 -4.93
N GLY B 161 13.94 -16.05 -4.15
CA GLY B 161 13.25 -14.81 -3.84
C GLY B 161 12.11 -14.61 -4.81
N GLY B 162 11.27 -15.63 -4.92
CA GLY B 162 10.14 -15.59 -5.83
C GLY B 162 9.04 -14.68 -5.33
N PRO A 1 -22.08 1.79 -7.09
CA PRO A 1 -21.78 0.89 -5.95
C PRO A 1 -20.81 -0.23 -6.36
N ALA A 2 -21.25 -1.09 -7.28
CA ALA A 2 -20.43 -2.20 -7.75
C ALA A 2 -19.72 -1.84 -9.04
N ASP A 3 -19.20 -0.62 -9.09
CA ASP A 3 -18.49 -0.13 -10.27
C ASP A 3 -17.14 -0.84 -10.36
N LEU A 4 -16.53 -1.03 -9.18
CA LEU A 4 -15.25 -1.69 -9.08
C LEU A 4 -15.43 -3.17 -8.76
N LYS A 5 -16.47 -3.75 -9.33
CA LYS A 5 -16.79 -5.16 -9.13
C LYS A 5 -15.64 -6.06 -9.57
N ASP A 6 -15.09 -5.76 -10.74
CA ASP A 6 -14.00 -6.53 -11.29
C ASP A 6 -12.69 -6.21 -10.57
N GLU A 7 -12.53 -4.94 -10.27
CA GLU A 7 -11.33 -4.44 -9.63
C GLU A 7 -11.12 -5.03 -8.24
N CYS A 8 -12.10 -4.92 -7.36
CA CYS A 8 -11.96 -5.43 -6.01
C CYS A 8 -11.90 -6.96 -6.01
N ALA A 9 -12.56 -7.59 -6.97
CA ALA A 9 -12.57 -9.04 -7.06
C ALA A 9 -11.18 -9.57 -7.39
N GLN A 10 -10.56 -8.98 -8.41
CA GLN A 10 -9.23 -9.41 -8.84
C GLN A 10 -8.16 -8.93 -7.85
N LEU A 11 -8.31 -7.70 -7.37
CA LEU A 11 -7.34 -7.10 -6.44
C LEU A 11 -7.17 -8.01 -5.22
N ARG A 12 -8.29 -8.50 -4.69
CA ARG A 12 -8.27 -9.37 -3.52
C ARG A 12 -7.48 -10.65 -3.79
N ARG A 13 -7.65 -11.21 -4.98
CA ARG A 13 -6.95 -12.44 -5.33
C ARG A 13 -5.45 -12.20 -5.45
N ILE A 14 -5.08 -10.98 -5.85
CA ILE A 14 -3.68 -10.63 -5.97
C ILE A 14 -3.07 -10.63 -4.57
N GLY A 15 -3.86 -10.10 -3.63
CA GLY A 15 -3.43 -10.04 -2.24
C GLY A 15 -3.32 -11.42 -1.64
N ASP A 16 -4.21 -12.32 -2.06
CA ASP A 16 -4.22 -13.70 -1.60
C ASP A 16 -2.91 -14.38 -1.97
N LYS A 17 -2.42 -14.07 -3.17
CA LYS A 17 -1.16 -14.63 -3.65
C LYS A 17 0.00 -14.13 -2.80
N VAL A 18 -0.02 -12.85 -2.46
CA VAL A 18 1.04 -12.26 -1.65
C VAL A 18 0.96 -12.87 -0.24
N ASN A 19 -0.27 -13.10 0.21
CA ASN A 19 -0.55 -13.70 1.51
C ASN A 19 0.07 -15.09 1.57
N LEU A 20 0.05 -15.78 0.44
CA LEU A 20 0.62 -17.10 0.32
C LEU A 20 2.14 -17.01 0.22
N ARG A 21 2.60 -16.15 -0.68
CA ARG A 21 4.02 -15.93 -0.92
C ARG A 21 4.77 -15.54 0.35
N GLN A 22 4.22 -14.61 1.12
CA GLN A 22 4.86 -14.15 2.36
C GLN A 22 5.07 -15.30 3.34
N LYS A 23 4.07 -16.17 3.45
CA LYS A 23 4.11 -17.30 4.36
C LYS A 23 5.22 -18.27 3.97
N LEU A 24 5.22 -18.67 2.70
CA LEU A 24 6.21 -19.61 2.19
C LEU A 24 7.61 -18.99 2.15
N LEU A 25 7.68 -17.67 2.01
CA LEU A 25 8.96 -16.98 1.96
C LEU A 25 9.57 -16.89 3.35
N ASN A 26 8.73 -16.70 4.35
CA ASN A 26 9.20 -16.60 5.72
C ASN A 26 9.51 -17.99 6.27
N MET A 27 8.63 -18.93 6.01
CA MET A 27 8.78 -20.29 6.46
C MET A 27 8.60 -21.27 5.31
N GLY B 1 -5.55 0.73 19.05
CA GLY B 1 -5.69 -0.63 19.62
C GLY B 1 -6.71 -0.64 20.73
N PRO B 2 -6.60 -1.56 21.70
CA PRO B 2 -7.55 -1.63 22.82
C PRO B 2 -7.57 -0.35 23.65
N LEU B 3 -6.39 0.23 23.84
CA LEU B 3 -6.24 1.46 24.61
C LEU B 3 -5.15 2.32 23.99
N GLY B 4 -5.22 3.62 24.21
CA GLY B 4 -4.23 4.53 23.67
C GLY B 4 -4.52 4.92 22.24
N SER B 5 -3.50 5.43 21.55
CA SER B 5 -3.64 5.85 20.17
C SER B 5 -2.37 5.45 19.41
N GLU B 6 -2.49 5.32 18.09
CA GLU B 6 -1.35 4.93 17.26
C GLU B 6 -0.87 6.09 16.41
N ASP B 7 -0.89 7.29 16.97
CA ASP B 7 -0.44 8.49 16.27
C ASP B 7 1.02 8.34 15.90
N ASP B 8 1.75 7.70 16.81
CA ASP B 8 3.18 7.44 16.67
C ASP B 8 3.43 6.61 15.42
N LEU B 9 2.54 5.66 15.15
CA LEU B 9 2.67 4.79 13.99
C LEU B 9 2.11 5.48 12.74
N TYR B 10 1.08 6.31 12.94
CA TYR B 10 0.46 7.02 11.83
C TYR B 10 1.47 7.93 11.15
N ARG B 11 2.24 8.66 11.95
CA ARG B 11 3.25 9.57 11.41
C ARG B 11 4.30 8.78 10.61
N GLN B 12 4.53 7.54 11.04
CA GLN B 12 5.49 6.66 10.40
C GLN B 12 4.90 6.25 9.06
N SER B 13 3.74 5.63 9.11
CA SER B 13 3.03 5.15 7.93
C SER B 13 2.83 6.26 6.90
N LEU B 14 2.50 7.45 7.39
CA LEU B 14 2.28 8.62 6.55
C LEU B 14 3.48 8.88 5.65
N GLU B 15 4.66 8.94 6.24
CA GLU B 15 5.89 9.19 5.50
C GLU B 15 6.29 7.95 4.68
N ILE B 16 6.21 6.78 5.29
CA ILE B 16 6.60 5.55 4.62
C ILE B 16 5.81 5.32 3.33
N ILE B 17 4.49 5.49 3.40
CA ILE B 17 3.63 5.29 2.25
C ILE B 17 3.79 6.40 1.21
N SER B 18 3.86 7.66 1.65
CA SER B 18 4.00 8.76 0.71
C SER B 18 5.31 8.66 -0.05
N ARG B 19 6.39 8.32 0.65
CA ARG B 19 7.69 8.18 0.01
C ARG B 19 7.68 7.01 -0.97
N TYR B 20 6.85 6.02 -0.68
CA TYR B 20 6.76 4.88 -1.56
C TYR B 20 6.04 5.25 -2.85
N LEU B 21 4.87 5.86 -2.73
CA LEU B 21 4.09 6.22 -3.91
C LEU B 21 4.74 7.32 -4.75
N ARG B 22 5.08 8.44 -4.13
CA ARG B 22 5.66 9.56 -4.85
C ARG B 22 6.96 9.20 -5.55
N GLU B 23 7.87 8.55 -4.84
CA GLU B 23 9.15 8.18 -5.42
C GLU B 23 9.01 7.10 -6.50
N GLN B 24 8.06 6.16 -6.32
CA GLN B 24 7.84 5.13 -7.32
C GLN B 24 7.24 5.74 -8.58
N ALA B 25 6.38 6.72 -8.40
CA ALA B 25 5.73 7.42 -9.50
C ALA B 25 6.72 8.29 -10.26
N THR B 26 7.76 8.71 -9.56
CA THR B 26 8.79 9.55 -10.15
C THR B 26 9.92 8.66 -10.69
N GLY B 27 9.85 7.38 -10.34
CA GLY B 27 10.85 6.43 -10.76
C GLY B 27 12.18 6.66 -10.09
N SER B 28 12.14 7.32 -8.94
CA SER B 28 13.35 7.62 -8.20
C SER B 28 13.55 6.63 -7.07
N LYS B 29 14.27 5.57 -7.36
CA LYS B 29 14.56 4.55 -6.35
C LYS B 29 15.87 4.93 -5.65
N ASP B 30 15.87 6.16 -5.14
CA ASP B 30 17.04 6.70 -4.46
C ASP B 30 16.87 6.55 -2.94
N SER B 31 17.67 7.26 -2.17
CA SER B 31 17.61 7.17 -0.71
C SER B 31 16.91 8.42 -0.15
N LYS B 32 15.87 8.21 0.65
CA LYS B 32 15.13 9.33 1.23
C LYS B 32 15.02 9.14 2.74
N PRO B 33 15.54 10.10 3.52
CA PRO B 33 15.47 10.07 4.98
C PRO B 33 14.10 10.48 5.49
N LEU B 34 13.38 9.55 6.10
CA LEU B 34 12.05 9.84 6.63
C LEU B 34 12.16 10.65 7.92
N GLY B 35 13.19 10.35 8.70
CA GLY B 35 13.42 11.06 9.95
C GLY B 35 12.43 10.74 11.04
N GLU B 36 11.25 11.34 10.97
CA GLU B 36 10.20 11.16 11.97
C GLU B 36 9.72 9.71 12.03
N ALA B 37 9.82 9.00 10.90
CA ALA B 37 9.40 7.60 10.84
C ALA B 37 10.46 6.70 11.47
N GLY B 38 11.67 7.26 11.60
CA GLY B 38 12.78 6.54 12.21
C GLY B 38 13.32 5.42 11.33
N ALA B 39 14.02 4.48 11.97
CA ALA B 39 14.60 3.34 11.28
C ALA B 39 13.52 2.43 10.72
N ALA B 40 12.39 2.37 11.43
CA ALA B 40 11.26 1.56 11.01
C ALA B 40 10.75 2.03 9.67
N GLY B 41 10.80 3.36 9.47
CA GLY B 41 10.37 3.95 8.23
C GLY B 41 11.20 3.47 7.06
N ARG B 42 12.52 3.45 7.26
CA ARG B 42 13.44 3.01 6.23
C ARG B 42 13.24 1.54 5.91
N ARG B 43 13.15 0.73 6.96
CA ARG B 43 12.95 -0.70 6.81
C ARG B 43 11.69 -0.98 6.00
N ALA B 44 10.61 -0.32 6.36
CA ALA B 44 9.33 -0.49 5.68
C ALA B 44 9.37 0.07 4.26
N LEU B 45 10.00 1.23 4.09
CA LEU B 45 10.09 1.86 2.78
C LEU B 45 10.82 0.92 1.81
N GLU B 46 11.97 0.41 2.26
CA GLU B 46 12.76 -0.51 1.45
C GLU B 46 11.95 -1.76 1.13
N THR B 47 11.20 -2.25 2.12
CA THR B 47 10.37 -3.43 1.93
C THR B 47 9.26 -3.13 0.93
N LEU B 48 8.62 -1.97 1.09
CA LEU B 48 7.54 -1.55 0.20
C LEU B 48 8.04 -1.46 -1.23
N ARG B 49 9.22 -0.87 -1.41
CA ARG B 49 9.79 -0.72 -2.73
C ARG B 49 10.23 -2.05 -3.33
N ARG B 50 10.73 -2.97 -2.51
CA ARG B 50 11.15 -4.27 -3.01
C ARG B 50 9.95 -5.18 -3.27
N VAL B 51 9.07 -5.30 -2.29
CA VAL B 51 7.90 -6.16 -2.38
C VAL B 51 6.84 -5.58 -3.32
N GLY B 52 6.49 -4.33 -3.11
CA GLY B 52 5.47 -3.68 -3.92
C GLY B 52 5.83 -3.61 -5.39
N ASP B 53 7.11 -3.44 -5.69
CA ASP B 53 7.57 -3.37 -7.08
C ASP B 53 7.34 -4.73 -7.72
N GLY B 54 7.60 -5.77 -6.94
CA GLY B 54 7.41 -7.13 -7.41
C GLY B 54 5.94 -7.41 -7.67
N VAL B 55 5.08 -6.85 -6.83
CA VAL B 55 3.63 -7.01 -6.97
C VAL B 55 3.19 -6.39 -8.29
N GLN B 56 3.70 -5.19 -8.55
CA GLN B 56 3.39 -4.45 -9.76
C GLN B 56 3.82 -5.23 -11.00
N ARG B 57 5.04 -5.73 -11.00
CA ARG B 57 5.57 -6.50 -12.12
C ARG B 57 4.81 -7.81 -12.29
N ASN B 58 4.30 -8.34 -11.18
CA ASN B 58 3.56 -9.59 -11.17
C ASN B 58 2.19 -9.48 -11.87
N HIS B 59 1.44 -8.41 -11.60
CA HIS B 59 0.14 -8.23 -12.24
C HIS B 59 -0.05 -6.80 -12.74
N GLU B 60 0.92 -6.34 -13.50
CA GLU B 60 0.91 -4.98 -14.05
C GLU B 60 -0.34 -4.73 -14.90
N THR B 61 -0.68 -5.67 -15.75
CA THR B 61 -1.84 -5.55 -16.62
C THR B 61 -3.14 -5.45 -15.81
N ALA B 62 -3.13 -6.07 -14.62
CA ALA B 62 -4.30 -6.06 -13.76
C ALA B 62 -4.54 -4.66 -13.21
N PHE B 63 -3.47 -4.04 -12.74
CA PHE B 63 -3.54 -2.70 -12.18
C PHE B 63 -3.96 -1.70 -13.25
N GLN B 64 -3.48 -1.90 -14.47
CA GLN B 64 -3.81 -1.02 -15.59
C GLN B 64 -5.28 -1.17 -15.96
N GLY B 65 -5.87 -2.31 -15.64
CA GLY B 65 -7.26 -2.52 -15.93
C GLY B 65 -8.13 -1.77 -14.94
N MET B 66 -7.70 -1.78 -13.68
CA MET B 66 -8.41 -1.11 -12.61
C MET B 66 -8.23 0.41 -12.72
N LEU B 67 -7.03 0.80 -13.16
CA LEU B 67 -6.69 2.21 -13.34
C LEU B 67 -7.67 2.92 -14.26
N ARG B 68 -8.21 2.17 -15.21
CA ARG B 68 -9.17 2.72 -16.17
C ARG B 68 -10.55 2.89 -15.54
N LYS B 69 -10.80 2.18 -14.44
CA LYS B 69 -12.08 2.24 -13.75
C LYS B 69 -12.09 3.38 -12.73
N LEU B 70 -11.06 3.45 -11.91
CA LEU B 70 -10.97 4.51 -10.90
C LEU B 70 -10.66 5.83 -11.59
N ASP B 71 -11.51 6.83 -11.37
CA ASP B 71 -11.31 8.13 -12.00
C ASP B 71 -10.24 8.91 -11.23
N ILE B 72 -8.99 8.50 -11.42
CA ILE B 72 -7.87 9.14 -10.76
C ILE B 72 -7.40 10.34 -11.57
N LYS B 73 -8.22 11.38 -11.57
CA LYS B 73 -7.89 12.61 -12.29
C LYS B 73 -8.62 13.80 -11.65
N ASN B 74 -9.35 13.52 -10.58
CA ASN B 74 -10.09 14.54 -9.84
C ASN B 74 -9.99 14.19 -8.36
N GLU B 75 -10.60 14.99 -7.49
CA GLU B 75 -10.58 14.73 -6.05
C GLU B 75 -11.27 13.41 -5.72
N GLY B 76 -12.08 12.96 -6.67
CA GLY B 76 -12.80 11.71 -6.55
C GLY B 76 -11.88 10.49 -6.54
N ASP B 77 -10.62 10.70 -6.89
CA ASP B 77 -9.63 9.62 -6.94
C ASP B 77 -9.49 8.92 -5.59
N VAL B 78 -9.27 9.70 -4.53
CA VAL B 78 -9.13 9.16 -3.19
C VAL B 78 -10.45 8.60 -2.69
N LYS B 79 -11.54 9.14 -3.22
CA LYS B 79 -12.88 8.70 -2.85
C LYS B 79 -13.10 7.30 -3.41
N SER B 80 -12.68 7.12 -4.65
CA SER B 80 -12.82 5.85 -5.35
C SER B 80 -11.95 4.78 -4.69
N PHE B 81 -10.75 5.19 -4.25
CA PHE B 81 -9.83 4.26 -3.62
C PHE B 81 -10.40 3.77 -2.29
N SER B 82 -11.12 4.66 -1.61
CA SER B 82 -11.75 4.31 -0.34
C SER B 82 -12.81 3.23 -0.59
N ARG B 83 -13.56 3.39 -1.68
CA ARG B 83 -14.61 2.45 -2.04
C ARG B 83 -14.05 1.07 -2.40
N VAL B 84 -12.92 1.04 -3.11
CA VAL B 84 -12.34 -0.24 -3.47
C VAL B 84 -11.73 -0.91 -2.25
N MET B 85 -11.12 -0.12 -1.37
CA MET B 85 -10.51 -0.65 -0.15
C MET B 85 -11.52 -1.39 0.72
N VAL B 86 -12.68 -0.76 0.93
CA VAL B 86 -13.74 -1.36 1.73
C VAL B 86 -14.15 -2.71 1.14
N HIS B 87 -14.18 -2.79 -0.18
CA HIS B 87 -14.54 -4.03 -0.87
C HIS B 87 -13.42 -5.06 -0.79
N VAL B 88 -12.18 -4.60 -0.78
CA VAL B 88 -11.03 -5.50 -0.69
C VAL B 88 -10.95 -6.13 0.70
N PHE B 89 -11.28 -5.36 1.73
CA PHE B 89 -11.24 -5.87 3.09
C PHE B 89 -12.61 -6.41 3.51
N LYS B 90 -13.49 -6.57 2.53
CA LYS B 90 -14.84 -7.09 2.77
C LYS B 90 -14.81 -8.55 3.25
N ASP B 91 -13.70 -9.23 3.00
CA ASP B 91 -13.56 -10.61 3.42
C ASP B 91 -12.96 -10.70 4.81
N GLY B 92 -12.59 -9.55 5.37
CA GLY B 92 -12.00 -9.51 6.69
C GLY B 92 -10.53 -9.84 6.69
N VAL B 93 -10.03 -10.39 5.58
CA VAL B 93 -8.63 -10.77 5.47
C VAL B 93 -7.75 -9.52 5.51
N THR B 94 -7.21 -9.24 6.68
CA THR B 94 -6.34 -8.11 6.88
C THR B 94 -4.87 -8.51 6.73
N ASN B 95 -4.63 -9.77 6.43
CA ASN B 95 -3.28 -10.30 6.26
C ASN B 95 -2.44 -9.37 5.38
N TRP B 96 -1.22 -9.14 5.85
CA TRP B 96 -0.24 -8.26 5.19
C TRP B 96 -0.19 -8.43 3.69
N GLY B 97 -0.38 -9.65 3.20
CA GLY B 97 -0.36 -9.90 1.77
C GLY B 97 -1.37 -9.06 1.01
N ARG B 98 -2.57 -8.96 1.57
CA ARG B 98 -3.64 -8.20 0.93
C ARG B 98 -3.40 -6.69 1.12
N ILE B 99 -2.79 -6.34 2.25
CA ILE B 99 -2.50 -4.94 2.57
C ILE B 99 -1.41 -4.37 1.67
N VAL B 100 -0.28 -5.09 1.56
CA VAL B 100 0.83 -4.63 0.73
C VAL B 100 0.38 -4.47 -0.72
N THR B 101 -0.52 -5.35 -1.16
CA THR B 101 -1.04 -5.31 -2.52
C THR B 101 -1.79 -4.00 -2.77
N LEU B 102 -2.53 -3.53 -1.76
CA LEU B 102 -3.29 -2.29 -1.89
C LEU B 102 -2.34 -1.11 -2.11
N ILE B 103 -1.23 -1.10 -1.37
CA ILE B 103 -0.26 -0.03 -1.51
C ILE B 103 0.42 -0.13 -2.87
N SER B 104 0.74 -1.37 -3.26
CA SER B 104 1.38 -1.63 -4.54
C SER B 104 0.51 -1.13 -5.69
N PHE B 105 -0.78 -1.39 -5.58
CA PHE B 105 -1.75 -0.96 -6.57
C PHE B 105 -1.88 0.56 -6.59
N GLY B 106 -2.07 1.13 -5.41
CA GLY B 106 -2.21 2.57 -5.29
C GLY B 106 -1.01 3.30 -5.84
N ALA B 107 0.16 2.71 -5.66
CA ALA B 107 1.40 3.29 -6.14
C ALA B 107 1.53 3.16 -7.65
N PHE B 108 0.95 2.10 -8.22
CA PHE B 108 1.00 1.92 -9.66
C PHE B 108 0.11 2.97 -10.31
N VAL B 109 -1.04 3.18 -9.68
CA VAL B 109 -2.00 4.18 -10.13
C VAL B 109 -1.37 5.56 -10.00
N ALA B 110 -0.71 5.76 -8.87
CA ALA B 110 -0.04 7.01 -8.55
C ALA B 110 0.97 7.39 -9.62
N LYS B 111 1.59 6.38 -10.24
CA LYS B 111 2.58 6.62 -11.29
C LYS B 111 1.97 7.40 -12.45
N HIS B 112 0.80 6.97 -12.89
CA HIS B 112 0.14 7.65 -14.00
C HIS B 112 -0.38 9.00 -13.55
N LEU B 113 -0.80 9.08 -12.30
CA LEU B 113 -1.31 10.31 -11.71
C LEU B 113 -0.19 11.35 -11.64
N LYS B 114 1.00 10.90 -11.29
CA LYS B 114 2.15 11.79 -11.21
C LYS B 114 2.62 12.18 -12.60
N SER B 115 2.54 11.23 -13.53
CA SER B 115 2.97 11.46 -14.90
C SER B 115 2.03 12.43 -15.63
N VAL B 116 0.83 12.61 -15.09
CA VAL B 116 -0.14 13.53 -15.69
C VAL B 116 -0.11 14.87 -14.96
N ASN B 117 0.96 15.08 -14.20
CA ASN B 117 1.21 16.32 -13.45
C ASN B 117 0.17 16.58 -12.34
N GLN B 118 -0.35 15.52 -11.75
CA GLN B 118 -1.33 15.68 -10.68
C GLN B 118 -0.76 15.18 -9.36
N GLU B 119 0.48 15.60 -9.08
CA GLU B 119 1.20 15.23 -7.86
C GLU B 119 0.46 15.71 -6.61
N SER B 120 -0.41 16.69 -6.78
CA SER B 120 -1.17 17.23 -5.67
C SER B 120 -2.21 16.21 -5.16
N PHE B 121 -2.42 15.13 -5.91
CA PHE B 121 -3.36 14.10 -5.49
C PHE B 121 -2.63 12.86 -4.98
N ILE B 122 -1.45 12.57 -5.54
CA ILE B 122 -0.67 11.40 -5.13
C ILE B 122 -0.28 11.47 -3.66
N GLU B 123 0.14 12.65 -3.21
CA GLU B 123 0.52 12.82 -1.81
C GLU B 123 -0.66 12.52 -0.88
N PRO B 124 -1.83 13.18 -1.02
CA PRO B 124 -2.99 12.89 -0.18
C PRO B 124 -3.52 11.47 -0.39
N LEU B 125 -3.17 10.86 -1.52
CA LEU B 125 -3.61 9.49 -1.83
C LEU B 125 -2.96 8.56 -0.80
N ALA B 126 -1.65 8.70 -0.65
CA ALA B 126 -0.89 7.90 0.32
C ALA B 126 -1.46 8.09 1.71
N GLU B 127 -1.84 9.34 2.01
CA GLU B 127 -2.42 9.69 3.29
C GLU B 127 -3.78 8.98 3.45
N THR B 128 -4.55 8.96 2.38
CA THR B 128 -5.86 8.31 2.38
C THR B 128 -5.69 6.83 2.70
N ILE B 129 -4.66 6.22 2.11
CA ILE B 129 -4.37 4.81 2.33
C ILE B 129 -3.99 4.55 3.77
N THR B 130 -3.02 5.30 4.27
CA THR B 130 -2.53 5.12 5.63
C THR B 130 -3.56 5.46 6.70
N ASP B 131 -4.31 6.54 6.51
CA ASP B 131 -5.29 6.97 7.49
C ASP B 131 -6.42 5.96 7.66
N VAL B 132 -7.07 5.60 6.57
CA VAL B 132 -8.17 4.65 6.61
C VAL B 132 -7.70 3.27 7.08
N LEU B 133 -6.54 2.84 6.61
CA LEU B 133 -5.98 1.55 6.98
C LEU B 133 -5.73 1.44 8.48
N VAL B 134 -4.95 2.39 9.00
CA VAL B 134 -4.61 2.40 10.42
C VAL B 134 -5.83 2.58 11.31
N ARG B 135 -6.70 3.54 10.98
CA ARG B 135 -7.89 3.81 11.79
C ARG B 135 -8.87 2.64 11.83
N THR B 136 -8.93 1.87 10.75
CA THR B 136 -9.85 0.74 10.68
C THR B 136 -9.28 -0.51 11.37
N LYS B 137 -8.03 -0.85 11.05
CA LYS B 137 -7.41 -2.04 11.61
C LYS B 137 -6.39 -1.71 12.69
N ARG B 138 -6.74 -0.76 13.54
CA ARG B 138 -5.88 -0.30 14.64
C ARG B 138 -5.35 -1.47 15.47
N ASP B 139 -6.26 -2.22 16.08
CA ASP B 139 -5.92 -3.34 16.94
C ASP B 139 -5.03 -4.38 16.23
N TRP B 140 -5.37 -4.66 14.98
CA TRP B 140 -4.63 -5.65 14.19
C TRP B 140 -3.17 -5.24 14.03
N LEU B 141 -2.95 -3.96 13.75
CA LEU B 141 -1.59 -3.44 13.57
C LEU B 141 -0.85 -3.40 14.90
N VAL B 142 -1.55 -2.99 15.96
CA VAL B 142 -0.95 -2.88 17.30
C VAL B 142 -0.34 -4.19 17.76
N LYS B 143 -1.06 -5.29 17.57
CA LYS B 143 -0.58 -6.60 17.98
C LYS B 143 0.70 -7.02 17.24
N GLN B 144 0.94 -6.42 16.09
CA GLN B 144 2.12 -6.73 15.29
C GLN B 144 3.10 -5.56 15.27
N ARG B 145 2.85 -4.57 16.14
CA ARG B 145 3.68 -3.37 16.24
C ARG B 145 3.76 -2.61 14.92
N GLY B 146 2.66 -2.64 14.18
CA GLY B 146 2.59 -1.94 12.91
C GLY B 146 3.58 -2.44 11.87
N TRP B 147 4.45 -1.55 11.44
CA TRP B 147 5.44 -1.87 10.42
C TRP B 147 6.51 -2.83 10.93
N ASP B 148 6.69 -2.94 12.24
CA ASP B 148 7.70 -3.85 12.77
C ASP B 148 7.42 -5.28 12.33
N GLY B 149 6.17 -5.70 12.49
CA GLY B 149 5.77 -7.03 12.08
C GLY B 149 5.86 -7.19 10.58
N PHE B 150 5.44 -6.16 9.87
CA PHE B 150 5.47 -6.14 8.41
C PHE B 150 6.90 -6.32 7.90
N VAL B 151 7.81 -5.52 8.43
CA VAL B 151 9.21 -5.59 8.03
C VAL B 151 9.83 -6.92 8.44
N GLU B 152 9.58 -7.38 9.65
CA GLU B 152 10.16 -8.62 10.10
C GLU B 152 9.61 -9.81 9.29
N PHE B 153 8.37 -9.71 8.82
CA PHE B 153 7.81 -10.79 8.04
C PHE B 153 8.36 -10.81 6.61
N PHE B 154 8.66 -9.63 6.06
CA PHE B 154 9.15 -9.53 4.69
C PHE B 154 10.65 -9.21 4.58
N HIS B 155 11.34 -9.03 5.69
CA HIS B 155 12.77 -8.70 5.66
C HIS B 155 13.59 -9.82 5.01
N VAL B 156 13.02 -11.01 4.96
CA VAL B 156 13.68 -12.15 4.34
C VAL B 156 13.85 -11.86 2.84
N GLN B 157 15.10 -11.77 2.40
CA GLN B 157 15.40 -11.47 1.00
C GLN B 157 14.97 -12.62 0.08
N ASP B 158 14.69 -12.26 -1.16
CA ASP B 158 14.24 -13.19 -2.18
C ASP B 158 15.29 -14.25 -2.47
N LEU B 159 16.53 -13.95 -2.10
CA LEU B 159 17.64 -14.87 -2.32
C LEU B 159 17.91 -15.70 -1.06
N GLU B 160 16.98 -15.68 -0.11
CA GLU B 160 17.13 -16.44 1.12
C GLU B 160 16.09 -17.55 1.20
N GLY B 161 15.27 -17.68 0.17
CA GLY B 161 14.25 -18.72 0.18
C GLY B 161 13.80 -19.09 -1.21
N GLY B 162 12.62 -19.70 -1.30
CA GLY B 162 12.08 -20.11 -2.58
C GLY B 162 10.57 -20.07 -2.55
N PRO A 1 -19.96 2.57 -10.10
CA PRO A 1 -20.28 2.17 -8.71
C PRO A 1 -20.08 0.67 -8.46
N ALA A 2 -21.05 -0.14 -8.86
CA ALA A 2 -20.98 -1.59 -8.66
C ALA A 2 -20.17 -2.28 -9.74
N ASP A 3 -19.72 -1.52 -10.73
CA ASP A 3 -18.93 -2.05 -11.82
C ASP A 3 -17.47 -2.26 -11.39
N LEU A 4 -17.15 -1.83 -10.17
CA LEU A 4 -15.80 -1.97 -9.62
C LEU A 4 -15.65 -3.35 -8.99
N LYS A 5 -16.66 -4.18 -9.23
CA LYS A 5 -16.72 -5.54 -8.72
C LYS A 5 -15.47 -6.34 -9.08
N ASP A 6 -15.15 -6.35 -10.38
CA ASP A 6 -13.99 -7.08 -10.87
C ASP A 6 -12.69 -6.47 -10.38
N GLU A 7 -12.67 -5.15 -10.22
CA GLU A 7 -11.47 -4.48 -9.75
C GLU A 7 -11.09 -4.98 -8.36
N CYS A 8 -12.03 -4.98 -7.43
CA CYS A 8 -11.76 -5.45 -6.08
C CYS A 8 -11.58 -6.97 -6.05
N ALA A 9 -12.26 -7.67 -6.97
CA ALA A 9 -12.14 -9.12 -7.04
C ALA A 9 -10.70 -9.49 -7.35
N GLN A 10 -10.12 -8.76 -8.32
CA GLN A 10 -8.74 -8.98 -8.71
C GLN A 10 -7.82 -8.59 -7.56
N LEU A 11 -8.05 -7.39 -7.00
CA LEU A 11 -7.25 -6.89 -5.89
C LEU A 11 -7.24 -7.89 -4.75
N ARG A 12 -8.36 -8.58 -4.57
CA ARG A 12 -8.47 -9.58 -3.53
C ARG A 12 -7.62 -10.79 -3.87
N ARG A 13 -7.74 -11.28 -5.10
CA ARG A 13 -6.99 -12.46 -5.52
C ARG A 13 -5.49 -12.20 -5.61
N ILE A 14 -5.11 -10.98 -6.00
CA ILE A 14 -3.70 -10.64 -6.08
C ILE A 14 -3.11 -10.65 -4.68
N GLY A 15 -3.92 -10.20 -3.71
CA GLY A 15 -3.51 -10.17 -2.32
C GLY A 15 -3.34 -11.57 -1.75
N ASP A 16 -4.12 -12.52 -2.26
CA ASP A 16 -4.03 -13.91 -1.80
C ASP A 16 -2.68 -14.51 -2.17
N LYS A 17 -2.26 -14.25 -3.41
CA LYS A 17 -0.99 -14.77 -3.90
C LYS A 17 0.20 -14.25 -3.10
N VAL A 18 0.27 -12.94 -2.89
CA VAL A 18 1.39 -12.36 -2.14
C VAL A 18 1.38 -12.84 -0.68
N ASN A 19 0.20 -12.99 -0.09
CA ASN A 19 0.10 -13.45 1.29
C ASN A 19 0.53 -14.91 1.38
N LEU A 20 0.20 -15.69 0.36
CA LEU A 20 0.57 -17.09 0.32
C LEU A 20 2.09 -17.20 0.16
N ARG A 21 2.61 -16.33 -0.69
CA ARG A 21 4.04 -16.26 -0.96
C ARG A 21 4.84 -15.99 0.30
N GLN A 22 4.48 -14.91 0.99
CA GLN A 22 5.18 -14.51 2.22
C GLN A 22 5.09 -15.59 3.30
N LYS A 23 3.96 -16.28 3.37
CA LYS A 23 3.75 -17.32 4.37
C LYS A 23 4.80 -18.42 4.18
N LEU A 24 4.91 -18.93 2.97
CA LEU A 24 5.84 -20.01 2.67
C LEU A 24 7.31 -19.59 2.70
N LEU A 25 7.62 -18.34 2.37
CA LEU A 25 9.01 -17.90 2.38
C LEU A 25 9.50 -17.60 3.80
N ASN A 26 8.57 -17.27 4.69
CA ASN A 26 8.94 -16.98 6.08
C ASN A 26 8.91 -18.26 6.89
N MET A 27 7.89 -19.07 6.67
CA MET A 27 7.73 -20.33 7.39
C MET A 27 7.38 -21.47 6.44
N GLY B 1 0.18 16.20 13.36
CA GLY B 1 -0.26 16.89 12.12
C GLY B 1 -1.33 17.91 12.43
N PRO B 2 -2.33 18.08 11.55
CA PRO B 2 -3.43 19.04 11.77
C PRO B 2 -4.29 18.63 12.96
N LEU B 3 -4.23 17.34 13.29
CA LEU B 3 -4.98 16.79 14.42
C LEU B 3 -3.98 16.42 15.52
N GLY B 4 -4.45 16.48 16.75
CA GLY B 4 -3.61 16.17 17.90
C GLY B 4 -3.56 14.69 18.19
N SER B 5 -4.57 13.95 17.74
CA SER B 5 -4.63 12.51 17.95
C SER B 5 -3.77 11.81 16.89
N GLU B 6 -2.49 12.17 16.86
CA GLU B 6 -1.56 11.60 15.90
C GLU B 6 -0.97 10.31 16.46
N ASP B 7 -1.46 9.19 15.95
CA ASP B 7 -0.99 7.88 16.37
C ASP B 7 0.40 7.64 15.80
N ASP B 8 1.21 6.94 16.59
CA ASP B 8 2.60 6.63 16.26
C ASP B 8 2.70 5.79 14.97
N LEU B 9 1.77 4.87 14.77
CA LEU B 9 1.79 4.02 13.59
C LEU B 9 1.25 4.81 12.40
N TYR B 10 0.20 5.58 12.64
CA TYR B 10 -0.43 6.42 11.63
C TYR B 10 0.61 7.41 11.10
N ARG B 11 1.42 7.93 12.01
CA ARG B 11 2.48 8.86 11.67
C ARG B 11 3.51 8.19 10.77
N GLN B 12 3.91 6.96 11.10
CA GLN B 12 4.88 6.23 10.30
C GLN B 12 4.30 5.96 8.92
N SER B 13 3.12 5.35 8.88
CA SER B 13 2.48 5.03 7.61
C SER B 13 2.29 6.27 6.74
N LEU B 14 1.93 7.38 7.37
CA LEU B 14 1.74 8.65 6.68
C LEU B 14 3.04 9.05 5.95
N GLU B 15 4.14 9.00 6.69
CA GLU B 15 5.45 9.38 6.17
C GLU B 15 6.00 8.34 5.18
N ILE B 16 5.98 7.07 5.58
CA ILE B 16 6.50 5.97 4.76
C ILE B 16 5.74 5.83 3.43
N ILE B 17 4.41 5.74 3.50
CA ILE B 17 3.59 5.56 2.30
C ILE B 17 3.73 6.74 1.33
N SER B 18 3.68 7.96 1.85
CA SER B 18 3.80 9.13 0.98
C SER B 18 5.14 9.15 0.26
N ARG B 19 6.21 8.79 0.97
CA ARG B 19 7.52 8.78 0.33
C ARG B 19 7.59 7.65 -0.69
N TYR B 20 6.92 6.54 -0.41
CA TYR B 20 6.92 5.39 -1.31
C TYR B 20 6.25 5.75 -2.63
N LEU B 21 5.00 6.24 -2.56
CA LEU B 21 4.27 6.62 -3.76
C LEU B 21 4.99 7.72 -4.52
N ARG B 22 5.60 8.63 -3.77
CA ARG B 22 6.34 9.73 -4.36
C ARG B 22 7.50 9.22 -5.19
N GLU B 23 8.33 8.36 -4.59
CA GLU B 23 9.49 7.80 -5.28
C GLU B 23 9.05 6.91 -6.44
N GLN B 24 8.00 6.13 -6.21
CA GLN B 24 7.47 5.24 -7.24
C GLN B 24 6.99 6.00 -8.47
N ALA B 25 6.62 7.25 -8.29
CA ALA B 25 6.14 8.05 -9.39
C ALA B 25 7.22 8.95 -9.99
N THR B 26 8.09 9.51 -9.15
CA THR B 26 9.14 10.38 -9.65
C THR B 26 10.33 9.59 -10.21
N GLY B 27 10.56 8.41 -9.64
CA GLY B 27 11.65 7.56 -10.09
C GLY B 27 12.97 7.91 -9.42
N SER B 28 13.07 9.14 -8.92
CA SER B 28 14.28 9.59 -8.26
C SER B 28 14.16 9.30 -6.77
N LYS B 29 15.28 9.30 -6.06
CA LYS B 29 15.26 8.99 -4.63
C LYS B 29 15.44 10.23 -3.77
N ASP B 30 15.42 11.40 -4.39
CA ASP B 30 15.57 12.64 -3.65
C ASP B 30 14.25 13.40 -3.66
N SER B 31 13.85 13.85 -2.47
CA SER B 31 12.62 14.60 -2.28
C SER B 31 12.47 14.98 -0.82
N LYS B 32 12.19 13.97 0.01
CA LYS B 32 12.03 14.17 1.44
C LYS B 32 12.66 13.00 2.20
N PRO B 33 13.51 13.29 3.19
CA PRO B 33 14.13 12.25 4.00
C PRO B 33 13.20 11.75 5.09
N LEU B 34 13.30 10.46 5.41
CA LEU B 34 12.46 9.87 6.44
C LEU B 34 12.96 10.33 7.81
N GLY B 35 12.05 10.88 8.59
CA GLY B 35 12.40 11.36 9.91
C GLY B 35 11.28 11.15 10.89
N GLU B 36 10.07 11.49 10.46
CA GLU B 36 8.88 11.33 11.27
C GLU B 36 8.58 9.85 11.46
N ALA B 37 8.83 9.05 10.43
CA ALA B 37 8.62 7.62 10.49
C ALA B 37 9.68 6.97 11.37
N GLY B 38 10.92 7.33 11.12
CA GLY B 38 12.03 6.80 11.90
C GLY B 38 12.77 5.68 11.21
N ALA B 39 13.37 4.81 12.02
CA ALA B 39 14.15 3.67 11.52
C ALA B 39 13.25 2.70 10.75
N ALA B 40 12.01 2.55 11.20
CA ALA B 40 11.06 1.66 10.55
C ALA B 40 10.72 2.17 9.15
N GLY B 41 10.83 3.48 8.96
CA GLY B 41 10.52 4.06 7.67
C GLY B 41 11.43 3.56 6.57
N ARG B 42 12.72 3.56 6.82
CA ARG B 42 13.69 3.11 5.83
C ARG B 42 13.54 1.61 5.58
N ARG B 43 13.29 0.86 6.65
CA ARG B 43 13.11 -0.59 6.55
C ARG B 43 11.85 -0.92 5.78
N ALA B 44 10.77 -0.22 6.10
CA ALA B 44 9.49 -0.43 5.44
C ALA B 44 9.60 -0.08 3.96
N LEU B 45 10.25 1.04 3.64
CA LEU B 45 10.41 1.43 2.25
C LEU B 45 11.23 0.40 1.48
N GLU B 46 12.19 -0.20 2.16
CA GLU B 46 13.03 -1.23 1.54
C GLU B 46 12.13 -2.40 1.15
N THR B 47 11.24 -2.72 2.07
CA THR B 47 10.30 -3.81 1.89
C THR B 47 9.27 -3.46 0.81
N LEU B 48 8.69 -2.28 0.93
CA LEU B 48 7.69 -1.80 -0.02
C LEU B 48 8.22 -1.77 -1.46
N ARG B 49 9.48 -1.42 -1.65
CA ARG B 49 10.03 -1.37 -2.99
C ARG B 49 10.31 -2.77 -3.55
N ARG B 50 10.76 -3.69 -2.72
CA ARG B 50 11.06 -5.04 -3.19
C ARG B 50 9.77 -5.83 -3.39
N VAL B 51 8.91 -5.80 -2.38
CA VAL B 51 7.65 -6.53 -2.42
C VAL B 51 6.64 -5.85 -3.33
N GLY B 52 6.47 -4.54 -3.17
CA GLY B 52 5.54 -3.79 -3.98
C GLY B 52 5.80 -3.93 -5.47
N ASP B 53 7.06 -3.84 -5.86
CA ASP B 53 7.44 -3.96 -7.26
C ASP B 53 6.97 -5.30 -7.81
N GLY B 54 7.27 -6.35 -7.07
CA GLY B 54 6.89 -7.69 -7.47
C GLY B 54 5.38 -7.84 -7.60
N VAL B 55 4.66 -7.27 -6.64
CA VAL B 55 3.19 -7.32 -6.63
C VAL B 55 2.59 -6.68 -7.88
N GLN B 56 2.98 -5.44 -8.14
CA GLN B 56 2.47 -4.71 -9.29
C GLN B 56 3.00 -5.28 -10.60
N ARG B 57 4.21 -5.83 -10.59
CA ARG B 57 4.83 -6.37 -11.80
C ARG B 57 4.20 -7.67 -12.26
N ASN B 58 4.00 -8.63 -11.36
CA ASN B 58 3.45 -9.94 -11.73
C ASN B 58 2.00 -9.85 -12.23
N HIS B 59 1.26 -8.83 -11.82
CA HIS B 59 -0.12 -8.69 -12.28
C HIS B 59 -0.38 -7.27 -12.74
N GLU B 60 0.59 -6.69 -13.43
CA GLU B 60 0.49 -5.33 -13.95
C GLU B 60 -0.71 -5.23 -14.90
N THR B 61 -1.00 -6.35 -15.53
CA THR B 61 -2.11 -6.49 -16.46
C THR B 61 -3.43 -6.09 -15.80
N ALA B 62 -3.64 -6.66 -14.62
CA ALA B 62 -4.85 -6.40 -13.84
C ALA B 62 -4.86 -4.96 -13.33
N PHE B 63 -3.71 -4.52 -12.83
CA PHE B 63 -3.56 -3.17 -12.31
C PHE B 63 -3.93 -2.14 -13.37
N GLN B 64 -3.49 -2.39 -14.60
CA GLN B 64 -3.79 -1.51 -15.73
C GLN B 64 -5.29 -1.43 -15.97
N GLY B 65 -5.94 -2.60 -15.92
CA GLY B 65 -7.37 -2.66 -16.12
C GLY B 65 -8.12 -1.87 -15.06
N MET B 66 -7.67 -1.98 -13.82
CA MET B 66 -8.28 -1.28 -12.72
C MET B 66 -8.08 0.22 -12.88
N LEU B 67 -6.85 0.60 -13.24
CA LEU B 67 -6.47 1.99 -13.45
C LEU B 67 -7.35 2.67 -14.49
N ARG B 68 -7.80 1.90 -15.47
CA ARG B 68 -8.65 2.42 -16.54
C ARG B 68 -10.08 2.67 -16.05
N LYS B 69 -10.57 1.79 -15.18
CA LYS B 69 -11.93 1.92 -14.66
C LYS B 69 -12.01 2.71 -13.36
N LEU B 70 -10.89 2.86 -12.68
CA LEU B 70 -10.84 3.58 -11.40
C LEU B 70 -11.25 5.03 -11.60
N ASP B 71 -12.03 5.54 -10.66
CA ASP B 71 -12.52 6.92 -10.69
C ASP B 71 -11.45 7.90 -10.24
N ILE B 72 -10.42 8.05 -11.07
CA ILE B 72 -9.32 8.96 -10.78
C ILE B 72 -9.37 10.12 -11.77
N LYS B 73 -9.80 11.28 -11.31
CA LYS B 73 -9.89 12.45 -12.19
C LYS B 73 -9.85 13.74 -11.37
N ASN B 74 -10.75 13.84 -10.42
CA ASN B 74 -10.85 15.01 -9.55
C ASN B 74 -10.63 14.58 -8.11
N GLU B 75 -10.80 15.49 -7.15
CA GLU B 75 -10.62 15.19 -5.72
C GLU B 75 -11.31 13.90 -5.27
N GLY B 76 -12.33 13.47 -6.01
CA GLY B 76 -13.05 12.26 -5.70
C GLY B 76 -12.19 11.01 -5.87
N ASP B 77 -11.05 11.16 -6.54
CA ASP B 77 -10.13 10.06 -6.82
C ASP B 77 -9.67 9.37 -5.53
N VAL B 78 -9.22 10.15 -4.56
CA VAL B 78 -8.76 9.59 -3.29
C VAL B 78 -9.91 8.90 -2.56
N LYS B 79 -11.13 9.37 -2.80
CA LYS B 79 -12.31 8.77 -2.19
C LYS B 79 -12.57 7.43 -2.85
N SER B 80 -12.29 7.37 -4.14
CA SER B 80 -12.46 6.16 -4.93
C SER B 80 -11.56 5.06 -4.42
N PHE B 81 -10.36 5.45 -3.97
CA PHE B 81 -9.41 4.47 -3.45
C PHE B 81 -9.94 3.88 -2.16
N SER B 82 -10.64 4.70 -1.39
CA SER B 82 -11.22 4.24 -0.14
C SER B 82 -12.38 3.29 -0.44
N ARG B 83 -13.17 3.65 -1.45
CA ARG B 83 -14.32 2.85 -1.87
C ARG B 83 -13.88 1.45 -2.30
N VAL B 84 -12.80 1.37 -3.07
CA VAL B 84 -12.32 0.07 -3.53
C VAL B 84 -11.69 -0.69 -2.36
N MET B 85 -11.03 0.06 -1.46
CA MET B 85 -10.39 -0.54 -0.29
C MET B 85 -11.42 -1.25 0.59
N VAL B 86 -12.56 -0.59 0.79
CA VAL B 86 -13.64 -1.17 1.59
C VAL B 86 -14.11 -2.48 0.96
N HIS B 87 -14.13 -2.50 -0.37
CA HIS B 87 -14.54 -3.69 -1.10
C HIS B 87 -13.48 -4.78 -0.99
N VAL B 88 -12.22 -4.39 -0.92
CA VAL B 88 -11.15 -5.37 -0.80
C VAL B 88 -11.14 -5.97 0.61
N PHE B 89 -11.23 -5.13 1.63
CA PHE B 89 -11.23 -5.59 3.02
C PHE B 89 -12.62 -6.02 3.48
N LYS B 90 -13.46 -6.41 2.51
CA LYS B 90 -14.82 -6.84 2.78
C LYS B 90 -14.85 -8.12 3.62
N ASP B 91 -13.87 -8.99 3.44
CA ASP B 91 -13.83 -10.25 4.19
C ASP B 91 -13.32 -10.05 5.61
N GLY B 92 -12.71 -8.90 5.86
CA GLY B 92 -12.22 -8.59 7.19
C GLY B 92 -10.80 -9.06 7.46
N VAL B 93 -10.17 -9.74 6.52
CA VAL B 93 -8.81 -10.23 6.72
C VAL B 93 -7.81 -9.07 6.60
N THR B 94 -7.07 -8.83 7.68
CA THR B 94 -6.10 -7.74 7.72
C THR B 94 -4.69 -8.19 7.34
N ASN B 95 -4.51 -9.46 7.01
CA ASN B 95 -3.19 -10.01 6.65
C ASN B 95 -2.39 -9.10 5.71
N TRP B 96 -1.13 -8.90 6.09
CA TRP B 96 -0.17 -8.03 5.40
C TRP B 96 -0.19 -8.13 3.89
N GLY B 97 -0.28 -9.34 3.34
CA GLY B 97 -0.30 -9.50 1.89
C GLY B 97 -1.32 -8.61 1.21
N ARG B 98 -2.51 -8.55 1.78
CA ARG B 98 -3.59 -7.75 1.26
C ARG B 98 -3.26 -6.26 1.39
N ILE B 99 -2.70 -5.90 2.54
CA ILE B 99 -2.35 -4.51 2.83
C ILE B 99 -1.26 -4.01 1.89
N VAL B 100 -0.22 -4.81 1.70
CA VAL B 100 0.87 -4.43 0.82
C VAL B 100 0.37 -4.30 -0.62
N THR B 101 -0.64 -5.10 -0.96
CA THR B 101 -1.26 -5.06 -2.28
C THR B 101 -1.91 -3.71 -2.54
N LEU B 102 -2.60 -3.19 -1.54
CA LEU B 102 -3.28 -1.89 -1.66
C LEU B 102 -2.26 -0.79 -1.95
N ILE B 103 -1.13 -0.81 -1.27
CA ILE B 103 -0.09 0.19 -1.50
C ILE B 103 0.52 -0.01 -2.87
N SER B 104 0.77 -1.27 -3.23
CA SER B 104 1.34 -1.62 -4.52
C SER B 104 0.49 -1.06 -5.65
N PHE B 105 -0.83 -1.22 -5.51
CA PHE B 105 -1.77 -0.74 -6.51
C PHE B 105 -1.87 0.78 -6.49
N GLY B 106 -2.02 1.33 -5.29
CA GLY B 106 -2.12 2.77 -5.16
C GLY B 106 -0.93 3.48 -5.75
N ALA B 107 0.24 2.89 -5.59
CA ALA B 107 1.47 3.45 -6.11
C ALA B 107 1.56 3.27 -7.61
N PHE B 108 0.88 2.25 -8.14
CA PHE B 108 0.88 2.02 -9.59
C PHE B 108 0.06 3.12 -10.24
N VAL B 109 -1.06 3.42 -9.60
CA VAL B 109 -1.96 4.49 -10.05
C VAL B 109 -1.26 5.83 -9.91
N ALA B 110 -0.67 6.02 -8.74
CA ALA B 110 0.06 7.24 -8.39
C ALA B 110 1.21 7.50 -9.35
N LYS B 111 1.83 6.43 -9.83
CA LYS B 111 2.94 6.53 -10.76
C LYS B 111 2.52 7.34 -11.99
N HIS B 112 1.37 6.96 -12.54
CA HIS B 112 0.81 7.65 -13.70
C HIS B 112 0.19 8.98 -13.28
N LEU B 113 -0.31 9.04 -12.05
CA LEU B 113 -0.95 10.22 -11.52
C LEU B 113 0.03 11.39 -11.37
N LYS B 114 1.20 11.15 -10.82
CA LYS B 114 2.17 12.24 -10.66
C LYS B 114 2.74 12.65 -12.02
N SER B 115 2.99 11.66 -12.86
CA SER B 115 3.54 11.89 -14.19
C SER B 115 2.57 12.64 -15.10
N VAL B 116 1.28 12.58 -14.78
CA VAL B 116 0.28 13.25 -15.58
C VAL B 116 -0.01 14.65 -14.99
N ASN B 117 0.97 15.14 -14.22
CA ASN B 117 0.94 16.47 -13.60
C ASN B 117 -0.16 16.61 -12.54
N GLN B 118 -0.53 15.50 -11.90
CA GLN B 118 -1.56 15.52 -10.87
C GLN B 118 -0.94 15.23 -9.51
N GLU B 119 0.16 15.90 -9.20
CA GLU B 119 0.85 15.71 -7.93
C GLU B 119 -0.05 16.03 -6.74
N SER B 120 -1.01 16.93 -6.96
CA SER B 120 -1.93 17.34 -5.91
C SER B 120 -2.87 16.21 -5.49
N PHE B 121 -2.89 15.11 -6.25
CA PHE B 121 -3.76 13.99 -5.92
C PHE B 121 -2.95 12.79 -5.39
N ILE B 122 -1.77 12.55 -5.95
CA ILE B 122 -0.94 11.42 -5.51
C ILE B 122 -0.49 11.58 -4.06
N GLU B 123 -0.10 12.80 -3.68
CA GLU B 123 0.35 13.06 -2.32
C GLU B 123 -0.75 12.69 -1.31
N PRO B 124 -1.98 13.24 -1.44
CA PRO B 124 -3.08 12.90 -0.52
C PRO B 124 -3.57 11.46 -0.67
N LEU B 125 -3.24 10.82 -1.79
CA LEU B 125 -3.63 9.44 -2.03
C LEU B 125 -2.97 8.56 -0.96
N ALA B 126 -1.67 8.78 -0.78
CA ALA B 126 -0.88 8.05 0.21
C ALA B 126 -1.46 8.19 1.61
N GLU B 127 -1.80 9.42 2.01
CA GLU B 127 -2.35 9.65 3.34
C GLU B 127 -3.76 9.08 3.46
N THR B 128 -4.46 8.92 2.34
CA THR B 128 -5.79 8.35 2.36
C THR B 128 -5.68 6.85 2.66
N ILE B 129 -4.60 6.23 2.17
CA ILE B 129 -4.38 4.81 2.39
C ILE B 129 -4.11 4.53 3.86
N THR B 130 -3.15 5.25 4.43
CA THR B 130 -2.78 5.10 5.83
C THR B 130 -3.93 5.42 6.78
N ASP B 131 -4.60 6.54 6.54
CA ASP B 131 -5.71 6.99 7.38
C ASP B 131 -6.80 5.93 7.50
N VAL B 132 -7.32 5.47 6.38
CA VAL B 132 -8.39 4.47 6.39
C VAL B 132 -7.89 3.15 7.01
N LEU B 133 -6.64 2.82 6.75
CA LEU B 133 -6.05 1.59 7.28
C LEU B 133 -5.95 1.62 8.81
N VAL B 134 -5.28 2.64 9.34
CA VAL B 134 -5.08 2.79 10.77
C VAL B 134 -6.41 3.01 11.52
N ARG B 135 -7.22 3.92 11.02
CA ARG B 135 -8.50 4.23 11.67
C ARG B 135 -9.43 3.01 11.75
N THR B 136 -9.28 2.08 10.82
CA THR B 136 -10.15 0.91 10.81
C THR B 136 -9.56 -0.32 11.53
N LYS B 137 -8.30 -0.64 11.30
CA LYS B 137 -7.71 -1.84 11.90
C LYS B 137 -6.38 -1.57 12.63
N ARG B 138 -6.35 -0.47 13.38
CA ARG B 138 -5.17 -0.07 14.15
C ARG B 138 -4.73 -1.17 15.11
N ASP B 139 -5.70 -1.77 15.79
CA ASP B 139 -5.46 -2.85 16.76
C ASP B 139 -4.62 -3.98 16.18
N TRP B 140 -4.98 -4.45 15.00
CA TRP B 140 -4.27 -5.54 14.33
C TRP B 140 -2.81 -5.16 14.08
N LEU B 141 -2.60 -3.93 13.63
CA LEU B 141 -1.26 -3.42 13.35
C LEU B 141 -0.42 -3.45 14.62
N VAL B 142 -1.03 -3.02 15.71
CA VAL B 142 -0.38 -2.97 17.02
C VAL B 142 0.14 -4.35 17.43
N LYS B 143 -0.66 -5.38 17.17
CA LYS B 143 -0.27 -6.75 17.51
C LYS B 143 1.02 -7.19 16.82
N GLN B 144 1.26 -6.70 15.60
CA GLN B 144 2.47 -7.09 14.88
C GLN B 144 3.48 -5.95 14.78
N ARG B 145 3.46 -5.05 15.75
CA ARG B 145 4.39 -3.92 15.82
C ARG B 145 4.34 -3.04 14.57
N GLY B 146 3.19 -3.03 13.90
CA GLY B 146 3.02 -2.23 12.71
C GLY B 146 4.02 -2.56 11.61
N TRP B 147 4.71 -1.53 11.14
CA TRP B 147 5.69 -1.68 10.07
C TRP B 147 6.89 -2.50 10.50
N ASP B 148 7.18 -2.54 11.79
CA ASP B 148 8.33 -3.29 12.28
C ASP B 148 8.13 -4.77 12.00
N GLY B 149 6.94 -5.28 12.36
CA GLY B 149 6.62 -6.67 12.13
C GLY B 149 6.50 -6.98 10.65
N PHE B 150 6.01 -5.99 9.91
CA PHE B 150 5.86 -6.09 8.46
C PHE B 150 7.22 -6.32 7.83
N VAL B 151 8.21 -5.58 8.30
CA VAL B 151 9.57 -5.70 7.79
C VAL B 151 10.20 -7.00 8.27
N GLU B 152 9.82 -7.47 9.44
CA GLU B 152 10.36 -8.72 9.96
C GLU B 152 9.88 -9.90 9.11
N PHE B 153 8.63 -9.82 8.69
CA PHE B 153 8.03 -10.88 7.88
C PHE B 153 8.60 -10.90 6.46
N PHE B 154 8.85 -9.72 5.88
CA PHE B 154 9.37 -9.66 4.52
C PHE B 154 10.88 -9.41 4.48
N HIS B 155 11.53 -9.43 5.65
CA HIS B 155 12.98 -9.24 5.72
C HIS B 155 13.70 -10.34 4.98
N VAL B 156 13.20 -11.56 5.10
CA VAL B 156 13.80 -12.71 4.44
C VAL B 156 13.53 -12.67 2.94
N GLN B 157 14.58 -12.83 2.15
CA GLN B 157 14.47 -12.82 0.71
C GLN B 157 14.46 -14.24 0.17
N ASP B 158 13.50 -14.53 -0.70
CA ASP B 158 13.36 -15.85 -1.29
C ASP B 158 13.93 -15.84 -2.71
N LEU B 159 13.77 -16.96 -3.40
CA LEU B 159 14.25 -17.09 -4.78
C LEU B 159 13.18 -17.71 -5.66
N GLU B 160 12.29 -18.47 -5.05
CA GLU B 160 11.22 -19.15 -5.77
C GLU B 160 10.01 -18.24 -5.97
N GLY B 161 10.24 -17.11 -6.62
CA GLY B 161 9.16 -16.17 -6.88
C GLY B 161 8.24 -16.67 -7.97
N GLY B 162 6.93 -16.62 -7.70
CA GLY B 162 5.95 -17.07 -8.66
C GLY B 162 4.55 -16.72 -8.21
N PRO A 1 -18.79 4.07 -9.67
CA PRO A 1 -19.84 3.10 -10.08
C PRO A 1 -19.56 1.73 -9.47
N ALA A 2 -20.59 0.88 -9.45
CA ALA A 2 -20.48 -0.46 -8.90
C ALA A 2 -19.91 -1.41 -9.96
N ASP A 3 -19.57 -0.85 -11.10
CA ASP A 3 -19.01 -1.61 -12.21
C ASP A 3 -17.57 -2.02 -11.89
N LEU A 4 -17.04 -1.44 -10.82
CA LEU A 4 -15.69 -1.71 -10.34
C LEU A 4 -15.68 -2.92 -9.41
N LYS A 5 -16.82 -3.61 -9.35
CA LYS A 5 -16.97 -4.79 -8.50
C LYS A 5 -15.98 -5.89 -8.86
N ASP A 6 -15.82 -6.16 -10.15
CA ASP A 6 -14.90 -7.22 -10.58
C ASP A 6 -13.45 -6.82 -10.39
N GLU A 7 -13.13 -5.55 -10.59
CA GLU A 7 -11.77 -5.08 -10.42
C GLU A 7 -11.32 -5.23 -8.97
N CYS A 8 -12.14 -4.78 -8.03
CA CYS A 8 -11.79 -4.89 -6.62
C CYS A 8 -11.81 -6.34 -6.16
N ALA A 9 -12.66 -7.15 -6.80
CA ALA A 9 -12.74 -8.57 -6.47
C ALA A 9 -11.46 -9.27 -6.87
N GLN A 10 -10.93 -8.90 -8.03
CA GLN A 10 -9.69 -9.48 -8.53
C GLN A 10 -8.52 -9.01 -7.68
N LEU A 11 -8.59 -7.73 -7.28
CA LEU A 11 -7.55 -7.12 -6.45
C LEU A 11 -7.36 -7.91 -5.16
N ARG A 12 -8.46 -8.46 -4.64
CA ARG A 12 -8.42 -9.25 -3.41
C ARG A 12 -7.50 -10.46 -3.62
N ARG A 13 -7.69 -11.14 -4.75
CA ARG A 13 -6.89 -12.32 -5.08
C ARG A 13 -5.44 -11.95 -5.35
N ILE A 14 -5.21 -10.72 -5.78
CA ILE A 14 -3.86 -10.26 -6.04
C ILE A 14 -3.10 -10.21 -4.72
N GLY A 15 -3.80 -9.75 -3.69
CA GLY A 15 -3.22 -9.67 -2.36
C GLY A 15 -3.04 -11.04 -1.74
N ASP A 16 -3.98 -11.94 -2.03
CA ASP A 16 -3.92 -13.30 -1.51
C ASP A 16 -2.66 -13.98 -2.02
N LYS A 17 -2.35 -13.74 -3.29
CA LYS A 17 -1.15 -14.31 -3.92
C LYS A 17 0.09 -13.84 -3.18
N VAL A 18 0.13 -12.56 -2.86
CA VAL A 18 1.26 -11.97 -2.16
C VAL A 18 1.45 -12.62 -0.79
N ASN A 19 0.37 -12.74 -0.03
CA ASN A 19 0.43 -13.34 1.30
C ASN A 19 0.86 -14.80 1.19
N LEU A 20 0.30 -15.52 0.24
CA LEU A 20 0.61 -16.93 0.04
C LEU A 20 2.09 -17.15 -0.31
N ARG A 21 2.57 -16.43 -1.32
CA ARG A 21 3.95 -16.56 -1.77
C ARG A 21 4.96 -16.05 -0.76
N GLN A 22 4.75 -14.85 -0.27
CA GLN A 22 5.67 -14.25 0.68
C GLN A 22 5.67 -14.99 2.02
N LYS A 23 4.58 -15.65 2.37
CA LYS A 23 4.54 -16.40 3.63
C LYS A 23 5.46 -17.60 3.51
N LEU A 24 5.37 -18.30 2.38
CA LEU A 24 6.19 -19.50 2.13
C LEU A 24 7.68 -19.21 2.11
N LEU A 25 8.09 -18.01 1.70
CA LEU A 25 9.51 -17.70 1.68
C LEU A 25 9.99 -17.36 3.10
N ASN A 26 9.04 -17.08 3.98
CA ASN A 26 9.34 -16.76 5.36
C ASN A 26 9.33 -18.05 6.19
N MET A 27 8.23 -18.79 6.08
CA MET A 27 8.06 -20.04 6.80
C MET A 27 7.70 -21.16 5.84
N GLY B 1 5.92 15.50 15.82
CA GLY B 1 5.90 16.93 15.43
C GLY B 1 4.67 17.27 14.62
N PRO B 2 4.84 17.80 13.40
CA PRO B 2 3.72 18.16 12.52
C PRO B 2 2.92 16.95 12.08
N LEU B 3 1.83 16.69 12.78
CA LEU B 3 0.97 15.56 12.48
C LEU B 3 -0.49 15.98 12.52
N GLY B 4 -1.33 15.25 11.80
CA GLY B 4 -2.75 15.55 11.75
C GLY B 4 -3.51 14.82 12.85
N SER B 5 -2.83 13.88 13.48
CA SER B 5 -3.40 13.09 14.57
C SER B 5 -2.27 12.48 15.39
N GLU B 6 -2.47 12.42 16.70
CA GLU B 6 -1.46 11.86 17.60
C GLU B 6 -1.48 10.34 17.53
N ASP B 7 -1.06 9.81 16.41
CA ASP B 7 -1.02 8.36 16.22
C ASP B 7 0.40 7.96 15.82
N ASP B 8 0.99 7.12 16.64
CA ASP B 8 2.36 6.63 16.46
C ASP B 8 2.55 5.90 15.13
N LEU B 9 1.55 5.14 14.72
CA LEU B 9 1.65 4.37 13.49
C LEU B 9 1.33 5.25 12.29
N TYR B 10 0.30 6.07 12.41
CA TYR B 10 -0.11 6.97 11.34
C TYR B 10 1.01 7.94 11.00
N ARG B 11 1.80 8.30 12.01
CA ARG B 11 2.91 9.21 11.83
C ARG B 11 3.95 8.57 10.92
N GLN B 12 4.21 7.29 11.13
CA GLN B 12 5.19 6.56 10.33
C GLN B 12 4.64 6.27 8.94
N SER B 13 3.46 5.68 8.89
CA SER B 13 2.80 5.31 7.64
C SER B 13 2.68 6.48 6.68
N LEU B 14 2.33 7.64 7.22
CA LEU B 14 2.19 8.85 6.42
C LEU B 14 3.48 9.15 5.66
N GLU B 15 4.61 8.95 6.32
CA GLU B 15 5.92 9.18 5.71
C GLU B 15 6.32 8.03 4.79
N ILE B 16 6.29 6.82 5.35
CA ILE B 16 6.68 5.60 4.64
C ILE B 16 5.90 5.39 3.34
N ILE B 17 4.58 5.53 3.40
CA ILE B 17 3.75 5.33 2.22
C ILE B 17 3.98 6.41 1.16
N SER B 18 3.99 7.67 1.57
CA SER B 18 4.22 8.77 0.63
C SER B 18 5.58 8.62 -0.05
N ARG B 19 6.58 8.20 0.72
CA ARG B 19 7.91 8.00 0.19
C ARG B 19 7.91 6.91 -0.87
N TYR B 20 7.12 5.87 -0.64
CA TYR B 20 7.02 4.75 -1.58
C TYR B 20 6.35 5.18 -2.89
N LEU B 21 5.18 5.80 -2.81
CA LEU B 21 4.47 6.23 -4.02
C LEU B 21 5.30 7.21 -4.83
N ARG B 22 6.02 8.09 -4.14
CA ARG B 22 6.86 9.07 -4.83
C ARG B 22 7.99 8.38 -5.58
N GLU B 23 8.46 7.26 -5.03
CA GLU B 23 9.54 6.50 -5.66
C GLU B 23 9.07 5.77 -6.90
N GLN B 24 7.83 5.28 -6.88
CA GLN B 24 7.29 4.57 -8.02
C GLN B 24 6.91 5.54 -9.13
N ALA B 25 6.51 6.74 -8.74
CA ALA B 25 6.11 7.76 -9.69
C ALA B 25 7.31 8.26 -10.48
N THR B 26 8.49 8.25 -9.85
CA THR B 26 9.71 8.70 -10.50
C THR B 26 10.49 7.53 -11.09
N GLY B 27 10.53 6.44 -10.35
CA GLY B 27 11.26 5.26 -10.76
C GLY B 27 12.66 5.33 -10.19
N SER B 28 12.85 6.32 -9.33
CA SER B 28 14.13 6.55 -8.68
C SER B 28 14.00 6.48 -7.16
N LYS B 29 15.12 6.70 -6.47
CA LYS B 29 15.17 6.69 -5.02
C LYS B 29 15.99 7.90 -4.57
N ASP B 30 15.34 9.05 -4.51
CA ASP B 30 16.00 10.29 -4.12
C ASP B 30 16.46 10.27 -2.65
N SER B 31 15.58 10.63 -1.74
CA SER B 31 15.91 10.65 -0.32
C SER B 31 15.68 9.27 0.29
N LYS B 32 16.74 8.73 0.86
CA LYS B 32 16.69 7.42 1.50
C LYS B 32 16.01 7.55 2.87
N PRO B 33 16.45 8.49 3.75
CA PRO B 33 15.81 8.67 5.05
C PRO B 33 14.47 9.38 4.92
N LEU B 34 13.61 9.24 5.92
CA LEU B 34 12.30 9.87 5.90
C LEU B 34 12.07 10.64 7.20
N GLY B 35 10.83 11.09 7.41
CA GLY B 35 10.50 11.87 8.59
C GLY B 35 10.54 11.11 9.91
N GLU B 36 9.56 11.41 10.77
CA GLU B 36 9.43 10.83 12.10
C GLU B 36 9.09 9.34 12.12
N ALA B 37 9.33 8.63 11.02
CA ALA B 37 9.02 7.21 10.97
C ALA B 37 10.10 6.39 11.68
N GLY B 38 11.23 7.04 11.92
CA GLY B 38 12.35 6.39 12.61
C GLY B 38 13.00 5.28 11.82
N ALA B 39 13.61 4.35 12.55
CA ALA B 39 14.30 3.20 11.96
C ALA B 39 13.31 2.27 11.29
N ALA B 40 12.13 2.15 11.89
CA ALA B 40 11.10 1.29 11.33
C ALA B 40 10.67 1.82 9.98
N GLY B 41 10.72 3.15 9.83
CA GLY B 41 10.37 3.78 8.58
C GLY B 41 11.31 3.39 7.47
N ARG B 42 12.60 3.35 7.80
CA ARG B 42 13.61 2.97 6.84
C ARG B 42 13.44 1.52 6.44
N ARG B 43 13.29 0.65 7.44
CA ARG B 43 13.11 -0.77 7.19
C ARG B 43 11.84 -1.01 6.36
N ALA B 44 10.76 -0.35 6.76
CA ALA B 44 9.49 -0.50 6.06
C ALA B 44 9.55 0.04 4.65
N LEU B 45 10.14 1.22 4.49
CA LEU B 45 10.25 1.83 3.16
C LEU B 45 11.07 0.96 2.24
N GLU B 46 12.18 0.44 2.75
CA GLU B 46 13.07 -0.42 1.98
C GLU B 46 12.32 -1.67 1.54
N THR B 47 11.44 -2.15 2.42
CA THR B 47 10.64 -3.33 2.15
C THR B 47 9.50 -2.98 1.18
N LEU B 48 8.77 -1.93 1.52
CA LEU B 48 7.63 -1.44 0.76
C LEU B 48 7.99 -1.19 -0.70
N ARG B 49 9.12 -0.54 -0.94
CA ARG B 49 9.55 -0.23 -2.30
C ARG B 49 9.85 -1.49 -3.11
N ARG B 50 10.56 -2.44 -2.51
CA ARG B 50 10.94 -3.67 -3.19
C ARG B 50 9.76 -4.64 -3.31
N VAL B 51 9.07 -4.89 -2.20
CA VAL B 51 7.94 -5.81 -2.20
C VAL B 51 6.84 -5.30 -3.14
N GLY B 52 6.48 -4.04 -2.99
CA GLY B 52 5.45 -3.45 -3.81
C GLY B 52 5.81 -3.44 -5.29
N ASP B 53 7.10 -3.26 -5.58
CA ASP B 53 7.58 -3.25 -6.95
C ASP B 53 7.39 -4.64 -7.55
N GLY B 54 7.68 -5.66 -6.74
CA GLY B 54 7.52 -7.03 -7.17
C GLY B 54 6.06 -7.36 -7.42
N VAL B 55 5.19 -6.82 -6.56
CA VAL B 55 3.75 -7.01 -6.67
C VAL B 55 3.25 -6.51 -8.02
N GLN B 56 3.65 -5.28 -8.35
CA GLN B 56 3.27 -4.65 -9.61
C GLN B 56 3.84 -5.42 -10.79
N ARG B 57 5.03 -5.97 -10.62
CA ARG B 57 5.70 -6.70 -11.69
C ARG B 57 4.96 -7.98 -12.07
N ASN B 58 4.59 -8.80 -11.09
CA ASN B 58 3.93 -10.08 -11.38
C ASN B 58 2.45 -9.92 -11.71
N HIS B 59 1.83 -8.79 -11.38
CA HIS B 59 0.41 -8.59 -11.69
C HIS B 59 0.15 -7.24 -12.32
N GLU B 60 1.06 -6.77 -13.18
CA GLU B 60 0.88 -5.46 -13.82
C GLU B 60 -0.40 -5.44 -14.65
N THR B 61 -0.60 -6.50 -15.43
CA THR B 61 -1.77 -6.64 -16.29
C THR B 61 -3.07 -6.51 -15.48
N ALA B 62 -3.01 -6.93 -14.22
CA ALA B 62 -4.16 -6.87 -13.33
C ALA B 62 -4.41 -5.42 -12.92
N PHE B 63 -3.35 -4.76 -12.48
CA PHE B 63 -3.44 -3.37 -12.04
C PHE B 63 -3.87 -2.47 -13.19
N GLN B 64 -3.45 -2.82 -14.41
CA GLN B 64 -3.82 -2.05 -15.61
C GLN B 64 -5.33 -2.06 -15.79
N GLY B 65 -5.98 -3.07 -15.24
CA GLY B 65 -7.42 -3.18 -15.34
C GLY B 65 -8.11 -2.15 -14.47
N MET B 66 -7.72 -2.11 -13.20
CA MET B 66 -8.28 -1.15 -12.26
C MET B 66 -7.87 0.27 -12.58
N LEU B 67 -6.62 0.44 -13.03
CA LEU B 67 -6.07 1.75 -13.36
C LEU B 67 -6.94 2.54 -14.35
N ARG B 68 -7.51 1.84 -15.32
CA ARG B 68 -8.33 2.48 -16.33
C ARG B 68 -9.71 2.90 -15.81
N LYS B 69 -10.25 2.14 -14.88
CA LYS B 69 -11.57 2.44 -14.33
C LYS B 69 -11.47 3.35 -13.10
N LEU B 70 -10.40 3.18 -12.34
CA LEU B 70 -10.18 3.98 -11.15
C LEU B 70 -9.11 5.04 -11.48
N ASP B 71 -9.39 5.81 -12.50
CA ASP B 71 -8.48 6.86 -12.94
C ASP B 71 -8.60 8.07 -12.04
N ILE B 72 -7.54 8.33 -11.27
CA ILE B 72 -7.49 9.48 -10.38
C ILE B 72 -7.62 10.75 -11.21
N LYS B 73 -8.72 11.46 -11.06
CA LYS B 73 -8.94 12.67 -11.83
C LYS B 73 -9.17 13.87 -10.91
N ASN B 74 -10.18 13.79 -10.06
CA ASN B 74 -10.48 14.87 -9.13
C ASN B 74 -10.53 14.34 -7.71
N GLU B 75 -10.68 15.22 -6.72
CA GLU B 75 -10.71 14.85 -5.29
C GLU B 75 -11.60 13.64 -4.97
N GLY B 76 -12.65 13.43 -5.74
CA GLY B 76 -13.53 12.30 -5.52
C GLY B 76 -12.81 10.96 -5.57
N ASP B 77 -11.59 10.98 -6.10
CA ASP B 77 -10.76 9.79 -6.23
C ASP B 77 -10.44 9.17 -4.88
N VAL B 78 -10.00 9.99 -3.92
CA VAL B 78 -9.65 9.50 -2.59
C VAL B 78 -10.85 8.89 -1.90
N LYS B 79 -12.03 9.45 -2.16
CA LYS B 79 -13.26 8.95 -1.57
C LYS B 79 -13.57 7.58 -2.17
N SER B 80 -13.32 7.46 -3.46
CA SER B 80 -13.55 6.21 -4.17
C SER B 80 -12.49 5.19 -3.78
N PHE B 81 -11.26 5.63 -3.53
CA PHE B 81 -10.18 4.74 -3.14
C PHE B 81 -10.51 4.12 -1.79
N SER B 82 -11.08 4.93 -0.91
CA SER B 82 -11.48 4.47 0.41
C SER B 82 -12.63 3.47 0.26
N ARG B 83 -13.47 3.68 -0.75
CA ARG B 83 -14.61 2.79 -1.01
C ARG B 83 -14.16 1.48 -1.62
N VAL B 84 -13.24 1.54 -2.58
CA VAL B 84 -12.72 0.32 -3.20
C VAL B 84 -11.98 -0.48 -2.13
N MET B 85 -11.35 0.25 -1.23
CA MET B 85 -10.60 -0.31 -0.11
C MET B 85 -11.51 -1.25 0.70
N VAL B 86 -12.68 -0.75 1.05
CA VAL B 86 -13.67 -1.51 1.80
C VAL B 86 -14.11 -2.74 1.01
N HIS B 87 -14.13 -2.60 -0.31
CA HIS B 87 -14.52 -3.70 -1.18
C HIS B 87 -13.45 -4.79 -1.16
N VAL B 88 -12.19 -4.38 -1.01
CA VAL B 88 -11.08 -5.32 -0.94
C VAL B 88 -11.01 -5.99 0.43
N PHE B 89 -11.19 -5.20 1.48
CA PHE B 89 -11.16 -5.73 2.84
C PHE B 89 -12.53 -6.28 3.26
N LYS B 90 -13.41 -6.43 2.29
CA LYS B 90 -14.76 -6.93 2.50
C LYS B 90 -14.78 -8.31 3.15
N ASP B 91 -13.88 -9.18 2.69
CA ASP B 91 -13.80 -10.54 3.20
C ASP B 91 -13.26 -10.58 4.62
N GLY B 92 -12.64 -9.50 5.05
CA GLY B 92 -12.09 -9.42 6.39
C GLY B 92 -10.62 -9.77 6.43
N VAL B 93 -10.09 -10.24 5.31
CA VAL B 93 -8.68 -10.61 5.23
C VAL B 93 -7.80 -9.37 5.33
N THR B 94 -7.27 -9.14 6.52
CA THR B 94 -6.41 -8.00 6.79
C THR B 94 -4.95 -8.38 6.65
N ASN B 95 -4.70 -9.64 6.29
CA ASN B 95 -3.35 -10.17 6.10
C ASN B 95 -2.51 -9.23 5.25
N TRP B 96 -1.28 -9.01 5.74
CA TRP B 96 -0.29 -8.11 5.13
C TRP B 96 -0.20 -8.20 3.62
N GLY B 97 -0.34 -9.41 3.07
CA GLY B 97 -0.25 -9.59 1.63
C GLY B 97 -1.28 -8.75 0.88
N ARG B 98 -2.49 -8.69 1.41
CA ARG B 98 -3.56 -7.91 0.78
C ARG B 98 -3.34 -6.41 1.00
N ILE B 99 -2.75 -6.07 2.15
CA ILE B 99 -2.48 -4.68 2.49
C ILE B 99 -1.38 -4.08 1.60
N VAL B 100 -0.26 -4.79 1.49
CA VAL B 100 0.84 -4.32 0.66
C VAL B 100 0.39 -4.15 -0.79
N THR B 101 -0.47 -5.06 -1.24
CA THR B 101 -0.99 -5.01 -2.60
C THR B 101 -1.76 -3.70 -2.84
N LEU B 102 -2.48 -3.25 -1.84
CA LEU B 102 -3.25 -2.01 -1.95
C LEU B 102 -2.31 -0.83 -2.13
N ILE B 103 -1.20 -0.82 -1.40
CA ILE B 103 -0.23 0.26 -1.52
C ILE B 103 0.44 0.15 -2.89
N SER B 104 0.69 -1.08 -3.31
CA SER B 104 1.30 -1.36 -4.60
C SER B 104 0.41 -0.82 -5.73
N PHE B 105 -0.89 -1.05 -5.58
CA PHE B 105 -1.87 -0.58 -6.56
C PHE B 105 -1.92 0.93 -6.59
N GLY B 106 -2.03 1.54 -5.41
CA GLY B 106 -2.09 2.99 -5.30
C GLY B 106 -0.87 3.62 -5.93
N ALA B 107 0.26 2.95 -5.79
CA ALA B 107 1.51 3.44 -6.35
C ALA B 107 1.54 3.24 -7.86
N PHE B 108 0.95 2.16 -8.34
CA PHE B 108 0.90 1.89 -9.77
C PHE B 108 0.09 2.99 -10.45
N VAL B 109 -0.99 3.39 -9.78
CA VAL B 109 -1.85 4.44 -10.27
C VAL B 109 -1.11 5.77 -10.17
N ALA B 110 -0.35 5.91 -9.10
CA ALA B 110 0.44 7.12 -8.83
C ALA B 110 1.44 7.37 -9.95
N LYS B 111 1.93 6.30 -10.55
CA LYS B 111 2.90 6.39 -11.64
C LYS B 111 2.28 7.17 -12.81
N HIS B 112 1.04 6.84 -13.13
CA HIS B 112 0.34 7.52 -14.22
C HIS B 112 -0.08 8.91 -13.75
N LEU B 113 -0.29 9.03 -12.45
CA LEU B 113 -0.68 10.30 -11.83
C LEU B 113 0.45 11.30 -11.96
N LYS B 114 1.67 10.78 -12.04
CA LYS B 114 2.87 11.59 -12.18
C LYS B 114 2.96 12.16 -13.59
N SER B 115 2.74 11.30 -14.58
CA SER B 115 2.80 11.71 -15.98
C SER B 115 1.63 12.61 -16.37
N VAL B 116 0.53 12.51 -15.62
CA VAL B 116 -0.64 13.34 -15.90
C VAL B 116 -0.55 14.64 -15.10
N ASN B 117 0.60 14.81 -14.43
CA ASN B 117 0.92 15.99 -13.62
C ASN B 117 -0.12 16.27 -12.53
N GLN B 118 -0.53 15.25 -11.80
CA GLN B 118 -1.50 15.45 -10.74
C GLN B 118 -0.90 15.04 -9.40
N GLU B 119 0.33 15.48 -9.18
CA GLU B 119 1.08 15.20 -7.95
C GLU B 119 0.38 15.76 -6.72
N SER B 120 -0.48 16.74 -6.91
CA SER B 120 -1.21 17.33 -5.81
C SER B 120 -2.22 16.32 -5.25
N PHE B 121 -2.44 15.23 -5.99
CA PHE B 121 -3.36 14.19 -5.56
C PHE B 121 -2.62 12.92 -5.12
N ILE B 122 -1.35 12.78 -5.52
CA ILE B 122 -0.60 11.59 -5.13
C ILE B 122 -0.35 11.61 -3.62
N GLU B 123 -0.04 12.80 -3.11
CA GLU B 123 0.18 12.99 -1.68
C GLU B 123 -1.05 12.54 -0.87
N PRO B 124 -2.25 13.11 -1.11
CA PRO B 124 -3.47 12.70 -0.38
C PRO B 124 -3.78 11.22 -0.52
N LEU B 125 -3.40 10.62 -1.65
CA LEU B 125 -3.64 9.20 -1.87
C LEU B 125 -2.92 8.36 -0.82
N ALA B 126 -1.64 8.66 -0.62
CA ALA B 126 -0.85 7.96 0.38
C ALA B 126 -1.51 8.04 1.75
N GLU B 127 -2.05 9.22 2.06
CA GLU B 127 -2.74 9.43 3.32
C GLU B 127 -4.06 8.66 3.37
N THR B 128 -4.76 8.62 2.25
CA THR B 128 -6.02 7.90 2.19
C THR B 128 -5.81 6.40 2.43
N ILE B 129 -4.66 5.90 1.97
CA ILE B 129 -4.33 4.50 2.14
C ILE B 129 -4.00 4.19 3.60
N THR B 130 -3.24 5.08 4.24
CA THR B 130 -2.87 4.86 5.63
C THR B 130 -4.05 5.08 6.58
N ASP B 131 -4.83 6.12 6.31
CA ASP B 131 -5.99 6.45 7.13
C ASP B 131 -6.95 5.28 7.32
N VAL B 132 -7.40 4.71 6.22
CA VAL B 132 -8.32 3.58 6.26
C VAL B 132 -7.68 2.36 6.90
N LEU B 133 -6.37 2.27 6.82
CA LEU B 133 -5.63 1.15 7.38
C LEU B 133 -5.45 1.27 8.89
N VAL B 134 -4.79 2.35 9.30
CA VAL B 134 -4.50 2.61 10.71
C VAL B 134 -5.75 2.92 11.52
N ARG B 135 -6.54 3.88 11.09
CA ARG B 135 -7.74 4.28 11.82
C ARG B 135 -8.78 3.16 11.90
N THR B 136 -8.81 2.25 10.95
CA THR B 136 -9.79 1.17 10.99
C THR B 136 -9.23 -0.10 11.66
N LYS B 137 -8.08 -0.57 11.21
CA LYS B 137 -7.49 -1.78 11.77
C LYS B 137 -6.41 -1.45 12.80
N ARG B 138 -6.69 -0.45 13.63
CA ARG B 138 -5.75 0.01 14.66
C ARG B 138 -5.14 -1.14 15.46
N ASP B 139 -6.00 -1.92 16.13
CA ASP B 139 -5.53 -3.03 16.96
C ASP B 139 -4.80 -4.10 16.18
N TRP B 140 -5.15 -4.28 14.90
CA TRP B 140 -4.50 -5.31 14.09
C TRP B 140 -3.05 -4.92 13.82
N LEU B 141 -2.86 -3.68 13.39
CA LEU B 141 -1.52 -3.18 13.10
C LEU B 141 -0.69 -3.12 14.37
N VAL B 142 -1.25 -2.52 15.42
CA VAL B 142 -0.55 -2.40 16.70
C VAL B 142 -0.18 -3.77 17.26
N LYS B 143 -1.00 -4.78 16.97
CA LYS B 143 -0.77 -6.13 17.45
C LYS B 143 0.57 -6.68 16.94
N GLN B 144 0.98 -6.19 15.76
CA GLN B 144 2.24 -6.62 15.16
C GLN B 144 3.26 -5.48 15.21
N ARG B 145 3.03 -4.53 16.10
CA ARG B 145 3.90 -3.35 16.28
C ARG B 145 3.97 -2.57 14.97
N GLY B 146 2.84 -2.50 14.28
CA GLY B 146 2.73 -1.76 13.04
C GLY B 146 3.63 -2.27 11.93
N TRP B 147 4.50 -1.38 11.45
CA TRP B 147 5.40 -1.69 10.36
C TRP B 147 6.48 -2.70 10.76
N ASP B 148 6.74 -2.84 12.05
CA ASP B 148 7.75 -3.79 12.51
C ASP B 148 7.37 -5.20 12.10
N GLY B 149 6.12 -5.57 12.33
CA GLY B 149 5.65 -6.89 11.95
C GLY B 149 5.68 -7.07 10.45
N PHE B 150 5.33 -6.00 9.74
CA PHE B 150 5.33 -5.99 8.29
C PHE B 150 6.73 -6.24 7.76
N VAL B 151 7.70 -5.53 8.31
CA VAL B 151 9.08 -5.66 7.89
C VAL B 151 9.65 -7.02 8.23
N GLU B 152 9.37 -7.54 9.42
CA GLU B 152 9.90 -8.83 9.78
C GLU B 152 9.26 -9.95 8.96
N PHE B 153 8.03 -9.71 8.51
CA PHE B 153 7.34 -10.70 7.70
C PHE B 153 7.92 -10.74 6.28
N PHE B 154 8.21 -9.57 5.72
CA PHE B 154 8.76 -9.50 4.37
C PHE B 154 10.28 -9.30 4.39
N HIS B 155 10.86 -9.38 5.58
CA HIS B 155 12.30 -9.21 5.78
C HIS B 155 13.09 -10.19 4.92
N VAL B 156 12.53 -11.36 4.67
CA VAL B 156 13.19 -12.37 3.85
C VAL B 156 13.09 -11.97 2.39
N GLN B 157 14.23 -11.95 1.70
CA GLN B 157 14.27 -11.57 0.29
C GLN B 157 13.86 -12.73 -0.60
N ASP B 158 12.92 -12.48 -1.50
CA ASP B 158 12.45 -13.50 -2.43
C ASP B 158 13.46 -13.65 -3.56
N LEU B 159 13.60 -14.87 -4.05
CA LEU B 159 14.56 -15.15 -5.11
C LEU B 159 13.90 -15.15 -6.49
N GLU B 160 12.58 -15.24 -6.54
CA GLU B 160 11.90 -15.25 -7.82
C GLU B 160 11.55 -13.82 -8.26
N GLY B 161 10.77 -13.11 -7.44
CA GLY B 161 10.39 -11.76 -7.76
C GLY B 161 8.96 -11.42 -7.43
N GLY B 162 8.42 -12.00 -6.37
CA GLY B 162 7.05 -11.72 -5.98
C GLY B 162 6.14 -12.91 -6.17
N PRO A 1 -19.06 3.64 -10.05
CA PRO A 1 -18.59 3.41 -8.67
C PRO A 1 -18.84 1.99 -8.18
N ALA A 2 -20.07 1.50 -8.32
CA ALA A 2 -20.42 0.14 -7.88
C ALA A 2 -19.84 -0.89 -8.83
N ASP A 3 -19.50 -0.43 -10.02
CA ASP A 3 -18.93 -1.28 -11.06
C ASP A 3 -17.48 -1.63 -10.72
N LEU A 4 -17.01 -1.17 -9.56
CA LEU A 4 -15.66 -1.44 -9.09
C LEU A 4 -15.61 -2.72 -8.29
N LYS A 5 -16.72 -3.44 -8.30
CA LYS A 5 -16.81 -4.71 -7.60
C LYS A 5 -15.84 -5.71 -8.23
N ASP A 6 -15.63 -5.56 -9.53
CA ASP A 6 -14.72 -6.44 -10.26
C ASP A 6 -13.27 -6.08 -9.94
N GLU A 7 -12.99 -4.80 -9.74
CA GLU A 7 -11.64 -4.36 -9.43
C GLU A 7 -11.23 -4.87 -8.05
N CYS A 8 -12.08 -4.65 -7.06
CA CYS A 8 -11.80 -5.10 -5.70
C CYS A 8 -11.77 -6.63 -5.63
N ALA A 9 -12.55 -7.28 -6.50
CA ALA A 9 -12.58 -8.74 -6.54
C ALA A 9 -11.18 -9.25 -6.82
N GLN A 10 -10.52 -8.61 -7.78
CA GLN A 10 -9.16 -8.96 -8.14
C GLN A 10 -8.22 -8.63 -6.99
N LEU A 11 -8.32 -7.40 -6.49
CA LEU A 11 -7.48 -6.93 -5.39
C LEU A 11 -7.49 -7.87 -4.19
N ARG A 12 -8.64 -8.45 -3.89
CA ARG A 12 -8.75 -9.39 -2.77
C ARG A 12 -7.90 -10.62 -3.06
N ARG A 13 -7.92 -11.07 -4.30
CA ARG A 13 -7.15 -12.24 -4.71
C ARG A 13 -5.66 -11.90 -4.87
N ILE A 14 -5.35 -10.66 -5.24
CA ILE A 14 -3.98 -10.24 -5.41
C ILE A 14 -3.29 -10.20 -4.05
N GLY A 15 -4.02 -9.68 -3.07
CA GLY A 15 -3.49 -9.57 -1.71
C GLY A 15 -3.15 -10.93 -1.12
N ASP A 16 -3.96 -11.93 -1.47
CA ASP A 16 -3.74 -13.28 -0.98
C ASP A 16 -2.61 -13.94 -1.74
N LYS A 17 -2.38 -13.49 -2.96
CA LYS A 17 -1.33 -14.02 -3.80
C LYS A 17 0.03 -13.62 -3.25
N VAL A 18 0.14 -12.36 -2.84
CA VAL A 18 1.38 -11.81 -2.31
C VAL A 18 1.86 -12.59 -1.09
N ASN A 19 0.99 -12.84 -0.13
CA ASN A 19 1.40 -13.58 1.06
C ASN A 19 1.75 -15.01 0.73
N LEU A 20 1.07 -15.58 -0.26
CA LEU A 20 1.33 -16.96 -0.68
C LEU A 20 2.72 -17.04 -1.30
N ARG A 21 3.02 -16.09 -2.19
CA ARG A 21 4.31 -16.05 -2.88
C ARG A 21 5.43 -15.80 -1.87
N GLN A 22 5.25 -14.81 -1.01
CA GLN A 22 6.24 -14.47 -0.01
C GLN A 22 6.41 -15.58 1.02
N LYS A 23 5.34 -16.34 1.25
CA LYS A 23 5.38 -17.42 2.23
C LYS A 23 6.50 -18.40 1.88
N LEU A 24 6.52 -18.88 0.64
CA LEU A 24 7.54 -19.83 0.21
C LEU A 24 8.87 -19.12 -0.01
N LEU A 25 8.81 -17.85 -0.37
CA LEU A 25 10.01 -17.05 -0.58
C LEU A 25 10.79 -16.99 0.73
N ASN A 26 10.05 -17.04 1.83
CA ASN A 26 10.62 -17.02 3.16
C ASN A 26 10.91 -18.45 3.60
N MET A 27 9.85 -19.26 3.62
CA MET A 27 9.89 -20.68 4.00
C MET A 27 8.50 -21.29 3.84
N GLY B 1 -3.88 6.72 20.69
CA GLY B 1 -5.25 7.12 21.07
C GLY B 1 -5.94 6.04 21.88
N PRO B 2 -7.06 5.50 21.38
CA PRO B 2 -7.82 4.46 22.07
C PRO B 2 -7.00 3.18 22.30
N LEU B 3 -6.32 2.71 21.26
CA LEU B 3 -5.52 1.50 21.38
C LEU B 3 -4.04 1.83 21.51
N GLY B 4 -3.69 2.48 22.61
CA GLY B 4 -2.31 2.86 22.85
C GLY B 4 -1.94 4.15 22.15
N SER B 5 -1.12 4.06 21.12
CA SER B 5 -0.70 5.24 20.38
C SER B 5 -0.62 4.93 18.90
N GLU B 6 -1.77 4.69 18.30
CA GLU B 6 -1.86 4.39 16.88
C GLU B 6 -1.49 5.63 16.07
N ASP B 7 -1.56 6.78 16.74
CA ASP B 7 -1.24 8.08 16.16
C ASP B 7 0.18 8.07 15.60
N ASP B 8 1.11 7.50 16.36
CA ASP B 8 2.51 7.44 15.93
C ASP B 8 2.63 6.55 14.70
N LEU B 9 1.91 5.43 14.75
CA LEU B 9 1.92 4.47 13.64
C LEU B 9 1.35 5.16 12.40
N TYR B 10 0.29 5.95 12.59
CA TYR B 10 -0.36 6.68 11.52
C TYR B 10 0.60 7.69 10.90
N ARG B 11 1.38 8.35 11.75
CA ARG B 11 2.36 9.32 11.28
C ARG B 11 3.41 8.62 10.42
N GLN B 12 3.85 7.46 10.88
CA GLN B 12 4.83 6.68 10.15
C GLN B 12 4.22 6.18 8.85
N SER B 13 3.11 5.47 8.96
CA SER B 13 2.41 4.88 7.82
C SER B 13 2.11 5.90 6.73
N LEU B 14 1.55 7.06 7.12
CA LEU B 14 1.20 8.07 6.15
C LEU B 14 2.44 8.51 5.36
N GLU B 15 3.56 8.72 6.04
CA GLU B 15 4.78 9.13 5.36
C GLU B 15 5.47 7.97 4.66
N ILE B 16 5.58 6.82 5.31
CA ILE B 16 6.24 5.65 4.70
C ILE B 16 5.56 5.31 3.37
N ILE B 17 4.24 5.33 3.36
CA ILE B 17 3.49 5.04 2.16
C ILE B 17 3.71 6.16 1.14
N SER B 18 3.60 7.41 1.59
CA SER B 18 3.80 8.55 0.72
C SER B 18 5.18 8.49 0.07
N ARG B 19 6.21 8.22 0.87
CA ARG B 19 7.57 8.13 0.36
C ARG B 19 7.67 7.06 -0.72
N TYR B 20 6.98 5.94 -0.50
CA TYR B 20 6.97 4.85 -1.46
C TYR B 20 6.35 5.28 -2.78
N LEU B 21 5.18 5.91 -2.72
CA LEU B 21 4.52 6.38 -3.94
C LEU B 21 5.35 7.47 -4.62
N ARG B 22 5.85 8.41 -3.82
CA ARG B 22 6.68 9.51 -4.34
C ARG B 22 7.91 8.95 -5.03
N GLU B 23 8.41 7.84 -4.52
CA GLU B 23 9.58 7.19 -5.09
C GLU B 23 9.24 6.45 -6.37
N GLN B 24 8.22 5.59 -6.31
CA GLN B 24 7.82 4.82 -7.48
C GLN B 24 7.35 5.71 -8.63
N ALA B 25 6.80 6.87 -8.31
CA ALA B 25 6.32 7.79 -9.32
C ALA B 25 7.46 8.62 -9.93
N THR B 26 8.68 8.43 -9.45
CA THR B 26 9.81 9.18 -9.98
C THR B 26 10.96 8.27 -10.38
N GLY B 27 11.22 7.28 -9.54
CA GLY B 27 12.30 6.34 -9.77
C GLY B 27 13.59 6.85 -9.17
N SER B 28 13.50 7.95 -8.42
CA SER B 28 14.68 8.53 -7.80
C SER B 28 14.36 9.15 -6.45
N LYS B 29 15.06 8.69 -5.42
CA LYS B 29 14.92 9.17 -4.05
C LYS B 29 16.23 8.89 -3.33
N ASP B 30 17.30 8.86 -4.12
CA ASP B 30 18.65 8.57 -3.66
C ASP B 30 19.27 9.77 -2.94
N SER B 31 18.53 10.32 -1.98
CA SER B 31 19.02 11.47 -1.23
C SER B 31 18.52 11.40 0.22
N LYS B 32 17.20 11.48 0.38
CA LYS B 32 16.56 11.43 1.69
C LYS B 32 15.27 10.61 1.62
N PRO B 33 15.33 9.36 2.12
CA PRO B 33 14.18 8.47 2.14
C PRO B 33 13.01 9.02 2.96
N LEU B 34 13.24 9.23 4.26
CA LEU B 34 12.25 9.77 5.17
C LEU B 34 12.87 9.85 6.55
N GLY B 35 12.22 10.55 7.47
CA GLY B 35 12.75 10.67 8.82
C GLY B 35 11.66 10.69 9.88
N GLU B 36 10.50 11.19 9.49
CA GLU B 36 9.34 11.31 10.37
C GLU B 36 8.87 9.95 10.91
N ALA B 37 9.15 8.90 10.17
CA ALA B 37 8.76 7.55 10.57
C ALA B 37 9.81 6.85 11.42
N GLY B 38 10.97 7.47 11.58
CA GLY B 38 12.01 6.87 12.38
C GLY B 38 12.79 5.79 11.66
N ALA B 39 13.48 4.95 12.42
CA ALA B 39 14.30 3.87 11.87
C ALA B 39 13.43 2.85 11.14
N ALA B 40 12.28 2.52 11.74
CA ALA B 40 11.34 1.57 11.15
C ALA B 40 10.88 2.06 9.79
N GLY B 41 10.79 3.38 9.63
CA GLY B 41 10.36 3.96 8.38
C GLY B 41 11.27 3.60 7.23
N ARG B 42 12.58 3.63 7.47
CA ARG B 42 13.55 3.29 6.43
C ARG B 42 13.47 1.81 6.12
N ARG B 43 13.47 0.99 7.16
CA ARG B 43 13.43 -0.46 7.00
C ARG B 43 12.16 -0.88 6.27
N ALA B 44 11.04 -0.26 6.66
CA ALA B 44 9.77 -0.55 6.03
C ALA B 44 9.78 -0.09 4.59
N LEU B 45 10.42 1.05 4.32
CA LEU B 45 10.49 1.58 2.97
C LEU B 45 11.27 0.63 2.06
N GLU B 46 12.41 0.15 2.53
CA GLU B 46 13.22 -0.79 1.75
C GLU B 46 12.39 -2.03 1.43
N THR B 47 11.66 -2.49 2.43
CA THR B 47 10.81 -3.66 2.27
C THR B 47 9.63 -3.36 1.33
N LEU B 48 8.99 -2.23 1.57
CA LEU B 48 7.83 -1.78 0.81
C LEU B 48 8.14 -1.66 -0.68
N ARG B 49 9.29 -1.10 -1.03
CA ARG B 49 9.65 -0.94 -2.44
C ARG B 49 9.94 -2.29 -3.09
N ARG B 50 10.60 -3.18 -2.37
CA ARG B 50 10.94 -4.50 -2.91
C ARG B 50 9.73 -5.42 -2.99
N VAL B 51 8.99 -5.53 -1.89
CA VAL B 51 7.81 -6.39 -1.84
C VAL B 51 6.68 -5.83 -2.71
N GLY B 52 6.48 -4.52 -2.64
CA GLY B 52 5.44 -3.87 -3.40
C GLY B 52 5.66 -3.94 -4.90
N ASP B 53 6.92 -3.89 -5.32
CA ASP B 53 7.24 -3.96 -6.75
C ASP B 53 6.81 -5.30 -7.33
N GLY B 54 7.03 -6.36 -6.57
CA GLY B 54 6.65 -7.70 -7.01
C GLY B 54 5.15 -7.81 -7.20
N VAL B 55 4.40 -7.13 -6.35
CA VAL B 55 2.95 -7.12 -6.40
C VAL B 55 2.47 -6.59 -7.74
N GLN B 56 2.93 -5.39 -8.08
CA GLN B 56 2.54 -4.76 -9.34
C GLN B 56 3.13 -5.50 -10.54
N ARG B 57 4.27 -6.15 -10.34
CA ARG B 57 4.92 -6.86 -11.42
C ARG B 57 4.19 -8.15 -11.81
N ASN B 58 3.83 -8.99 -10.83
CA ASN B 58 3.16 -10.25 -11.17
C ASN B 58 1.69 -10.07 -11.53
N HIS B 59 1.09 -8.94 -11.19
CA HIS B 59 -0.31 -8.71 -11.52
C HIS B 59 -0.55 -7.32 -12.11
N GLU B 60 0.33 -6.90 -13.01
CA GLU B 60 0.22 -5.59 -13.64
C GLU B 60 -1.11 -5.44 -14.37
N THR B 61 -1.43 -6.43 -15.19
CA THR B 61 -2.65 -6.43 -15.99
C THR B 61 -3.90 -6.27 -15.12
N ALA B 62 -3.83 -6.72 -13.87
CA ALA B 62 -4.97 -6.60 -12.97
C ALA B 62 -5.14 -5.14 -12.56
N PHE B 63 -4.03 -4.51 -12.18
CA PHE B 63 -4.05 -3.13 -11.76
C PHE B 63 -4.37 -2.20 -12.93
N GLN B 64 -3.92 -2.57 -14.12
CA GLN B 64 -4.17 -1.80 -15.34
C GLN B 64 -5.67 -1.69 -15.58
N GLY B 65 -6.38 -2.78 -15.32
CA GLY B 65 -7.82 -2.79 -15.52
C GLY B 65 -8.50 -1.89 -14.51
N MET B 66 -8.01 -1.91 -13.29
CA MET B 66 -8.55 -1.10 -12.21
C MET B 66 -8.29 0.38 -12.47
N LEU B 67 -7.08 0.67 -12.95
CA LEU B 67 -6.66 2.04 -13.27
C LEU B 67 -7.62 2.67 -14.27
N ARG B 68 -8.11 1.86 -15.18
CA ARG B 68 -9.04 2.32 -16.20
C ARG B 68 -10.46 2.50 -15.64
N LYS B 69 -10.75 1.80 -14.55
CA LYS B 69 -12.08 1.86 -13.92
C LYS B 69 -12.19 2.93 -12.84
N LEU B 70 -11.14 3.12 -12.04
CA LEU B 70 -11.16 4.12 -10.99
C LEU B 70 -11.26 5.53 -11.57
N ASP B 71 -12.10 6.35 -10.96
CA ASP B 71 -12.31 7.73 -11.38
C ASP B 71 -11.22 8.65 -10.86
N ILE B 72 -9.97 8.22 -11.01
CA ILE B 72 -8.82 8.99 -10.57
C ILE B 72 -8.54 10.13 -11.55
N LYS B 73 -8.90 11.35 -11.16
CA LYS B 73 -8.70 12.51 -12.00
C LYS B 73 -9.03 13.77 -11.22
N ASN B 74 -10.13 13.73 -10.49
CA ASN B 74 -10.56 14.88 -9.69
C ASN B 74 -10.18 14.62 -8.24
N GLU B 75 -10.53 15.52 -7.34
CA GLU B 75 -10.22 15.36 -5.91
C GLU B 75 -10.90 14.11 -5.36
N GLY B 76 -11.95 13.69 -6.06
CA GLY B 76 -12.71 12.51 -5.70
C GLY B 76 -11.90 11.23 -5.79
N ASP B 77 -10.72 11.30 -6.40
CA ASP B 77 -9.85 10.14 -6.58
C ASP B 77 -9.52 9.47 -5.25
N VAL B 78 -9.21 10.26 -4.23
CA VAL B 78 -8.90 9.71 -2.92
C VAL B 78 -10.12 9.02 -2.32
N LYS B 79 -11.31 9.53 -2.65
CA LYS B 79 -12.55 8.93 -2.16
C LYS B 79 -12.82 7.64 -2.92
N SER B 80 -12.43 7.65 -4.19
CA SER B 80 -12.59 6.51 -5.07
C SER B 80 -11.77 5.33 -4.55
N PHE B 81 -10.60 5.63 -4.00
CA PHE B 81 -9.73 4.60 -3.47
C PHE B 81 -10.32 4.03 -2.18
N SER B 82 -10.96 4.90 -1.40
CA SER B 82 -11.57 4.47 -0.14
C SER B 82 -12.69 3.47 -0.47
N ARG B 83 -13.36 3.73 -1.59
CA ARG B 83 -14.45 2.91 -2.09
C ARG B 83 -13.97 1.49 -2.37
N VAL B 84 -12.81 1.37 -3.02
CA VAL B 84 -12.27 0.05 -3.32
C VAL B 84 -11.64 -0.55 -2.07
N MET B 85 -11.03 0.29 -1.24
CA MET B 85 -10.39 -0.14 0.00
C MET B 85 -11.35 -0.92 0.89
N VAL B 86 -12.51 -0.33 1.18
CA VAL B 86 -13.52 -0.96 2.02
C VAL B 86 -13.97 -2.28 1.40
N HIS B 87 -14.02 -2.30 0.07
CA HIS B 87 -14.43 -3.50 -0.65
C HIS B 87 -13.36 -4.59 -0.65
N VAL B 88 -12.08 -4.21 -0.65
CA VAL B 88 -11.01 -5.21 -0.65
C VAL B 88 -10.92 -5.92 0.69
N PHE B 89 -11.13 -5.20 1.78
CA PHE B 89 -11.07 -5.82 3.11
C PHE B 89 -12.43 -6.34 3.54
N LYS B 90 -13.33 -6.55 2.58
CA LYS B 90 -14.67 -7.05 2.87
C LYS B 90 -14.60 -8.52 3.31
N ASP B 91 -13.51 -9.19 2.94
CA ASP B 91 -13.34 -10.60 3.30
C ASP B 91 -12.94 -10.71 4.76
N GLY B 92 -12.48 -9.61 5.33
CA GLY B 92 -12.06 -9.60 6.71
C GLY B 92 -10.58 -9.96 6.84
N VAL B 93 -10.05 -10.58 5.80
CA VAL B 93 -8.66 -11.00 5.76
C VAL B 93 -7.73 -9.79 5.71
N THR B 94 -7.13 -9.46 6.85
CA THR B 94 -6.23 -8.34 6.92
C THR B 94 -4.77 -8.76 6.72
N ASN B 95 -4.55 -10.06 6.43
CA ASN B 95 -3.19 -10.60 6.21
C ASN B 95 -2.27 -9.56 5.57
N TRP B 96 -1.10 -9.40 6.18
CA TRP B 96 -0.08 -8.42 5.80
C TRP B 96 0.13 -8.28 4.30
N GLY B 97 0.06 -9.39 3.57
CA GLY B 97 0.26 -9.35 2.13
C GLY B 97 -0.78 -8.51 1.42
N ARG B 98 -1.98 -8.45 1.98
CA ARG B 98 -3.06 -7.68 1.38
C ARG B 98 -2.80 -6.18 1.51
N ILE B 99 -2.29 -5.74 2.66
CA ILE B 99 -2.00 -4.32 2.86
C ILE B 99 -0.95 -3.85 1.86
N VAL B 100 0.12 -4.63 1.72
CA VAL B 100 1.20 -4.31 0.80
C VAL B 100 0.67 -4.23 -0.62
N THR B 101 -0.37 -5.00 -0.89
CA THR B 101 -1.00 -5.02 -2.21
C THR B 101 -1.73 -3.69 -2.47
N LEU B 102 -2.47 -3.22 -1.46
CA LEU B 102 -3.20 -1.96 -1.58
C LEU B 102 -2.23 -0.82 -1.84
N ILE B 103 -1.11 -0.83 -1.13
CA ILE B 103 -0.10 0.19 -1.29
C ILE B 103 0.53 0.08 -2.68
N SER B 104 0.81 -1.16 -3.08
CA SER B 104 1.40 -1.43 -4.38
C SER B 104 0.51 -0.89 -5.50
N PHE B 105 -0.78 -1.18 -5.41
CA PHE B 105 -1.74 -0.72 -6.40
C PHE B 105 -1.79 0.81 -6.44
N GLY B 106 -1.92 1.42 -5.26
CA GLY B 106 -1.98 2.87 -5.18
C GLY B 106 -0.74 3.49 -5.78
N ALA B 107 0.39 2.85 -5.57
CA ALA B 107 1.66 3.32 -6.09
C ALA B 107 1.76 3.08 -7.59
N PHE B 108 1.15 2.00 -8.07
CA PHE B 108 1.16 1.69 -9.49
C PHE B 108 0.42 2.79 -10.23
N VAL B 109 -0.70 3.19 -9.63
CA VAL B 109 -1.52 4.26 -10.17
C VAL B 109 -0.75 5.57 -10.10
N ALA B 110 -0.09 5.79 -8.96
CA ALA B 110 0.70 6.99 -8.71
C ALA B 110 1.79 7.18 -9.76
N LYS B 111 2.33 6.07 -10.26
CA LYS B 111 3.38 6.12 -11.28
C LYS B 111 2.83 6.74 -12.55
N HIS B 112 1.63 6.32 -12.92
CA HIS B 112 0.98 6.85 -14.11
C HIS B 112 0.47 8.25 -13.82
N LEU B 113 0.12 8.47 -12.57
CA LEU B 113 -0.38 9.75 -12.10
C LEU B 113 0.70 10.82 -12.27
N LYS B 114 1.94 10.45 -11.95
CA LYS B 114 3.05 11.40 -12.12
C LYS B 114 3.37 11.57 -13.59
N SER B 115 3.15 10.52 -14.37
CA SER B 115 3.41 10.57 -15.80
C SER B 115 2.40 11.48 -16.48
N VAL B 116 1.24 11.63 -15.85
CA VAL B 116 0.18 12.49 -16.37
C VAL B 116 0.20 13.83 -15.62
N ASN B 117 1.22 13.96 -14.77
CA ASN B 117 1.49 15.15 -13.94
C ASN B 117 0.34 15.56 -13.03
N GLN B 118 -0.06 14.65 -12.16
CA GLN B 118 -1.12 14.93 -11.20
C GLN B 118 -0.65 14.66 -9.77
N GLU B 119 0.57 15.10 -9.45
CA GLU B 119 1.15 14.91 -8.11
C GLU B 119 0.29 15.51 -6.99
N SER B 120 -0.57 16.46 -7.34
CA SER B 120 -1.43 17.08 -6.36
C SER B 120 -2.41 16.06 -5.76
N PHE B 121 -2.50 14.88 -6.39
CA PHE B 121 -3.39 13.83 -5.90
C PHE B 121 -2.60 12.68 -5.28
N ILE B 122 -1.35 12.49 -5.69
CA ILE B 122 -0.54 11.40 -5.14
C ILE B 122 -0.25 11.64 -3.66
N GLU B 123 -0.04 12.91 -3.30
CA GLU B 123 0.23 13.29 -1.92
C GLU B 123 -0.90 12.88 -0.98
N PRO B 124 -2.15 13.36 -1.19
CA PRO B 124 -3.26 12.99 -0.32
C PRO B 124 -3.70 11.53 -0.50
N LEU B 125 -3.31 10.91 -1.61
CA LEU B 125 -3.68 9.53 -1.89
C LEU B 125 -3.08 8.59 -0.84
N ALA B 126 -1.76 8.63 -0.69
CA ALA B 126 -1.06 7.80 0.28
C ALA B 126 -1.61 8.02 1.68
N GLU B 127 -1.88 9.28 2.01
CA GLU B 127 -2.44 9.64 3.30
C GLU B 127 -3.82 9.03 3.45
N THR B 128 -4.62 9.09 2.37
CA THR B 128 -5.96 8.53 2.38
C THR B 128 -5.91 7.01 2.56
N ILE B 129 -4.98 6.38 1.86
CA ILE B 129 -4.81 4.92 1.94
C ILE B 129 -4.58 4.50 3.39
N THR B 130 -3.64 5.18 4.04
CA THR B 130 -3.29 4.86 5.41
C THR B 130 -4.35 5.32 6.43
N ASP B 131 -4.93 6.49 6.20
CA ASP B 131 -5.93 7.04 7.12
C ASP B 131 -7.13 6.11 7.26
N VAL B 132 -7.59 5.56 6.13
CA VAL B 132 -8.71 4.64 6.16
C VAL B 132 -8.27 3.32 6.80
N LEU B 133 -7.07 2.88 6.42
CA LEU B 133 -6.48 1.64 6.91
C LEU B 133 -6.35 1.65 8.43
N VAL B 134 -5.69 2.67 8.95
CA VAL B 134 -5.45 2.81 10.39
C VAL B 134 -6.76 2.96 11.17
N ARG B 135 -7.76 3.58 10.57
CA ARG B 135 -9.03 3.77 11.28
C ARG B 135 -9.86 2.49 11.34
N THR B 136 -9.85 1.70 10.28
CA THR B 136 -10.64 0.47 10.26
C THR B 136 -9.86 -0.73 10.77
N LYS B 137 -8.53 -0.67 10.74
CA LYS B 137 -7.72 -1.79 11.20
C LYS B 137 -6.62 -1.38 12.16
N ARG B 138 -6.95 -0.48 13.07
CA ARG B 138 -6.00 -0.02 14.08
C ARG B 138 -5.64 -1.20 14.99
N ASP B 139 -6.58 -2.13 15.09
CA ASP B 139 -6.41 -3.33 15.92
C ASP B 139 -5.35 -4.23 15.28
N TRP B 140 -5.48 -4.44 13.97
CA TRP B 140 -4.55 -5.27 13.22
C TRP B 140 -3.13 -4.74 13.32
N LEU B 141 -2.98 -3.43 13.18
CA LEU B 141 -1.67 -2.81 13.26
C LEU B 141 -1.05 -3.07 14.63
N VAL B 142 -1.85 -2.88 15.67
CA VAL B 142 -1.41 -3.11 17.05
C VAL B 142 -0.99 -4.57 17.24
N LYS B 143 -1.78 -5.48 16.70
CA LYS B 143 -1.53 -6.92 16.80
C LYS B 143 -0.19 -7.32 16.16
N GLN B 144 0.16 -6.69 15.05
CA GLN B 144 1.40 -7.02 14.35
C GLN B 144 2.47 -5.95 14.49
N ARG B 145 2.37 -5.09 15.50
CA ARG B 145 3.36 -4.04 15.75
C ARG B 145 3.52 -3.08 14.56
N GLY B 146 2.52 -3.01 13.70
CA GLY B 146 2.57 -2.14 12.55
C GLY B 146 3.71 -2.49 11.60
N TRP B 147 4.51 -1.49 11.26
CA TRP B 147 5.63 -1.68 10.35
C TRP B 147 6.73 -2.51 10.99
N ASP B 148 6.80 -2.49 12.32
CA ASP B 148 7.81 -3.23 13.06
C ASP B 148 7.63 -4.73 12.77
N GLY B 149 6.39 -5.19 12.82
CA GLY B 149 6.08 -6.57 12.53
C GLY B 149 6.13 -6.86 11.04
N PHE B 150 5.68 -5.89 10.25
CA PHE B 150 5.65 -5.98 8.79
C PHE B 150 7.06 -6.23 8.26
N VAL B 151 8.03 -5.50 8.80
CA VAL B 151 9.41 -5.64 8.37
C VAL B 151 9.98 -6.98 8.81
N GLU B 152 9.53 -7.51 9.94
CA GLU B 152 10.01 -8.81 10.40
C GLU B 152 9.44 -9.92 9.53
N PHE B 153 8.19 -9.75 9.11
CA PHE B 153 7.53 -10.75 8.27
C PHE B 153 8.15 -10.80 6.88
N PHE B 154 8.52 -9.65 6.33
CA PHE B 154 9.10 -9.61 5.00
C PHE B 154 10.62 -9.42 5.03
N HIS B 155 11.19 -9.50 6.23
CA HIS B 155 12.63 -9.35 6.43
C HIS B 155 13.41 -10.38 5.63
N VAL B 156 12.87 -11.59 5.54
CA VAL B 156 13.52 -12.66 4.79
C VAL B 156 13.52 -12.30 3.31
N GLN B 157 14.72 -12.18 2.75
CA GLN B 157 14.87 -11.81 1.34
C GLN B 157 14.54 -12.99 0.42
N ASP B 158 14.62 -12.70 -0.87
CA ASP B 158 14.35 -13.66 -1.94
C ASP B 158 15.30 -14.85 -1.93
N LEU B 159 14.99 -15.85 -1.12
CA LEU B 159 15.82 -17.05 -1.03
C LEU B 159 15.74 -17.85 -2.33
N GLU B 160 14.66 -17.65 -3.08
CA GLU B 160 14.48 -18.33 -4.34
C GLU B 160 15.33 -17.70 -5.44
N GLY B 161 15.82 -16.49 -5.18
CA GLY B 161 16.65 -15.80 -6.15
C GLY B 161 15.84 -14.87 -7.04
N GLY B 162 14.53 -14.89 -6.86
CA GLY B 162 13.64 -14.06 -7.64
C GLY B 162 12.20 -14.40 -7.34
N PRO A 1 -21.32 1.04 -6.41
CA PRO A 1 -22.04 -0.14 -5.90
C PRO A 1 -21.35 -1.44 -6.27
N ALA A 2 -21.59 -1.93 -7.48
CA ALA A 2 -20.98 -3.18 -7.94
C ALA A 2 -20.14 -2.91 -9.18
N ASP A 3 -19.51 -1.75 -9.16
CA ASP A 3 -18.66 -1.28 -10.23
C ASP A 3 -17.24 -1.79 -9.99
N LEU A 4 -16.80 -1.67 -8.76
CA LEU A 4 -15.46 -2.12 -8.35
C LEU A 4 -15.53 -3.54 -7.81
N LYS A 5 -16.34 -4.37 -8.45
CA LYS A 5 -16.51 -5.74 -8.05
C LYS A 5 -15.35 -6.60 -8.58
N ASP A 6 -15.02 -6.37 -9.85
CA ASP A 6 -13.96 -7.11 -10.52
C ASP A 6 -12.62 -6.79 -9.88
N GLU A 7 -12.41 -5.51 -9.62
CA GLU A 7 -11.18 -5.01 -9.03
C GLU A 7 -10.91 -5.62 -7.67
N CYS A 8 -11.90 -5.54 -6.77
CA CYS A 8 -11.71 -6.08 -5.43
C CYS A 8 -11.51 -7.59 -5.44
N ALA A 9 -12.24 -8.27 -6.32
CA ALA A 9 -12.15 -9.73 -6.42
C ALA A 9 -10.76 -10.14 -6.90
N GLN A 10 -10.27 -9.50 -7.95
CA GLN A 10 -8.96 -9.83 -8.47
C GLN A 10 -7.87 -9.33 -7.51
N LEU A 11 -8.10 -8.19 -6.86
CA LEU A 11 -7.15 -7.63 -5.92
C LEU A 11 -6.90 -8.60 -4.77
N ARG A 12 -7.97 -9.27 -4.33
CA ARG A 12 -7.86 -10.25 -3.26
C ARG A 12 -6.93 -11.36 -3.71
N ARG A 13 -7.05 -11.72 -4.99
CA ARG A 13 -6.24 -12.77 -5.60
C ARG A 13 -4.78 -12.35 -5.68
N ILE A 14 -4.55 -11.09 -6.01
CA ILE A 14 -3.18 -10.57 -6.14
C ILE A 14 -2.48 -10.65 -4.79
N GLY A 15 -3.14 -10.10 -3.78
CA GLY A 15 -2.60 -10.09 -2.44
C GLY A 15 -2.51 -11.47 -1.84
N ASP A 16 -3.41 -12.36 -2.23
CA ASP A 16 -3.42 -13.72 -1.72
C ASP A 16 -2.25 -14.52 -2.28
N LYS A 17 -1.91 -14.24 -3.54
CA LYS A 17 -0.81 -14.92 -4.21
C LYS A 17 0.50 -14.66 -3.46
N VAL A 18 0.77 -13.40 -3.15
CA VAL A 18 1.99 -13.06 -2.43
C VAL A 18 1.89 -13.51 -0.98
N ASN A 19 0.68 -13.48 -0.43
CA ASN A 19 0.44 -13.90 0.95
C ASN A 19 0.85 -15.37 1.08
N LEU A 20 0.42 -16.16 0.09
CA LEU A 20 0.73 -17.58 0.04
C LEU A 20 2.22 -17.79 -0.15
N ARG A 21 2.78 -17.05 -1.12
CA ARG A 21 4.19 -17.13 -1.45
C ARG A 21 5.07 -16.81 -0.24
N GLN A 22 4.84 -15.68 0.41
CA GLN A 22 5.65 -15.31 1.57
C GLN A 22 5.38 -16.23 2.75
N LYS A 23 4.17 -16.79 2.83
CA LYS A 23 3.81 -17.71 3.91
C LYS A 23 4.78 -18.88 3.90
N LEU A 24 4.92 -19.52 2.74
CA LEU A 24 5.83 -20.66 2.58
C LEU A 24 7.27 -20.19 2.58
N LEU A 25 7.48 -18.95 2.14
CA LEU A 25 8.82 -18.36 2.12
C LEU A 25 9.35 -18.35 3.55
N ASN A 26 8.45 -18.01 4.47
CA ASN A 26 8.80 -17.99 5.88
C ASN A 26 8.91 -19.42 6.37
N MET A 27 7.78 -20.13 6.35
CA MET A 27 7.69 -21.53 6.78
C MET A 27 6.43 -22.17 6.23
N GLY B 1 -6.38 6.02 19.78
CA GLY B 1 -7.72 6.64 19.84
C GLY B 1 -7.75 7.91 19.03
N PRO B 2 -8.21 9.04 19.61
CA PRO B 2 -8.25 10.32 18.91
C PRO B 2 -6.85 10.92 18.76
N LEU B 3 -6.76 12.10 18.16
CA LEU B 3 -5.48 12.76 17.97
C LEU B 3 -4.78 12.99 19.31
N GLY B 4 -3.63 12.37 19.48
CA GLY B 4 -2.89 12.48 20.70
C GLY B 4 -3.01 11.24 21.54
N SER B 5 -2.69 10.09 20.95
CA SER B 5 -2.75 8.81 21.65
C SER B 5 -1.95 7.74 20.91
N GLU B 6 -2.46 7.33 19.75
CA GLU B 6 -1.82 6.29 18.95
C GLU B 6 -1.58 6.79 17.54
N ASP B 7 -1.17 8.05 17.45
CA ASP B 7 -0.89 8.71 16.18
C ASP B 7 0.39 8.16 15.58
N ASP B 8 1.12 7.42 16.40
CA ASP B 8 2.40 6.80 16.04
C ASP B 8 2.31 6.03 14.72
N LEU B 9 1.33 5.15 14.62
CA LEU B 9 1.16 4.34 13.41
C LEU B 9 0.85 5.23 12.21
N TYR B 10 0.01 6.23 12.42
CA TYR B 10 -0.36 7.15 11.35
C TYR B 10 0.84 7.99 10.95
N ARG B 11 1.66 8.35 11.93
CA ARG B 11 2.84 9.15 11.65
C ARG B 11 3.82 8.34 10.81
N GLN B 12 4.01 7.08 11.16
CA GLN B 12 4.92 6.23 10.39
C GLN B 12 4.38 6.11 8.97
N SER B 13 3.13 5.69 8.86
CA SER B 13 2.49 5.52 7.55
C SER B 13 2.55 6.79 6.73
N LEU B 14 2.40 7.95 7.36
CA LEU B 14 2.46 9.23 6.66
C LEU B 14 3.80 9.41 5.98
N GLU B 15 4.89 9.14 6.68
CA GLU B 15 6.21 9.30 6.09
C GLU B 15 6.55 8.15 5.13
N ILE B 16 6.31 6.93 5.59
CA ILE B 16 6.63 5.74 4.81
C ILE B 16 5.82 5.63 3.52
N ILE B 17 4.51 5.79 3.60
CA ILE B 17 3.65 5.68 2.43
C ILE B 17 3.93 6.79 1.41
N SER B 18 3.98 8.04 1.87
CA SER B 18 4.24 9.15 0.97
C SER B 18 5.58 8.97 0.26
N ARG B 19 6.56 8.40 0.96
CA ARG B 19 7.87 8.16 0.36
C ARG B 19 7.74 7.15 -0.78
N TYR B 20 7.10 6.03 -0.49
CA TYR B 20 6.92 4.97 -1.47
C TYR B 20 6.23 5.48 -2.74
N LEU B 21 5.16 6.25 -2.60
CA LEU B 21 4.46 6.77 -3.76
C LEU B 21 5.31 7.82 -4.49
N ARG B 22 6.00 8.67 -3.73
CA ARG B 22 6.85 9.70 -4.33
C ARG B 22 8.00 9.06 -5.10
N GLU B 23 8.57 8.00 -4.54
CA GLU B 23 9.67 7.30 -5.20
C GLU B 23 9.24 6.73 -6.53
N GLN B 24 8.08 6.10 -6.56
CA GLN B 24 7.55 5.52 -7.79
C GLN B 24 7.23 6.60 -8.81
N ALA B 25 6.65 7.70 -8.34
CA ALA B 25 6.27 8.82 -9.20
C ALA B 25 7.48 9.58 -9.76
N THR B 26 8.57 9.62 -9.00
CA THR B 26 9.75 10.34 -9.45
C THR B 26 10.74 9.44 -10.18
N GLY B 27 10.94 8.25 -9.66
CA GLY B 27 11.90 7.33 -10.23
C GLY B 27 13.29 7.88 -9.99
N SER B 28 13.39 8.70 -8.94
CA SER B 28 14.63 9.36 -8.56
C SER B 28 14.82 9.36 -7.05
N LYS B 29 16.05 9.16 -6.59
CA LYS B 29 16.35 9.15 -5.16
C LYS B 29 17.77 9.63 -4.87
N ASP B 30 17.85 10.83 -4.30
CA ASP B 30 19.13 11.43 -3.95
C ASP B 30 19.52 11.01 -2.53
N SER B 31 18.70 11.42 -1.57
CA SER B 31 18.89 11.13 -0.16
C SER B 31 17.76 11.79 0.62
N LYS B 32 16.71 11.03 0.91
CA LYS B 32 15.57 11.57 1.64
C LYS B 32 15.09 10.57 2.70
N PRO B 33 15.66 10.65 3.91
CA PRO B 33 15.30 9.76 5.02
C PRO B 33 14.01 10.19 5.71
N LEU B 34 13.60 9.40 6.70
CA LEU B 34 12.40 9.66 7.46
C LEU B 34 12.83 10.15 8.85
N GLY B 35 12.12 11.12 9.39
CA GLY B 35 12.52 11.66 10.69
C GLY B 35 11.64 11.23 11.85
N GLU B 36 10.35 11.07 11.61
CA GLU B 36 9.45 10.68 12.68
C GLU B 36 9.11 9.20 12.61
N ALA B 37 9.20 8.62 11.41
CA ALA B 37 8.92 7.20 11.23
C ALA B 37 10.01 6.34 11.86
N GLY B 38 11.20 6.92 11.99
CA GLY B 38 12.33 6.24 12.60
C GLY B 38 12.92 5.13 11.75
N ALA B 39 13.58 4.19 12.41
CA ALA B 39 14.22 3.05 11.76
C ALA B 39 13.19 2.20 11.02
N ALA B 40 12.03 2.04 11.63
CA ALA B 40 10.95 1.24 11.05
C ALA B 40 10.53 1.83 9.71
N GLY B 41 10.66 3.15 9.60
CA GLY B 41 10.32 3.84 8.37
C GLY B 41 11.17 3.36 7.20
N ARG B 42 12.48 3.28 7.43
CA ARG B 42 13.39 2.82 6.38
C ARG B 42 13.16 1.35 6.09
N ARG B 43 13.09 0.56 7.17
CA ARG B 43 12.88 -0.88 7.08
C ARG B 43 11.61 -1.19 6.28
N ALA B 44 10.57 -0.41 6.50
CA ALA B 44 9.32 -0.60 5.78
C ALA B 44 9.46 -0.16 4.34
N LEU B 45 10.19 0.93 4.10
CA LEU B 45 10.42 1.43 2.75
C LEU B 45 11.15 0.42 1.90
N GLU B 46 12.17 -0.21 2.48
CA GLU B 46 12.96 -1.21 1.77
C GLU B 46 12.04 -2.34 1.33
N THR B 47 11.12 -2.69 2.22
CA THR B 47 10.16 -3.75 1.97
C THR B 47 9.12 -3.31 0.93
N LEU B 48 8.55 -2.12 1.13
CA LEU B 48 7.53 -1.57 0.24
C LEU B 48 7.99 -1.50 -1.21
N ARG B 49 9.20 -1.01 -1.44
CA ARG B 49 9.69 -0.88 -2.80
C ARG B 49 10.02 -2.21 -3.46
N ARG B 50 10.66 -3.14 -2.74
CA ARG B 50 10.98 -4.43 -3.35
C ARG B 50 9.75 -5.33 -3.48
N VAL B 51 9.01 -5.48 -2.40
CA VAL B 51 7.83 -6.33 -2.42
C VAL B 51 6.72 -5.71 -3.26
N GLY B 52 6.48 -4.43 -3.06
CA GLY B 52 5.44 -3.72 -3.79
C GLY B 52 5.67 -3.69 -5.29
N ASP B 53 6.91 -3.48 -5.71
CA ASP B 53 7.21 -3.43 -7.14
C ASP B 53 7.02 -4.81 -7.75
N GLY B 54 7.28 -5.84 -6.94
CA GLY B 54 7.11 -7.21 -7.38
C GLY B 54 5.65 -7.52 -7.62
N VAL B 55 4.80 -6.98 -6.75
CA VAL B 55 3.35 -7.15 -6.84
C VAL B 55 2.88 -6.61 -8.18
N GLN B 56 3.45 -5.47 -8.55
CA GLN B 56 3.15 -4.80 -9.79
C GLN B 56 3.64 -5.62 -10.99
N ARG B 57 4.82 -6.23 -10.84
CA ARG B 57 5.41 -6.99 -11.93
C ARG B 57 4.57 -8.21 -12.33
N ASN B 58 4.16 -9.03 -11.37
CA ASN B 58 3.39 -10.23 -11.71
C ASN B 58 1.93 -9.96 -12.05
N HIS B 59 1.36 -8.85 -11.59
CA HIS B 59 -0.04 -8.56 -11.89
C HIS B 59 -0.25 -7.11 -12.32
N GLU B 60 0.53 -6.67 -13.29
CA GLU B 60 0.47 -5.30 -13.79
C GLU B 60 -0.86 -5.03 -14.47
N THR B 61 -1.32 -5.97 -15.30
CA THR B 61 -2.58 -5.82 -16.02
C THR B 61 -3.76 -5.71 -15.06
N ALA B 62 -3.64 -6.32 -13.88
CA ALA B 62 -4.72 -6.28 -12.91
C ALA B 62 -4.90 -4.84 -12.41
N PHE B 63 -3.79 -4.19 -12.13
CA PHE B 63 -3.82 -2.81 -11.64
C PHE B 63 -4.33 -1.87 -12.74
N GLN B 64 -3.97 -2.17 -13.98
CA GLN B 64 -4.40 -1.37 -15.12
C GLN B 64 -5.91 -1.43 -15.26
N GLY B 65 -6.48 -2.60 -14.99
CA GLY B 65 -7.93 -2.77 -15.08
C GLY B 65 -8.65 -1.89 -14.08
N MET B 66 -8.11 -1.82 -12.87
CA MET B 66 -8.69 -1.01 -11.81
C MET B 66 -8.55 0.47 -12.14
N LEU B 67 -7.42 0.82 -12.74
CA LEU B 67 -7.13 2.20 -13.14
C LEU B 67 -8.16 2.67 -14.16
N ARG B 68 -8.69 1.73 -14.93
CA ARG B 68 -9.70 2.03 -15.94
C ARG B 68 -11.08 2.20 -15.29
N LYS B 69 -11.22 1.68 -14.08
CA LYS B 69 -12.47 1.78 -13.34
C LYS B 69 -12.50 3.02 -12.44
N LEU B 70 -11.41 3.25 -11.70
CA LEU B 70 -11.33 4.41 -10.82
C LEU B 70 -11.31 5.71 -11.60
N ASP B 71 -12.10 6.67 -11.14
CA ASP B 71 -12.17 7.98 -11.79
C ASP B 71 -11.01 8.87 -11.32
N ILE B 72 -9.79 8.45 -11.68
CA ILE B 72 -8.60 9.18 -11.31
C ILE B 72 -8.35 10.34 -12.28
N LYS B 73 -8.62 11.57 -11.82
CA LYS B 73 -8.42 12.77 -12.63
C LYS B 73 -8.81 14.02 -11.84
N ASN B 74 -9.72 13.85 -10.88
CA ASN B 74 -10.18 14.97 -10.06
C ASN B 74 -10.13 14.56 -8.59
N GLU B 75 -10.61 15.43 -7.70
CA GLU B 75 -10.63 15.18 -6.26
C GLU B 75 -11.30 13.84 -5.91
N GLY B 76 -12.13 13.37 -6.84
CA GLY B 76 -12.82 12.11 -6.66
C GLY B 76 -11.91 10.90 -6.78
N ASP B 77 -10.69 11.10 -7.27
CA ASP B 77 -9.74 10.00 -7.45
C ASP B 77 -9.43 9.29 -6.13
N VAL B 78 -9.05 10.06 -5.11
CA VAL B 78 -8.74 9.50 -3.81
C VAL B 78 -10.00 8.96 -3.14
N LYS B 79 -11.13 9.54 -3.52
CA LYS B 79 -12.41 9.11 -2.99
C LYS B 79 -12.77 7.74 -3.56
N SER B 80 -12.41 7.55 -4.83
CA SER B 80 -12.66 6.29 -5.51
C SER B 80 -11.76 5.20 -4.92
N PHE B 81 -10.57 5.61 -4.51
CA PHE B 81 -9.62 4.68 -3.92
C PHE B 81 -10.17 4.17 -2.60
N SER B 82 -10.83 5.05 -1.86
CA SER B 82 -11.44 4.69 -0.59
C SER B 82 -12.58 3.71 -0.86
N ARG B 83 -13.38 4.02 -1.89
CA ARG B 83 -14.52 3.19 -2.27
C ARG B 83 -14.06 1.78 -2.61
N VAL B 84 -13.04 1.66 -3.44
CA VAL B 84 -12.55 0.35 -3.83
C VAL B 84 -11.89 -0.37 -2.65
N MET B 85 -11.14 0.36 -1.82
CA MET B 85 -10.48 -0.25 -0.66
C MET B 85 -11.48 -0.91 0.28
N VAL B 86 -12.56 -0.20 0.57
CA VAL B 86 -13.61 -0.74 1.45
C VAL B 86 -14.23 -1.98 0.82
N HIS B 87 -14.32 -1.96 -0.50
CA HIS B 87 -14.89 -3.07 -1.26
C HIS B 87 -13.90 -4.24 -1.28
N VAL B 88 -12.61 -3.92 -1.26
CA VAL B 88 -11.54 -4.92 -1.28
C VAL B 88 -11.45 -5.66 0.06
N PHE B 89 -11.46 -4.93 1.17
CA PHE B 89 -11.38 -5.54 2.50
C PHE B 89 -12.72 -6.12 2.95
N LYS B 90 -13.55 -6.48 1.97
CA LYS B 90 -14.87 -7.04 2.25
C LYS B 90 -14.73 -8.44 2.86
N ASP B 91 -13.61 -9.10 2.56
CA ASP B 91 -13.35 -10.45 3.07
C ASP B 91 -12.90 -10.39 4.53
N GLY B 92 -12.47 -9.21 4.96
CA GLY B 92 -12.03 -9.01 6.32
C GLY B 92 -10.59 -9.42 6.56
N VAL B 93 -10.02 -10.14 5.61
CA VAL B 93 -8.64 -10.60 5.73
C VAL B 93 -7.70 -9.42 5.61
N THR B 94 -7.11 -9.04 6.73
CA THR B 94 -6.21 -7.92 6.81
C THR B 94 -4.74 -8.32 6.62
N ASN B 95 -4.50 -9.61 6.38
CA ASN B 95 -3.14 -10.15 6.17
C ASN B 95 -2.30 -9.26 5.25
N TRP B 96 -1.06 -9.04 5.70
CA TRP B 96 -0.06 -8.19 5.03
C TRP B 96 0.01 -8.36 3.52
N GLY B 97 -0.08 -9.59 3.02
CA GLY B 97 -0.01 -9.81 1.58
C GLY B 97 -1.06 -9.02 0.83
N ARG B 98 -2.23 -8.89 1.43
CA ARG B 98 -3.34 -8.16 0.85
C ARG B 98 -3.13 -6.65 0.96
N ILE B 99 -2.52 -6.23 2.07
CA ILE B 99 -2.26 -4.82 2.32
C ILE B 99 -1.15 -4.26 1.44
N VAL B 100 -0.04 -4.99 1.33
CA VAL B 100 1.08 -4.54 0.51
C VAL B 100 0.63 -4.35 -0.94
N THR B 101 -0.26 -5.23 -1.39
CA THR B 101 -0.81 -5.16 -2.74
C THR B 101 -1.58 -3.87 -2.95
N LEU B 102 -2.30 -3.43 -1.92
CA LEU B 102 -3.07 -2.20 -1.98
C LEU B 102 -2.16 -1.00 -2.16
N ILE B 103 -1.04 -1.00 -1.43
CA ILE B 103 -0.09 0.10 -1.53
C ILE B 103 0.59 0.04 -2.89
N SER B 104 0.85 -1.19 -3.34
CA SER B 104 1.47 -1.43 -4.64
C SER B 104 0.61 -0.79 -5.74
N PHE B 105 -0.69 -1.04 -5.64
CA PHE B 105 -1.65 -0.50 -6.59
C PHE B 105 -1.74 1.02 -6.49
N GLY B 106 -1.86 1.53 -5.26
CA GLY B 106 -1.97 2.95 -5.05
C GLY B 106 -0.80 3.69 -5.67
N ALA B 107 0.39 3.12 -5.52
CA ALA B 107 1.59 3.70 -6.07
C ALA B 107 1.66 3.51 -7.58
N PHE B 108 1.04 2.45 -8.09
CA PHE B 108 1.00 2.18 -9.52
C PHE B 108 0.25 3.31 -10.21
N VAL B 109 -0.89 3.64 -9.60
CA VAL B 109 -1.75 4.72 -10.10
C VAL B 109 -1.02 6.04 -9.96
N ALA B 110 -0.38 6.21 -8.81
CA ALA B 110 0.38 7.41 -8.48
C ALA B 110 1.41 7.76 -9.56
N LYS B 111 1.99 6.73 -10.16
CA LYS B 111 2.98 6.94 -11.19
C LYS B 111 2.35 7.57 -12.43
N HIS B 112 1.20 7.03 -12.83
CA HIS B 112 0.50 7.56 -13.99
C HIS B 112 -0.04 8.94 -13.65
N LEU B 113 -0.34 9.12 -12.38
CA LEU B 113 -0.86 10.38 -11.87
C LEU B 113 0.20 11.47 -12.01
N LYS B 114 1.44 11.18 -11.63
CA LYS B 114 2.51 12.15 -11.77
C LYS B 114 2.88 12.26 -13.26
N SER B 115 2.70 11.15 -13.98
CA SER B 115 2.99 11.10 -15.41
C SER B 115 1.96 11.91 -16.20
N VAL B 116 0.87 12.25 -15.53
CA VAL B 116 -0.19 13.05 -16.14
C VAL B 116 -0.19 14.43 -15.48
N ASN B 117 0.89 14.65 -14.73
CA ASN B 117 1.15 15.91 -14.01
C ASN B 117 0.05 16.29 -13.03
N GLN B 118 -0.36 15.33 -12.20
CA GLN B 118 -1.40 15.57 -11.21
C GLN B 118 -0.93 15.20 -9.81
N GLU B 119 0.30 15.61 -9.44
CA GLU B 119 0.84 15.31 -8.12
C GLU B 119 -0.03 15.87 -6.99
N SER B 120 -0.87 16.85 -7.32
CA SER B 120 -1.77 17.45 -6.34
C SER B 120 -2.70 16.41 -5.71
N PHE B 121 -2.85 15.26 -6.36
CA PHE B 121 -3.71 14.20 -5.84
C PHE B 121 -2.89 13.06 -5.21
N ILE B 122 -1.63 12.88 -5.64
CA ILE B 122 -0.81 11.80 -5.10
C ILE B 122 -0.47 12.07 -3.63
N GLU B 123 -0.24 13.34 -3.32
CA GLU B 123 0.09 13.75 -1.96
C GLU B 123 -1.01 13.33 -0.97
N PRO B 124 -2.27 13.75 -1.14
CA PRO B 124 -3.35 13.35 -0.22
C PRO B 124 -3.75 11.89 -0.40
N LEU B 125 -3.35 11.28 -1.53
CA LEU B 125 -3.68 9.88 -1.81
C LEU B 125 -3.09 9.01 -0.70
N ALA B 126 -1.82 9.25 -0.38
CA ALA B 126 -1.13 8.51 0.67
C ALA B 126 -1.90 8.62 1.99
N GLU B 127 -2.30 9.84 2.32
CA GLU B 127 -3.06 10.09 3.55
C GLU B 127 -4.44 9.47 3.51
N THR B 128 -4.96 9.23 2.31
CA THR B 128 -6.26 8.61 2.17
C THR B 128 -6.16 7.16 2.63
N ILE B 129 -5.02 6.55 2.33
CA ILE B 129 -4.76 5.16 2.69
C ILE B 129 -4.44 5.05 4.19
N THR B 130 -3.60 5.95 4.67
CA THR B 130 -3.18 5.96 6.06
C THR B 130 -4.34 6.09 7.06
N ASP B 131 -5.12 7.16 6.88
CA ASP B 131 -6.25 7.45 7.76
C ASP B 131 -7.22 6.29 7.89
N VAL B 132 -7.59 5.68 6.77
CA VAL B 132 -8.53 4.58 6.82
C VAL B 132 -7.90 3.31 7.40
N LEU B 133 -6.66 3.02 7.03
CA LEU B 133 -5.96 1.83 7.50
C LEU B 133 -5.78 1.83 9.02
N VAL B 134 -5.23 2.93 9.54
CA VAL B 134 -4.98 3.06 10.97
C VAL B 134 -6.27 2.98 11.79
N ARG B 135 -7.32 3.64 11.31
CA ARG B 135 -8.59 3.64 12.01
C ARG B 135 -9.38 2.34 11.87
N THR B 136 -9.18 1.59 10.79
CA THR B 136 -9.94 0.37 10.61
C THR B 136 -9.29 -0.87 11.26
N LYS B 137 -7.97 -0.95 11.32
CA LYS B 137 -7.33 -2.11 11.93
C LYS B 137 -6.21 -1.75 12.90
N ARG B 138 -6.45 -0.74 13.73
CA ARG B 138 -5.50 -0.29 14.74
C ARG B 138 -4.92 -1.46 15.53
N ASP B 139 -5.81 -2.16 16.22
CA ASP B 139 -5.50 -3.30 17.08
C ASP B 139 -4.73 -4.40 16.34
N TRP B 140 -4.94 -4.50 15.04
CA TRP B 140 -4.29 -5.50 14.22
C TRP B 140 -2.83 -5.11 13.98
N LEU B 141 -2.62 -3.84 13.68
CA LEU B 141 -1.30 -3.30 13.41
C LEU B 141 -0.46 -3.21 14.69
N VAL B 142 -1.10 -2.79 15.78
CA VAL B 142 -0.43 -2.62 17.07
C VAL B 142 0.27 -3.89 17.55
N LYS B 143 -0.40 -5.04 17.46
CA LYS B 143 0.21 -6.28 17.92
C LYS B 143 1.36 -6.74 17.03
N GLN B 144 1.49 -6.16 15.85
CA GLN B 144 2.56 -6.54 14.94
C GLN B 144 3.60 -5.45 14.82
N ARG B 145 3.71 -4.61 15.85
CA ARG B 145 4.69 -3.52 15.90
C ARG B 145 4.50 -2.57 14.72
N GLY B 146 3.26 -2.48 14.24
CA GLY B 146 2.94 -1.61 13.13
C GLY B 146 3.65 -2.03 11.86
N TRP B 147 4.46 -1.13 11.33
CA TRP B 147 5.20 -1.38 10.10
C TRP B 147 6.40 -2.30 10.30
N ASP B 148 6.96 -2.35 11.50
CA ASP B 148 8.14 -3.19 11.71
C ASP B 148 7.80 -4.67 11.57
N GLY B 149 6.60 -5.06 12.01
CA GLY B 149 6.19 -6.45 11.88
C GLY B 149 6.04 -6.80 10.42
N PHE B 150 5.58 -5.81 9.66
CA PHE B 150 5.41 -5.92 8.22
C PHE B 150 6.78 -6.17 7.60
N VAL B 151 7.79 -5.52 8.18
CA VAL B 151 9.15 -5.65 7.70
C VAL B 151 9.67 -7.06 8.01
N GLU B 152 9.47 -7.51 9.25
CA GLU B 152 9.92 -8.83 9.68
C GLU B 152 9.36 -9.94 8.79
N PHE B 153 8.13 -9.75 8.31
CA PHE B 153 7.46 -10.73 7.47
C PHE B 153 8.03 -10.82 6.04
N PHE B 154 8.51 -9.72 5.48
CA PHE B 154 9.01 -9.76 4.11
C PHE B 154 10.53 -9.53 3.99
N HIS B 155 11.15 -8.95 5.00
CA HIS B 155 12.59 -8.69 4.95
C HIS B 155 13.40 -9.97 5.18
N VAL B 156 12.74 -10.98 5.73
CA VAL B 156 13.37 -12.26 6.00
C VAL B 156 13.45 -13.09 4.72
N GLN B 157 14.53 -13.84 4.58
CA GLN B 157 14.73 -14.68 3.40
C GLN B 157 14.03 -16.01 3.57
N ASP B 158 13.87 -16.71 2.44
CA ASP B 158 13.21 -18.01 2.41
C ASP B 158 13.97 -19.06 3.21
N LEU B 159 13.25 -19.72 4.11
CA LEU B 159 13.83 -20.76 4.96
C LEU B 159 13.80 -22.11 4.26
N GLU B 160 12.60 -22.61 3.97
CA GLU B 160 12.48 -23.89 3.29
C GLU B 160 12.53 -23.69 1.78
N GLY B 161 11.76 -22.73 1.29
CA GLY B 161 11.76 -22.46 -0.13
C GLY B 161 10.41 -22.70 -0.77
N GLY B 162 10.41 -23.45 -1.87
CA GLY B 162 9.17 -23.74 -2.56
C GLY B 162 9.13 -23.04 -3.89
N PRO A 1 -21.99 2.78 -8.80
CA PRO A 1 -21.74 2.41 -7.39
C PRO A 1 -21.01 1.08 -7.26
N ALA A 2 -21.72 -0.04 -7.37
CA ALA A 2 -21.10 -1.37 -7.25
C ALA A 2 -20.54 -1.85 -8.58
N ASP A 3 -20.10 -0.91 -9.40
CA ASP A 3 -19.54 -1.24 -10.71
C ASP A 3 -18.07 -1.61 -10.53
N LEU A 4 -17.59 -1.35 -9.32
CA LEU A 4 -16.21 -1.63 -8.93
C LEU A 4 -16.15 -2.96 -8.19
N LYS A 5 -17.25 -3.69 -8.26
CA LYS A 5 -17.38 -4.98 -7.58
C LYS A 5 -16.37 -6.01 -8.10
N ASP A 6 -16.05 -5.94 -9.39
CA ASP A 6 -15.12 -6.87 -10.00
C ASP A 6 -13.69 -6.59 -9.58
N GLU A 7 -13.31 -5.32 -9.60
CA GLU A 7 -11.97 -4.90 -9.24
C GLU A 7 -11.65 -5.20 -7.78
N CYS A 8 -12.55 -4.81 -6.88
CA CYS A 8 -12.33 -5.04 -5.45
C CYS A 8 -12.30 -6.53 -5.11
N ALA A 9 -13.11 -7.33 -5.80
CA ALA A 9 -13.14 -8.76 -5.55
C ALA A 9 -11.86 -9.40 -6.08
N GLN A 10 -11.40 -8.89 -7.21
CA GLN A 10 -10.18 -9.40 -7.83
C GLN A 10 -8.97 -9.04 -6.98
N LEU A 11 -8.98 -7.82 -6.45
CA LEU A 11 -7.90 -7.31 -5.61
C LEU A 11 -7.69 -8.22 -4.39
N ARG A 12 -8.77 -8.78 -3.87
CA ARG A 12 -8.69 -9.68 -2.72
C ARG A 12 -7.83 -10.88 -3.10
N ARG A 13 -8.14 -11.42 -4.28
CA ARG A 13 -7.44 -12.58 -4.83
C ARG A 13 -5.98 -12.21 -5.13
N ILE A 14 -5.80 -10.98 -5.61
CA ILE A 14 -4.50 -10.44 -5.94
C ILE A 14 -3.61 -10.34 -4.71
N GLY A 15 -4.15 -9.74 -3.65
CA GLY A 15 -3.42 -9.57 -2.42
C GLY A 15 -3.11 -10.87 -1.72
N ASP A 16 -4.08 -11.77 -1.66
CA ASP A 16 -3.88 -13.06 -1.01
C ASP A 16 -2.88 -13.92 -1.79
N LYS A 17 -2.76 -13.66 -3.10
CA LYS A 17 -1.82 -14.42 -3.93
C LYS A 17 -0.38 -14.12 -3.54
N VAL A 18 -0.04 -12.84 -3.44
CA VAL A 18 1.31 -12.45 -3.07
C VAL A 18 1.56 -12.80 -1.60
N ASN A 19 0.50 -12.74 -0.81
CA ASN A 19 0.58 -13.07 0.61
C ASN A 19 0.90 -14.55 0.75
N LEU A 20 0.30 -15.34 -0.12
CA LEU A 20 0.50 -16.79 -0.15
C LEU A 20 1.98 -17.14 -0.33
N ARG A 21 2.58 -16.53 -1.36
CA ARG A 21 3.99 -16.75 -1.65
C ARG A 21 4.88 -16.37 -0.47
N GLN A 22 4.64 -15.21 0.10
CA GLN A 22 5.43 -14.75 1.23
C GLN A 22 5.14 -15.52 2.51
N LYS A 23 3.92 -16.02 2.66
CA LYS A 23 3.56 -16.78 3.85
C LYS A 23 4.41 -18.03 3.96
N LEU A 24 4.44 -18.82 2.89
CA LEU A 24 5.21 -20.07 2.88
C LEU A 24 6.71 -19.77 2.86
N LEU A 25 7.06 -18.63 2.28
CA LEU A 25 8.46 -18.22 2.19
C LEU A 25 8.97 -17.86 3.58
N ASN A 26 8.08 -17.37 4.43
CA ASN A 26 8.44 -16.99 5.80
C ASN A 26 8.27 -18.17 6.74
N MET A 27 7.11 -18.82 6.67
CA MET A 27 6.79 -19.96 7.51
C MET A 27 6.00 -21.00 6.73
N GLY B 1 -8.84 11.06 8.32
CA GLY B 1 -8.16 12.36 8.49
C GLY B 1 -7.75 12.62 9.92
N PRO B 2 -8.24 13.70 10.54
CA PRO B 2 -7.91 14.05 11.93
C PRO B 2 -8.65 13.19 12.94
N LEU B 3 -8.41 11.88 12.91
CA LEU B 3 -9.06 10.96 13.83
C LEU B 3 -8.01 10.39 14.78
N GLY B 4 -7.76 11.12 15.86
CA GLY B 4 -6.78 10.70 16.85
C GLY B 4 -7.10 9.35 17.46
N SER B 5 -6.26 8.36 17.18
CA SER B 5 -6.44 7.01 17.70
C SER B 5 -5.08 6.32 17.79
N GLU B 6 -4.51 6.00 16.64
CA GLU B 6 -3.22 5.35 16.55
C GLU B 6 -2.32 6.21 15.68
N ASP B 7 -2.17 7.45 16.11
CA ASP B 7 -1.37 8.43 15.40
C ASP B 7 0.11 8.14 15.51
N ASP B 8 0.48 7.31 16.49
CA ASP B 8 1.87 6.94 16.69
C ASP B 8 2.32 6.03 15.54
N LEU B 9 1.45 5.11 15.14
CA LEU B 9 1.75 4.20 14.05
C LEU B 9 1.47 4.91 12.73
N TYR B 10 0.41 5.73 12.72
CA TYR B 10 0.01 6.50 11.56
C TYR B 10 1.16 7.38 11.09
N ARG B 11 1.94 7.88 12.04
CA ARG B 11 3.10 8.73 11.76
C ARG B 11 4.04 7.98 10.82
N GLN B 12 4.32 6.73 11.16
CA GLN B 12 5.18 5.90 10.33
C GLN B 12 4.57 5.66 8.97
N SER B 13 3.35 5.14 8.94
CA SER B 13 2.66 4.86 7.68
C SER B 13 2.60 6.09 6.79
N LEU B 14 2.45 7.25 7.41
CA LEU B 14 2.37 8.50 6.69
C LEU B 14 3.63 8.75 5.89
N GLU B 15 4.78 8.78 6.56
CA GLU B 15 6.05 9.03 5.89
C GLU B 15 6.49 7.86 5.02
N ILE B 16 6.33 6.63 5.50
CA ILE B 16 6.75 5.46 4.73
C ILE B 16 5.99 5.37 3.42
N ILE B 17 4.68 5.57 3.46
CA ILE B 17 3.87 5.50 2.25
C ILE B 17 4.06 6.73 1.36
N SER B 18 4.03 7.92 1.94
CA SER B 18 4.19 9.14 1.15
C SER B 18 5.55 9.16 0.44
N ARG B 19 6.62 8.80 1.15
CA ARG B 19 7.94 8.80 0.55
C ARG B 19 8.03 7.71 -0.52
N TYR B 20 7.40 6.56 -0.28
CA TYR B 20 7.42 5.47 -1.24
C TYR B 20 6.80 5.89 -2.55
N LEU B 21 5.55 6.35 -2.50
CA LEU B 21 4.84 6.79 -3.70
C LEU B 21 5.52 7.97 -4.38
N ARG B 22 5.87 8.98 -3.58
CA ARG B 22 6.49 10.19 -4.09
C ARG B 22 7.80 9.94 -4.82
N GLU B 23 8.64 9.07 -4.27
CA GLU B 23 9.93 8.80 -4.90
C GLU B 23 9.78 7.92 -6.13
N GLN B 24 9.08 6.81 -5.99
CA GLN B 24 8.92 5.87 -7.11
C GLN B 24 8.16 6.53 -8.26
N ALA B 25 7.35 7.54 -7.95
CA ALA B 25 6.57 8.25 -8.96
C ALA B 25 7.45 8.80 -10.06
N THR B 26 8.54 9.47 -9.69
CA THR B 26 9.44 10.05 -10.67
C THR B 26 10.78 9.31 -10.72
N GLY B 27 11.11 8.56 -9.66
CA GLY B 27 12.35 7.81 -9.62
C GLY B 27 13.54 8.67 -9.24
N SER B 28 13.30 9.73 -8.49
CA SER B 28 14.36 10.63 -8.07
C SER B 28 15.12 10.13 -6.85
N LYS B 29 16.32 10.66 -6.67
CA LYS B 29 17.16 10.32 -5.52
C LYS B 29 17.37 11.58 -4.69
N ASP B 30 16.29 12.01 -4.08
CA ASP B 30 16.27 13.21 -3.24
C ASP B 30 17.16 13.01 -2.01
N SER B 31 17.86 14.06 -1.64
CA SER B 31 18.74 14.03 -0.48
C SER B 31 17.96 14.18 0.83
N LYS B 32 16.96 13.35 1.01
CA LYS B 32 16.13 13.38 2.21
C LYS B 32 15.56 11.98 2.45
N PRO B 33 16.32 11.13 3.18
CA PRO B 33 15.91 9.76 3.48
C PRO B 33 14.77 9.70 4.51
N LEU B 34 14.38 8.49 4.89
CA LEU B 34 13.32 8.31 5.86
C LEU B 34 13.91 8.19 7.25
N GLY B 35 13.60 9.15 8.11
CA GLY B 35 14.10 9.13 9.47
C GLY B 35 13.05 9.59 10.46
N GLU B 36 11.94 10.05 9.92
CA GLU B 36 10.81 10.55 10.71
C GLU B 36 10.11 9.40 11.43
N ALA B 37 9.77 8.36 10.65
CA ALA B 37 9.10 7.18 11.18
C ALA B 37 10.03 6.40 12.10
N GLY B 38 11.33 6.58 11.88
CA GLY B 38 12.32 5.91 12.69
C GLY B 38 13.00 4.79 11.93
N ALA B 39 13.64 3.90 12.67
CA ALA B 39 14.32 2.76 12.09
C ALA B 39 13.34 1.86 11.37
N ALA B 40 12.13 1.77 11.91
CA ALA B 40 11.09 0.94 11.31
C ALA B 40 10.66 1.51 9.97
N GLY B 41 10.64 2.84 9.87
CA GLY B 41 10.24 3.48 8.64
C GLY B 41 11.21 3.21 7.51
N ARG B 42 12.49 3.40 7.80
CA ARG B 42 13.53 3.17 6.81
C ARG B 42 13.57 1.71 6.40
N ARG B 43 13.38 0.81 7.37
CA ARG B 43 13.37 -0.63 7.08
C ARG B 43 12.18 -0.97 6.21
N ALA B 44 11.02 -0.48 6.61
CA ALA B 44 9.78 -0.74 5.89
C ALA B 44 9.80 -0.13 4.50
N LEU B 45 10.35 1.07 4.38
CA LEU B 45 10.43 1.75 3.09
C LEU B 45 11.15 0.90 2.04
N GLU B 46 12.35 0.45 2.38
CA GLU B 46 13.14 -0.36 1.46
C GLU B 46 12.45 -1.68 1.17
N THR B 47 11.78 -2.24 2.18
CA THR B 47 11.06 -3.50 2.01
C THR B 47 9.85 -3.25 1.09
N LEU B 48 9.22 -2.10 1.31
CA LEU B 48 8.05 -1.67 0.55
C LEU B 48 8.44 -1.49 -0.91
N ARG B 49 9.70 -1.12 -1.16
CA ARG B 49 10.19 -0.93 -2.52
C ARG B 49 10.33 -2.29 -3.20
N ARG B 50 11.05 -3.19 -2.53
CA ARG B 50 11.32 -4.53 -3.05
C ARG B 50 10.04 -5.34 -3.20
N VAL B 51 9.23 -5.37 -2.17
CA VAL B 51 7.99 -6.12 -2.19
C VAL B 51 6.96 -5.44 -3.08
N GLY B 52 6.94 -4.11 -3.03
CA GLY B 52 6.01 -3.33 -3.83
C GLY B 52 6.25 -3.49 -5.32
N ASP B 53 7.51 -3.42 -5.75
CA ASP B 53 7.84 -3.58 -7.17
C ASP B 53 7.49 -4.99 -7.62
N GLY B 54 7.69 -5.96 -6.73
CA GLY B 54 7.36 -7.33 -7.04
C GLY B 54 5.89 -7.44 -7.38
N VAL B 55 5.07 -6.87 -6.49
CA VAL B 55 3.61 -6.85 -6.68
C VAL B 55 3.25 -6.13 -7.97
N GLN B 56 3.96 -5.04 -8.28
CA GLN B 56 3.73 -4.26 -9.49
C GLN B 56 3.92 -5.11 -10.73
N ARG B 57 5.06 -5.78 -10.84
CA ARG B 57 5.35 -6.62 -12.00
C ARG B 57 4.45 -7.85 -12.01
N ASN B 58 4.14 -8.35 -10.82
CA ASN B 58 3.31 -9.53 -10.63
C ASN B 58 1.87 -9.31 -11.08
N HIS B 59 1.32 -8.14 -10.80
CA HIS B 59 -0.06 -7.85 -11.16
C HIS B 59 -0.18 -6.55 -11.96
N GLU B 60 0.77 -6.31 -12.85
CA GLU B 60 0.77 -5.10 -13.65
C GLU B 60 -0.48 -5.00 -14.53
N THR B 61 -0.87 -6.11 -15.14
CA THR B 61 -2.05 -6.12 -16.00
C THR B 61 -3.33 -5.94 -15.17
N ALA B 62 -3.28 -6.39 -13.92
CA ALA B 62 -4.43 -6.28 -13.03
C ALA B 62 -4.65 -4.84 -12.60
N PHE B 63 -3.55 -4.16 -12.28
CA PHE B 63 -3.62 -2.76 -11.86
C PHE B 63 -4.18 -1.89 -12.97
N GLN B 64 -3.75 -2.15 -14.20
CA GLN B 64 -4.22 -1.41 -15.36
C GLN B 64 -5.70 -1.65 -15.60
N GLY B 65 -6.17 -2.84 -15.24
CA GLY B 65 -7.58 -3.16 -15.40
C GLY B 65 -8.44 -2.33 -14.47
N MET B 66 -7.96 -2.18 -13.24
CA MET B 66 -8.67 -1.40 -12.23
C MET B 66 -8.57 0.08 -12.55
N LEU B 67 -7.38 0.48 -13.02
CA LEU B 67 -7.10 1.88 -13.39
C LEU B 67 -8.10 2.37 -14.43
N ARG B 68 -8.64 1.44 -15.21
CA ARG B 68 -9.61 1.76 -16.24
C ARG B 68 -11.01 1.92 -15.62
N LYS B 69 -11.25 1.25 -14.49
CA LYS B 69 -12.55 1.30 -13.84
C LYS B 69 -12.65 2.49 -12.88
N LEU B 70 -11.65 2.68 -12.03
CA LEU B 70 -11.66 3.79 -11.08
C LEU B 70 -11.54 5.10 -11.85
N ASP B 71 -12.26 6.13 -11.39
CA ASP B 71 -12.21 7.42 -12.06
C ASP B 71 -10.93 8.14 -11.66
N ILE B 72 -9.81 7.70 -12.21
CA ILE B 72 -8.54 8.29 -11.92
C ILE B 72 -8.29 9.43 -12.90
N LYS B 73 -9.16 10.43 -12.79
CA LYS B 73 -9.10 11.60 -13.65
C LYS B 73 -9.58 12.82 -12.89
N ASN B 74 -10.65 12.64 -12.13
CA ASN B 74 -11.24 13.71 -11.34
C ASN B 74 -10.89 13.54 -9.88
N GLU B 75 -11.43 14.39 -9.02
CA GLU B 75 -11.19 14.33 -7.58
C GLU B 75 -11.68 12.99 -7.01
N GLY B 76 -12.60 12.38 -7.75
CA GLY B 76 -13.17 11.10 -7.38
C GLY B 76 -12.16 9.97 -7.30
N ASP B 77 -10.95 10.18 -7.83
CA ASP B 77 -9.92 9.14 -7.83
C ASP B 77 -9.60 8.67 -6.40
N VAL B 78 -9.33 9.61 -5.50
CA VAL B 78 -9.02 9.27 -4.12
C VAL B 78 -10.22 8.62 -3.44
N LYS B 79 -11.42 9.05 -3.85
CA LYS B 79 -12.65 8.51 -3.30
C LYS B 79 -12.84 7.08 -3.77
N SER B 80 -12.56 6.84 -5.05
CA SER B 80 -12.70 5.52 -5.65
C SER B 80 -11.75 4.54 -4.98
N PHE B 81 -10.53 4.98 -4.68
CA PHE B 81 -9.56 4.12 -4.04
C PHE B 81 -9.99 3.79 -2.61
N SER B 82 -10.64 4.76 -1.96
CA SER B 82 -11.13 4.56 -0.62
C SER B 82 -12.28 3.55 -0.63
N ARG B 83 -13.05 3.57 -1.72
CA ARG B 83 -14.18 2.67 -1.87
C ARG B 83 -13.72 1.25 -2.16
N VAL B 84 -12.65 1.11 -2.94
CA VAL B 84 -12.16 -0.22 -3.26
C VAL B 84 -11.55 -0.88 -2.04
N MET B 85 -10.83 -0.10 -1.22
CA MET B 85 -10.18 -0.63 -0.02
C MET B 85 -11.18 -1.30 0.93
N VAL B 86 -12.25 -0.58 1.28
CA VAL B 86 -13.25 -1.12 2.19
C VAL B 86 -13.91 -2.38 1.61
N HIS B 87 -14.02 -2.42 0.29
CA HIS B 87 -14.61 -3.58 -0.38
C HIS B 87 -13.64 -4.76 -0.38
N VAL B 88 -12.35 -4.46 -0.44
CA VAL B 88 -11.33 -5.51 -0.44
C VAL B 88 -11.26 -6.19 0.93
N PHE B 89 -11.26 -5.39 1.98
CA PHE B 89 -11.18 -5.91 3.34
C PHE B 89 -12.56 -6.31 3.89
N LYS B 90 -13.53 -6.45 2.99
CA LYS B 90 -14.89 -6.85 3.36
C LYS B 90 -14.90 -8.20 4.06
N ASP B 91 -14.11 -9.12 3.52
CA ASP B 91 -14.04 -10.48 4.06
C ASP B 91 -13.33 -10.53 5.41
N GLY B 92 -12.74 -9.40 5.81
CA GLY B 92 -12.04 -9.34 7.08
C GLY B 92 -10.59 -9.73 6.96
N VAL B 93 -10.22 -10.35 5.85
CA VAL B 93 -8.85 -10.77 5.64
C VAL B 93 -7.97 -9.55 5.43
N THR B 94 -7.27 -9.15 6.49
CA THR B 94 -6.41 -7.98 6.43
C THR B 94 -4.98 -8.34 6.00
N ASN B 95 -4.76 -9.62 5.67
CA ASN B 95 -3.46 -10.17 5.22
C ASN B 95 -2.48 -9.11 4.75
N TRP B 96 -1.28 -9.14 5.34
CA TRP B 96 -0.22 -8.19 5.03
C TRP B 96 -0.03 -8.05 3.52
N GLY B 97 -0.14 -9.16 2.80
CA GLY B 97 0.02 -9.16 1.36
C GLY B 97 -0.98 -8.25 0.65
N ARG B 98 -2.23 -8.27 1.12
CA ARG B 98 -3.29 -7.43 0.53
C ARG B 98 -2.94 -5.96 0.69
N ILE B 99 -2.46 -5.63 1.89
CA ILE B 99 -2.10 -4.26 2.24
C ILE B 99 -0.95 -3.75 1.38
N VAL B 100 0.10 -4.55 1.25
CA VAL B 100 1.25 -4.16 0.44
C VAL B 100 0.81 -4.03 -1.02
N THR B 101 -0.15 -4.86 -1.41
CA THR B 101 -0.68 -4.83 -2.76
C THR B 101 -1.43 -3.51 -3.00
N LEU B 102 -2.21 -3.09 -2.00
CA LEU B 102 -2.96 -1.85 -2.08
C LEU B 102 -2.01 -0.68 -2.32
N ILE B 103 -0.90 -0.67 -1.59
CA ILE B 103 0.10 0.38 -1.75
C ILE B 103 0.72 0.28 -3.13
N SER B 104 1.07 -0.94 -3.54
CA SER B 104 1.66 -1.21 -4.84
C SER B 104 0.75 -0.70 -5.95
N PHE B 105 -0.53 -1.04 -5.85
CA PHE B 105 -1.52 -0.63 -6.83
C PHE B 105 -1.68 0.89 -6.83
N GLY B 106 -1.88 1.46 -5.64
CA GLY B 106 -2.03 2.90 -5.53
C GLY B 106 -0.83 3.64 -6.06
N ALA B 107 0.35 3.05 -5.88
CA ALA B 107 1.59 3.63 -6.34
C ALA B 107 1.69 3.58 -7.86
N PHE B 108 1.31 2.44 -8.43
CA PHE B 108 1.31 2.27 -9.89
C PHE B 108 0.45 3.34 -10.54
N VAL B 109 -0.71 3.56 -9.93
CA VAL B 109 -1.66 4.56 -10.40
C VAL B 109 -1.11 5.97 -10.20
N ALA B 110 -0.62 6.22 -8.99
CA ALA B 110 -0.05 7.51 -8.62
C ALA B 110 1.10 7.92 -9.54
N LYS B 111 1.84 6.92 -9.99
CA LYS B 111 2.98 7.17 -10.89
C LYS B 111 2.51 7.81 -12.18
N HIS B 112 1.35 7.39 -12.66
CA HIS B 112 0.80 7.93 -13.88
C HIS B 112 0.31 9.35 -13.63
N LEU B 113 -0.16 9.60 -12.41
CA LEU B 113 -0.66 10.91 -12.02
C LEU B 113 0.45 11.96 -12.05
N LYS B 114 1.56 11.65 -11.41
CA LYS B 114 2.68 12.58 -11.38
C LYS B 114 3.27 12.74 -12.77
N SER B 115 3.17 11.68 -13.57
CA SER B 115 3.68 11.70 -14.93
C SER B 115 2.71 12.40 -15.89
N VAL B 116 1.48 12.65 -15.44
CA VAL B 116 0.48 13.31 -16.28
C VAL B 116 0.18 14.70 -15.73
N ASN B 117 1.04 15.14 -14.82
CA ASN B 117 0.95 16.46 -14.17
C ASN B 117 -0.32 16.60 -13.33
N GLN B 118 -0.63 15.56 -12.56
CA GLN B 118 -1.79 15.58 -11.68
C GLN B 118 -1.35 15.28 -10.26
N GLU B 119 -0.28 15.96 -9.84
CA GLU B 119 0.29 15.82 -8.49
C GLU B 119 -0.76 16.07 -7.43
N SER B 120 -1.76 16.87 -7.77
CA SER B 120 -2.85 17.23 -6.87
C SER B 120 -3.61 16.00 -6.37
N PHE B 121 -3.50 14.88 -7.09
CA PHE B 121 -4.20 13.66 -6.70
C PHE B 121 -3.26 12.64 -6.04
N ILE B 122 -1.97 12.67 -6.36
CA ILE B 122 -1.05 11.71 -5.75
C ILE B 122 -0.86 12.04 -4.27
N GLU B 123 -0.88 13.34 -3.95
CA GLU B 123 -0.73 13.81 -2.58
C GLU B 123 -1.75 13.13 -1.64
N PRO B 124 -3.07 13.28 -1.89
CA PRO B 124 -4.09 12.65 -1.03
C PRO B 124 -4.17 11.13 -1.15
N LEU B 125 -3.52 10.54 -2.16
CA LEU B 125 -3.56 9.08 -2.31
C LEU B 125 -2.90 8.38 -1.14
N ALA B 126 -1.66 8.75 -0.84
CA ALA B 126 -0.94 8.17 0.29
C ALA B 126 -1.75 8.36 1.57
N GLU B 127 -2.37 9.54 1.68
CA GLU B 127 -3.20 9.90 2.82
C GLU B 127 -4.39 8.95 2.94
N THR B 128 -5.06 8.71 1.82
CA THR B 128 -6.22 7.84 1.79
C THR B 128 -5.85 6.41 2.19
N ILE B 129 -4.67 5.96 1.76
CA ILE B 129 -4.21 4.62 2.08
C ILE B 129 -3.75 4.51 3.54
N THR B 130 -3.00 5.49 4.00
CA THR B 130 -2.46 5.48 5.36
C THR B 130 -3.52 5.71 6.44
N ASP B 131 -4.47 6.61 6.21
CA ASP B 131 -5.48 6.91 7.21
C ASP B 131 -6.46 5.77 7.47
N VAL B 132 -7.10 5.29 6.41
CA VAL B 132 -8.07 4.22 6.55
C VAL B 132 -7.43 2.96 7.14
N LEU B 133 -6.30 2.56 6.59
CA LEU B 133 -5.59 1.37 7.05
C LEU B 133 -5.33 1.39 8.55
N VAL B 134 -4.72 2.46 9.04
CA VAL B 134 -4.39 2.58 10.46
C VAL B 134 -5.64 2.76 11.34
N ARG B 135 -6.54 3.64 10.95
CA ARG B 135 -7.74 3.89 11.75
C ARG B 135 -8.72 2.72 11.80
N THR B 136 -8.76 1.87 10.78
CA THR B 136 -9.71 0.76 10.81
C THR B 136 -9.03 -0.59 11.08
N LYS B 137 -7.73 -0.59 11.34
CA LYS B 137 -7.01 -1.85 11.63
C LYS B 137 -6.08 -1.72 12.81
N ARG B 138 -6.55 -1.01 13.84
CA ARG B 138 -5.81 -0.78 15.07
C ARG B 138 -5.29 -2.10 15.68
N ASP B 139 -6.20 -3.01 16.00
CA ASP B 139 -5.84 -4.28 16.61
C ASP B 139 -4.86 -5.09 15.75
N TRP B 140 -5.12 -5.12 14.45
CA TRP B 140 -4.28 -5.84 13.49
C TRP B 140 -2.85 -5.31 13.50
N LEU B 141 -2.70 -4.00 13.50
CA LEU B 141 -1.37 -3.37 13.51
C LEU B 141 -0.70 -3.55 14.87
N VAL B 142 -1.45 -3.32 15.93
CA VAL B 142 -0.92 -3.44 17.30
C VAL B 142 -0.32 -4.83 17.56
N LYS B 143 -1.08 -5.87 17.23
CA LYS B 143 -0.65 -7.24 17.44
C LYS B 143 0.55 -7.62 16.57
N GLN B 144 0.72 -6.94 15.45
CA GLN B 144 1.82 -7.26 14.55
C GLN B 144 2.91 -6.18 14.54
N ARG B 145 2.91 -5.31 15.55
CA ARG B 145 3.91 -4.25 15.68
C ARG B 145 3.92 -3.28 14.49
N GLY B 146 2.80 -3.16 13.79
CA GLY B 146 2.73 -2.26 12.65
C GLY B 146 3.75 -2.60 11.58
N TRP B 147 4.54 -1.62 11.19
CA TRP B 147 5.56 -1.81 10.16
C TRP B 147 6.73 -2.64 10.69
N ASP B 148 6.93 -2.60 12.00
CA ASP B 148 8.02 -3.34 12.63
C ASP B 148 7.83 -4.84 12.34
N GLY B 149 6.58 -5.29 12.40
CA GLY B 149 6.26 -6.67 12.11
C GLY B 149 6.28 -6.93 10.63
N PHE B 150 5.75 -5.96 9.87
CA PHE B 150 5.71 -6.02 8.41
C PHE B 150 7.09 -6.28 7.83
N VAL B 151 8.08 -5.56 8.34
CA VAL B 151 9.46 -5.72 7.88
C VAL B 151 9.96 -7.13 8.12
N GLU B 152 9.81 -7.61 9.34
CA GLU B 152 10.27 -8.95 9.69
C GLU B 152 9.54 -10.03 8.91
N PHE B 153 8.27 -9.80 8.58
CA PHE B 153 7.50 -10.78 7.83
C PHE B 153 8.01 -10.91 6.39
N PHE B 154 8.59 -9.85 5.84
CA PHE B 154 9.09 -9.90 4.48
C PHE B 154 10.61 -9.99 4.42
N HIS B 155 11.29 -9.59 5.50
CA HIS B 155 12.75 -9.65 5.54
C HIS B 155 13.25 -11.09 5.56
N VAL B 156 12.50 -11.96 6.22
CA VAL B 156 12.88 -13.37 6.30
C VAL B 156 12.54 -14.05 4.99
N GLN B 157 13.57 -14.54 4.31
CA GLN B 157 13.39 -15.21 3.03
C GLN B 157 13.27 -16.72 3.20
N ASP B 158 12.90 -17.39 2.12
CA ASP B 158 12.72 -18.84 2.13
C ASP B 158 14.06 -19.54 2.34
N LEU B 159 14.12 -20.38 3.35
CA LEU B 159 15.34 -21.11 3.71
C LEU B 159 15.59 -22.30 2.79
N GLU B 160 14.58 -22.76 2.09
CA GLU B 160 14.72 -23.90 1.19
C GLU B 160 15.01 -23.43 -0.22
N GLY B 161 14.15 -22.55 -0.71
CA GLY B 161 14.30 -22.03 -2.05
C GLY B 161 13.11 -22.40 -2.92
N GLY B 162 12.10 -23.01 -2.28
CA GLY B 162 10.91 -23.41 -2.99
C GLY B 162 9.86 -22.33 -3.00
N PRO A 1 -21.55 1.15 -7.09
CA PRO A 1 -20.66 0.61 -6.04
C PRO A 1 -20.39 -0.89 -6.24
N ALA A 2 -21.40 -1.63 -6.68
CA ALA A 2 -21.26 -3.07 -6.90
C ALA A 2 -20.40 -3.34 -8.13
N ASP A 3 -20.28 -2.32 -8.96
CA ASP A 3 -19.50 -2.40 -10.20
C ASP A 3 -18.00 -2.51 -9.91
N LEU A 4 -17.61 -2.24 -8.65
CA LEU A 4 -16.21 -2.33 -8.26
C LEU A 4 -15.90 -3.73 -7.72
N LYS A 5 -16.86 -4.63 -7.80
CA LYS A 5 -16.67 -5.99 -7.32
C LYS A 5 -15.55 -6.68 -8.11
N ASP A 6 -15.50 -6.42 -9.40
CA ASP A 6 -14.50 -7.01 -10.30
C ASP A 6 -13.10 -6.49 -9.99
N GLU A 7 -13.03 -5.28 -9.44
CA GLU A 7 -11.75 -4.68 -9.10
C GLU A 7 -11.22 -5.21 -7.77
N CYS A 8 -12.05 -5.13 -6.73
CA CYS A 8 -11.64 -5.60 -5.40
C CYS A 8 -11.42 -7.10 -5.37
N ALA A 9 -12.19 -7.85 -6.18
CA ALA A 9 -12.04 -9.30 -6.23
C ALA A 9 -10.62 -9.64 -6.65
N GLN A 10 -10.10 -8.88 -7.61
CA GLN A 10 -8.75 -9.10 -8.09
C GLN A 10 -7.76 -8.67 -7.02
N LEU A 11 -8.02 -7.52 -6.40
CA LEU A 11 -7.14 -6.99 -5.34
C LEU A 11 -6.88 -8.04 -4.25
N ARG A 12 -7.90 -8.83 -3.93
CA ARG A 12 -7.74 -9.87 -2.92
C ARG A 12 -6.80 -10.95 -3.44
N ARG A 13 -6.95 -11.25 -4.73
CA ARG A 13 -6.13 -12.27 -5.38
C ARG A 13 -4.68 -11.80 -5.52
N ILE A 14 -4.51 -10.52 -5.88
CA ILE A 14 -3.19 -9.94 -6.05
C ILE A 14 -2.47 -9.97 -4.71
N GLY A 15 -3.20 -9.54 -3.68
CA GLY A 15 -2.66 -9.52 -2.34
C GLY A 15 -2.36 -10.91 -1.81
N ASP A 16 -3.23 -11.87 -2.14
CA ASP A 16 -3.03 -13.23 -1.68
C ASP A 16 -1.82 -13.86 -2.36
N LYS A 17 -1.55 -13.44 -3.59
CA LYS A 17 -0.40 -13.93 -4.35
C LYS A 17 0.86 -13.67 -3.55
N VAL A 18 0.96 -12.45 -3.03
CA VAL A 18 2.11 -12.04 -2.23
C VAL A 18 2.01 -12.63 -0.83
N ASN A 19 0.80 -12.58 -0.27
CA ASN A 19 0.53 -13.08 1.08
C ASN A 19 0.92 -14.55 1.24
N LEU A 20 0.53 -15.39 0.29
CA LEU A 20 0.86 -16.81 0.37
C LEU A 20 2.37 -17.00 0.32
N ARG A 21 3.02 -16.18 -0.50
CA ARG A 21 4.48 -16.25 -0.67
C ARG A 21 5.19 -15.90 0.63
N GLN A 22 4.79 -14.78 1.23
CA GLN A 22 5.39 -14.32 2.48
C GLN A 22 5.05 -15.25 3.63
N LYS A 23 3.89 -15.88 3.56
CA LYS A 23 3.46 -16.78 4.61
C LYS A 23 4.31 -18.04 4.60
N LEU A 24 4.49 -18.64 3.43
CA LEU A 24 5.27 -19.85 3.28
C LEU A 24 6.73 -19.67 3.72
N LEU A 25 7.32 -18.53 3.40
CA LEU A 25 8.71 -18.29 3.77
C LEU A 25 8.86 -17.98 5.26
N ASN A 26 7.75 -17.56 5.88
CA ASN A 26 7.76 -17.22 7.30
C ASN A 26 7.44 -18.44 8.15
N MET A 27 7.14 -19.55 7.49
CA MET A 27 6.81 -20.79 8.17
C MET A 27 8.05 -21.64 8.42
N GLY B 1 -5.97 11.94 8.27
CA GLY B 1 -6.02 13.06 9.25
C GLY B 1 -5.50 12.65 10.61
N PRO B 2 -4.50 13.37 11.15
CA PRO B 2 -3.91 13.06 12.46
C PRO B 2 -4.77 13.57 13.62
N LEU B 3 -6.05 13.20 13.61
CA LEU B 3 -6.98 13.61 14.66
C LEU B 3 -7.74 12.41 15.20
N GLY B 4 -7.96 12.40 16.50
CA GLY B 4 -8.68 11.30 17.14
C GLY B 4 -7.92 10.76 18.33
N SER B 5 -6.67 10.40 18.11
CA SER B 5 -5.83 9.85 19.16
C SER B 5 -4.37 9.97 18.76
N GLU B 6 -3.49 9.29 19.48
CA GLU B 6 -2.07 9.31 19.16
C GLU B 6 -1.87 8.71 17.77
N ASP B 7 -1.20 9.44 16.91
CA ASP B 7 -0.96 8.97 15.56
C ASP B 7 0.49 8.51 15.41
N ASP B 8 0.99 7.83 16.44
CA ASP B 8 2.37 7.35 16.45
C ASP B 8 2.63 6.43 15.26
N LEU B 9 1.73 5.48 15.01
CA LEU B 9 1.88 4.58 13.88
C LEU B 9 1.46 5.28 12.59
N TYR B 10 0.55 6.24 12.72
CA TYR B 10 0.04 6.98 11.57
C TYR B 10 1.18 7.79 10.95
N ARG B 11 2.09 8.30 11.79
CA ARG B 11 3.22 9.05 11.29
C ARG B 11 4.13 8.15 10.46
N GLN B 12 4.32 6.90 10.91
CA GLN B 12 5.15 5.97 10.17
C GLN B 12 4.48 5.67 8.84
N SER B 13 3.24 5.21 8.91
CA SER B 13 2.47 4.88 7.71
C SER B 13 2.40 6.08 6.76
N LEU B 14 2.32 7.28 7.33
CA LEU B 14 2.27 8.50 6.54
C LEU B 14 3.60 8.68 5.79
N GLU B 15 4.68 8.72 6.55
CA GLU B 15 6.02 8.92 6.01
C GLU B 15 6.44 7.78 5.05
N ILE B 16 6.25 6.54 5.47
CA ILE B 16 6.64 5.38 4.67
C ILE B 16 5.83 5.30 3.37
N ILE B 17 4.51 5.45 3.44
CA ILE B 17 3.68 5.36 2.24
C ILE B 17 3.89 6.58 1.33
N SER B 18 3.89 7.77 1.90
CA SER B 18 4.08 8.99 1.15
C SER B 18 5.39 8.95 0.38
N ARG B 19 6.47 8.55 1.05
CA ARG B 19 7.77 8.46 0.40
C ARG B 19 7.75 7.38 -0.67
N TYR B 20 7.11 6.26 -0.38
CA TYR B 20 7.04 5.16 -1.34
C TYR B 20 6.40 5.62 -2.65
N LEU B 21 5.28 6.33 -2.55
CA LEU B 21 4.59 6.80 -3.74
C LEU B 21 5.41 7.86 -4.47
N ARG B 22 6.05 8.76 -3.75
CA ARG B 22 6.87 9.81 -4.37
C ARG B 22 8.04 9.18 -5.14
N GLU B 23 8.83 8.37 -4.46
CA GLU B 23 9.98 7.72 -5.06
C GLU B 23 9.58 6.77 -6.19
N GLN B 24 8.40 6.16 -6.11
CA GLN B 24 7.94 5.26 -7.16
C GLN B 24 7.44 6.03 -8.38
N ALA B 25 6.91 7.22 -8.14
CA ALA B 25 6.40 8.07 -9.20
C ALA B 25 7.53 8.60 -10.08
N THR B 26 8.66 8.91 -9.48
CA THR B 26 9.80 9.42 -10.24
C THR B 26 10.75 8.29 -10.63
N GLY B 27 10.65 7.16 -9.93
CA GLY B 27 11.47 6.00 -10.21
C GLY B 27 12.91 6.19 -9.77
N SER B 28 13.11 7.02 -8.77
CA SER B 28 14.45 7.29 -8.26
C SER B 28 14.68 6.60 -6.91
N LYS B 29 15.81 5.91 -6.79
CA LYS B 29 16.16 5.21 -5.55
C LYS B 29 16.89 6.17 -4.60
N ASP B 30 17.07 5.74 -3.35
CA ASP B 30 17.76 6.57 -2.36
C ASP B 30 18.38 5.69 -1.28
N SER B 31 18.89 6.32 -0.23
CA SER B 31 19.51 5.63 0.88
C SER B 31 19.44 6.52 2.13
N LYS B 32 18.27 7.12 2.35
CA LYS B 32 18.08 8.00 3.51
C LYS B 32 17.00 7.46 4.45
N PRO B 33 17.33 7.36 5.74
CA PRO B 33 16.41 6.87 6.78
C PRO B 33 15.24 7.81 7.04
N LEU B 34 14.19 7.26 7.63
CA LEU B 34 12.99 8.01 7.96
C LEU B 34 13.08 8.56 9.37
N GLY B 35 12.28 9.58 9.67
CA GLY B 35 12.31 10.20 10.99
C GLY B 35 11.31 9.62 11.97
N GLU B 36 10.03 9.85 11.69
CA GLU B 36 8.97 9.35 12.57
C GLU B 36 8.90 7.83 12.48
N ALA B 37 9.11 7.32 11.28
CA ALA B 37 9.10 5.89 11.07
C ALA B 37 10.39 5.27 11.57
N GLY B 38 11.43 6.10 11.62
CA GLY B 38 12.74 5.69 12.10
C GLY B 38 13.33 4.49 11.39
N ALA B 39 13.84 3.56 12.19
CA ALA B 39 14.45 2.35 11.67
C ALA B 39 13.40 1.44 11.07
N ALA B 40 12.21 1.44 11.66
CA ALA B 40 11.11 0.62 11.17
C ALA B 40 10.73 1.10 9.80
N GLY B 41 10.70 2.42 9.62
CA GLY B 41 10.35 3.00 8.35
C GLY B 41 11.40 2.72 7.30
N ARG B 42 12.66 2.75 7.69
CA ARG B 42 13.76 2.46 6.79
C ARG B 42 13.64 1.02 6.31
N ARG B 43 13.37 0.13 7.26
CA ARG B 43 13.23 -1.29 7.00
C ARG B 43 11.99 -1.53 6.13
N ALA B 44 10.90 -0.89 6.52
CA ALA B 44 9.64 -1.02 5.79
C ALA B 44 9.73 -0.42 4.40
N LEU B 45 10.37 0.74 4.27
CA LEU B 45 10.51 1.39 2.97
C LEU B 45 11.27 0.49 2.01
N GLU B 46 12.40 -0.04 2.44
CA GLU B 46 13.21 -0.93 1.61
C GLU B 46 12.35 -2.10 1.15
N THR B 47 11.66 -2.70 2.11
CA THR B 47 10.78 -3.83 1.85
C THR B 47 9.63 -3.43 0.92
N LEU B 48 9.01 -2.31 1.24
CA LEU B 48 7.88 -1.76 0.50
C LEU B 48 8.26 -1.48 -0.95
N ARG B 49 9.48 -0.97 -1.15
CA ARG B 49 9.94 -0.65 -2.50
C ARG B 49 10.20 -1.92 -3.30
N ARG B 50 10.79 -2.92 -2.66
CA ARG B 50 11.09 -4.18 -3.32
C ARG B 50 9.84 -5.02 -3.54
N VAL B 51 9.06 -5.20 -2.48
CA VAL B 51 7.84 -6.00 -2.54
C VAL B 51 6.73 -5.29 -3.33
N GLY B 52 6.50 -4.03 -3.02
CA GLY B 52 5.46 -3.26 -3.69
C GLY B 52 5.65 -3.21 -5.19
N ASP B 53 6.89 -2.98 -5.61
CA ASP B 53 7.20 -2.93 -7.03
C ASP B 53 7.04 -4.32 -7.64
N GLY B 54 7.31 -5.34 -6.84
CA GLY B 54 7.17 -6.71 -7.31
C GLY B 54 5.72 -7.03 -7.60
N VAL B 55 4.82 -6.46 -6.79
CA VAL B 55 3.38 -6.66 -6.93
C VAL B 55 2.89 -6.11 -8.27
N GLN B 56 3.14 -4.82 -8.48
CA GLN B 56 2.73 -4.14 -9.70
C GLN B 56 3.40 -4.75 -10.93
N ARG B 57 4.58 -5.30 -10.75
CA ARG B 57 5.34 -5.90 -11.83
C ARG B 57 4.73 -7.23 -12.30
N ASN B 58 4.31 -8.08 -11.35
CA ASN B 58 3.76 -9.38 -11.72
C ASN B 58 2.28 -9.32 -12.10
N HIS B 59 1.50 -8.45 -11.47
CA HIS B 59 0.08 -8.35 -11.80
C HIS B 59 -0.21 -7.01 -12.46
N GLU B 60 0.73 -6.56 -13.29
CA GLU B 60 0.61 -5.29 -14.00
C GLU B 60 -0.67 -5.21 -14.82
N THR B 61 -1.01 -6.31 -15.50
CA THR B 61 -2.21 -6.36 -16.33
C THR B 61 -3.48 -6.14 -15.51
N ALA B 62 -3.46 -6.54 -14.24
CA ALA B 62 -4.62 -6.39 -13.37
C ALA B 62 -4.78 -4.93 -12.99
N PHE B 63 -3.67 -4.31 -12.60
CA PHE B 63 -3.68 -2.91 -12.20
C PHE B 63 -4.07 -2.00 -13.37
N GLN B 64 -3.73 -2.41 -14.59
CA GLN B 64 -4.08 -1.62 -15.77
C GLN B 64 -5.58 -1.67 -15.98
N GLY B 65 -6.18 -2.83 -15.69
CA GLY B 65 -7.61 -2.97 -15.84
C GLY B 65 -8.30 -2.11 -14.79
N MET B 66 -7.66 -2.02 -13.64
CA MET B 66 -8.14 -1.23 -12.52
C MET B 66 -8.04 0.25 -12.85
N LEU B 67 -6.94 0.63 -13.50
CA LEU B 67 -6.71 2.01 -13.89
C LEU B 67 -7.86 2.51 -14.76
N ARG B 68 -8.45 1.60 -15.53
CA ARG B 68 -9.58 1.96 -16.37
C ARG B 68 -10.90 1.92 -15.58
N LYS B 69 -10.94 1.11 -14.52
CA LYS B 69 -12.13 0.99 -13.69
C LYS B 69 -12.24 2.13 -12.69
N LEU B 70 -11.14 2.39 -11.98
CA LEU B 70 -11.10 3.46 -11.01
C LEU B 70 -11.06 4.78 -11.78
N ASP B 71 -12.06 5.62 -11.56
CA ASP B 71 -12.13 6.89 -12.28
C ASP B 71 -11.28 7.98 -11.62
N ILE B 72 -9.96 7.90 -11.79
CA ILE B 72 -9.06 8.89 -11.24
C ILE B 72 -9.00 10.08 -12.21
N LYS B 73 -10.06 10.88 -12.22
CA LYS B 73 -10.11 12.03 -13.11
C LYS B 73 -10.17 13.33 -12.31
N ASN B 74 -10.79 13.27 -11.13
CA ASN B 74 -10.91 14.45 -10.28
C ASN B 74 -10.76 14.09 -8.81
N GLU B 75 -10.95 15.07 -7.93
CA GLU B 75 -10.83 14.91 -6.48
C GLU B 75 -11.61 13.71 -5.92
N GLY B 76 -12.62 13.25 -6.66
CA GLY B 76 -13.41 12.12 -6.23
C GLY B 76 -12.63 10.81 -6.21
N ASP B 77 -11.46 10.81 -6.83
CA ASP B 77 -10.60 9.62 -6.93
C ASP B 77 -10.23 9.05 -5.56
N VAL B 78 -9.74 9.89 -4.66
CA VAL B 78 -9.35 9.45 -3.32
C VAL B 78 -10.53 8.86 -2.55
N LYS B 79 -11.74 9.36 -2.82
CA LYS B 79 -12.92 8.84 -2.14
C LYS B 79 -13.28 7.48 -2.72
N SER B 80 -13.08 7.35 -4.03
CA SER B 80 -13.36 6.10 -4.73
C SER B 80 -12.38 5.04 -4.27
N PHE B 81 -11.14 5.45 -4.01
CA PHE B 81 -10.11 4.54 -3.55
C PHE B 81 -10.50 3.98 -2.18
N SER B 82 -11.03 4.84 -1.32
CA SER B 82 -11.45 4.41 0.00
C SER B 82 -12.59 3.41 -0.14
N ARG B 83 -13.46 3.66 -1.12
CA ARG B 83 -14.60 2.79 -1.39
C ARG B 83 -14.14 1.42 -1.88
N VAL B 84 -13.06 1.37 -2.65
CA VAL B 84 -12.59 0.08 -3.13
C VAL B 84 -11.84 -0.64 -2.00
N MET B 85 -11.12 0.11 -1.16
CA MET B 85 -10.38 -0.46 -0.04
C MET B 85 -11.30 -1.26 0.88
N VAL B 86 -12.42 -0.65 1.28
CA VAL B 86 -13.37 -1.33 2.16
C VAL B 86 -13.94 -2.56 1.48
N HIS B 87 -14.03 -2.52 0.16
CA HIS B 87 -14.53 -3.65 -0.62
C HIS B 87 -13.51 -4.77 -0.65
N VAL B 88 -12.22 -4.43 -0.63
CA VAL B 88 -11.17 -5.43 -0.64
C VAL B 88 -11.15 -6.21 0.66
N PHE B 89 -11.12 -5.48 1.77
CA PHE B 89 -11.09 -6.09 3.10
C PHE B 89 -12.47 -6.58 3.54
N LYS B 90 -13.35 -6.77 2.57
CA LYS B 90 -14.70 -7.25 2.83
C LYS B 90 -14.68 -8.77 2.92
N ASP B 91 -13.57 -9.37 2.49
CA ASP B 91 -13.42 -10.82 2.52
C ASP B 91 -13.10 -11.26 3.95
N GLY B 92 -12.66 -10.30 4.76
CA GLY B 92 -12.34 -10.57 6.15
C GLY B 92 -10.90 -10.96 6.33
N VAL B 93 -10.09 -10.79 5.30
CA VAL B 93 -8.68 -11.13 5.38
C VAL B 93 -7.82 -9.88 5.22
N THR B 94 -7.34 -9.36 6.34
CA THR B 94 -6.50 -8.17 6.35
C THR B 94 -5.03 -8.52 6.15
N ASN B 95 -4.72 -9.81 5.97
CA ASN B 95 -3.34 -10.28 5.78
C ASN B 95 -2.50 -9.30 4.97
N TRP B 96 -1.24 -9.15 5.41
CA TRP B 96 -0.28 -8.20 4.85
C TRP B 96 -0.28 -8.06 3.34
N GLY B 97 -0.48 -9.17 2.62
CA GLY B 97 -0.51 -9.12 1.18
C GLY B 97 -1.52 -8.11 0.66
N ARG B 98 -2.64 -7.96 1.38
CA ARG B 98 -3.69 -7.02 0.98
C ARG B 98 -3.19 -5.58 1.09
N ILE B 99 -2.58 -5.24 2.21
CA ILE B 99 -2.07 -3.88 2.42
C ILE B 99 -1.01 -3.54 1.39
N VAL B 100 -0.04 -4.44 1.22
CA VAL B 100 1.04 -4.20 0.28
C VAL B 100 0.51 -4.03 -1.15
N THR B 101 -0.49 -4.82 -1.55
CA THR B 101 -1.02 -4.69 -2.90
C THR B 101 -1.86 -3.42 -3.04
N LEU B 102 -2.48 -2.97 -1.95
CA LEU B 102 -3.27 -1.75 -1.99
C LEU B 102 -2.35 -0.57 -2.25
N ILE B 103 -1.20 -0.57 -1.58
CA ILE B 103 -0.23 0.49 -1.75
C ILE B 103 0.37 0.37 -3.14
N SER B 104 0.58 -0.87 -3.58
CA SER B 104 1.14 -1.16 -4.89
C SER B 104 0.22 -0.57 -5.96
N PHE B 105 -1.08 -0.83 -5.82
CA PHE B 105 -2.09 -0.34 -6.75
C PHE B 105 -2.06 1.19 -6.77
N GLY B 106 -2.14 1.79 -5.58
CA GLY B 106 -2.12 3.23 -5.46
C GLY B 106 -0.91 3.86 -6.13
N ALA B 107 0.25 3.22 -5.98
CA ALA B 107 1.47 3.72 -6.55
C ALA B 107 1.53 3.51 -8.07
N PHE B 108 0.97 2.41 -8.56
CA PHE B 108 0.94 2.12 -9.99
C PHE B 108 0.16 3.21 -10.70
N VAL B 109 -0.94 3.62 -10.06
CA VAL B 109 -1.78 4.67 -10.59
C VAL B 109 -1.09 6.01 -10.40
N ALA B 110 -0.44 6.17 -9.25
CA ALA B 110 0.28 7.40 -8.91
C ALA B 110 1.35 7.72 -9.96
N LYS B 111 1.93 6.66 -10.54
CA LYS B 111 2.96 6.84 -11.56
C LYS B 111 2.38 7.60 -12.74
N HIS B 112 1.15 7.26 -13.08
CA HIS B 112 0.45 7.92 -14.18
C HIS B 112 0.17 9.36 -13.81
N LEU B 113 -0.23 9.57 -12.54
CA LEU B 113 -0.52 10.91 -12.04
C LEU B 113 0.72 11.78 -12.12
N LYS B 114 1.87 11.18 -11.83
CA LYS B 114 3.14 11.91 -11.86
C LYS B 114 3.53 12.27 -13.29
N SER B 115 3.24 11.37 -14.22
CA SER B 115 3.58 11.60 -15.63
C SER B 115 2.59 12.53 -16.30
N VAL B 116 1.37 12.61 -15.76
CA VAL B 116 0.34 13.47 -16.33
C VAL B 116 0.28 14.81 -15.59
N ASN B 117 1.20 14.95 -14.62
CA ASN B 117 1.33 16.15 -13.79
C ASN B 117 0.09 16.43 -12.96
N GLN B 118 -0.35 15.42 -12.23
CA GLN B 118 -1.50 15.53 -11.36
C GLN B 118 -1.11 15.13 -9.93
N GLU B 119 0.04 15.63 -9.50
CA GLU B 119 0.56 15.36 -8.16
C GLU B 119 -0.43 15.75 -7.07
N SER B 120 -1.34 16.66 -7.41
CA SER B 120 -2.37 17.13 -6.49
C SER B 120 -3.24 15.98 -5.97
N PHE B 121 -3.17 14.82 -6.65
CA PHE B 121 -3.97 13.67 -6.23
C PHE B 121 -3.10 12.61 -5.55
N ILE B 122 -1.82 12.53 -5.89
CA ILE B 122 -0.95 11.53 -5.28
C ILE B 122 -0.68 11.86 -3.81
N GLU B 123 -0.60 13.17 -3.53
CA GLU B 123 -0.37 13.64 -2.16
C GLU B 123 -1.45 13.14 -1.20
N PRO B 124 -2.75 13.45 -1.43
CA PRO B 124 -3.80 13.00 -0.52
C PRO B 124 -4.09 11.50 -0.65
N LEU B 125 -3.62 10.89 -1.74
CA LEU B 125 -3.84 9.47 -1.96
C LEU B 125 -3.18 8.66 -0.86
N ALA B 126 -1.89 8.91 -0.64
CA ALA B 126 -1.13 8.22 0.40
C ALA B 126 -1.81 8.40 1.76
N GLU B 127 -2.25 9.61 2.03
CA GLU B 127 -2.92 9.92 3.30
C GLU B 127 -4.25 9.20 3.41
N THR B 128 -4.97 9.06 2.30
CA THR B 128 -6.25 8.38 2.30
C THR B 128 -6.06 6.90 2.63
N ILE B 129 -5.04 6.30 2.03
CA ILE B 129 -4.75 4.89 2.25
C ILE B 129 -4.35 4.63 3.70
N THR B 130 -3.41 5.42 4.21
CA THR B 130 -2.93 5.25 5.57
C THR B 130 -4.01 5.52 6.63
N ASP B 131 -4.77 6.60 6.48
CA ASP B 131 -5.80 6.94 7.45
C ASP B 131 -6.86 5.85 7.55
N VAL B 132 -7.41 5.44 6.41
CA VAL B 132 -8.44 4.40 6.40
C VAL B 132 -7.91 3.09 6.95
N LEU B 133 -6.67 2.76 6.62
CA LEU B 133 -6.05 1.52 7.07
C LEU B 133 -5.89 1.49 8.59
N VAL B 134 -5.18 2.48 9.12
CA VAL B 134 -4.91 2.56 10.55
C VAL B 134 -6.18 2.81 11.38
N ARG B 135 -7.07 3.65 10.87
CA ARG B 135 -8.29 3.96 11.59
C ARG B 135 -9.24 2.76 11.69
N THR B 136 -9.16 1.85 10.73
CA THR B 136 -10.04 0.69 10.73
C THR B 136 -9.42 -0.56 11.39
N LYS B 137 -8.31 -1.04 10.84
CA LYS B 137 -7.65 -2.25 11.34
C LYS B 137 -6.47 -1.94 12.27
N ARG B 138 -6.66 -0.97 13.14
CA ARG B 138 -5.63 -0.56 14.09
C ARG B 138 -5.11 -1.72 14.94
N ASP B 139 -6.02 -2.62 15.34
CA ASP B 139 -5.66 -3.76 16.18
C ASP B 139 -4.79 -4.77 15.43
N TRP B 140 -5.07 -4.93 14.14
CA TRP B 140 -4.33 -5.85 13.30
C TRP B 140 -2.88 -5.38 13.17
N LEU B 141 -2.72 -4.07 13.09
CA LEU B 141 -1.40 -3.45 12.98
C LEU B 141 -0.65 -3.55 14.31
N VAL B 142 -1.32 -3.18 15.40
CA VAL B 142 -0.75 -3.19 16.74
C VAL B 142 -0.20 -4.57 17.12
N LYS B 143 -0.96 -5.61 16.83
CA LYS B 143 -0.55 -6.97 17.16
C LYS B 143 0.76 -7.36 16.48
N GLN B 144 1.07 -6.72 15.35
CA GLN B 144 2.29 -7.02 14.61
C GLN B 144 3.31 -5.89 14.67
N ARG B 145 3.15 -4.96 15.63
CA ARG B 145 4.07 -3.84 15.78
C ARG B 145 4.04 -2.92 14.56
N GLY B 146 2.92 -2.91 13.85
CA GLY B 146 2.78 -2.07 12.67
C GLY B 146 3.66 -2.53 11.53
N TRP B 147 4.46 -1.60 10.99
CA TRP B 147 5.34 -1.89 9.87
C TRP B 147 6.49 -2.80 10.28
N ASP B 148 6.80 -2.83 11.57
CA ASP B 148 7.89 -3.65 12.06
C ASP B 148 7.63 -5.13 11.76
N GLY B 149 6.38 -5.55 11.94
CA GLY B 149 6.01 -6.93 11.66
C GLY B 149 6.00 -7.20 10.17
N PHE B 150 5.59 -6.18 9.41
CA PHE B 150 5.54 -6.26 7.96
C PHE B 150 6.94 -6.54 7.41
N VAL B 151 7.94 -5.97 8.05
CA VAL B 151 9.33 -6.15 7.64
C VAL B 151 9.79 -7.57 7.96
N GLU B 152 9.54 -8.02 9.18
CA GLU B 152 9.94 -9.36 9.58
C GLU B 152 9.23 -10.43 8.76
N PHE B 153 8.05 -10.11 8.24
CA PHE B 153 7.31 -11.06 7.43
C PHE B 153 7.94 -11.23 6.05
N PHE B 154 8.75 -10.24 5.64
CA PHE B 154 9.42 -10.30 4.34
C PHE B 154 10.94 -10.41 4.50
N HIS B 155 11.40 -10.19 5.73
CA HIS B 155 12.83 -10.28 6.07
C HIS B 155 13.43 -11.60 5.57
N VAL B 156 12.67 -12.67 5.73
CA VAL B 156 13.09 -13.99 5.30
C VAL B 156 12.72 -14.18 3.84
N GLN B 157 13.59 -14.83 3.08
CA GLN B 157 13.32 -15.07 1.66
C GLN B 157 12.64 -16.44 1.49
N ASP B 158 12.09 -16.70 0.31
CA ASP B 158 11.41 -17.96 0.05
C ASP B 158 12.41 -19.11 -0.09
N LEU B 159 11.90 -20.32 -0.14
CA LEU B 159 12.73 -21.51 -0.27
C LEU B 159 12.09 -22.50 -1.23
N GLU B 160 11.43 -21.98 -2.26
CA GLU B 160 10.77 -22.84 -3.24
C GLU B 160 10.97 -22.34 -4.68
N GLY B 161 11.35 -21.08 -4.81
CA GLY B 161 11.59 -20.50 -6.12
C GLY B 161 10.31 -20.08 -6.82
N GLY B 162 9.28 -19.72 -6.06
CA GLY B 162 8.04 -19.30 -6.66
C GLY B 162 7.77 -17.82 -6.45
N PRO A 1 -20.66 2.00 -9.92
CA PRO A 1 -20.36 1.81 -8.49
C PRO A 1 -20.18 0.34 -8.12
N ALA A 2 -21.19 -0.48 -8.36
CA ALA A 2 -21.12 -1.90 -8.03
C ALA A 2 -20.45 -2.68 -9.15
N ASP A 3 -20.13 -1.98 -10.23
CA ASP A 3 -19.47 -2.57 -11.39
C ASP A 3 -18.01 -2.85 -11.04
N LEU A 4 -17.55 -2.18 -9.99
CA LEU A 4 -16.18 -2.30 -9.50
C LEU A 4 -16.02 -3.59 -8.68
N LYS A 5 -17.09 -4.37 -8.63
CA LYS A 5 -17.10 -5.64 -7.89
C LYS A 5 -16.07 -6.61 -8.46
N ASP A 6 -15.83 -6.49 -9.76
CA ASP A 6 -14.87 -7.35 -10.46
C ASP A 6 -13.45 -6.87 -10.23
N GLU A 7 -13.24 -5.57 -10.35
CA GLU A 7 -11.91 -4.99 -10.16
C GLU A 7 -11.40 -5.22 -8.75
N CYS A 8 -12.24 -4.97 -7.74
CA CYS A 8 -11.83 -5.18 -6.37
C CYS A 8 -11.60 -6.67 -6.10
N ALA A 9 -12.33 -7.51 -6.82
CA ALA A 9 -12.18 -8.96 -6.68
C ALA A 9 -10.78 -9.37 -7.09
N GLN A 10 -10.27 -8.72 -8.13
CA GLN A 10 -8.93 -8.99 -8.62
C GLN A 10 -7.91 -8.54 -7.58
N LEU A 11 -8.03 -7.29 -7.16
CA LEU A 11 -7.14 -6.69 -6.17
C LEU A 11 -7.04 -7.57 -4.91
N ARG A 12 -8.19 -8.02 -4.42
CA ARG A 12 -8.22 -8.87 -3.22
C ARG A 12 -7.43 -10.16 -3.42
N ARG A 13 -7.56 -10.75 -4.59
CA ARG A 13 -6.86 -12.00 -4.89
C ARG A 13 -5.38 -11.76 -5.17
N ILE A 14 -5.03 -10.59 -5.69
CA ILE A 14 -3.63 -10.28 -5.96
C ILE A 14 -2.90 -10.13 -4.62
N GLY A 15 -3.60 -9.52 -3.67
CA GLY A 15 -3.06 -9.30 -2.35
C GLY A 15 -2.67 -10.58 -1.65
N ASP A 16 -3.57 -11.54 -1.61
CA ASP A 16 -3.29 -12.81 -0.96
C ASP A 16 -2.30 -13.64 -1.75
N LYS A 17 -2.17 -13.36 -3.04
CA LYS A 17 -1.22 -14.08 -3.89
C LYS A 17 0.20 -13.81 -3.40
N VAL A 18 0.55 -12.54 -3.27
CA VAL A 18 1.87 -12.17 -2.82
C VAL A 18 2.04 -12.51 -1.35
N ASN A 19 0.96 -12.41 -0.59
CA ASN A 19 0.99 -12.73 0.84
C ASN A 19 1.35 -14.20 1.03
N LEU A 20 0.71 -15.05 0.23
CA LEU A 20 0.95 -16.50 0.26
C LEU A 20 2.39 -16.81 -0.12
N ARG A 21 2.83 -16.20 -1.21
CA ARG A 21 4.18 -16.40 -1.73
C ARG A 21 5.22 -16.00 -0.68
N GLN A 22 5.08 -14.80 -0.15
CA GLN A 22 6.02 -14.30 0.84
C GLN A 22 5.96 -15.10 2.14
N LYS A 23 4.79 -15.65 2.44
CA LYS A 23 4.60 -16.45 3.65
C LYS A 23 5.55 -17.65 3.61
N LEU A 24 5.52 -18.39 2.51
CA LEU A 24 6.38 -19.57 2.36
C LEU A 24 7.84 -19.18 2.12
N LEU A 25 8.03 -18.02 1.51
CA LEU A 25 9.38 -17.53 1.22
C LEU A 25 10.10 -17.10 2.50
N ASN A 26 9.39 -16.39 3.35
CA ASN A 26 9.97 -15.88 4.59
C ASN A 26 9.85 -16.87 5.76
N MET A 27 8.79 -17.68 5.77
CA MET A 27 8.59 -18.64 6.84
C MET A 27 8.15 -19.99 6.29
N GLY B 1 -3.46 15.42 7.16
CA GLY B 1 -4.53 16.25 6.57
C GLY B 1 -4.50 17.66 7.13
N PRO B 2 -5.50 18.50 6.80
CA PRO B 2 -5.55 19.89 7.27
C PRO B 2 -6.15 20.02 8.68
N LEU B 3 -5.83 19.06 9.53
CA LEU B 3 -6.29 19.03 10.92
C LEU B 3 -5.22 18.38 11.77
N GLY B 4 -5.51 18.19 13.05
CA GLY B 4 -4.55 17.58 13.96
C GLY B 4 -4.48 16.07 13.77
N SER B 5 -4.26 15.64 12.54
CA SER B 5 -4.17 14.23 12.21
C SER B 5 -2.78 13.68 12.52
N GLU B 6 -2.56 13.33 13.78
CA GLU B 6 -1.29 12.79 14.22
C GLU B 6 -1.54 11.49 14.97
N ASP B 7 -0.62 10.55 14.84
CA ASP B 7 -0.71 9.24 15.47
C ASP B 7 0.62 8.53 15.26
N ASP B 8 1.07 7.82 16.29
CA ASP B 8 2.35 7.12 16.29
C ASP B 8 2.48 6.13 15.12
N LEU B 9 1.40 5.46 14.75
CA LEU B 9 1.44 4.52 13.64
C LEU B 9 1.18 5.28 12.33
N TYR B 10 0.27 6.25 12.42
CA TYR B 10 -0.10 7.08 11.28
C TYR B 10 1.08 7.86 10.73
N ARG B 11 1.93 8.39 11.61
CA ARG B 11 3.09 9.14 11.16
C ARG B 11 4.03 8.24 10.36
N GLN B 12 4.14 6.99 10.76
CA GLN B 12 5.00 6.06 10.05
C GLN B 12 4.41 5.79 8.68
N SER B 13 3.16 5.33 8.67
CA SER B 13 2.45 5.02 7.44
C SER B 13 2.41 6.23 6.51
N LEU B 14 2.35 7.42 7.09
CA LEU B 14 2.31 8.65 6.30
C LEU B 14 3.57 8.77 5.46
N GLU B 15 4.74 8.76 6.10
CA GLU B 15 6.01 8.88 5.38
C GLU B 15 6.31 7.66 4.52
N ILE B 16 6.26 6.48 5.13
CA ILE B 16 6.58 5.24 4.44
C ILE B 16 5.74 5.04 3.18
N ILE B 17 4.44 5.32 3.26
CA ILE B 17 3.56 5.16 2.10
C ILE B 17 3.79 6.26 1.07
N SER B 18 3.72 7.52 1.49
CA SER B 18 3.90 8.64 0.56
C SER B 18 5.24 8.56 -0.16
N ARG B 19 6.29 8.25 0.59
CA ARG B 19 7.61 8.15 -0.01
C ARG B 19 7.65 7.01 -1.02
N TYR B 20 6.96 5.92 -0.70
CA TYR B 20 6.93 4.77 -1.59
C TYR B 20 6.27 5.12 -2.92
N LEU B 21 5.11 5.77 -2.87
CA LEU B 21 4.42 6.17 -4.08
C LEU B 21 5.26 7.15 -4.88
N ARG B 22 5.90 8.08 -4.18
CA ARG B 22 6.74 9.08 -4.82
C ARG B 22 7.93 8.43 -5.51
N GLU B 23 8.45 7.35 -4.94
CA GLU B 23 9.57 6.64 -5.53
C GLU B 23 9.13 5.95 -6.81
N GLN B 24 7.98 5.28 -6.75
CA GLN B 24 7.43 4.59 -7.90
C GLN B 24 7.03 5.58 -8.99
N ALA B 25 6.61 6.77 -8.58
CA ALA B 25 6.21 7.84 -9.49
C ALA B 25 7.37 8.25 -10.38
N THR B 26 8.56 8.32 -9.78
CA THR B 26 9.76 8.69 -10.52
C THR B 26 10.34 7.49 -11.25
N GLY B 27 10.09 6.30 -10.70
CA GLY B 27 10.62 5.09 -11.28
C GLY B 27 12.05 4.88 -10.84
N SER B 28 12.63 5.97 -10.36
CA SER B 28 14.00 6.00 -9.87
C SER B 28 14.02 5.60 -8.40
N LYS B 29 14.90 4.67 -8.06
CA LYS B 29 15.03 4.22 -6.67
C LYS B 29 15.81 5.26 -5.89
N ASP B 30 15.07 6.19 -5.31
CA ASP B 30 15.65 7.28 -4.52
C ASP B 30 16.23 6.75 -3.22
N SER B 31 17.22 7.47 -2.69
CA SER B 31 17.89 7.07 -1.46
C SER B 31 17.51 7.99 -0.29
N LYS B 32 16.77 9.07 -0.57
CA LYS B 32 16.35 10.02 0.46
C LYS B 32 15.63 9.30 1.60
N PRO B 33 16.13 9.43 2.83
CA PRO B 33 15.53 8.78 4.00
C PRO B 33 14.41 9.58 4.65
N LEU B 34 13.58 8.89 5.42
CA LEU B 34 12.47 9.49 6.13
C LEU B 34 12.88 9.65 7.59
N GLY B 35 12.10 10.37 8.40
CA GLY B 35 12.51 10.56 9.78
C GLY B 35 11.40 10.53 10.81
N GLU B 36 10.22 11.04 10.48
CA GLU B 36 9.11 11.07 11.43
C GLU B 36 8.63 9.66 11.76
N ALA B 37 8.81 8.74 10.84
CA ALA B 37 8.42 7.36 11.06
C ALA B 37 9.40 6.67 12.00
N GLY B 38 10.68 6.99 11.84
CA GLY B 38 11.71 6.40 12.67
C GLY B 38 12.50 5.32 11.97
N ALA B 39 13.10 4.45 12.76
CA ALA B 39 13.91 3.35 12.23
C ALA B 39 13.05 2.32 11.51
N ALA B 40 11.82 2.12 11.98
CA ALA B 40 10.91 1.17 11.36
C ALA B 40 10.52 1.66 9.97
N GLY B 41 10.53 2.97 9.77
CA GLY B 41 10.19 3.54 8.49
C GLY B 41 11.19 3.16 7.43
N ARG B 42 12.46 3.15 7.82
CA ARG B 42 13.55 2.79 6.93
C ARG B 42 13.45 1.32 6.54
N ARG B 43 13.27 0.47 7.54
CA ARG B 43 13.15 -0.96 7.31
C ARG B 43 11.88 -1.29 6.53
N ALA B 44 10.78 -0.64 6.88
CA ALA B 44 9.50 -0.87 6.22
C ALA B 44 9.55 -0.40 4.78
N LEU B 45 10.18 0.76 4.56
CA LEU B 45 10.30 1.33 3.23
C LEU B 45 10.98 0.37 2.28
N GLU B 46 12.12 -0.17 2.71
CA GLU B 46 12.89 -1.12 1.90
C GLU B 46 12.02 -2.33 1.58
N THR B 47 11.28 -2.80 2.58
CA THR B 47 10.41 -3.95 2.42
C THR B 47 9.24 -3.60 1.50
N LEU B 48 8.67 -2.43 1.71
CA LEU B 48 7.55 -1.93 0.93
C LEU B 48 7.98 -1.78 -0.52
N ARG B 49 9.22 -1.35 -0.71
CA ARG B 49 9.80 -1.17 -2.03
C ARG B 49 9.93 -2.49 -2.76
N ARG B 50 10.60 -3.45 -2.15
CA ARG B 50 10.82 -4.76 -2.77
C ARG B 50 9.53 -5.58 -2.92
N VAL B 51 8.78 -5.71 -1.84
CA VAL B 51 7.55 -6.49 -1.85
C VAL B 51 6.50 -5.83 -2.74
N GLY B 52 6.31 -4.53 -2.56
CA GLY B 52 5.32 -3.81 -3.34
C GLY B 52 5.68 -3.73 -4.81
N ASP B 53 6.97 -3.59 -5.11
CA ASP B 53 7.43 -3.50 -6.50
C ASP B 53 7.11 -4.80 -7.23
N GLY B 54 7.29 -5.91 -6.51
CA GLY B 54 7.01 -7.22 -7.06
C GLY B 54 5.54 -7.39 -7.37
N VAL B 55 4.70 -6.88 -6.48
CA VAL B 55 3.24 -6.97 -6.61
C VAL B 55 2.77 -6.45 -7.97
N GLN B 56 3.09 -5.19 -8.24
CA GLN B 56 2.72 -4.54 -9.49
C GLN B 56 3.43 -5.17 -10.68
N ARG B 57 4.61 -5.72 -10.42
CA ARG B 57 5.44 -6.34 -11.44
C ARG B 57 4.85 -7.67 -11.94
N ASN B 58 4.32 -8.50 -11.03
CA ASN B 58 3.79 -9.79 -11.43
C ASN B 58 2.37 -9.72 -12.01
N HIS B 59 1.58 -8.73 -11.63
CA HIS B 59 0.22 -8.61 -12.17
C HIS B 59 -0.12 -7.20 -12.61
N GLU B 60 0.76 -6.61 -13.42
CA GLU B 60 0.57 -5.26 -13.95
C GLU B 60 -0.75 -5.16 -14.71
N THR B 61 -1.09 -6.21 -15.42
CA THR B 61 -2.32 -6.27 -16.21
C THR B 61 -3.56 -5.98 -15.37
N ALA B 62 -3.61 -6.56 -14.18
CA ALA B 62 -4.74 -6.37 -13.28
C ALA B 62 -4.81 -4.92 -12.82
N PHE B 63 -3.65 -4.37 -12.48
CA PHE B 63 -3.54 -2.98 -12.01
C PHE B 63 -4.04 -2.03 -13.08
N GLN B 64 -3.72 -2.32 -14.34
CA GLN B 64 -4.13 -1.51 -15.47
C GLN B 64 -5.66 -1.56 -15.60
N GLY B 65 -6.23 -2.70 -15.22
CA GLY B 65 -7.66 -2.87 -15.28
C GLY B 65 -8.38 -1.94 -14.32
N MET B 66 -7.97 -1.97 -13.05
CA MET B 66 -8.58 -1.12 -12.04
C MET B 66 -8.31 0.35 -12.34
N LEU B 67 -7.17 0.64 -12.95
CA LEU B 67 -6.78 2.00 -13.30
C LEU B 67 -7.81 2.63 -14.25
N ARG B 68 -8.37 1.82 -15.13
CA ARG B 68 -9.38 2.31 -16.07
C ARG B 68 -10.73 2.53 -15.40
N LYS B 69 -10.95 1.89 -14.26
CA LYS B 69 -12.22 2.04 -13.53
C LYS B 69 -12.16 3.24 -12.59
N LEU B 70 -11.07 3.35 -11.85
CA LEU B 70 -10.92 4.48 -10.92
C LEU B 70 -10.44 5.70 -11.69
N ASP B 71 -11.34 6.65 -11.88
CA ASP B 71 -11.01 7.88 -12.59
C ASP B 71 -10.20 8.79 -11.69
N ILE B 72 -8.92 8.51 -11.61
CA ILE B 72 -8.01 9.30 -10.79
C ILE B 72 -7.61 10.54 -11.60
N LYS B 73 -8.58 11.43 -11.77
CA LYS B 73 -8.39 12.68 -12.50
C LYS B 73 -9.02 13.85 -11.77
N ASN B 74 -9.86 13.56 -10.79
CA ASN B 74 -10.54 14.58 -10.02
C ASN B 74 -10.34 14.35 -8.54
N GLU B 75 -10.75 15.31 -7.72
CA GLU B 75 -10.64 15.24 -6.26
C GLU B 75 -11.44 14.04 -5.72
N GLY B 76 -12.38 13.57 -6.55
CA GLY B 76 -13.21 12.43 -6.21
C GLY B 76 -12.44 11.11 -6.25
N ASP B 77 -11.23 11.15 -6.80
CA ASP B 77 -10.38 9.96 -6.94
C ASP B 77 -10.14 9.26 -5.60
N VAL B 78 -9.69 10.02 -4.61
CA VAL B 78 -9.42 9.47 -3.28
C VAL B 78 -10.70 8.93 -2.64
N LYS B 79 -11.84 9.50 -3.03
CA LYS B 79 -13.12 9.06 -2.50
C LYS B 79 -13.40 7.66 -3.04
N SER B 80 -13.18 7.51 -4.34
CA SER B 80 -13.38 6.23 -5.00
C SER B 80 -12.38 5.20 -4.47
N PHE B 81 -11.17 5.66 -4.16
CA PHE B 81 -10.15 4.78 -3.65
C PHE B 81 -10.51 4.29 -2.26
N SER B 82 -10.98 5.19 -1.39
CA SER B 82 -11.36 4.80 -0.04
C SER B 82 -12.50 3.78 -0.09
N ARG B 83 -13.32 3.90 -1.13
CA ARG B 83 -14.46 3.01 -1.33
C ARG B 83 -14.00 1.62 -1.77
N VAL B 84 -12.93 1.54 -2.55
CA VAL B 84 -12.45 0.24 -2.98
C VAL B 84 -11.70 -0.42 -1.81
N MET B 85 -11.00 0.41 -1.03
CA MET B 85 -10.23 -0.05 0.12
C MET B 85 -11.10 -0.87 1.08
N VAL B 86 -12.24 -0.30 1.50
CA VAL B 86 -13.14 -0.96 2.42
C VAL B 86 -13.70 -2.25 1.83
N HIS B 87 -13.89 -2.29 0.51
CA HIS B 87 -14.41 -3.47 -0.15
C HIS B 87 -13.38 -4.58 -0.21
N VAL B 88 -12.11 -4.20 -0.31
CA VAL B 88 -11.01 -5.17 -0.37
C VAL B 88 -10.91 -5.95 0.95
N PHE B 89 -11.28 -5.32 2.06
CA PHE B 89 -11.19 -5.98 3.35
C PHE B 89 -12.52 -6.62 3.77
N LYS B 90 -13.42 -6.80 2.83
CA LYS B 90 -14.71 -7.40 3.15
C LYS B 90 -14.57 -8.90 3.42
N ASP B 91 -13.44 -9.47 3.01
CA ASP B 91 -13.17 -10.90 3.22
C ASP B 91 -12.72 -11.15 4.65
N GLY B 92 -12.45 -10.07 5.39
CA GLY B 92 -12.03 -10.17 6.76
C GLY B 92 -10.53 -10.36 6.91
N VAL B 93 -9.89 -10.96 5.92
CA VAL B 93 -8.46 -11.20 5.99
C VAL B 93 -7.71 -9.90 5.72
N THR B 94 -7.01 -9.45 6.75
CA THR B 94 -6.23 -8.23 6.68
C THR B 94 -4.79 -8.54 6.30
N ASN B 95 -4.54 -9.83 6.04
CA ASN B 95 -3.23 -10.38 5.67
C ASN B 95 -2.30 -9.34 5.06
N TRP B 96 -1.11 -9.19 5.62
CA TRP B 96 -0.14 -8.17 5.18
C TRP B 96 -0.07 -8.01 3.67
N GLY B 97 0.08 -9.11 2.94
CA GLY B 97 0.17 -9.07 1.50
C GLY B 97 -0.95 -8.31 0.83
N ARG B 98 -2.19 -8.48 1.32
CA ARG B 98 -3.34 -7.79 0.76
C ARG B 98 -3.19 -6.28 0.94
N ILE B 99 -2.63 -5.89 2.07
CA ILE B 99 -2.40 -4.49 2.40
C ILE B 99 -1.27 -3.91 1.55
N VAL B 100 -0.17 -4.65 1.44
CA VAL B 100 0.97 -4.19 0.65
C VAL B 100 0.56 -4.02 -0.81
N THR B 101 -0.35 -4.87 -1.26
CA THR B 101 -0.85 -4.82 -2.63
C THR B 101 -1.67 -3.55 -2.85
N LEU B 102 -2.38 -3.12 -1.81
CA LEU B 102 -3.18 -1.90 -1.88
C LEU B 102 -2.28 -0.71 -2.15
N ILE B 103 -1.17 -0.65 -1.43
CA ILE B 103 -0.21 0.42 -1.60
C ILE B 103 0.45 0.30 -2.97
N SER B 104 0.75 -0.94 -3.36
CA SER B 104 1.37 -1.23 -4.64
C SER B 104 0.50 -0.68 -5.78
N PHE B 105 -0.80 -0.95 -5.67
CA PHE B 105 -1.76 -0.49 -6.66
C PHE B 105 -1.83 1.03 -6.69
N GLY B 106 -1.96 1.64 -5.52
CA GLY B 106 -2.02 3.09 -5.43
C GLY B 106 -0.78 3.73 -6.02
N ALA B 107 0.34 3.07 -5.84
CA ALA B 107 1.62 3.56 -6.35
C ALA B 107 1.70 3.37 -7.87
N PHE B 108 1.04 2.33 -8.37
CA PHE B 108 1.03 2.07 -9.80
C PHE B 108 0.24 3.16 -10.48
N VAL B 109 -0.85 3.56 -9.83
CA VAL B 109 -1.71 4.62 -10.33
C VAL B 109 -0.95 5.94 -10.25
N ALA B 110 -0.22 6.11 -9.15
CA ALA B 110 0.57 7.30 -8.90
C ALA B 110 1.57 7.55 -10.03
N LYS B 111 2.06 6.47 -10.63
CA LYS B 111 3.01 6.58 -11.73
C LYS B 111 2.39 7.34 -12.89
N HIS B 112 1.14 6.98 -13.22
CA HIS B 112 0.44 7.63 -14.32
C HIS B 112 0.09 9.06 -13.91
N LEU B 113 -0.15 9.24 -12.61
CA LEU B 113 -0.48 10.56 -12.08
C LEU B 113 0.71 11.48 -12.22
N LYS B 114 1.89 10.92 -12.00
CA LYS B 114 3.12 11.68 -12.10
C LYS B 114 3.40 12.04 -13.56
N SER B 115 3.16 11.10 -14.46
CA SER B 115 3.37 11.32 -15.89
C SER B 115 2.36 12.31 -16.46
N VAL B 116 1.21 12.43 -15.81
CA VAL B 116 0.15 13.32 -16.27
C VAL B 116 0.19 14.63 -15.46
N ASN B 117 1.22 14.71 -14.62
CA ASN B 117 1.50 15.87 -13.75
C ASN B 117 0.36 16.20 -12.79
N GLN B 118 -0.01 15.24 -11.95
CA GLN B 118 -1.06 15.44 -10.97
C GLN B 118 -0.55 15.10 -9.58
N GLU B 119 0.64 15.58 -9.25
CA GLU B 119 1.25 15.34 -7.93
C GLU B 119 0.35 15.84 -6.80
N SER B 120 -0.54 16.76 -7.11
CA SER B 120 -1.45 17.30 -6.12
C SER B 120 -2.45 16.25 -5.65
N PHE B 121 -2.51 15.11 -6.35
CA PHE B 121 -3.41 14.03 -5.98
C PHE B 121 -2.66 12.82 -5.43
N ILE B 122 -1.37 12.69 -5.75
CA ILE B 122 -0.59 11.55 -5.25
C ILE B 122 -0.40 11.67 -3.74
N GLU B 123 -0.08 12.87 -3.27
CA GLU B 123 0.11 13.13 -1.85
C GLU B 123 -1.13 12.72 -1.03
N PRO B 124 -2.34 13.25 -1.32
CA PRO B 124 -3.56 12.89 -0.58
C PRO B 124 -3.93 11.42 -0.75
N LEU B 125 -3.52 10.82 -1.87
CA LEU B 125 -3.83 9.41 -2.12
C LEU B 125 -3.21 8.55 -1.05
N ALA B 126 -1.90 8.72 -0.82
CA ALA B 126 -1.17 7.97 0.19
C ALA B 126 -1.81 8.15 1.56
N GLU B 127 -2.26 9.36 1.84
CA GLU B 127 -2.90 9.67 3.12
C GLU B 127 -4.27 9.00 3.23
N THR B 128 -4.96 8.89 2.11
CA THR B 128 -6.27 8.25 2.11
C THR B 128 -6.12 6.76 2.42
N ILE B 129 -5.00 6.20 1.99
CA ILE B 129 -4.70 4.80 2.22
C ILE B 129 -4.40 4.55 3.70
N THR B 130 -3.46 5.31 4.26
CA THR B 130 -3.06 5.15 5.65
C THR B 130 -4.19 5.35 6.65
N ASP B 131 -4.98 6.42 6.51
CA ASP B 131 -6.08 6.70 7.44
C ASP B 131 -7.02 5.51 7.58
N VAL B 132 -7.43 4.94 6.45
CA VAL B 132 -8.32 3.79 6.46
C VAL B 132 -7.66 2.58 7.11
N LEU B 133 -6.39 2.39 6.80
CA LEU B 133 -5.62 1.26 7.32
C LEU B 133 -5.42 1.34 8.84
N VAL B 134 -4.93 2.49 9.29
CA VAL B 134 -4.64 2.72 10.71
C VAL B 134 -5.87 2.68 11.61
N ARG B 135 -6.97 3.31 11.19
CA ARG B 135 -8.16 3.34 12.02
C ARG B 135 -9.01 2.07 11.95
N THR B 136 -9.18 1.51 10.76
CA THR B 136 -10.02 0.32 10.62
C THR B 136 -9.39 -0.94 11.22
N LYS B 137 -8.11 -1.14 11.01
CA LYS B 137 -7.45 -2.34 11.53
C LYS B 137 -6.34 -2.01 12.53
N ARG B 138 -6.62 -1.05 13.41
CA ARG B 138 -5.65 -0.64 14.44
C ARG B 138 -5.16 -1.84 15.24
N ASP B 139 -6.09 -2.70 15.64
CA ASP B 139 -5.78 -3.90 16.42
C ASP B 139 -4.79 -4.81 15.68
N TRP B 140 -5.05 -5.02 14.41
CA TRP B 140 -4.21 -5.86 13.55
C TRP B 140 -2.80 -5.28 13.50
N LEU B 141 -2.71 -3.96 13.46
CA LEU B 141 -1.43 -3.27 13.43
C LEU B 141 -0.72 -3.40 14.77
N VAL B 142 -1.46 -3.12 15.83
CA VAL B 142 -0.92 -3.18 17.20
C VAL B 142 -0.35 -4.55 17.52
N LYS B 143 -1.08 -5.59 17.15
CA LYS B 143 -0.64 -6.96 17.39
C LYS B 143 0.72 -7.27 16.75
N GLN B 144 1.01 -6.63 15.64
CA GLN B 144 2.26 -6.86 14.94
C GLN B 144 3.23 -5.69 15.01
N ARG B 145 3.05 -4.79 15.98
CA ARG B 145 3.94 -3.64 16.13
C ARG B 145 3.92 -2.73 14.91
N GLY B 146 2.82 -2.73 14.17
CA GLY B 146 2.70 -1.91 12.99
C GLY B 146 3.64 -2.33 11.88
N TRP B 147 4.42 -1.38 11.39
CA TRP B 147 5.36 -1.65 10.30
C TRP B 147 6.55 -2.46 10.80
N ASP B 148 6.79 -2.42 12.10
CA ASP B 148 7.92 -3.15 12.70
C ASP B 148 7.75 -4.65 12.43
N GLY B 149 6.52 -5.14 12.59
CA GLY B 149 6.24 -6.53 12.34
C GLY B 149 6.19 -6.82 10.85
N PHE B 150 5.64 -5.86 10.10
CA PHE B 150 5.55 -5.94 8.64
C PHE B 150 6.92 -6.20 8.04
N VAL B 151 7.94 -5.54 8.60
CA VAL B 151 9.31 -5.70 8.12
C VAL B 151 9.79 -7.12 8.35
N GLU B 152 9.63 -7.60 9.59
CA GLU B 152 10.08 -8.93 9.96
C GLU B 152 9.31 -10.03 9.22
N PHE B 153 8.08 -9.74 8.81
CA PHE B 153 7.27 -10.72 8.12
C PHE B 153 7.74 -10.93 6.67
N PHE B 154 8.43 -9.97 6.10
CA PHE B 154 8.88 -10.12 4.71
C PHE B 154 10.40 -10.02 4.53
N HIS B 155 11.04 -9.15 5.28
CA HIS B 155 12.48 -8.90 5.15
C HIS B 155 13.41 -10.03 5.62
N VAL B 156 12.91 -10.95 6.43
CA VAL B 156 13.78 -12.03 6.93
C VAL B 156 14.35 -12.91 5.81
N GLN B 157 13.51 -13.40 4.90
CA GLN B 157 14.02 -14.26 3.83
C GLN B 157 13.58 -13.81 2.44
N ASP B 158 13.43 -12.51 2.24
CA ASP B 158 13.03 -11.98 0.93
C ASP B 158 14.27 -11.78 0.07
N LEU B 159 14.10 -11.94 -1.23
CA LEU B 159 15.19 -11.76 -2.17
C LEU B 159 15.03 -10.44 -2.91
N GLU B 160 13.88 -10.26 -3.56
CA GLU B 160 13.61 -9.04 -4.31
C GLU B 160 12.12 -9.02 -4.70
N GLY B 161 11.26 -9.15 -3.70
CA GLY B 161 9.83 -9.14 -3.95
C GLY B 161 9.33 -10.43 -4.57
N GLY B 162 8.07 -10.43 -5.00
CA GLY B 162 7.47 -11.61 -5.60
C GLY B 162 6.00 -11.40 -5.90
N PRO A 1 -22.71 1.68 -4.41
CA PRO A 1 -22.69 1.07 -5.76
C PRO A 1 -21.69 -0.07 -5.83
N ALA A 2 -22.13 -1.24 -6.27
CA ALA A 2 -21.25 -2.40 -6.38
C ALA A 2 -20.59 -2.44 -7.76
N ASP A 3 -20.14 -1.27 -8.22
CA ASP A 3 -19.47 -1.16 -9.51
C ASP A 3 -18.03 -1.64 -9.40
N LEU A 4 -17.42 -1.38 -8.25
CA LEU A 4 -16.05 -1.77 -7.99
C LEU A 4 -16.01 -3.18 -7.40
N LYS A 5 -16.92 -4.03 -7.87
CA LYS A 5 -17.02 -5.39 -7.39
C LYS A 5 -15.99 -6.28 -8.08
N ASP A 6 -15.62 -5.92 -9.30
CA ASP A 6 -14.66 -6.67 -10.08
C ASP A 6 -13.24 -6.37 -9.64
N GLU A 7 -12.97 -5.08 -9.51
CA GLU A 7 -11.66 -4.60 -9.11
C GLU A 7 -11.26 -5.14 -7.74
N CYS A 8 -12.17 -5.03 -6.77
CA CYS A 8 -11.88 -5.51 -5.43
C CYS A 8 -11.75 -7.03 -5.40
N ALA A 9 -12.62 -7.73 -6.13
CA ALA A 9 -12.60 -9.19 -6.17
C ALA A 9 -11.21 -9.71 -6.52
N GLN A 10 -10.64 -9.16 -7.60
CA GLN A 10 -9.32 -9.58 -8.02
C GLN A 10 -8.28 -9.19 -6.97
N LEU A 11 -8.33 -7.93 -6.54
CA LEU A 11 -7.39 -7.38 -5.56
C LEU A 11 -7.31 -8.27 -4.31
N ARG A 12 -8.45 -8.80 -3.88
CA ARG A 12 -8.49 -9.68 -2.71
C ARG A 12 -7.57 -10.87 -2.92
N ARG A 13 -7.73 -11.53 -4.06
CA ARG A 13 -6.95 -12.70 -4.40
C ARG A 13 -5.51 -12.34 -4.74
N ILE A 14 -5.30 -11.14 -5.29
CA ILE A 14 -3.95 -10.70 -5.63
C ILE A 14 -3.13 -10.56 -4.35
N GLY A 15 -3.75 -9.93 -3.36
CA GLY A 15 -3.10 -9.70 -2.08
C GLY A 15 -2.83 -10.99 -1.32
N ASP A 16 -3.77 -11.92 -1.35
CA ASP A 16 -3.58 -13.18 -0.65
C ASP A 16 -2.54 -14.05 -1.35
N LYS A 17 -2.45 -13.93 -2.67
CA LYS A 17 -1.49 -14.72 -3.42
C LYS A 17 -0.07 -14.28 -3.11
N VAL A 18 0.20 -12.98 -3.13
CA VAL A 18 1.53 -12.48 -2.82
C VAL A 18 1.86 -12.78 -1.36
N ASN A 19 0.83 -12.77 -0.52
CA ASN A 19 0.97 -13.06 0.90
C ASN A 19 1.41 -14.51 1.05
N LEU A 20 0.75 -15.38 0.29
CA LEU A 20 1.03 -16.82 0.28
C LEU A 20 2.43 -17.08 -0.24
N ARG A 21 2.78 -16.43 -1.35
CA ARG A 21 4.07 -16.55 -1.99
C ARG A 21 5.19 -16.28 -1.00
N GLN A 22 5.13 -15.14 -0.34
CA GLN A 22 6.14 -14.76 0.64
C GLN A 22 6.00 -15.55 1.94
N LYS A 23 4.79 -16.00 2.25
CA LYS A 23 4.53 -16.76 3.46
C LYS A 23 5.42 -18.01 3.50
N LEU A 24 5.41 -18.78 2.41
CA LEU A 24 6.22 -20.00 2.34
C LEU A 24 7.71 -19.67 2.36
N LEU A 25 8.05 -18.49 1.86
CA LEU A 25 9.44 -18.04 1.82
C LEU A 25 9.85 -17.62 3.24
N ASN A 26 8.85 -17.33 4.05
CA ASN A 26 9.03 -16.92 5.44
C ASN A 26 9.06 -18.14 6.35
N MET A 27 8.05 -18.98 6.21
CA MET A 27 7.90 -20.20 7.02
C MET A 27 7.32 -21.33 6.18
N GLY B 1 4.14 10.13 20.26
CA GLY B 1 4.81 11.42 20.03
C GLY B 1 4.87 12.26 21.29
N PRO B 2 4.08 13.34 21.36
CA PRO B 2 4.05 14.23 22.53
C PRO B 2 3.68 13.50 23.82
N LEU B 3 2.82 12.50 23.70
CA LEU B 3 2.37 11.73 24.86
C LEU B 3 2.91 10.31 24.78
N GLY B 4 4.10 10.17 24.21
CA GLY B 4 4.72 8.87 24.08
C GLY B 4 4.23 8.15 22.84
N SER B 5 2.99 7.68 22.90
CA SER B 5 2.41 6.97 21.77
C SER B 5 0.91 7.25 21.67
N GLU B 6 0.51 7.94 20.61
CA GLU B 6 -0.90 8.27 20.41
C GLU B 6 -1.37 7.61 19.12
N ASP B 7 -1.05 8.25 18.00
CA ASP B 7 -1.40 7.76 16.69
C ASP B 7 -0.17 7.90 15.82
N ASP B 8 0.93 7.46 16.39
CA ASP B 8 2.24 7.51 15.74
C ASP B 8 2.28 6.59 14.54
N LEU B 9 1.50 5.51 14.57
CA LEU B 9 1.48 4.58 13.43
C LEU B 9 0.97 5.29 12.19
N TYR B 10 -0.02 6.16 12.37
CA TYR B 10 -0.57 6.91 11.26
C TYR B 10 0.50 7.86 10.74
N ARG B 11 1.29 8.40 11.65
CA ARG B 11 2.37 9.29 11.25
C ARG B 11 3.45 8.49 10.52
N GLN B 12 3.71 7.26 10.98
CA GLN B 12 4.68 6.40 10.33
C GLN B 12 4.20 6.09 8.93
N SER B 13 3.00 5.50 8.84
CA SER B 13 2.42 5.16 7.54
C SER B 13 2.37 6.37 6.62
N LEU B 14 2.10 7.53 7.19
CA LEU B 14 2.02 8.78 6.43
C LEU B 14 3.34 9.06 5.72
N GLU B 15 4.43 9.01 6.48
CA GLU B 15 5.77 9.25 5.94
C GLU B 15 6.25 8.10 5.07
N ILE B 16 6.09 6.88 5.57
CA ILE B 16 6.51 5.67 4.86
C ILE B 16 5.81 5.52 3.50
N ILE B 17 4.50 5.66 3.48
CA ILE B 17 3.73 5.50 2.25
C ILE B 17 3.97 6.62 1.25
N SER B 18 3.94 7.88 1.70
CA SER B 18 4.17 9.01 0.79
C SER B 18 5.53 8.89 0.12
N ARG B 19 6.52 8.47 0.89
CA ARG B 19 7.88 8.28 0.38
C ARG B 19 7.89 7.25 -0.73
N TYR B 20 7.20 6.14 -0.51
CA TYR B 20 7.15 5.06 -1.50
C TYR B 20 6.42 5.47 -2.79
N LEU B 21 5.25 6.07 -2.67
CA LEU B 21 4.50 6.47 -3.86
C LEU B 21 5.26 7.46 -4.72
N ARG B 22 5.79 8.52 -4.12
CA ARG B 22 6.52 9.52 -4.89
C ARG B 22 7.84 8.96 -5.41
N GLU B 23 8.44 8.04 -4.67
CA GLU B 23 9.70 7.43 -5.09
C GLU B 23 9.45 6.68 -6.39
N GLN B 24 8.39 5.88 -6.40
CA GLN B 24 7.98 5.10 -7.56
C GLN B 24 7.59 6.02 -8.71
N ALA B 25 6.85 7.07 -8.36
CA ALA B 25 6.35 8.05 -9.33
C ALA B 25 7.45 8.72 -10.15
N THR B 26 8.61 8.95 -9.54
CA THR B 26 9.69 9.61 -10.26
C THR B 26 10.75 8.59 -10.73
N GLY B 27 10.67 7.37 -10.24
CA GLY B 27 11.61 6.33 -10.64
C GLY B 27 12.91 6.33 -9.87
N SER B 28 13.25 7.42 -9.19
CA SER B 28 14.48 7.50 -8.42
C SER B 28 14.31 6.77 -7.10
N LYS B 29 14.59 5.48 -7.10
CA LYS B 29 14.47 4.65 -5.93
C LYS B 29 15.71 4.72 -5.06
N ASP B 30 15.92 5.89 -4.48
CA ASP B 30 17.05 6.16 -3.61
C ASP B 30 16.65 5.98 -2.16
N SER B 31 17.28 5.03 -1.49
CA SER B 31 16.97 4.73 -0.10
C SER B 31 17.44 5.88 0.80
N LYS B 32 16.48 6.50 1.49
CA LYS B 32 16.75 7.59 2.39
C LYS B 32 16.06 7.35 3.73
N PRO B 33 16.74 7.67 4.83
CA PRO B 33 16.20 7.49 6.18
C PRO B 33 15.01 8.39 6.48
N LEU B 34 14.09 7.88 7.29
CA LEU B 34 12.90 8.62 7.68
C LEU B 34 13.13 9.32 9.01
N GLY B 35 12.30 10.30 9.34
CA GLY B 35 12.47 11.03 10.58
C GLY B 35 11.30 10.91 11.53
N GLU B 36 10.11 10.64 11.00
CA GLU B 36 8.93 10.49 11.85
C GLU B 36 8.72 9.03 12.20
N ALA B 37 8.78 8.20 11.17
CA ALA B 37 8.59 6.75 11.33
C ALA B 37 9.79 6.10 12.00
N GLY B 38 10.95 6.74 11.88
CA GLY B 38 12.16 6.24 12.50
C GLY B 38 12.76 5.07 11.74
N ALA B 39 13.44 4.18 12.46
CA ALA B 39 14.09 3.02 11.88
C ALA B 39 13.07 2.08 11.26
N ALA B 40 11.90 1.96 11.89
CA ALA B 40 10.85 1.08 11.37
C ALA B 40 10.42 1.56 10.00
N GLY B 41 10.35 2.87 9.84
CA GLY B 41 9.95 3.44 8.57
C GLY B 41 10.99 3.17 7.51
N ARG B 42 12.25 3.23 7.92
CA ARG B 42 13.36 2.97 7.02
C ARG B 42 13.30 1.53 6.55
N ARG B 43 12.98 0.63 7.49
CA ARG B 43 12.88 -0.79 7.19
C ARG B 43 11.68 -1.04 6.27
N ALA B 44 10.57 -0.35 6.56
CA ALA B 44 9.35 -0.50 5.78
C ALA B 44 9.54 0.00 4.36
N LEU B 45 10.20 1.14 4.21
CA LEU B 45 10.45 1.73 2.89
C LEU B 45 11.23 0.75 2.02
N GLU B 46 12.27 0.16 2.61
CA GLU B 46 13.11 -0.80 1.91
C GLU B 46 12.26 -2.01 1.47
N THR B 47 11.38 -2.44 2.36
CA THR B 47 10.50 -3.57 2.10
C THR B 47 9.47 -3.24 1.03
N LEU B 48 8.84 -2.07 1.16
CA LEU B 48 7.83 -1.61 0.22
C LEU B 48 8.36 -1.60 -1.21
N ARG B 49 9.63 -1.28 -1.37
CA ARG B 49 10.23 -1.23 -2.69
C ARG B 49 10.39 -2.62 -3.28
N ARG B 50 11.05 -3.53 -2.55
CA ARG B 50 11.27 -4.88 -3.07
C ARG B 50 9.97 -5.68 -3.20
N VAL B 51 9.11 -5.60 -2.20
CA VAL B 51 7.86 -6.33 -2.23
C VAL B 51 6.83 -5.66 -3.15
N GLY B 52 6.74 -4.34 -3.06
CA GLY B 52 5.80 -3.58 -3.88
C GLY B 52 6.03 -3.76 -5.36
N ASP B 53 7.29 -3.75 -5.79
CA ASP B 53 7.61 -3.93 -7.20
C ASP B 53 7.23 -5.34 -7.64
N GLY B 54 7.37 -6.29 -6.71
CA GLY B 54 7.03 -7.66 -7.00
C GLY B 54 5.54 -7.82 -7.19
N VAL B 55 4.76 -7.09 -6.40
CA VAL B 55 3.31 -7.12 -6.49
C VAL B 55 2.86 -6.59 -7.85
N GLN B 56 3.38 -5.43 -8.21
CA GLN B 56 3.05 -4.79 -9.48
C GLN B 56 3.44 -5.67 -10.66
N ARG B 57 4.62 -6.27 -10.58
CA ARG B 57 5.10 -7.13 -11.65
C ARG B 57 4.26 -8.40 -11.76
N ASN B 58 3.68 -8.83 -10.64
CA ASN B 58 2.86 -10.05 -10.61
C ASN B 58 1.52 -9.86 -11.31
N HIS B 59 0.82 -8.76 -11.03
CA HIS B 59 -0.48 -8.53 -11.65
C HIS B 59 -0.65 -7.11 -12.18
N GLU B 60 0.31 -6.66 -12.96
CA GLU B 60 0.29 -5.31 -13.55
C GLU B 60 -0.95 -5.13 -14.41
N THR B 61 -1.40 -6.24 -15.00
CA THR B 61 -2.58 -6.28 -15.85
C THR B 61 -3.84 -5.83 -15.11
N ALA B 62 -3.98 -6.29 -13.86
CA ALA B 62 -5.14 -5.96 -13.05
C ALA B 62 -5.12 -4.50 -12.64
N PHE B 63 -3.93 -3.97 -12.37
CA PHE B 63 -3.78 -2.58 -11.97
C PHE B 63 -4.22 -1.66 -13.10
N GLN B 64 -3.86 -2.02 -14.34
CA GLN B 64 -4.24 -1.23 -15.50
C GLN B 64 -5.75 -1.24 -15.68
N GLY B 65 -6.37 -2.36 -15.35
CA GLY B 65 -7.81 -2.47 -15.46
C GLY B 65 -8.50 -1.51 -14.52
N MET B 66 -7.99 -1.44 -13.30
CA MET B 66 -8.53 -0.56 -12.27
C MET B 66 -8.28 0.90 -12.64
N LEU B 67 -7.09 1.15 -13.21
CA LEU B 67 -6.69 2.50 -13.62
C LEU B 67 -7.71 3.09 -14.61
N ARG B 68 -8.34 2.23 -15.38
CA ARG B 68 -9.34 2.66 -16.35
C ARG B 68 -10.69 2.91 -15.68
N LYS B 69 -10.91 2.31 -14.51
CA LYS B 69 -12.17 2.46 -13.78
C LYS B 69 -12.12 3.65 -12.82
N LEU B 70 -11.07 3.73 -12.02
CA LEU B 70 -10.94 4.82 -11.05
C LEU B 70 -10.67 6.14 -11.76
N ASP B 71 -11.54 7.12 -11.52
CA ASP B 71 -11.37 8.43 -12.14
C ASP B 71 -10.30 9.21 -11.40
N ILE B 72 -9.04 8.90 -11.70
CA ILE B 72 -7.94 9.58 -11.08
C ILE B 72 -7.71 10.89 -11.83
N LYS B 73 -8.70 11.77 -11.71
CA LYS B 73 -8.69 13.07 -12.35
C LYS B 73 -9.34 14.11 -11.44
N ASN B 74 -10.38 13.70 -10.74
CA ASN B 74 -11.09 14.58 -9.83
C ASN B 74 -10.84 14.19 -8.38
N GLU B 75 -11.41 14.94 -7.43
CA GLU B 75 -11.25 14.66 -6.00
C GLU B 75 -11.78 13.26 -5.67
N GLY B 76 -12.65 12.76 -6.53
CA GLY B 76 -13.24 11.45 -6.36
C GLY B 76 -12.23 10.32 -6.44
N ASP B 77 -11.02 10.61 -6.94
CA ASP B 77 -9.98 9.60 -7.09
C ASP B 77 -9.63 8.94 -5.76
N VAL B 78 -9.32 9.74 -4.75
CA VAL B 78 -8.97 9.23 -3.43
C VAL B 78 -10.17 8.59 -2.75
N LYS B 79 -11.34 9.15 -3.01
CA LYS B 79 -12.57 8.65 -2.41
C LYS B 79 -12.93 7.29 -3.01
N SER B 80 -12.68 7.12 -4.29
CA SER B 80 -12.96 5.86 -4.97
C SER B 80 -11.93 4.82 -4.57
N PHE B 81 -10.73 5.28 -4.22
CA PHE B 81 -9.65 4.39 -3.81
C PHE B 81 -10.02 3.77 -2.46
N SER B 82 -10.66 4.57 -1.62
CA SER B 82 -11.09 4.10 -0.31
C SER B 82 -12.24 3.10 -0.49
N ARG B 83 -13.05 3.35 -1.52
CA ARG B 83 -14.18 2.49 -1.84
C ARG B 83 -13.73 1.08 -2.16
N VAL B 84 -12.66 0.95 -2.95
CA VAL B 84 -12.18 -0.37 -3.30
C VAL B 84 -11.54 -1.04 -2.09
N MET B 85 -10.86 -0.25 -1.25
CA MET B 85 -10.20 -0.77 -0.05
C MET B 85 -11.18 -1.49 0.88
N VAL B 86 -12.27 -0.82 1.25
CA VAL B 86 -13.25 -1.43 2.14
C VAL B 86 -13.89 -2.67 1.51
N HIS B 87 -13.99 -2.68 0.19
CA HIS B 87 -14.56 -3.83 -0.51
C HIS B 87 -13.57 -4.99 -0.56
N VAL B 88 -12.27 -4.68 -0.62
CA VAL B 88 -11.24 -5.71 -0.66
C VAL B 88 -11.19 -6.47 0.66
N PHE B 89 -11.16 -5.74 1.77
CA PHE B 89 -11.10 -6.35 3.08
C PHE B 89 -12.47 -6.83 3.57
N LYS B 90 -13.36 -7.11 2.62
CA LYS B 90 -14.70 -7.58 2.98
C LYS B 90 -14.70 -9.08 3.24
N ASP B 91 -13.59 -9.74 2.91
CA ASP B 91 -13.49 -11.19 3.12
C ASP B 91 -13.21 -11.47 4.59
N GLY B 92 -12.76 -10.44 5.30
CA GLY B 92 -12.47 -10.58 6.71
C GLY B 92 -10.99 -10.80 6.97
N VAL B 93 -10.28 -11.41 6.02
CA VAL B 93 -8.86 -11.66 6.20
C VAL B 93 -8.07 -10.41 5.82
N THR B 94 -7.24 -9.97 6.75
CA THR B 94 -6.45 -8.76 6.58
C THR B 94 -5.02 -9.01 6.06
N ASN B 95 -4.67 -10.27 5.77
CA ASN B 95 -3.34 -10.69 5.27
C ASN B 95 -2.47 -9.56 4.73
N TRP B 96 -1.25 -9.45 5.31
CA TRP B 96 -0.27 -8.43 4.97
C TRP B 96 -0.10 -8.20 3.49
N GLY B 97 -0.13 -9.29 2.72
CA GLY B 97 0.00 -9.18 1.28
C GLY B 97 -1.01 -8.24 0.66
N ARG B 98 -2.21 -8.21 1.23
CA ARG B 98 -3.27 -7.35 0.74
C ARG B 98 -2.92 -5.88 0.92
N ILE B 99 -2.42 -5.53 2.10
CA ILE B 99 -2.03 -4.16 2.39
C ILE B 99 -0.91 -3.71 1.46
N VAL B 100 0.08 -4.57 1.29
CA VAL B 100 1.20 -4.26 0.42
C VAL B 100 0.72 -4.09 -1.02
N THR B 101 -0.23 -4.93 -1.42
CA THR B 101 -0.79 -4.86 -2.77
C THR B 101 -1.51 -3.53 -2.98
N LEU B 102 -2.21 -3.08 -1.94
CA LEU B 102 -2.93 -1.82 -1.98
C LEU B 102 -1.97 -0.67 -2.24
N ILE B 103 -0.85 -0.68 -1.53
CA ILE B 103 0.15 0.36 -1.70
C ILE B 103 0.79 0.24 -3.08
N SER B 104 1.04 -0.99 -3.50
CA SER B 104 1.62 -1.28 -4.79
C SER B 104 0.74 -0.73 -5.91
N PHE B 105 -0.57 -0.96 -5.75
CA PHE B 105 -1.55 -0.49 -6.72
C PHE B 105 -1.60 1.04 -6.73
N GLY B 106 -1.74 1.63 -5.55
CA GLY B 106 -1.79 3.07 -5.45
C GLY B 106 -0.55 3.72 -6.03
N ALA B 107 0.58 3.08 -5.81
CA ALA B 107 1.85 3.58 -6.30
C ALA B 107 1.99 3.35 -7.81
N PHE B 108 1.26 2.38 -8.33
CA PHE B 108 1.27 2.09 -9.75
C PHE B 108 0.57 3.23 -10.46
N VAL B 109 -0.61 3.56 -9.95
CA VAL B 109 -1.42 4.64 -10.47
C VAL B 109 -0.68 5.97 -10.30
N ALA B 110 -0.04 6.11 -9.15
CA ALA B 110 0.73 7.30 -8.79
C ALA B 110 1.78 7.63 -9.84
N LYS B 111 2.34 6.61 -10.47
CA LYS B 111 3.35 6.80 -11.51
C LYS B 111 2.75 7.48 -12.72
N HIS B 112 1.57 7.01 -13.12
CA HIS B 112 0.88 7.60 -14.27
C HIS B 112 0.40 8.98 -13.89
N LEU B 113 0.01 9.12 -12.64
CA LEU B 113 -0.49 10.37 -12.09
C LEU B 113 0.61 11.44 -12.07
N LYS B 114 1.82 11.02 -11.74
CA LYS B 114 2.95 11.94 -11.70
C LYS B 114 3.35 12.29 -13.14
N SER B 115 3.31 11.28 -14.01
CA SER B 115 3.67 11.47 -15.41
C SER B 115 2.65 12.38 -16.11
N VAL B 116 1.39 12.31 -15.69
CA VAL B 116 0.34 13.13 -16.27
C VAL B 116 0.29 14.50 -15.60
N ASN B 117 1.28 14.76 -14.73
CA ASN B 117 1.43 16.03 -14.01
C ASN B 117 0.29 16.32 -13.03
N GLN B 118 -0.26 15.29 -12.40
CA GLN B 118 -1.34 15.51 -11.44
C GLN B 118 -0.92 15.12 -10.04
N GLU B 119 0.29 15.54 -9.64
CA GLU B 119 0.81 15.25 -8.30
C GLU B 119 -0.08 15.83 -7.21
N SER B 120 -0.90 16.81 -7.56
CA SER B 120 -1.82 17.44 -6.62
C SER B 120 -2.75 16.39 -5.99
N PHE B 121 -2.89 15.23 -6.63
CA PHE B 121 -3.74 14.16 -6.10
C PHE B 121 -2.92 13.03 -5.46
N ILE B 122 -1.64 12.89 -5.84
CA ILE B 122 -0.82 11.83 -5.25
C ILE B 122 -0.49 12.16 -3.81
N GLU B 123 -0.34 13.45 -3.53
CA GLU B 123 -0.03 13.94 -2.19
C GLU B 123 -1.05 13.43 -1.17
N PRO B 124 -2.36 13.71 -1.33
CA PRO B 124 -3.37 13.23 -0.38
C PRO B 124 -3.77 11.77 -0.61
N LEU B 125 -3.28 11.17 -1.70
CA LEU B 125 -3.60 9.79 -2.02
C LEU B 125 -3.08 8.89 -0.90
N ALA B 126 -1.78 9.06 -0.58
CA ALA B 126 -1.15 8.29 0.48
C ALA B 126 -1.88 8.50 1.81
N GLU B 127 -2.19 9.76 2.10
CA GLU B 127 -2.90 10.14 3.32
C GLU B 127 -4.30 9.53 3.39
N THR B 128 -4.88 9.26 2.23
CA THR B 128 -6.21 8.66 2.16
C THR B 128 -6.12 7.20 2.60
N ILE B 129 -5.03 6.56 2.21
CA ILE B 129 -4.80 5.16 2.53
C ILE B 129 -4.46 5.01 4.02
N THR B 130 -3.59 5.88 4.50
CA THR B 130 -3.14 5.86 5.88
C THR B 130 -4.27 6.04 6.89
N ASP B 131 -5.05 7.08 6.68
CA ASP B 131 -6.17 7.42 7.56
C ASP B 131 -7.14 6.25 7.74
N VAL B 132 -7.56 5.64 6.64
CA VAL B 132 -8.50 4.53 6.72
C VAL B 132 -7.85 3.23 7.22
N LEU B 133 -6.69 2.88 6.67
CA LEU B 133 -5.99 1.65 7.04
C LEU B 133 -5.69 1.56 8.54
N VAL B 134 -4.93 2.52 9.03
CA VAL B 134 -4.50 2.56 10.42
C VAL B 134 -5.67 2.60 11.42
N ARG B 135 -6.73 3.32 11.09
CA ARG B 135 -7.86 3.43 12.00
C ARG B 135 -8.82 2.24 11.94
N THR B 136 -8.95 1.62 10.77
CA THR B 136 -9.86 0.49 10.64
C THR B 136 -9.29 -0.80 11.23
N LYS B 137 -8.09 -1.18 10.80
CA LYS B 137 -7.47 -2.40 11.30
C LYS B 137 -6.47 -2.08 12.40
N ARG B 138 -6.86 -1.15 13.27
CA ARG B 138 -6.04 -0.70 14.39
C ARG B 138 -5.47 -1.86 15.19
N ASP B 139 -6.36 -2.68 15.74
CA ASP B 139 -5.98 -3.83 16.55
C ASP B 139 -5.07 -4.81 15.81
N TRP B 140 -5.42 -5.11 14.57
CA TRP B 140 -4.66 -6.04 13.74
C TRP B 140 -3.23 -5.56 13.53
N LEU B 141 -3.07 -4.27 13.27
CA LEU B 141 -1.77 -3.68 13.05
C LEU B 141 -0.98 -3.61 14.35
N VAL B 142 -1.65 -3.20 15.43
CA VAL B 142 -1.00 -3.08 16.74
C VAL B 142 -0.38 -4.40 17.19
N LYS B 143 -1.08 -5.50 16.98
CA LYS B 143 -0.58 -6.82 17.36
C LYS B 143 0.73 -7.16 16.66
N GLN B 144 0.93 -6.62 15.47
CA GLN B 144 2.14 -6.90 14.71
C GLN B 144 3.09 -5.70 14.72
N ARG B 145 2.89 -4.80 15.68
CA ARG B 145 3.72 -3.60 15.83
C ARG B 145 3.70 -2.74 14.57
N GLY B 146 2.57 -2.78 13.88
CA GLY B 146 2.41 -2.01 12.66
C GLY B 146 3.34 -2.44 11.55
N TRP B 147 4.22 -1.53 11.17
CA TRP B 147 5.17 -1.77 10.09
C TRP B 147 6.32 -2.68 10.52
N ASP B 148 6.60 -2.75 11.81
CA ASP B 148 7.71 -3.58 12.29
C ASP B 148 7.50 -5.05 11.93
N GLY B 149 6.29 -5.55 12.20
CA GLY B 149 5.98 -6.93 11.88
C GLY B 149 5.93 -7.16 10.38
N PHE B 150 5.41 -6.16 9.68
CA PHE B 150 5.31 -6.18 8.22
C PHE B 150 6.69 -6.37 7.61
N VAL B 151 7.64 -5.57 8.09
CA VAL B 151 9.01 -5.64 7.60
C VAL B 151 9.62 -6.99 7.88
N GLU B 152 9.56 -7.42 9.14
CA GLU B 152 10.15 -8.68 9.54
C GLU B 152 9.57 -9.85 8.76
N PHE B 153 8.31 -9.75 8.36
CA PHE B 153 7.67 -10.82 7.60
C PHE B 153 8.31 -10.98 6.22
N PHE B 154 8.67 -9.86 5.59
CA PHE B 154 9.27 -9.91 4.26
C PHE B 154 10.79 -9.76 4.31
N HIS B 155 11.30 -9.43 5.49
CA HIS B 155 12.74 -9.25 5.72
C HIS B 155 13.53 -10.55 5.59
N VAL B 156 12.82 -11.68 5.66
CA VAL B 156 13.45 -12.99 5.55
C VAL B 156 14.16 -13.15 4.20
N GLN B 157 15.33 -13.81 4.24
CA GLN B 157 16.14 -14.05 3.07
C GLN B 157 15.37 -14.83 2.02
N ASP B 158 15.42 -14.33 0.78
CA ASP B 158 14.72 -14.95 -0.35
C ASP B 158 15.18 -16.39 -0.56
N LEU B 159 14.35 -17.34 -0.11
CA LEU B 159 14.67 -18.75 -0.26
C LEU B 159 14.54 -19.17 -1.72
N GLU B 160 13.69 -18.47 -2.46
CA GLU B 160 13.47 -18.77 -3.87
C GLU B 160 13.49 -17.46 -4.66
N GLY B 161 12.54 -16.60 -4.33
CA GLY B 161 12.44 -15.32 -5.00
C GLY B 161 10.99 -14.86 -5.05
N GLY B 162 10.68 -14.01 -6.02
CA GLY B 162 9.33 -13.51 -6.17
C GLY B 162 8.47 -14.46 -6.99
N PRO A 1 -24.59 0.86 -5.62
CA PRO A 1 -24.29 -0.35 -6.42
C PRO A 1 -22.81 -0.69 -6.31
N ALA A 2 -22.52 -1.95 -6.04
CA ALA A 2 -21.13 -2.40 -5.91
C ALA A 2 -20.56 -2.76 -7.28
N ASP A 3 -20.22 -1.75 -8.07
CA ASP A 3 -19.65 -1.97 -9.39
C ASP A 3 -18.22 -2.48 -9.26
N LEU A 4 -17.52 -1.95 -8.26
CA LEU A 4 -16.13 -2.33 -7.99
C LEU A 4 -16.05 -3.68 -7.30
N LYS A 5 -17.13 -4.44 -7.39
CA LYS A 5 -17.20 -5.77 -6.78
C LYS A 5 -16.16 -6.69 -7.40
N ASP A 6 -15.97 -6.58 -8.71
CA ASP A 6 -15.02 -7.42 -9.41
C ASP A 6 -13.60 -7.01 -9.06
N GLU A 7 -13.38 -5.71 -8.97
CA GLU A 7 -12.07 -5.17 -8.64
C GLU A 7 -11.64 -5.63 -7.25
N CYS A 8 -12.52 -5.49 -6.26
CA CYS A 8 -12.18 -5.90 -4.90
C CYS A 8 -12.10 -7.42 -4.80
N ALA A 9 -12.88 -8.11 -5.64
CA ALA A 9 -12.87 -9.57 -5.65
C ALA A 9 -11.48 -10.05 -6.05
N GLN A 10 -10.97 -9.46 -7.13
CA GLN A 10 -9.64 -9.79 -7.60
C GLN A 10 -8.61 -9.37 -6.58
N LEU A 11 -8.73 -8.14 -6.07
CA LEU A 11 -7.79 -7.61 -5.07
C LEU A 11 -7.60 -8.55 -3.90
N ARG A 12 -8.62 -9.34 -3.57
CA ARG A 12 -8.52 -10.30 -2.50
C ARG A 12 -7.49 -11.37 -2.88
N ARG A 13 -7.67 -11.94 -4.07
CA ARG A 13 -6.79 -12.99 -4.57
C ARG A 13 -5.45 -12.43 -5.04
N ILE A 14 -5.44 -11.18 -5.51
CA ILE A 14 -4.22 -10.53 -5.97
C ILE A 14 -3.25 -10.43 -4.80
N GLY A 15 -3.78 -9.96 -3.68
CA GLY A 15 -2.97 -9.83 -2.49
C GLY A 15 -2.72 -11.19 -1.86
N ASP A 16 -3.69 -12.09 -2.06
CA ASP A 16 -3.61 -13.44 -1.53
C ASP A 16 -2.44 -14.17 -2.17
N LYS A 17 -2.21 -13.90 -3.45
CA LYS A 17 -1.10 -14.50 -4.18
C LYS A 17 0.20 -14.05 -3.53
N VAL A 18 0.22 -12.79 -3.10
CA VAL A 18 1.39 -12.21 -2.46
C VAL A 18 1.67 -12.89 -1.12
N ASN A 19 0.67 -12.98 -0.25
CA ASN A 19 0.88 -13.62 1.05
C ASN A 19 1.17 -15.11 0.86
N LEU A 20 0.59 -15.71 -0.16
CA LEU A 20 0.81 -17.12 -0.46
C LEU A 20 2.30 -17.35 -0.73
N ARG A 21 2.86 -16.53 -1.61
CA ARG A 21 4.26 -16.63 -1.97
C ARG A 21 5.16 -16.33 -0.78
N GLN A 22 4.83 -15.29 -0.02
CA GLN A 22 5.63 -14.90 1.13
C GLN A 22 5.51 -15.91 2.27
N LYS A 23 4.38 -16.60 2.34
CA LYS A 23 4.18 -17.60 3.39
C LYS A 23 5.20 -18.72 3.21
N LEU A 24 5.26 -19.26 2.00
CA LEU A 24 6.21 -20.34 1.69
C LEU A 24 7.65 -19.85 1.76
N LEU A 25 7.83 -18.57 1.47
CA LEU A 25 9.16 -17.97 1.51
C LEU A 25 9.65 -17.93 2.96
N ASN A 26 8.71 -17.84 3.89
CA ASN A 26 9.01 -17.80 5.31
C ASN A 26 9.06 -19.20 5.90
N MET A 27 8.00 -19.97 5.72
CA MET A 27 7.91 -21.32 6.25
C MET A 27 7.36 -22.29 5.20
N GLY B 1 -2.36 -0.50 27.44
CA GLY B 1 -2.06 0.33 26.25
C GLY B 1 -2.92 1.58 26.22
N PRO B 2 -2.49 2.63 25.49
CA PRO B 2 -3.24 3.89 25.40
C PRO B 2 -4.42 3.79 24.41
N LEU B 3 -5.42 3.02 24.79
CA LEU B 3 -6.60 2.82 23.97
C LEU B 3 -7.37 4.13 23.81
N GLY B 4 -7.58 4.53 22.56
CA GLY B 4 -8.29 5.76 22.28
C GLY B 4 -7.36 6.79 21.65
N SER B 5 -6.25 6.32 21.10
CA SER B 5 -5.26 7.19 20.46
C SER B 5 -4.23 6.37 19.69
N GLU B 6 -4.68 5.45 18.86
CA GLU B 6 -3.78 4.61 18.07
C GLU B 6 -3.44 5.28 16.75
N ASP B 7 -2.98 6.52 16.79
CA ASP B 7 -2.64 7.23 15.56
C ASP B 7 -1.12 7.23 15.37
N ASP B 8 -0.42 6.56 16.27
CA ASP B 8 1.03 6.47 16.20
C ASP B 8 1.42 5.60 15.00
N LEU B 9 0.60 4.59 14.73
CA LEU B 9 0.83 3.71 13.60
C LEU B 9 0.53 4.48 12.31
N TYR B 10 -0.43 5.40 12.42
CA TYR B 10 -0.82 6.25 11.30
C TYR B 10 0.32 7.21 10.99
N ARG B 11 1.01 7.62 12.05
CA ARG B 11 2.14 8.53 11.92
C ARG B 11 3.20 7.90 11.02
N GLN B 12 3.46 6.62 11.25
CA GLN B 12 4.44 5.89 10.46
C GLN B 12 3.98 5.78 9.02
N SER B 13 2.82 5.15 8.84
CA SER B 13 2.25 4.95 7.51
C SER B 13 2.17 6.24 6.71
N LEU B 14 1.88 7.34 7.38
CA LEU B 14 1.78 8.65 6.75
C LEU B 14 3.09 9.01 6.04
N GLU B 15 4.18 8.98 6.80
CA GLU B 15 5.49 9.32 6.27
C GLU B 15 6.03 8.22 5.34
N ILE B 16 5.81 6.97 5.71
CA ILE B 16 6.31 5.84 4.93
C ILE B 16 5.63 5.73 3.57
N ILE B 17 4.30 5.75 3.56
CA ILE B 17 3.54 5.62 2.32
C ILE B 17 3.74 6.81 1.39
N SER B 18 3.65 8.03 1.93
CA SER B 18 3.82 9.24 1.12
C SER B 18 5.20 9.28 0.47
N ARG B 19 6.22 8.74 1.15
CA ARG B 19 7.56 8.73 0.60
C ARG B 19 7.67 7.63 -0.45
N TYR B 20 7.06 6.48 -0.19
CA TYR B 20 7.10 5.36 -1.12
C TYR B 20 6.48 5.73 -2.47
N LEU B 21 5.24 6.20 -2.44
CA LEU B 21 4.54 6.58 -3.66
C LEU B 21 5.27 7.70 -4.39
N ARG B 22 5.80 8.63 -3.62
CA ARG B 22 6.52 9.77 -4.16
C ARG B 22 7.77 9.33 -4.91
N GLU B 23 8.61 8.55 -4.24
CA GLU B 23 9.85 8.08 -4.86
C GLU B 23 9.57 7.20 -6.07
N GLN B 24 8.57 6.35 -5.96
CA GLN B 24 8.21 5.45 -7.06
C GLN B 24 7.72 6.21 -8.28
N ALA B 25 7.20 7.41 -8.06
CA ALA B 25 6.70 8.22 -9.16
C ALA B 25 7.77 9.16 -9.71
N THR B 26 8.58 9.75 -8.84
CA THR B 26 9.60 10.69 -9.30
C THR B 26 10.85 9.94 -9.80
N GLY B 27 11.06 8.72 -9.31
CA GLY B 27 12.22 7.94 -9.72
C GLY B 27 13.52 8.47 -9.19
N SER B 28 13.43 9.16 -8.06
CA SER B 28 14.58 9.77 -7.43
C SER B 28 15.08 8.92 -6.26
N LYS B 29 16.11 9.39 -5.57
CA LYS B 29 16.67 8.66 -4.43
C LYS B 29 16.79 9.56 -3.22
N ASP B 30 15.72 9.62 -2.43
CA ASP B 30 15.69 10.45 -1.23
C ASP B 30 16.35 9.70 -0.07
N SER B 31 16.51 10.34 1.08
CA SER B 31 17.11 9.69 2.22
C SER B 31 16.04 9.15 3.16
N LYS B 32 15.50 10.02 4.00
CA LYS B 32 14.46 9.64 4.95
C LYS B 32 13.68 10.86 5.46
N PRO B 33 12.55 11.17 4.83
CA PRO B 33 11.73 12.32 5.25
C PRO B 33 10.87 11.98 6.46
N LEU B 34 11.00 10.76 6.93
CA LEU B 34 10.25 10.28 8.09
C LEU B 34 10.92 10.78 9.35
N GLY B 35 10.15 11.45 10.19
CA GLY B 35 10.67 11.97 11.42
C GLY B 35 10.15 11.24 12.63
N GLU B 36 8.89 10.80 12.59
CA GLU B 36 8.31 10.10 13.71
C GLU B 36 8.19 8.60 13.44
N ALA B 37 8.32 8.21 12.17
CA ALA B 37 8.25 6.79 11.81
C ALA B 37 9.46 6.03 12.33
N GLY B 38 10.54 6.76 12.56
CA GLY B 38 11.77 6.18 13.08
C GLY B 38 12.44 5.22 12.13
N ALA B 39 13.18 4.27 12.71
CA ALA B 39 13.90 3.26 11.94
C ALA B 39 12.93 2.30 11.28
N ALA B 40 11.77 2.10 11.89
CA ALA B 40 10.75 1.20 11.34
C ALA B 40 10.34 1.67 9.95
N GLY B 41 10.28 2.99 9.78
CA GLY B 41 9.91 3.56 8.50
C GLY B 41 10.96 3.28 7.46
N ARG B 42 12.21 3.32 7.90
CA ARG B 42 13.35 3.08 7.03
C ARG B 42 13.33 1.61 6.59
N ARG B 43 13.01 0.73 7.54
CA ARG B 43 12.92 -0.70 7.26
C ARG B 43 11.81 -0.96 6.26
N ALA B 44 10.68 -0.31 6.50
CA ALA B 44 9.49 -0.46 5.65
C ALA B 44 9.72 0.02 4.23
N LEU B 45 10.37 1.18 4.08
CA LEU B 45 10.63 1.74 2.75
C LEU B 45 11.42 0.79 1.87
N GLU B 46 12.44 0.13 2.42
CA GLU B 46 13.23 -0.79 1.63
C GLU B 46 12.36 -1.98 1.21
N THR B 47 11.52 -2.41 2.15
CA THR B 47 10.61 -3.52 1.91
C THR B 47 9.57 -3.14 0.86
N LEU B 48 8.93 -1.99 1.06
CA LEU B 48 7.90 -1.48 0.14
C LEU B 48 8.43 -1.36 -1.27
N ARG B 49 9.64 -0.84 -1.42
CA ARG B 49 10.23 -0.66 -2.73
C ARG B 49 10.51 -1.98 -3.42
N ARG B 50 11.05 -2.96 -2.71
CA ARG B 50 11.35 -4.24 -3.33
C ARG B 50 10.10 -5.09 -3.53
N VAL B 51 9.31 -5.26 -2.47
CA VAL B 51 8.10 -6.08 -2.54
C VAL B 51 7.02 -5.41 -3.38
N GLY B 52 6.75 -4.15 -3.09
CA GLY B 52 5.73 -3.41 -3.81
C GLY B 52 5.99 -3.28 -5.29
N ASP B 53 7.25 -3.08 -5.68
CA ASP B 53 7.57 -2.95 -7.09
C ASP B 53 7.41 -4.31 -7.77
N GLY B 54 7.73 -5.35 -7.01
CA GLY B 54 7.58 -6.71 -7.52
C GLY B 54 6.12 -7.02 -7.75
N VAL B 55 5.30 -6.71 -6.74
CA VAL B 55 3.86 -6.91 -6.82
C VAL B 55 3.28 -6.16 -8.00
N GLN B 56 3.80 -4.94 -8.23
CA GLN B 56 3.37 -4.12 -9.34
C GLN B 56 3.58 -4.82 -10.67
N ARG B 57 4.78 -5.33 -10.89
CA ARG B 57 5.08 -6.03 -12.14
C ARG B 57 4.26 -7.33 -12.20
N ASN B 58 4.23 -8.01 -11.06
CA ASN B 58 3.53 -9.29 -10.89
C ASN B 58 2.05 -9.21 -11.26
N HIS B 59 1.39 -8.11 -10.93
CA HIS B 59 -0.04 -7.98 -11.22
C HIS B 59 -0.32 -6.68 -11.95
N GLU B 60 0.60 -6.27 -12.79
CA GLU B 60 0.48 -5.03 -13.55
C GLU B 60 -0.75 -5.05 -14.45
N THR B 61 -1.10 -6.25 -14.91
CA THR B 61 -2.25 -6.43 -15.78
C THR B 61 -3.56 -6.15 -15.04
N ALA B 62 -3.65 -6.66 -13.82
CA ALA B 62 -4.84 -6.49 -13.00
C ALA B 62 -5.00 -5.04 -12.55
N PHE B 63 -3.88 -4.40 -12.24
CA PHE B 63 -3.90 -3.02 -11.79
C PHE B 63 -4.41 -2.11 -12.90
N GLN B 64 -4.01 -2.39 -14.14
CA GLN B 64 -4.45 -1.61 -15.28
C GLN B 64 -5.95 -1.73 -15.47
N GLY B 65 -6.48 -2.92 -15.20
CA GLY B 65 -7.92 -3.15 -15.32
C GLY B 65 -8.70 -2.32 -14.33
N MET B 66 -8.19 -2.24 -13.11
CA MET B 66 -8.84 -1.46 -12.06
C MET B 66 -8.71 0.02 -12.37
N LEU B 67 -7.56 0.41 -12.90
CA LEU B 67 -7.29 1.79 -13.26
C LEU B 67 -8.33 2.29 -14.26
N ARG B 68 -8.81 1.38 -15.11
CA ARG B 68 -9.83 1.72 -16.10
C ARG B 68 -11.19 1.95 -15.45
N LYS B 69 -11.36 1.42 -14.24
CA LYS B 69 -12.61 1.56 -13.50
C LYS B 69 -12.62 2.80 -12.61
N LEU B 70 -11.54 2.96 -11.85
CA LEU B 70 -11.41 4.08 -10.92
C LEU B 70 -11.56 5.45 -11.60
N ASP B 71 -12.29 6.32 -10.93
CA ASP B 71 -12.54 7.67 -11.41
C ASP B 71 -11.37 8.60 -11.09
N ILE B 72 -10.17 8.13 -11.42
CA ILE B 72 -8.94 8.88 -11.19
C ILE B 72 -8.76 9.91 -12.30
N LYS B 73 -9.11 11.16 -12.00
CA LYS B 73 -8.98 12.27 -12.96
C LYS B 73 -9.36 13.58 -12.28
N ASN B 74 -10.22 13.50 -11.28
CA ASN B 74 -10.66 14.67 -10.54
C ASN B 74 -10.32 14.49 -9.07
N GLU B 75 -10.73 15.43 -8.23
CA GLU B 75 -10.47 15.36 -6.79
C GLU B 75 -11.03 14.05 -6.19
N GLY B 76 -12.03 13.51 -6.88
CA GLY B 76 -12.66 12.28 -6.47
C GLY B 76 -11.75 11.07 -6.54
N ASP B 77 -10.59 11.21 -7.20
CA ASP B 77 -9.64 10.11 -7.37
C ASP B 77 -9.20 9.52 -6.03
N VAL B 78 -8.83 10.37 -5.07
CA VAL B 78 -8.42 9.90 -3.76
C VAL B 78 -9.58 9.19 -3.06
N LYS B 79 -10.79 9.66 -3.34
CA LYS B 79 -11.99 9.06 -2.76
C LYS B 79 -12.29 7.74 -3.46
N SER B 80 -11.89 7.65 -4.72
CA SER B 80 -12.10 6.45 -5.52
C SER B 80 -11.31 5.30 -4.92
N PHE B 81 -10.07 5.58 -4.55
CA PHE B 81 -9.22 4.57 -3.96
C PHE B 81 -9.77 4.19 -2.59
N SER B 82 -10.30 5.18 -1.88
CA SER B 82 -10.89 4.93 -0.56
C SER B 82 -12.09 4.00 -0.72
N ARG B 83 -12.89 4.27 -1.76
CA ARG B 83 -14.07 3.47 -2.07
C ARG B 83 -13.72 2.03 -2.41
N VAL B 84 -12.60 1.81 -3.09
CA VAL B 84 -12.22 0.45 -3.43
C VAL B 84 -11.59 -0.24 -2.22
N MET B 85 -10.79 0.50 -1.45
CA MET B 85 -10.11 -0.07 -0.27
C MET B 85 -11.12 -0.64 0.73
N VAL B 86 -12.16 0.13 1.04
CA VAL B 86 -13.17 -0.32 1.99
C VAL B 86 -13.87 -1.58 1.48
N HIS B 87 -14.01 -1.68 0.16
CA HIS B 87 -14.64 -2.84 -0.46
C HIS B 87 -13.72 -4.04 -0.42
N VAL B 88 -12.42 -3.81 -0.49
CA VAL B 88 -11.43 -4.88 -0.45
C VAL B 88 -11.52 -5.62 0.88
N PHE B 89 -11.54 -4.89 1.98
CA PHE B 89 -11.61 -5.49 3.30
C PHE B 89 -13.04 -5.83 3.72
N LYS B 90 -13.93 -6.01 2.73
CA LYS B 90 -15.33 -6.34 2.99
C LYS B 90 -15.47 -7.62 3.81
N ASP B 91 -14.54 -8.55 3.60
CA ASP B 91 -14.55 -9.83 4.28
C ASP B 91 -13.70 -9.82 5.55
N GLY B 92 -13.22 -8.64 5.93
CA GLY B 92 -12.44 -8.51 7.15
C GLY B 92 -10.98 -8.96 7.07
N VAL B 93 -10.66 -9.91 6.18
CA VAL B 93 -9.29 -10.42 6.06
C VAL B 93 -8.30 -9.27 5.80
N THR B 94 -7.56 -8.93 6.84
CA THR B 94 -6.59 -7.84 6.78
C THR B 94 -5.16 -8.30 6.46
N ASN B 95 -4.97 -9.60 6.25
CA ASN B 95 -3.65 -10.21 5.96
C ASN B 95 -2.74 -9.29 5.14
N TRP B 96 -1.50 -9.13 5.66
CA TRP B 96 -0.45 -8.29 5.09
C TRP B 96 -0.33 -8.39 3.56
N GLY B 97 -0.54 -9.60 3.03
CA GLY B 97 -0.44 -9.82 1.61
C GLY B 97 -1.31 -8.87 0.79
N ARG B 98 -2.51 -8.60 1.27
CA ARG B 98 -3.42 -7.70 0.58
C ARG B 98 -3.00 -6.25 0.78
N ILE B 99 -2.55 -5.95 1.99
CA ILE B 99 -2.12 -4.61 2.35
C ILE B 99 -0.96 -4.13 1.49
N VAL B 100 0.07 -4.97 1.35
CA VAL B 100 1.22 -4.60 0.55
C VAL B 100 0.77 -4.38 -0.90
N THR B 101 -0.15 -5.22 -1.34
CA THR B 101 -0.70 -5.14 -2.69
C THR B 101 -1.45 -3.83 -2.90
N LEU B 102 -2.16 -3.39 -1.87
CA LEU B 102 -2.91 -2.14 -1.95
C LEU B 102 -1.97 -0.98 -2.20
N ILE B 103 -0.84 -0.96 -1.49
CA ILE B 103 0.14 0.10 -1.65
C ILE B 103 0.79 -0.04 -3.02
N SER B 104 0.99 -1.28 -3.45
CA SER B 104 1.59 -1.56 -4.75
C SER B 104 0.71 -0.97 -5.85
N PHE B 105 -0.59 -1.24 -5.78
CA PHE B 105 -1.54 -0.73 -6.74
C PHE B 105 -1.65 0.79 -6.61
N GLY B 106 -1.72 1.26 -5.38
CA GLY B 106 -1.81 2.68 -5.12
C GLY B 106 -0.64 3.43 -5.73
N ALA B 107 0.54 2.83 -5.65
CA ALA B 107 1.74 3.44 -6.22
C ALA B 107 1.74 3.29 -7.74
N PHE B 108 1.16 2.22 -8.25
CA PHE B 108 1.09 1.98 -9.69
C PHE B 108 0.30 3.10 -10.35
N VAL B 109 -0.89 3.36 -9.82
CA VAL B 109 -1.74 4.41 -10.33
C VAL B 109 -1.07 5.77 -10.08
N ALA B 110 -0.35 5.84 -8.96
CA ALA B 110 0.36 7.05 -8.57
C ALA B 110 1.42 7.44 -9.59
N LYS B 111 2.16 6.44 -10.10
CA LYS B 111 3.19 6.67 -11.10
C LYS B 111 2.56 7.34 -12.32
N HIS B 112 1.37 6.88 -12.68
CA HIS B 112 0.61 7.42 -13.80
C HIS B 112 0.13 8.82 -13.45
N LEU B 113 -0.38 8.95 -12.24
CA LEU B 113 -0.93 10.21 -11.73
C LEU B 113 0.14 11.31 -11.74
N LYS B 114 1.35 10.96 -11.34
CA LYS B 114 2.45 11.92 -11.30
C LYS B 114 2.89 12.26 -12.73
N SER B 115 2.98 11.26 -13.58
CA SER B 115 3.41 11.46 -14.96
C SER B 115 2.34 12.16 -15.80
N VAL B 116 1.09 12.14 -15.33
CA VAL B 116 0.00 12.78 -16.06
C VAL B 116 -0.22 14.21 -15.54
N ASN B 117 0.79 14.72 -14.82
CA ASN B 117 0.81 16.08 -14.26
C ASN B 117 -0.25 16.28 -13.17
N GLN B 118 -0.66 15.21 -12.52
CA GLN B 118 -1.65 15.29 -11.45
C GLN B 118 -0.99 14.93 -10.12
N GLU B 119 0.18 15.50 -9.90
CA GLU B 119 0.97 15.27 -8.70
C GLU B 119 0.24 15.79 -7.45
N SER B 120 -0.68 16.71 -7.65
CA SER B 120 -1.46 17.27 -6.56
C SER B 120 -2.44 16.23 -6.01
N PHE B 121 -2.61 15.12 -6.73
CA PHE B 121 -3.51 14.06 -6.31
C PHE B 121 -2.71 12.88 -5.75
N ILE B 122 -1.50 12.64 -6.28
CA ILE B 122 -0.68 11.53 -5.82
C ILE B 122 -0.30 11.69 -4.35
N GLU B 123 -0.04 12.94 -3.95
CA GLU B 123 0.33 13.22 -2.57
C GLU B 123 -0.79 12.75 -1.62
N PRO B 124 -2.02 13.28 -1.72
CA PRO B 124 -3.12 12.88 -0.84
C PRO B 124 -3.50 11.41 -0.99
N LEU B 125 -3.14 10.80 -2.13
CA LEU B 125 -3.44 9.39 -2.37
C LEU B 125 -2.78 8.56 -1.28
N ALA B 126 -1.50 8.84 -1.02
CA ALA B 126 -0.73 8.17 0.01
C ALA B 126 -1.40 8.36 1.37
N GLU B 127 -1.78 9.60 1.68
CA GLU B 127 -2.44 9.92 2.94
C GLU B 127 -3.80 9.24 3.03
N THR B 128 -4.40 8.93 1.89
CA THR B 128 -5.70 8.27 1.86
C THR B 128 -5.55 6.81 2.29
N ILE B 129 -4.49 6.18 1.80
CA ILE B 129 -4.22 4.77 2.12
C ILE B 129 -3.99 4.60 3.61
N THR B 130 -3.10 5.40 4.16
CA THR B 130 -2.77 5.34 5.58
C THR B 130 -3.98 5.62 6.47
N ASP B 131 -4.78 6.62 6.10
CA ASP B 131 -5.96 7.00 6.87
C ASP B 131 -6.97 5.87 6.97
N VAL B 132 -7.40 5.36 5.82
CA VAL B 132 -8.39 4.29 5.78
C VAL B 132 -7.88 2.98 6.42
N LEU B 133 -6.64 2.63 6.13
CA LEU B 133 -6.05 1.41 6.65
C LEU B 133 -5.87 1.42 8.17
N VAL B 134 -5.11 2.38 8.67
CA VAL B 134 -4.83 2.47 10.10
C VAL B 134 -6.07 2.72 10.95
N ARG B 135 -6.86 3.73 10.60
CA ARG B 135 -8.06 4.08 11.37
C ARG B 135 -9.02 2.90 11.55
N THR B 136 -9.01 1.96 10.61
CA THR B 136 -9.90 0.82 10.68
C THR B 136 -9.27 -0.40 11.37
N LYS B 137 -7.98 -0.63 11.13
CA LYS B 137 -7.31 -1.81 11.69
C LYS B 137 -6.17 -1.48 12.65
N ARG B 138 -6.35 -0.47 13.51
CA ARG B 138 -5.31 -0.09 14.47
C ARG B 138 -4.85 -1.28 15.31
N ASP B 139 -5.80 -1.92 15.99
CA ASP B 139 -5.51 -3.04 16.87
C ASP B 139 -4.90 -4.22 16.10
N TRP B 140 -5.19 -4.33 14.82
CA TRP B 140 -4.65 -5.41 14.01
C TRP B 140 -3.17 -5.17 13.75
N LEU B 141 -2.85 -3.93 13.42
CA LEU B 141 -1.48 -3.54 13.12
C LEU B 141 -0.60 -3.55 14.37
N VAL B 142 -1.12 -2.96 15.45
CA VAL B 142 -0.41 -2.84 16.71
C VAL B 142 0.09 -4.18 17.27
N LYS B 143 -0.73 -5.23 17.18
CA LYS B 143 -0.32 -6.53 17.72
C LYS B 143 0.80 -7.17 16.89
N GLN B 144 0.98 -6.69 15.66
CA GLN B 144 2.02 -7.24 14.79
C GLN B 144 3.16 -6.25 14.60
N ARG B 145 3.31 -5.31 15.54
CA ARG B 145 4.37 -4.29 15.48
C ARG B 145 4.20 -3.35 14.28
N GLY B 146 3.04 -3.42 13.65
CA GLY B 146 2.75 -2.58 12.50
C GLY B 146 3.73 -2.78 11.38
N TRP B 147 4.36 -1.69 10.96
CA TRP B 147 5.32 -1.72 9.88
C TRP B 147 6.56 -2.52 10.26
N ASP B 148 6.96 -2.43 11.51
CA ASP B 148 8.14 -3.14 11.99
C ASP B 148 7.91 -4.65 11.87
N GLY B 149 6.66 -5.07 12.06
CA GLY B 149 6.31 -6.47 11.93
C GLY B 149 6.24 -6.87 10.47
N PHE B 150 5.58 -6.02 9.68
CA PHE B 150 5.44 -6.22 8.24
C PHE B 150 6.82 -6.40 7.61
N VAL B 151 7.78 -5.59 8.04
CA VAL B 151 9.13 -5.66 7.54
C VAL B 151 9.75 -7.00 7.90
N GLU B 152 9.52 -7.46 9.12
CA GLU B 152 10.08 -8.72 9.57
C GLU B 152 9.58 -9.89 8.71
N PHE B 153 8.30 -9.88 8.35
CA PHE B 153 7.73 -10.95 7.55
C PHE B 153 8.05 -10.84 6.04
N PHE B 154 8.35 -9.64 5.56
CA PHE B 154 8.61 -9.45 4.12
C PHE B 154 10.07 -9.13 3.78
N HIS B 155 10.90 -8.81 4.75
CA HIS B 155 12.29 -8.45 4.46
C HIS B 155 13.15 -9.69 4.20
N VAL B 156 12.66 -10.85 4.62
CA VAL B 156 13.38 -12.09 4.42
C VAL B 156 13.32 -12.52 2.96
N GLN B 157 14.22 -13.41 2.57
CA GLN B 157 14.26 -13.88 1.19
C GLN B 157 14.50 -15.39 1.17
N ASP B 158 13.96 -16.05 0.15
CA ASP B 158 14.10 -17.49 -0.01
C ASP B 158 15.36 -17.79 -0.81
N LEU B 159 15.75 -19.06 -0.83
CA LEU B 159 16.93 -19.48 -1.58
C LEU B 159 16.58 -20.60 -2.56
N GLU B 160 15.37 -21.14 -2.44
CA GLU B 160 14.93 -22.22 -3.29
C GLU B 160 13.41 -22.23 -3.47
N GLY B 161 12.78 -21.08 -3.28
CA GLY B 161 11.33 -21.00 -3.41
C GLY B 161 10.90 -20.40 -4.72
N GLY B 162 11.33 -20.99 -5.82
CA GLY B 162 10.96 -20.48 -7.13
C GLY B 162 9.69 -21.10 -7.65
#